data_2L6L
#
_entry.id   2L6L
#
loop_
_entity.id
_entity.type
_entity.pdbx_description
1 polymer 'DnaJ homolog subfamily C member 24'
2 non-polymer 'ZINC ION'
#
_entity_poly.entity_id   1
_entity_poly.type   'polypeptide(L)'
_entity_poly.pdbx_seq_one_letter_code
;MMAVEQMPKKDWYSILGADPSANISDLKQKYQKLILMYHPDKQSTDVPAGTVEECVQKFIEIDQAWKILGNEETKREYDL
QRCEDDLRNVGPVDAQVYLEEMSWNEGDHSFYLSCRCGGKYSVSKDEAEEVSLISCDTCSLIIELLHYNHHHHHH
;
_entity_poly.pdbx_strand_id   A
#
loop_
_chem_comp.id
_chem_comp.type
_chem_comp.name
_chem_comp.formula
ZN non-polymer 'ZINC ION' 'Zn 2'
#
# COMPACT_ATOMS: atom_id res chain seq x y z
N MET A 1 -14.79 36.53 3.58
CA MET A 1 -15.80 37.09 2.69
C MET A 1 -15.13 37.71 1.46
N MET A 2 -15.19 36.98 0.34
CA MET A 2 -14.59 37.47 -0.90
C MET A 2 -15.43 37.04 -2.10
N ALA A 3 -15.22 37.70 -3.23
CA ALA A 3 -15.95 37.39 -4.45
C ALA A 3 -15.83 35.91 -4.81
N VAL A 4 -16.94 35.32 -5.26
CA VAL A 4 -16.96 33.91 -5.64
C VAL A 4 -16.97 33.75 -7.15
N GLU A 5 -15.85 34.07 -7.79
CA GLU A 5 -15.73 33.96 -9.23
C GLU A 5 -14.87 32.77 -9.62
N GLN A 6 -13.73 32.62 -8.94
CA GLN A 6 -12.81 31.52 -9.21
C GLN A 6 -12.38 31.51 -10.68
N MET A 7 -11.60 32.51 -11.06
CA MET A 7 -11.13 32.63 -12.44
C MET A 7 -9.85 31.83 -12.63
N PRO A 8 -9.53 31.52 -13.91
CA PRO A 8 -8.33 30.76 -14.25
C PRO A 8 -7.05 31.56 -14.03
N LYS A 9 -5.93 30.85 -13.86
CA LYS A 9 -4.64 31.50 -13.65
C LYS A 9 -3.51 30.48 -13.69
N LYS A 10 -3.60 29.54 -14.62
CA LYS A 10 -2.59 28.50 -14.77
C LYS A 10 -2.09 28.44 -16.20
N ASP A 11 -0.99 27.71 -16.42
CA ASP A 11 -0.42 27.57 -17.75
C ASP A 11 -1.35 26.76 -18.66
N TRP A 12 -2.35 26.11 -18.06
CA TRP A 12 -3.30 25.32 -18.81
C TRP A 12 -4.07 26.19 -19.80
N TYR A 13 -4.94 27.05 -19.27
CA TYR A 13 -5.75 27.93 -20.10
C TYR A 13 -4.85 28.83 -20.96
N SER A 14 -3.61 29.00 -20.53
CA SER A 14 -2.66 29.83 -21.25
C SER A 14 -2.03 29.06 -22.41
N ILE A 15 -2.03 27.74 -22.30
CA ILE A 15 -1.45 26.89 -23.34
C ILE A 15 -2.37 26.81 -24.55
N LEU A 16 -3.66 26.92 -24.31
CA LEU A 16 -4.65 26.88 -25.39
C LEU A 16 -5.34 28.22 -25.57
N GLY A 17 -5.00 29.17 -24.69
CA GLY A 17 -5.60 30.49 -24.78
C GLY A 17 -7.11 30.45 -24.86
N ALA A 18 -7.71 29.43 -24.24
CA ALA A 18 -9.16 29.28 -24.25
C ALA A 18 -9.78 29.90 -23.00
N ASP A 19 -10.67 30.86 -23.19
CA ASP A 19 -11.33 31.53 -22.09
C ASP A 19 -12.02 30.52 -21.18
N PRO A 20 -12.30 30.93 -19.94
CA PRO A 20 -12.96 30.08 -18.94
C PRO A 20 -14.43 29.81 -19.28
N SER A 21 -14.93 30.51 -20.30
CA SER A 21 -16.31 30.34 -20.72
C SER A 21 -16.41 29.35 -21.87
N ALA A 22 -15.30 29.16 -22.59
CA ALA A 22 -15.26 28.23 -23.71
C ALA A 22 -15.81 26.86 -23.31
N ASN A 23 -16.05 26.02 -24.30
CA ASN A 23 -16.57 24.68 -24.06
C ASN A 23 -15.64 23.61 -24.64
N ILE A 24 -15.90 22.36 -24.29
CA ILE A 24 -15.08 21.25 -24.77
C ILE A 24 -15.10 21.18 -26.30
N SER A 25 -16.23 21.58 -26.89
CA SER A 25 -16.37 21.55 -28.34
C SER A 25 -15.37 22.51 -28.99
N ASP A 26 -15.54 23.79 -28.74
CA ASP A 26 -14.66 24.80 -29.30
C ASP A 26 -13.19 24.49 -28.98
N LEU A 27 -12.97 23.88 -27.82
CA LEU A 27 -11.62 23.53 -27.40
C LEU A 27 -11.12 22.30 -28.14
N LYS A 28 -12.05 21.48 -28.60
CA LYS A 28 -11.69 20.26 -29.34
C LYS A 28 -10.96 20.61 -30.63
N GLN A 29 -11.62 21.37 -31.49
CA GLN A 29 -11.02 21.77 -32.77
C GLN A 29 -9.86 22.74 -32.55
N LYS A 30 -9.98 23.59 -31.53
CA LYS A 30 -8.93 24.54 -31.21
C LYS A 30 -7.70 23.85 -30.64
N TYR A 31 -7.91 22.66 -30.10
CA TYR A 31 -6.82 21.90 -29.51
C TYR A 31 -5.88 21.35 -30.59
N GLN A 32 -6.44 20.57 -31.51
CA GLN A 32 -5.66 20.00 -32.59
C GLN A 32 -4.92 21.09 -33.37
N LYS A 33 -5.53 22.26 -33.44
CA LYS A 33 -4.93 23.40 -34.14
C LYS A 33 -3.86 24.07 -33.29
N LEU A 34 -4.28 24.58 -32.13
CA LEU A 34 -3.35 25.26 -31.22
C LEU A 34 -2.12 24.39 -30.96
N ILE A 35 -2.35 23.20 -30.41
CA ILE A 35 -1.27 22.28 -30.11
C ILE A 35 -0.37 22.07 -31.32
N LEU A 36 -0.98 21.83 -32.47
CA LEU A 36 -0.23 21.62 -33.71
C LEU A 36 0.76 22.76 -33.94
N MET A 37 0.28 23.99 -33.79
CA MET A 37 1.13 25.16 -33.98
C MET A 37 2.15 25.30 -32.86
N TYR A 38 1.79 24.79 -31.68
CA TYR A 38 2.67 24.85 -30.52
C TYR A 38 3.89 23.97 -30.72
N HIS A 39 3.72 22.88 -31.44
CA HIS A 39 4.82 21.94 -31.70
C HIS A 39 5.98 22.66 -32.38
N PRO A 40 7.18 22.05 -32.31
CA PRO A 40 8.38 22.62 -32.91
C PRO A 40 8.35 22.58 -34.43
N ASP A 41 8.70 23.71 -35.05
CA ASP A 41 8.71 23.81 -36.51
C ASP A 41 9.88 24.68 -36.99
N LYS A 42 10.97 24.65 -36.24
CA LYS A 42 12.15 25.42 -36.59
C LYS A 42 13.29 24.51 -37.03
N GLN A 43 14.29 25.10 -37.69
CA GLN A 43 15.43 24.34 -38.18
C GLN A 43 16.68 24.65 -37.36
N SER A 44 16.85 23.95 -36.25
CA SER A 44 18.00 24.16 -35.37
C SER A 44 18.33 22.89 -34.59
N THR A 45 19.43 22.24 -34.97
CA THR A 45 19.86 21.01 -34.31
C THR A 45 20.93 21.29 -33.27
N ASP A 46 20.96 22.51 -32.76
CA ASP A 46 21.94 22.91 -31.76
C ASP A 46 21.29 23.00 -30.38
N VAL A 47 20.56 21.96 -30.01
CA VAL A 47 19.89 21.91 -28.71
C VAL A 47 20.32 20.68 -27.92
N PRO A 48 21.55 20.71 -27.39
CA PRO A 48 22.10 19.61 -26.60
C PRO A 48 21.41 19.46 -25.25
N ALA A 49 20.94 18.26 -24.96
CA ALA A 49 20.26 17.98 -23.70
C ALA A 49 18.87 18.60 -23.68
N GLY A 50 18.80 19.92 -23.79
CA GLY A 50 17.53 20.61 -23.78
C GLY A 50 16.55 20.03 -24.78
N THR A 51 17.07 19.47 -25.86
CA THR A 51 16.23 18.86 -26.89
C THR A 51 15.22 17.89 -26.29
N VAL A 52 15.66 17.16 -25.28
CA VAL A 52 14.79 16.18 -24.61
C VAL A 52 13.89 16.86 -23.58
N GLU A 53 14.49 17.75 -22.78
CA GLU A 53 13.75 18.46 -21.75
C GLU A 53 12.59 19.26 -22.37
N GLU A 54 12.76 19.64 -23.63
CA GLU A 54 11.72 20.41 -24.34
C GLU A 54 10.66 19.47 -24.91
N CYS A 55 11.11 18.37 -25.50
CA CYS A 55 10.20 17.39 -26.09
C CYS A 55 9.29 16.78 -25.02
N VAL A 56 9.90 16.32 -23.93
CA VAL A 56 9.15 15.71 -22.83
C VAL A 56 8.25 16.73 -22.15
N GLN A 57 8.69 17.98 -22.14
CA GLN A 57 7.92 19.05 -21.51
C GLN A 57 6.70 19.41 -22.35
N LYS A 58 6.91 19.50 -23.66
CA LYS A 58 5.82 19.84 -24.58
C LYS A 58 4.74 18.77 -24.57
N PHE A 59 5.15 17.52 -24.32
CA PHE A 59 4.21 16.40 -24.28
C PHE A 59 3.25 16.54 -23.11
N ILE A 60 3.79 16.79 -21.92
CA ILE A 60 2.97 16.95 -20.72
C ILE A 60 2.24 18.29 -20.73
N GLU A 61 2.81 19.26 -21.43
CA GLU A 61 2.21 20.58 -21.52
C GLU A 61 0.91 20.54 -22.30
N ILE A 62 1.00 20.22 -23.59
CA ILE A 62 -0.17 20.14 -24.44
C ILE A 62 -1.25 19.26 -23.82
N ASP A 63 -0.83 18.21 -23.13
CA ASP A 63 -1.76 17.29 -22.49
C ASP A 63 -2.32 17.90 -21.21
N GLN A 64 -1.52 18.72 -20.54
CA GLN A 64 -1.94 19.37 -19.30
C GLN A 64 -3.28 20.07 -19.49
N ALA A 65 -3.32 21.03 -20.41
CA ALA A 65 -4.54 21.78 -20.68
C ALA A 65 -5.57 20.91 -21.38
N TRP A 66 -5.10 19.90 -22.11
CA TRP A 66 -5.99 19.00 -22.82
C TRP A 66 -7.13 18.54 -21.92
N LYS A 67 -6.81 18.24 -20.67
CA LYS A 67 -7.81 17.79 -19.70
C LYS A 67 -8.22 18.93 -18.77
N ILE A 68 -7.27 19.40 -17.97
CA ILE A 68 -7.53 20.49 -17.04
C ILE A 68 -7.25 21.85 -17.68
N LEU A 69 -7.83 22.07 -18.86
CA LEU A 69 -7.65 23.33 -19.57
C LEU A 69 -7.91 24.52 -18.66
N GLY A 70 -8.79 24.33 -17.68
CA GLY A 70 -9.10 25.40 -16.75
C GLY A 70 -8.84 25.01 -15.30
N ASN A 71 -9.69 25.49 -14.41
CA ASN A 71 -9.55 25.19 -12.98
C ASN A 71 -9.68 23.69 -12.73
N GLU A 72 -9.62 23.31 -11.46
CA GLU A 72 -9.73 21.90 -11.08
C GLU A 72 -11.10 21.35 -11.45
N GLU A 73 -12.13 22.18 -11.30
CA GLU A 73 -13.49 21.76 -11.62
C GLU A 73 -13.64 21.45 -13.11
N THR A 74 -12.67 21.90 -13.89
CA THR A 74 -12.68 21.67 -15.33
C THR A 74 -12.89 20.19 -15.65
N LYS A 75 -11.90 19.37 -15.31
CA LYS A 75 -11.99 17.94 -15.56
C LYS A 75 -11.12 17.16 -14.57
N ARG A 76 -11.44 17.28 -13.29
CA ARG A 76 -10.69 16.59 -12.25
C ARG A 76 -11.25 15.19 -12.01
N GLU A 77 -12.50 14.99 -12.39
CA GLU A 77 -13.16 13.69 -12.21
C GLU A 77 -12.31 12.57 -12.79
N TYR A 78 -11.54 12.89 -13.83
CA TYR A 78 -10.68 11.92 -14.48
C TYR A 78 -9.47 11.59 -13.61
N ASP A 79 -8.91 12.62 -12.98
CA ASP A 79 -7.75 12.44 -12.12
C ASP A 79 -8.03 11.42 -11.02
N LEU A 80 -8.96 11.75 -10.15
CA LEU A 80 -9.33 10.86 -9.05
C LEU A 80 -9.82 9.51 -9.58
N GLN A 81 -10.32 9.51 -10.81
CA GLN A 81 -10.81 8.30 -11.44
C GLN A 81 -9.78 7.18 -11.35
N ARG A 82 -8.63 7.39 -11.97
CA ARG A 82 -7.56 6.40 -11.97
C ARG A 82 -7.00 6.22 -10.55
N CYS A 83 -7.15 7.24 -9.72
CA CYS A 83 -6.65 7.20 -8.35
C CYS A 83 -7.44 6.17 -7.53
N GLU A 84 -8.74 6.40 -7.40
CA GLU A 84 -9.59 5.49 -6.63
C GLU A 84 -9.45 4.06 -7.13
N ASP A 85 -9.11 3.90 -8.40
CA ASP A 85 -8.93 2.59 -9.00
C ASP A 85 -7.54 2.04 -8.72
N ASP A 86 -6.57 2.95 -8.58
CA ASP A 86 -5.19 2.56 -8.32
C ASP A 86 -4.98 2.31 -6.83
N LEU A 87 -5.86 2.86 -6.01
CA LEU A 87 -5.77 2.70 -4.56
C LEU A 87 -6.35 1.36 -4.13
N ARG A 88 -7.50 1.02 -4.69
CA ARG A 88 -8.16 -0.24 -4.35
C ARG A 88 -7.25 -1.43 -4.66
N ASN A 89 -6.50 -1.34 -5.76
CA ASN A 89 -5.60 -2.40 -6.17
C ASN A 89 -4.57 -2.68 -5.07
N VAL A 90 -4.29 -1.67 -4.26
CA VAL A 90 -3.33 -1.81 -3.18
C VAL A 90 -3.95 -2.51 -1.97
N GLY A 91 -5.17 -2.12 -1.63
CA GLY A 91 -5.86 -2.72 -0.50
C GLY A 91 -5.09 -2.54 0.80
N PRO A 92 -5.46 -3.33 1.82
CA PRO A 92 -4.82 -3.28 3.14
C PRO A 92 -3.40 -3.81 3.11
N VAL A 93 -2.43 -2.90 3.02
CA VAL A 93 -1.03 -3.29 2.98
C VAL A 93 -0.30 -2.81 4.24
N ASP A 94 -0.61 -1.59 4.67
CA ASP A 94 0.02 -1.02 5.86
C ASP A 94 -0.59 -1.60 7.13
N ALA A 95 -1.84 -1.21 7.41
CA ALA A 95 -2.54 -1.69 8.59
C ALA A 95 -3.86 -0.97 8.78
N GLN A 96 -4.57 -1.32 9.85
CA GLN A 96 -5.85 -0.70 10.15
C GLN A 96 -5.75 0.27 11.32
N VAL A 97 -6.42 1.41 11.22
CA VAL A 97 -6.39 2.41 12.28
C VAL A 97 -7.77 2.57 12.91
N TYR A 98 -7.79 2.79 14.22
CA TYR A 98 -9.04 2.96 14.95
C TYR A 98 -9.37 4.43 15.13
N LEU A 99 -10.64 4.77 14.95
CA LEU A 99 -11.09 6.16 15.09
C LEU A 99 -10.75 6.70 16.47
N GLU A 100 -10.54 5.80 17.42
CA GLU A 100 -10.21 6.18 18.79
C GLU A 100 -8.78 6.73 18.87
N GLU A 101 -8.00 6.50 17.81
CA GLU A 101 -6.63 6.96 17.77
C GLU A 101 -6.53 8.33 17.09
N MET A 102 -7.29 8.52 16.02
CA MET A 102 -7.30 9.77 15.29
C MET A 102 -7.75 10.92 16.20
N SER A 103 -6.78 11.74 16.63
CA SER A 103 -7.08 12.87 17.50
C SER A 103 -8.22 13.71 16.93
N TRP A 104 -9.32 13.76 17.66
CA TRP A 104 -10.49 14.53 17.23
C TRP A 104 -10.42 15.96 17.76
N ASN A 105 -10.71 16.93 16.89
CA ASN A 105 -10.69 18.33 17.27
C ASN A 105 -12.10 18.90 17.39
N GLU A 106 -12.42 19.44 18.55
CA GLU A 106 -13.73 20.01 18.79
C GLU A 106 -13.88 21.36 18.08
N GLY A 107 -12.76 21.93 17.66
CA GLY A 107 -12.78 23.20 16.97
C GLY A 107 -13.50 23.12 15.64
N ASP A 108 -13.09 22.16 14.80
CA ASP A 108 -13.69 21.99 13.49
C ASP A 108 -14.38 20.63 13.38
N HIS A 109 -14.45 19.91 14.51
CA HIS A 109 -15.07 18.61 14.54
C HIS A 109 -14.52 17.71 13.44
N SER A 110 -13.26 17.30 13.58
CA SER A 110 -12.61 16.44 12.60
C SER A 110 -11.49 15.63 13.24
N PHE A 111 -10.97 14.67 12.49
CA PHE A 111 -9.90 13.82 12.98
C PHE A 111 -8.69 13.87 12.05
N TYR A 112 -7.50 13.61 12.60
CA TYR A 112 -6.28 13.64 11.82
C TYR A 112 -5.28 12.61 12.34
N LEU A 113 -4.58 11.94 11.43
CA LEU A 113 -3.60 10.94 11.79
C LEU A 113 -2.20 11.34 11.31
N SER A 114 -1.17 10.87 12.02
CA SER A 114 0.20 11.18 11.65
C SER A 114 1.00 9.90 11.44
N CYS A 115 1.56 9.76 10.25
CA CYS A 115 2.36 8.58 9.90
C CYS A 115 3.63 8.52 10.73
N ARG A 116 4.38 7.43 10.60
CA ARG A 116 5.62 7.25 11.35
C ARG A 116 6.82 7.40 10.43
N CYS A 117 6.69 8.23 9.40
CA CYS A 117 7.76 8.46 8.44
C CYS A 117 8.05 9.95 8.30
N GLY A 118 6.97 10.75 8.21
CA GLY A 118 7.13 12.18 8.06
C GLY A 118 5.83 12.85 7.67
N GLY A 119 5.08 12.23 6.77
CA GLY A 119 3.82 12.80 6.33
C GLY A 119 2.68 12.48 7.27
N LYS A 120 1.53 13.10 7.04
CA LYS A 120 0.35 12.88 7.87
C LYS A 120 -0.93 13.11 7.08
N TYR A 121 -2.05 12.71 7.65
CA TYR A 121 -3.35 12.86 7.00
C TYR A 121 -4.33 13.61 7.91
N SER A 122 -5.43 14.07 7.32
CA SER A 122 -6.45 14.80 8.07
C SER A 122 -7.79 14.75 7.35
N VAL A 123 -8.75 14.07 7.96
CA VAL A 123 -10.08 13.94 7.39
C VAL A 123 -11.14 14.59 8.27
N SER A 124 -12.20 15.07 7.66
CA SER A 124 -13.28 15.72 8.40
C SER A 124 -14.26 14.69 8.96
N LYS A 125 -14.92 15.05 10.05
CA LYS A 125 -15.89 14.16 10.69
C LYS A 125 -16.90 13.65 9.67
N ASP A 126 -17.19 14.47 8.67
CA ASP A 126 -18.15 14.10 7.63
C ASP A 126 -17.47 13.30 6.52
N GLU A 127 -16.27 13.73 6.14
CA GLU A 127 -15.52 13.06 5.09
C GLU A 127 -15.27 11.60 5.45
N ALA A 128 -14.68 11.38 6.63
CA ALA A 128 -14.38 10.03 7.10
C ALA A 128 -15.65 9.18 7.16
N GLU A 129 -16.80 9.84 7.27
CA GLU A 129 -18.08 9.14 7.33
C GLU A 129 -18.53 8.69 5.95
N GLU A 130 -17.95 9.30 4.92
CA GLU A 130 -18.29 8.97 3.54
C GLU A 130 -17.19 8.11 2.90
N VAL A 131 -15.95 8.33 3.32
CA VAL A 131 -14.82 7.58 2.81
C VAL A 131 -14.32 6.55 3.82
N SER A 132 -13.21 5.90 3.48
CA SER A 132 -12.64 4.89 4.36
C SER A 132 -11.17 4.62 4.01
N LEU A 133 -10.90 4.57 2.71
CA LEU A 133 -9.54 4.32 2.23
C LEU A 133 -8.68 5.57 2.36
N ILE A 134 -7.61 5.47 3.16
CA ILE A 134 -6.71 6.59 3.37
C ILE A 134 -5.25 6.16 3.17
N SER A 135 -4.57 6.83 2.25
CA SER A 135 -3.17 6.53 1.96
C SER A 135 -2.26 7.63 2.48
N CYS A 136 -0.98 7.31 2.62
CA CYS A 136 0.01 8.27 3.12
C CYS A 136 0.65 9.03 1.96
N ASP A 137 0.91 10.31 2.19
CA ASP A 137 1.52 11.15 1.16
C ASP A 137 3.04 11.21 1.34
N THR A 138 3.68 10.05 1.39
CA THR A 138 5.12 9.98 1.57
C THR A 138 5.63 8.57 1.30
N CYS A 139 5.22 7.62 2.13
CA CYS A 139 5.64 6.23 1.97
C CYS A 139 4.55 5.40 1.29
N SER A 140 4.97 4.40 0.53
CA SER A 140 4.02 3.54 -0.19
C SER A 140 3.26 2.66 0.79
N LEU A 141 2.19 3.20 1.37
CA LEU A 141 1.37 2.47 2.32
C LEU A 141 -0.02 3.09 2.44
N ILE A 142 -0.98 2.29 2.89
CA ILE A 142 -2.35 2.76 3.06
C ILE A 142 -3.01 2.14 4.27
N ILE A 143 -3.88 2.89 4.92
CA ILE A 143 -4.59 2.40 6.11
C ILE A 143 -6.09 2.45 5.91
N GLU A 144 -6.83 1.86 6.85
CA GLU A 144 -8.28 1.83 6.78
C GLU A 144 -8.90 2.60 7.94
N LEU A 145 -9.86 3.48 7.62
CA LEU A 145 -10.53 4.28 8.63
C LEU A 145 -11.75 3.56 9.18
N LEU A 146 -11.59 2.90 10.32
CA LEU A 146 -12.67 2.16 10.94
C LEU A 146 -13.25 2.94 12.13
N HIS A 147 -14.55 3.14 12.13
CA HIS A 147 -15.22 3.86 13.20
C HIS A 147 -15.86 2.90 14.19
N TYR A 148 -15.19 2.66 15.31
CA TYR A 148 -15.69 1.75 16.33
C TYR A 148 -16.23 2.53 17.53
N ASN A 149 -17.43 2.17 17.97
CA ASN A 149 -18.05 2.84 19.11
C ASN A 149 -17.60 2.20 20.42
N HIS A 150 -16.97 3.01 21.28
CA HIS A 150 -16.49 2.53 22.56
C HIS A 150 -17.17 3.27 23.71
N HIS A 151 -16.85 4.56 23.84
CA HIS A 151 -17.42 5.39 24.90
C HIS A 151 -18.94 5.46 24.76
N HIS A 152 -19.64 4.99 25.79
CA HIS A 152 -21.10 5.00 25.79
C HIS A 152 -21.65 5.33 27.18
N HIS A 153 -21.96 6.61 27.39
CA HIS A 153 -22.48 7.05 28.68
C HIS A 153 -23.34 8.29 28.51
N HIS A 154 -23.97 8.42 27.35
CA HIS A 154 -24.83 9.57 27.06
C HIS A 154 -24.04 10.87 27.17
N HIS A 155 -23.42 11.28 26.07
CA HIS A 155 -22.63 12.50 26.04
C HIS A 155 -21.49 12.44 27.05
ZN ZN B . 3.89 7.36 5.72
N MET A 1 17.95 21.28 -18.26
CA MET A 1 17.16 20.91 -19.43
C MET A 1 17.25 21.99 -20.50
N MET A 2 16.90 21.62 -21.73
CA MET A 2 16.95 22.55 -22.86
C MET A 2 15.56 23.03 -23.21
N ALA A 3 15.15 24.16 -22.63
CA ALA A 3 13.82 24.72 -22.89
C ALA A 3 13.84 26.24 -22.76
N VAL A 4 13.86 26.93 -23.91
CA VAL A 4 13.88 28.38 -23.93
C VAL A 4 12.62 28.93 -24.58
N GLU A 5 12.00 28.14 -25.45
CA GLU A 5 10.78 28.55 -26.13
C GLU A 5 9.54 28.13 -25.34
N GLN A 6 9.48 26.86 -24.97
CA GLN A 6 8.35 26.34 -24.21
C GLN A 6 7.03 26.63 -24.93
N MET A 7 6.89 26.06 -26.13
CA MET A 7 5.68 26.27 -26.92
C MET A 7 5.11 24.93 -27.37
N PRO A 8 3.82 24.93 -27.75
CA PRO A 8 3.12 23.73 -28.22
C PRO A 8 3.63 23.26 -29.57
N LYS A 9 3.40 21.98 -29.89
CA LYS A 9 3.82 21.42 -31.16
C LYS A 9 5.33 21.57 -31.35
N LYS A 10 6.08 20.60 -30.84
CA LYS A 10 7.54 20.62 -30.95
C LYS A 10 8.03 19.52 -31.89
N ASP A 11 9.34 19.31 -31.91
CA ASP A 11 9.93 18.28 -32.76
C ASP A 11 9.59 16.89 -32.25
N TRP A 12 9.01 16.83 -31.05
CA TRP A 12 8.64 15.55 -30.46
C TRP A 12 7.45 14.93 -31.18
N TYR A 13 6.31 15.62 -31.11
CA TYR A 13 5.09 15.13 -31.76
C TYR A 13 5.31 14.95 -33.27
N SER A 14 6.32 15.64 -33.79
CA SER A 14 6.63 15.57 -35.21
C SER A 14 7.29 14.23 -35.56
N ILE A 15 8.17 13.78 -34.69
CA ILE A 15 8.87 12.51 -34.90
C ILE A 15 7.89 11.36 -35.00
N LEU A 16 7.10 11.15 -33.96
CA LEU A 16 6.11 10.09 -33.93
C LEU A 16 4.83 10.51 -34.65
N GLY A 17 4.79 11.76 -35.09
CA GLY A 17 3.62 12.26 -35.79
C GLY A 17 2.34 11.98 -35.04
N ALA A 18 2.41 12.01 -33.71
CA ALA A 18 1.24 11.76 -32.88
C ALA A 18 0.79 13.03 -32.16
N ASP A 19 -0.48 13.38 -32.34
CA ASP A 19 -1.02 14.57 -31.70
C ASP A 19 -0.81 14.55 -30.20
N PRO A 20 -0.96 15.71 -29.55
CA PRO A 20 -0.79 15.84 -28.10
C PRO A 20 -1.88 15.14 -27.31
N SER A 21 -2.91 14.67 -28.03
CA SER A 21 -4.02 13.98 -27.39
C SER A 21 -3.65 12.54 -27.06
N ALA A 22 -2.74 11.97 -27.83
CA ALA A 22 -2.29 10.60 -27.62
C ALA A 22 -1.91 10.36 -26.16
N ASN A 23 -1.77 9.10 -25.79
CA ASN A 23 -1.42 8.74 -24.42
C ASN A 23 -0.06 8.05 -24.37
N ILE A 24 0.56 8.05 -23.20
CA ILE A 24 1.87 7.42 -23.03
C ILE A 24 1.83 5.96 -23.47
N SER A 25 0.68 5.32 -23.30
CA SER A 25 0.51 3.93 -23.68
C SER A 25 0.39 3.79 -25.20
N ASP A 26 -0.68 4.34 -25.75
CA ASP A 26 -0.91 4.29 -27.19
C ASP A 26 0.30 4.81 -27.96
N LEU A 27 1.05 5.70 -27.33
CA LEU A 27 2.24 6.28 -27.95
C LEU A 27 3.42 5.31 -27.88
N LYS A 28 3.44 4.49 -26.84
CA LYS A 28 4.50 3.51 -26.65
C LYS A 28 4.59 2.55 -27.83
N GLN A 29 3.43 2.05 -28.25
CA GLN A 29 3.38 1.13 -29.39
C GLN A 29 3.75 1.84 -30.69
N LYS A 30 3.03 2.90 -31.01
CA LYS A 30 3.28 3.67 -32.22
C LYS A 30 4.72 4.18 -32.25
N TYR A 31 5.32 4.28 -31.07
CA TYR A 31 6.69 4.77 -30.96
C TYR A 31 7.68 3.78 -31.60
N GLN A 32 7.58 2.52 -31.21
CA GLN A 32 8.45 1.48 -31.74
C GLN A 32 8.24 1.31 -33.24
N LYS A 33 7.02 1.60 -33.70
CA LYS A 33 6.69 1.48 -35.12
C LYS A 33 7.21 2.68 -35.90
N LEU A 34 6.73 3.86 -35.54
CA LEU A 34 7.14 5.09 -36.20
C LEU A 34 8.67 5.23 -36.21
N ILE A 35 9.25 5.26 -35.02
CA ILE A 35 10.70 5.38 -34.90
C ILE A 35 11.42 4.36 -35.78
N LEU A 36 10.97 3.11 -35.72
CA LEU A 36 11.56 2.05 -36.53
C LEU A 36 11.63 2.45 -38.00
N MET A 37 10.52 2.94 -38.53
CA MET A 37 10.45 3.36 -39.92
C MET A 37 11.35 4.59 -40.16
N TYR A 38 11.54 5.38 -39.12
CA TYR A 38 12.37 6.57 -39.21
C TYR A 38 13.84 6.21 -39.40
N HIS A 39 14.24 5.08 -38.83
CA HIS A 39 15.63 4.61 -38.94
C HIS A 39 15.99 4.34 -40.39
N PRO A 40 17.30 4.30 -40.67
CA PRO A 40 17.81 4.05 -42.02
C PRO A 40 17.57 2.62 -42.47
N ASP A 41 17.44 2.42 -43.79
CA ASP A 41 17.21 1.09 -44.34
C ASP A 41 17.77 1.00 -45.76
N LYS A 42 19.01 1.42 -45.92
CA LYS A 42 19.65 1.38 -47.24
C LYS A 42 21.10 0.88 -47.12
N GLN A 43 21.77 0.77 -48.25
CA GLN A 43 23.15 0.30 -48.28
C GLN A 43 24.07 1.28 -47.55
N SER A 44 25.35 0.95 -47.49
CA SER A 44 26.33 1.79 -46.81
C SER A 44 26.94 2.80 -47.78
N THR A 45 27.07 4.04 -47.33
CA THR A 45 27.64 5.09 -48.16
C THR A 45 28.97 5.58 -47.59
N ASP A 46 29.66 4.70 -46.88
CA ASP A 46 30.95 5.03 -46.29
C ASP A 46 30.82 6.24 -45.36
N VAL A 47 30.40 5.99 -44.12
CA VAL A 47 30.23 7.05 -43.13
C VAL A 47 31.22 6.89 -41.98
N PRO A 48 32.48 7.28 -42.22
CA PRO A 48 33.54 7.19 -41.23
C PRO A 48 33.35 8.18 -40.08
N ALA A 49 33.36 7.67 -38.85
CA ALA A 49 33.18 8.52 -37.68
C ALA A 49 31.73 8.97 -37.53
N GLY A 50 31.23 9.68 -38.55
CA GLY A 50 29.87 10.16 -38.50
C GLY A 50 28.88 9.05 -38.24
N THR A 51 29.24 7.82 -38.59
CA THR A 51 28.37 6.67 -38.39
C THR A 51 27.82 6.64 -36.96
N VAL A 52 28.70 6.91 -36.00
CA VAL A 52 28.30 6.91 -34.59
C VAL A 52 27.64 8.23 -34.21
N GLU A 53 28.21 9.33 -34.68
CA GLU A 53 27.68 10.66 -34.38
C GLU A 53 26.23 10.77 -34.84
N GLU A 54 25.87 10.01 -35.87
CA GLU A 54 24.51 10.02 -36.41
C GLU A 54 23.61 9.08 -35.61
N CYS A 55 24.10 7.88 -35.35
CA CYS A 55 23.33 6.89 -34.59
C CYS A 55 23.04 7.38 -33.19
N VAL A 56 24.08 7.81 -32.48
CA VAL A 56 23.93 8.31 -31.12
C VAL A 56 22.98 9.50 -31.07
N GLN A 57 23.27 10.52 -31.87
CA GLN A 57 22.44 11.72 -31.91
C GLN A 57 20.99 11.36 -32.18
N LYS A 58 20.76 10.60 -33.25
CA LYS A 58 19.41 10.18 -33.62
C LYS A 58 18.75 9.41 -32.48
N PHE A 59 19.55 8.66 -31.74
CA PHE A 59 19.05 7.87 -30.62
C PHE A 59 18.40 8.76 -29.56
N ILE A 60 18.91 9.99 -29.44
CA ILE A 60 18.38 10.94 -28.47
C ILE A 60 17.05 11.52 -28.94
N GLU A 61 16.94 11.74 -30.25
CA GLU A 61 15.72 12.29 -30.83
C GLU A 61 14.57 11.30 -30.69
N ILE A 62 14.78 10.07 -31.16
CA ILE A 62 13.77 9.04 -31.09
C ILE A 62 13.28 8.84 -29.66
N ASP A 63 14.19 9.00 -28.70
CA ASP A 63 13.84 8.84 -27.29
C ASP A 63 13.15 10.09 -26.75
N GLN A 64 13.44 11.24 -27.37
CA GLN A 64 12.85 12.50 -26.95
C GLN A 64 11.32 12.41 -26.96
N ALA A 65 10.76 12.16 -28.13
CA ALA A 65 9.31 12.04 -28.28
C ALA A 65 8.80 10.74 -27.67
N TRP A 66 9.65 9.73 -27.64
CA TRP A 66 9.29 8.43 -27.08
C TRP A 66 8.58 8.60 -25.74
N LYS A 67 9.12 9.47 -24.90
CA LYS A 67 8.55 9.73 -23.58
C LYS A 67 7.65 10.96 -23.61
N ILE A 68 8.25 12.11 -23.85
CA ILE A 68 7.51 13.37 -23.89
C ILE A 68 7.05 13.68 -25.33
N LEU A 69 6.35 12.73 -25.93
CA LEU A 69 5.85 12.90 -27.30
C LEU A 69 5.16 14.26 -27.46
N GLY A 70 4.48 14.69 -26.41
CA GLY A 70 3.79 15.97 -26.45
C GLY A 70 4.62 17.11 -25.88
N ASN A 71 4.16 17.68 -24.77
CA ASN A 71 4.87 18.77 -24.13
C ASN A 71 5.77 18.26 -23.00
N GLU A 72 6.53 19.16 -22.40
CA GLU A 72 7.42 18.80 -21.30
C GLU A 72 6.66 18.17 -20.15
N GLU A 73 5.35 18.46 -20.09
CA GLU A 73 4.51 17.92 -19.03
C GLU A 73 4.07 16.50 -19.35
N THR A 74 4.27 16.09 -20.60
CA THR A 74 3.89 14.75 -21.03
C THR A 74 4.49 13.69 -20.12
N LYS A 75 5.63 14.02 -19.50
CA LYS A 75 6.31 13.10 -18.61
C LYS A 75 6.59 13.76 -17.26
N ARG A 76 7.29 13.05 -16.39
CA ARG A 76 7.63 13.57 -15.07
C ARG A 76 6.39 13.72 -14.21
N GLU A 77 5.63 14.78 -14.46
CA GLU A 77 4.41 15.04 -13.70
C GLU A 77 3.27 14.14 -14.17
N TYR A 78 3.37 13.69 -15.41
CA TYR A 78 2.34 12.81 -15.99
C TYR A 78 2.44 11.41 -15.40
N ASP A 79 3.66 10.93 -15.23
CA ASP A 79 3.88 9.59 -14.68
C ASP A 79 3.39 9.51 -13.24
N LEU A 80 3.93 10.36 -12.38
CA LEU A 80 3.55 10.38 -10.97
C LEU A 80 2.06 10.68 -10.83
N GLN A 81 1.52 11.46 -11.75
CA GLN A 81 0.10 11.83 -11.73
C GLN A 81 -0.77 10.59 -11.60
N ARG A 82 -0.60 9.66 -12.52
CA ARG A 82 -1.38 8.42 -12.51
C ARG A 82 -0.96 7.52 -11.35
N CYS A 83 0.26 7.71 -10.87
CA CYS A 83 0.78 6.92 -9.76
C CYS A 83 0.06 7.27 -8.46
N GLU A 84 0.18 8.54 -8.05
CA GLU A 84 -0.45 8.99 -6.82
C GLU A 84 -1.95 8.69 -6.84
N ASP A 85 -2.53 8.66 -8.03
CA ASP A 85 -3.95 8.37 -8.18
C ASP A 85 -4.21 6.88 -8.18
N ASP A 86 -3.24 6.10 -8.64
CA ASP A 86 -3.35 4.66 -8.69
C ASP A 86 -3.03 4.03 -7.34
N LEU A 87 -2.33 4.79 -6.50
CA LEU A 87 -1.94 4.31 -5.18
C LEU A 87 -3.09 4.49 -4.18
N ARG A 88 -3.73 5.65 -4.23
CA ARG A 88 -4.85 5.94 -3.34
C ARG A 88 -6.01 4.99 -3.58
N ASN A 89 -6.06 4.43 -4.79
CA ASN A 89 -7.12 3.49 -5.14
C ASN A 89 -6.81 2.08 -4.65
N VAL A 90 -5.55 1.86 -4.29
CA VAL A 90 -5.12 0.56 -3.80
C VAL A 90 -5.96 0.11 -2.60
N GLY A 91 -6.21 1.04 -1.68
CA GLY A 91 -7.00 0.72 -0.51
C GLY A 91 -6.17 0.15 0.62
N PRO A 92 -6.84 -0.48 1.60
CA PRO A 92 -6.17 -1.08 2.76
C PRO A 92 -5.34 -2.31 2.39
N VAL A 93 -4.04 -2.10 2.18
CA VAL A 93 -3.14 -3.18 1.82
C VAL A 93 -2.05 -3.36 2.86
N ASP A 94 -1.94 -2.39 3.77
CA ASP A 94 -0.94 -2.44 4.82
C ASP A 94 -1.54 -2.91 6.14
N ALA A 95 -2.37 -2.07 6.74
CA ALA A 95 -3.03 -2.40 8.00
C ALA A 95 -4.05 -1.33 8.39
N GLN A 96 -4.68 -1.52 9.55
CA GLN A 96 -5.68 -0.58 10.03
C GLN A 96 -5.15 0.21 11.23
N VAL A 97 -5.61 1.45 11.37
CA VAL A 97 -5.18 2.30 12.47
C VAL A 97 -6.35 2.60 13.41
N TYR A 98 -6.05 2.68 14.70
CA TYR A 98 -7.08 2.97 15.70
C TYR A 98 -7.22 4.46 15.92
N LEU A 99 -8.44 4.97 15.77
CA LEU A 99 -8.71 6.39 15.96
C LEU A 99 -8.19 6.88 17.31
N GLU A 100 -8.08 5.95 18.26
CA GLU A 100 -7.59 6.29 19.59
C GLU A 100 -6.20 6.91 19.52
N GLU A 101 -5.49 6.63 18.43
CA GLU A 101 -4.14 7.16 18.24
C GLU A 101 -4.17 8.40 17.35
N MET A 102 -5.20 8.51 16.52
CA MET A 102 -5.34 9.66 15.63
C MET A 102 -6.03 10.83 16.34
N SER A 103 -5.37 11.97 16.36
CA SER A 103 -5.92 13.17 17.01
C SER A 103 -7.25 13.55 16.38
N TRP A 104 -8.20 13.95 17.23
CA TRP A 104 -9.52 14.34 16.76
C TRP A 104 -9.84 15.77 17.20
N ASN A 105 -10.78 16.40 16.50
CA ASN A 105 -11.19 17.76 16.82
C ASN A 105 -12.68 17.84 17.11
N GLU A 106 -13.04 17.82 18.39
CA GLU A 106 -14.44 17.88 18.80
C GLU A 106 -15.06 19.21 18.37
N GLY A 107 -14.32 20.29 18.54
CA GLY A 107 -14.81 21.61 18.18
C GLY A 107 -14.73 21.86 16.68
N ASP A 108 -13.64 21.40 16.07
CA ASP A 108 -13.44 21.59 14.64
C ASP A 108 -14.32 20.62 13.84
N HIS A 109 -14.88 19.63 14.52
CA HIS A 109 -15.74 18.65 13.87
C HIS A 109 -14.99 17.93 12.76
N SER A 110 -13.74 17.56 13.03
CA SER A 110 -12.92 16.86 12.05
C SER A 110 -11.80 16.08 12.74
N PHE A 111 -11.39 14.98 12.11
CA PHE A 111 -10.33 14.14 12.66
C PHE A 111 -9.08 14.20 11.79
N TYR A 112 -7.93 14.34 12.42
CA TYR A 112 -6.65 14.41 11.70
C TYR A 112 -5.84 13.15 11.93
N LEU A 113 -5.23 12.65 10.85
CA LEU A 113 -4.42 11.44 10.92
C LEU A 113 -3.01 11.70 10.39
N SER A 114 -2.03 11.01 10.96
CA SER A 114 -0.64 11.16 10.53
C SER A 114 0.10 9.82 10.61
N CYS A 115 1.07 9.66 9.73
CA CYS A 115 1.87 8.43 9.69
C CYS A 115 3.01 8.49 10.71
N ARG A 116 3.66 7.35 10.92
CA ARG A 116 4.77 7.27 11.86
C ARG A 116 6.10 7.39 11.14
N CYS A 117 6.09 8.01 9.97
CA CYS A 117 7.31 8.19 9.18
C CYS A 117 7.49 9.65 8.80
N GLY A 118 6.39 10.32 8.46
CA GLY A 118 6.46 11.72 8.09
C GLY A 118 5.16 12.22 7.48
N GLY A 119 4.41 11.31 6.87
CA GLY A 119 3.14 11.68 6.25
C GLY A 119 2.21 12.38 7.21
N LYS A 120 1.22 13.08 6.67
CA LYS A 120 0.25 13.81 7.49
C LYS A 120 -0.98 14.19 6.67
N TYR A 121 -2.15 13.83 7.19
CA TYR A 121 -3.40 14.13 6.50
C TYR A 121 -4.48 14.53 7.50
N SER A 122 -5.66 14.88 6.98
CA SER A 122 -6.77 15.28 7.82
C SER A 122 -8.10 15.11 7.08
N VAL A 123 -9.00 14.32 7.66
CA VAL A 123 -10.29 14.07 7.06
C VAL A 123 -11.42 14.63 7.93
N SER A 124 -12.37 15.31 7.31
CA SER A 124 -13.49 15.90 8.03
C SER A 124 -14.33 14.82 8.71
N LYS A 125 -15.00 15.19 9.79
CA LYS A 125 -15.83 14.25 10.54
C LYS A 125 -16.85 13.58 9.62
N ASP A 126 -17.46 14.38 8.74
CA ASP A 126 -18.45 13.87 7.81
C ASP A 126 -17.78 13.25 6.59
N GLU A 127 -16.47 13.47 6.46
CA GLU A 127 -15.71 12.93 5.33
C GLU A 127 -15.27 11.51 5.60
N ALA A 128 -14.98 11.21 6.86
CA ALA A 128 -14.55 9.88 7.26
C ALA A 128 -15.73 8.93 7.39
N GLU A 129 -16.91 9.49 7.65
CA GLU A 129 -18.12 8.69 7.79
C GLU A 129 -18.50 8.03 6.48
N GLU A 130 -18.01 8.60 5.38
CA GLU A 130 -18.30 8.06 4.04
C GLU A 130 -17.15 7.19 3.56
N VAL A 131 -15.94 7.53 3.97
CA VAL A 131 -14.75 6.78 3.57
C VAL A 131 -13.82 6.55 4.76
N SER A 132 -13.38 5.30 4.91
CA SER A 132 -12.49 4.93 6.01
C SER A 132 -11.15 4.43 5.48
N LEU A 133 -10.70 5.02 4.37
CA LEU A 133 -9.44 4.64 3.76
C LEU A 133 -8.60 5.86 3.43
N ILE A 134 -7.35 5.87 3.89
CA ILE A 134 -6.45 6.98 3.64
C ILE A 134 -5.04 6.48 3.30
N SER A 135 -4.42 7.13 2.32
CA SER A 135 -3.08 6.75 1.89
C SER A 135 -2.05 7.76 2.40
N CYS A 136 -0.88 7.26 2.78
CA CYS A 136 0.20 8.12 3.28
C CYS A 136 0.87 8.87 2.13
N ASP A 137 1.27 10.10 2.40
CA ASP A 137 1.93 10.93 1.40
C ASP A 137 3.44 10.94 1.60
N THR A 138 4.03 9.75 1.64
CA THR A 138 5.48 9.63 1.83
C THR A 138 5.93 8.19 1.63
N CYS A 139 5.33 7.27 2.38
CA CYS A 139 5.67 5.86 2.29
C CYS A 139 4.53 5.07 1.66
N SER A 140 4.88 4.06 0.87
CA SER A 140 3.89 3.22 0.20
C SER A 140 3.14 2.36 1.22
N LEU A 141 2.08 2.93 1.79
CA LEU A 141 1.27 2.22 2.78
C LEU A 141 -0.06 2.91 2.97
N ILE A 142 -1.12 2.11 3.11
CA ILE A 142 -2.46 2.63 3.31
C ILE A 142 -3.05 2.16 4.64
N ILE A 143 -3.75 3.07 5.33
CA ILE A 143 -4.37 2.74 6.61
C ILE A 143 -5.86 3.01 6.58
N GLU A 144 -6.60 2.28 7.40
CA GLU A 144 -8.05 2.43 7.48
C GLU A 144 -8.45 3.18 8.74
N LEU A 145 -9.50 3.99 8.63
CA LEU A 145 -9.99 4.78 9.75
C LEU A 145 -11.01 3.97 10.57
N LEU A 146 -10.53 3.36 11.66
CA LEU A 146 -11.39 2.56 12.52
C LEU A 146 -12.15 3.45 13.51
N HIS A 147 -13.46 3.54 13.34
CA HIS A 147 -14.29 4.35 14.22
C HIS A 147 -15.70 3.78 14.32
N TYR A 148 -16.30 3.49 13.16
CA TYR A 148 -17.65 2.93 13.13
C TYR A 148 -18.66 3.92 13.72
N ASN A 149 -19.42 4.58 12.86
CA ASN A 149 -20.42 5.55 13.30
C ASN A 149 -21.79 5.19 12.75
N HIS A 150 -22.62 4.59 13.59
CA HIS A 150 -23.97 4.20 13.18
C HIS A 150 -24.99 4.58 14.26
N HIS A 151 -24.75 5.70 14.94
CA HIS A 151 -25.65 6.17 15.99
C HIS A 151 -27.00 6.55 15.41
N HIS A 152 -27.99 5.69 15.61
CA HIS A 152 -29.34 5.94 15.11
C HIS A 152 -30.29 6.25 16.25
N HIS A 153 -30.03 5.65 17.41
CA HIS A 153 -30.88 5.88 18.59
C HIS A 153 -30.35 7.04 19.42
N HIS A 154 -31.27 7.82 19.98
CA HIS A 154 -30.90 8.96 20.81
C HIS A 154 -31.51 8.85 22.20
N HIS A 155 -30.80 9.36 23.20
CA HIS A 155 -31.26 9.31 24.58
C HIS A 155 -32.10 10.55 24.91
ZN ZN B . -0.02 7.60 8.12
N MET A 1 0.49 11.12 24.58
CA MET A 1 1.79 11.27 25.23
C MET A 1 2.87 10.52 24.45
N MET A 2 3.36 11.14 23.38
CA MET A 2 4.39 10.53 22.55
C MET A 2 5.41 11.57 22.10
N ALA A 3 6.25 12.01 23.03
CA ALA A 3 7.27 13.01 22.72
C ALA A 3 8.53 12.79 23.55
N VAL A 4 9.39 11.89 23.09
CA VAL A 4 10.62 11.58 23.79
C VAL A 4 11.80 11.48 22.83
N GLU A 5 11.71 12.23 21.73
CA GLU A 5 12.77 12.23 20.73
C GLU A 5 14.04 12.88 21.27
N GLN A 6 13.87 13.98 22.00
CA GLN A 6 15.00 14.69 22.57
C GLN A 6 15.91 15.24 21.48
N MET A 7 16.95 15.95 21.89
CA MET A 7 17.90 16.53 20.94
C MET A 7 18.76 15.45 20.32
N PRO A 8 19.39 15.77 19.17
CA PRO A 8 20.26 14.83 18.46
C PRO A 8 21.57 14.57 19.19
N LYS A 9 22.14 13.40 18.96
CA LYS A 9 23.40 13.03 19.61
C LYS A 9 23.87 11.66 19.14
N LYS A 10 25.16 11.54 18.87
CA LYS A 10 25.73 10.28 18.41
C LYS A 10 27.25 10.37 18.32
N ASP A 11 27.90 9.23 18.13
CA ASP A 11 29.36 9.19 18.02
C ASP A 11 29.85 10.08 16.88
N TRP A 12 28.96 10.35 15.92
CA TRP A 12 29.30 11.18 14.78
C TRP A 12 29.44 12.65 15.19
N TYR A 13 28.46 13.15 15.94
CA TYR A 13 28.47 14.52 16.40
C TYR A 13 29.74 14.83 17.18
N SER A 14 30.36 13.78 17.73
CA SER A 14 31.58 13.94 18.52
C SER A 14 32.79 14.10 17.59
N ILE A 15 32.80 13.34 16.51
CA ILE A 15 33.89 13.41 15.54
C ILE A 15 34.18 14.84 15.12
N LEU A 16 33.13 15.55 14.72
CA LEU A 16 33.26 16.93 14.28
C LEU A 16 32.92 17.89 15.41
N GLY A 17 32.38 17.34 16.50
CA GLY A 17 32.02 18.17 17.64
C GLY A 17 31.17 19.35 17.25
N ALA A 18 30.09 19.10 16.51
CA ALA A 18 29.19 20.16 16.06
C ALA A 18 28.02 20.32 17.03
N ASP A 19 27.95 21.49 17.67
CA ASP A 19 26.89 21.78 18.62
C ASP A 19 25.52 21.56 17.98
N PRO A 20 24.48 21.40 18.82
CA PRO A 20 23.11 21.18 18.36
C PRO A 20 22.52 22.42 17.71
N SER A 21 23.22 23.54 17.81
CA SER A 21 22.76 24.79 17.23
C SER A 21 23.71 25.27 16.15
N ALA A 22 24.65 24.41 15.77
CA ALA A 22 25.62 24.75 14.73
C ALA A 22 24.95 24.95 13.38
N ASN A 23 25.74 25.15 12.34
CA ASN A 23 25.23 25.34 11.00
C ASN A 23 26.10 24.64 9.97
N ILE A 24 25.54 24.41 8.78
CA ILE A 24 26.26 23.74 7.71
C ILE A 24 27.58 24.46 7.41
N SER A 25 27.61 25.76 7.67
CA SER A 25 28.80 26.56 7.44
C SER A 25 29.92 26.17 8.39
N ASP A 26 29.76 26.51 9.67
CA ASP A 26 30.77 26.18 10.68
C ASP A 26 31.12 24.70 10.64
N LEU A 27 30.14 23.88 10.24
CA LEU A 27 30.35 22.43 10.17
C LEU A 27 31.50 22.10 9.22
N LYS A 28 31.53 22.77 8.07
CA LYS A 28 32.57 22.54 7.08
C LYS A 28 33.94 22.93 7.63
N GLN A 29 33.97 24.04 8.36
CA GLN A 29 35.22 24.53 8.94
C GLN A 29 35.71 23.59 10.05
N LYS A 30 34.84 23.31 11.01
CA LYS A 30 35.17 22.42 12.12
C LYS A 30 35.41 21.00 11.63
N TYR A 31 34.86 20.68 10.47
CA TYR A 31 35.01 19.35 9.88
C TYR A 31 36.49 19.05 9.60
N GLN A 32 37.06 19.79 8.65
CA GLN A 32 38.46 19.60 8.28
C GLN A 32 39.38 19.86 9.48
N LYS A 33 38.85 20.57 10.47
CA LYS A 33 39.63 20.88 11.67
C LYS A 33 39.71 19.67 12.59
N LEU A 34 38.56 19.19 13.05
CA LEU A 34 38.51 18.04 13.93
C LEU A 34 38.94 16.77 13.21
N ILE A 35 38.41 16.57 12.01
CA ILE A 35 38.75 15.40 11.20
C ILE A 35 40.26 15.22 11.11
N LEU A 36 40.96 16.30 10.75
CA LEU A 36 42.40 16.26 10.63
C LEU A 36 43.05 15.68 11.89
N MET A 37 42.78 16.31 13.02
CA MET A 37 43.34 15.86 14.30
C MET A 37 43.00 14.39 14.54
N TYR A 38 41.86 13.95 14.02
CA TYR A 38 41.43 12.56 14.18
C TYR A 38 42.33 11.62 13.39
N HIS A 39 42.83 12.10 12.26
CA HIS A 39 43.71 11.30 11.41
C HIS A 39 45.08 11.13 12.06
N PRO A 40 45.83 10.11 11.61
CA PRO A 40 47.16 9.81 12.13
C PRO A 40 48.19 10.87 11.73
N ASP A 41 49.40 10.75 12.27
CA ASP A 41 50.47 11.69 11.96
C ASP A 41 51.79 10.97 11.76
N LYS A 42 52.13 10.09 12.70
CA LYS A 42 53.37 9.33 12.62
C LYS A 42 53.17 8.03 11.85
N GLN A 43 54.22 7.60 11.16
CA GLN A 43 54.15 6.37 10.37
C GLN A 43 55.29 5.42 10.75
N SER A 44 55.28 4.23 10.15
CA SER A 44 56.30 3.23 10.43
C SER A 44 57.37 3.23 9.34
N THR A 45 57.01 2.73 8.16
CA THR A 45 57.93 2.67 7.04
C THR A 45 57.36 3.38 5.82
N ASP A 46 56.05 3.27 5.64
CA ASP A 46 55.38 3.91 4.51
C ASP A 46 53.86 3.80 4.65
N VAL A 47 53.34 2.59 4.43
CA VAL A 47 51.90 2.36 4.52
C VAL A 47 51.61 0.94 5.01
N PRO A 48 51.81 0.70 6.30
CA PRO A 48 51.57 -0.61 6.92
C PRO A 48 50.10 -0.96 6.98
N ALA A 49 49.80 -2.23 7.29
CA ALA A 49 48.43 -2.69 7.38
C ALA A 49 47.61 -1.78 8.30
N GLY A 50 48.27 -1.21 9.28
CA GLY A 50 47.59 -0.33 10.23
C GLY A 50 47.14 0.97 9.59
N THR A 51 47.92 1.46 8.62
CA THR A 51 47.60 2.70 7.94
C THR A 51 46.55 2.46 6.85
N VAL A 52 46.67 1.34 6.15
CA VAL A 52 45.73 1.00 5.09
C VAL A 52 44.30 0.96 5.60
N GLU A 53 44.07 0.14 6.63
CA GLU A 53 42.75 0.01 7.22
C GLU A 53 42.29 1.33 7.83
N GLU A 54 43.24 2.07 8.40
CA GLU A 54 42.93 3.35 9.03
C GLU A 54 42.46 4.37 7.99
N CYS A 55 42.94 4.22 6.76
CA CYS A 55 42.57 5.12 5.68
C CYS A 55 41.11 4.94 5.30
N VAL A 56 40.74 3.70 4.97
CA VAL A 56 39.37 3.39 4.58
C VAL A 56 38.42 3.56 5.75
N GLN A 57 38.81 3.01 6.90
CA GLN A 57 37.98 3.11 8.11
C GLN A 57 37.66 4.56 8.44
N LYS A 58 38.63 5.44 8.21
CA LYS A 58 38.45 6.86 8.48
C LYS A 58 37.47 7.48 7.49
N PHE A 59 37.51 7.02 6.26
CA PHE A 59 36.63 7.53 5.21
C PHE A 59 35.17 7.30 5.58
N ILE A 60 34.90 6.19 6.25
CA ILE A 60 33.55 5.85 6.66
C ILE A 60 33.12 6.65 7.88
N GLU A 61 34.10 7.03 8.70
CA GLU A 61 33.83 7.81 9.91
C GLU A 61 33.62 9.28 9.57
N ILE A 62 34.55 9.86 8.82
CA ILE A 62 34.47 11.26 8.43
C ILE A 62 33.17 11.55 7.69
N ASP A 63 32.72 10.58 6.89
CA ASP A 63 31.49 10.73 6.12
C ASP A 63 30.27 10.48 7.01
N GLN A 64 30.46 9.70 8.07
CA GLN A 64 29.39 9.38 8.99
C GLN A 64 28.81 10.64 9.61
N ALA A 65 29.68 11.57 9.98
CA ALA A 65 29.27 12.83 10.59
C ALA A 65 28.86 13.85 9.52
N TRP A 66 29.71 14.02 8.52
CA TRP A 66 29.43 14.96 7.43
C TRP A 66 28.04 14.73 6.86
N LYS A 67 27.59 13.49 6.90
CA LYS A 67 26.26 13.14 6.39
C LYS A 67 25.27 12.92 7.53
N ILE A 68 25.53 11.90 8.33
CA ILE A 68 24.67 11.58 9.47
C ILE A 68 25.10 12.33 10.72
N LEU A 69 25.36 13.62 10.58
CA LEU A 69 25.79 14.45 11.70
C LEU A 69 24.85 14.27 12.89
N GLY A 70 23.54 14.35 12.63
CA GLY A 70 22.56 14.20 13.68
C GLY A 70 21.30 13.50 13.21
N ASN A 71 20.22 13.67 13.96
CA ASN A 71 18.95 13.05 13.61
C ASN A 71 18.46 13.53 12.25
N GLU A 72 17.22 13.18 11.92
CA GLU A 72 16.64 13.57 10.64
C GLU A 72 16.68 15.09 10.47
N GLU A 73 16.69 15.80 11.59
CA GLU A 73 16.73 17.26 11.58
C GLU A 73 17.89 17.76 10.73
N THR A 74 19.08 17.22 10.99
CA THR A 74 20.28 17.61 10.24
C THR A 74 20.05 17.53 8.74
N LYS A 75 19.88 16.31 8.23
CA LYS A 75 19.65 16.10 6.82
C LYS A 75 19.00 14.74 6.57
N ARG A 76 17.87 14.75 5.85
CA ARG A 76 17.14 13.53 5.54
C ARG A 76 17.54 12.99 4.18
N GLU A 77 18.73 13.39 3.71
CA GLU A 77 19.22 12.95 2.42
C GLU A 77 19.54 11.45 2.44
N TYR A 78 20.63 11.09 3.10
CA TYR A 78 21.05 9.69 3.20
C TYR A 78 20.17 8.94 4.19
N ASP A 79 19.65 9.64 5.18
CA ASP A 79 18.79 9.04 6.20
C ASP A 79 17.51 8.48 5.56
N LEU A 80 16.64 9.38 5.11
CA LEU A 80 15.39 8.97 4.49
C LEU A 80 15.64 8.08 3.28
N GLN A 81 16.81 8.24 2.67
CA GLN A 81 17.18 7.45 1.49
C GLN A 81 16.98 5.96 1.76
N ARG A 82 17.71 5.44 2.74
CA ARG A 82 17.61 4.03 3.09
C ARG A 82 16.24 3.71 3.68
N CYS A 83 15.58 4.72 4.23
CA CYS A 83 14.26 4.54 4.82
C CYS A 83 13.22 4.22 3.76
N GLU A 84 13.04 5.14 2.82
CA GLU A 84 12.07 4.95 1.75
C GLU A 84 12.32 3.64 1.02
N ASP A 85 13.57 3.20 1.00
CA ASP A 85 13.95 1.95 0.34
C ASP A 85 13.70 0.76 1.26
N ASP A 86 13.81 0.99 2.56
CA ASP A 86 13.60 -0.07 3.55
C ASP A 86 12.10 -0.27 3.83
N LEU A 87 11.31 0.75 3.50
CA LEU A 87 9.87 0.69 3.73
C LEU A 87 9.18 -0.05 2.59
N ARG A 88 9.58 0.25 1.35
CA ARG A 88 8.99 -0.40 0.18
C ARG A 88 9.39 -1.87 0.11
N ASN A 89 10.51 -2.20 0.76
CA ASN A 89 11.00 -3.57 0.77
C ASN A 89 10.22 -4.43 1.77
N VAL A 90 9.69 -3.78 2.79
CA VAL A 90 8.91 -4.49 3.81
C VAL A 90 7.76 -5.27 3.19
N GLY A 91 7.05 -4.63 2.26
CA GLY A 91 5.94 -5.29 1.60
C GLY A 91 4.60 -4.71 2.02
N PRO A 92 3.52 -5.44 1.71
CA PRO A 92 2.16 -5.02 2.05
C PRO A 92 1.89 -5.07 3.55
N VAL A 93 2.23 -4.00 4.25
CA VAL A 93 2.03 -3.92 5.69
C VAL A 93 0.91 -2.93 6.03
N ASP A 94 -0.08 -2.85 5.16
CA ASP A 94 -1.21 -1.95 5.37
C ASP A 94 -2.24 -2.58 6.30
N ALA A 95 -2.45 -1.96 7.46
CA ALA A 95 -3.41 -2.46 8.43
C ALA A 95 -4.51 -1.46 8.68
N GLN A 96 -5.43 -1.80 9.58
CA GLN A 96 -6.54 -0.91 9.91
C GLN A 96 -6.21 -0.04 11.11
N VAL A 97 -6.75 1.17 11.12
CA VAL A 97 -6.51 2.11 12.21
C VAL A 97 -7.81 2.47 12.92
N TYR A 98 -7.73 2.65 14.23
CA TYR A 98 -8.90 3.00 15.03
C TYR A 98 -9.05 4.52 15.15
N LEU A 99 -10.26 5.01 14.87
CA LEU A 99 -10.53 6.44 14.94
C LEU A 99 -10.15 7.00 16.31
N GLU A 100 -10.10 6.12 17.30
CA GLU A 100 -9.74 6.53 18.66
C GLU A 100 -8.31 7.07 18.72
N GLU A 101 -7.54 6.79 17.66
CA GLU A 101 -6.16 7.24 17.59
C GLU A 101 -6.08 8.65 17.00
N MET A 102 -6.84 8.88 15.94
CA MET A 102 -6.85 10.19 15.27
C MET A 102 -7.10 11.30 16.29
N SER A 103 -6.39 12.41 16.12
CA SER A 103 -6.52 13.55 17.02
C SER A 103 -7.99 13.98 17.13
N TRP A 104 -8.48 14.07 18.36
CA TRP A 104 -9.86 14.47 18.60
C TRP A 104 -9.96 15.99 18.76
N ASN A 105 -10.36 16.67 17.69
CA ASN A 105 -10.50 18.11 17.71
C ASN A 105 -11.97 18.52 17.79
N GLU A 106 -12.44 18.82 19.00
CA GLU A 106 -13.82 19.22 19.20
C GLU A 106 -14.09 20.60 18.62
N GLY A 107 -13.02 21.39 18.51
CA GLY A 107 -13.15 22.74 17.98
C GLY A 107 -13.86 22.76 16.64
N ASP A 108 -13.40 21.94 15.71
CA ASP A 108 -14.01 21.86 14.37
C ASP A 108 -14.60 20.48 14.12
N HIS A 109 -14.58 19.64 15.15
CA HIS A 109 -15.12 18.29 15.05
C HIS A 109 -14.53 17.57 13.83
N SER A 110 -13.24 17.27 13.90
CA SER A 110 -12.55 16.58 12.81
C SER A 110 -11.45 15.67 13.35
N PHE A 111 -11.11 14.66 12.57
CA PHE A 111 -10.07 13.70 12.96
C PHE A 111 -8.77 13.98 12.22
N TYR A 112 -7.65 13.81 12.92
CA TYR A 112 -6.34 14.05 12.32
C TYR A 112 -5.47 12.80 12.40
N LEU A 113 -4.85 12.44 11.29
CA LEU A 113 -3.99 11.27 11.22
C LEU A 113 -2.78 11.53 10.33
N SER A 114 -1.60 11.60 10.96
CA SER A 114 -0.37 11.85 10.21
C SER A 114 0.58 10.66 10.36
N CYS A 115 1.43 10.47 9.34
CA CYS A 115 2.39 9.38 9.35
C CYS A 115 3.64 9.74 10.15
N ARG A 116 4.45 8.74 10.46
CA ARG A 116 5.67 8.96 11.22
C ARG A 116 6.90 8.84 10.33
N CYS A 117 6.78 9.30 9.09
CA CYS A 117 7.88 9.24 8.14
C CYS A 117 8.16 10.62 7.54
N GLY A 118 7.09 11.34 7.24
CA GLY A 118 7.23 12.67 6.66
C GLY A 118 5.92 13.23 6.16
N GLY A 119 5.00 12.35 5.77
CA GLY A 119 3.71 12.78 5.27
C GLY A 119 2.66 12.87 6.37
N LYS A 120 1.49 13.38 6.02
CA LYS A 120 0.40 13.52 6.98
C LYS A 120 -0.93 13.68 6.27
N TYR A 121 -2.02 13.57 7.03
CA TYR A 121 -3.37 13.69 6.47
C TYR A 121 -4.37 14.06 7.55
N SER A 122 -5.53 14.56 7.13
CA SER A 122 -6.58 14.96 8.06
C SER A 122 -7.95 14.54 7.54
N VAL A 123 -8.68 13.78 8.36
CA VAL A 123 -10.01 13.31 7.99
C VAL A 123 -11.07 13.92 8.89
N SER A 124 -11.89 14.81 8.32
CA SER A 124 -12.95 15.46 9.07
C SER A 124 -13.97 14.44 9.58
N LYS A 125 -14.76 14.85 10.57
CA LYS A 125 -15.77 13.97 11.15
C LYS A 125 -16.76 13.52 10.07
N ASP A 126 -17.43 14.48 9.45
CA ASP A 126 -18.41 14.17 8.41
C ASP A 126 -17.73 13.57 7.18
N GLU A 127 -16.44 13.86 7.02
CA GLU A 127 -15.67 13.36 5.89
C GLU A 127 -15.43 11.85 6.03
N ALA A 128 -15.15 11.42 7.26
CA ALA A 128 -14.89 10.01 7.53
C ALA A 128 -16.02 9.13 6.97
N GLU A 129 -17.24 9.65 7.02
CA GLU A 129 -18.40 8.92 6.52
C GLU A 129 -18.37 8.83 5.00
N GLU A 130 -17.87 9.88 4.36
CA GLU A 130 -17.78 9.92 2.90
C GLU A 130 -16.59 9.12 2.40
N VAL A 131 -15.53 9.09 3.20
CA VAL A 131 -14.32 8.36 2.84
C VAL A 131 -14.19 7.07 3.65
N SER A 132 -13.05 6.40 3.50
CA SER A 132 -12.81 5.15 4.22
C SER A 132 -11.37 4.67 3.99
N LEU A 133 -10.89 4.86 2.77
CA LEU A 133 -9.54 4.44 2.42
C LEU A 133 -8.59 5.64 2.37
N ILE A 134 -7.56 5.61 3.22
CA ILE A 134 -6.59 6.69 3.28
C ILE A 134 -5.17 6.14 3.18
N SER A 135 -4.43 6.59 2.17
CA SER A 135 -3.06 6.15 1.97
C SER A 135 -2.07 7.27 2.29
N CYS A 136 -0.82 6.90 2.52
CA CYS A 136 0.23 7.88 2.83
C CYS A 136 0.93 8.34 1.56
N ASP A 137 1.28 9.62 1.52
CA ASP A 137 1.97 10.19 0.37
C ASP A 137 3.46 10.36 0.65
N THR A 138 4.11 9.27 1.04
CA THR A 138 5.54 9.30 1.35
C THR A 138 6.11 7.89 1.42
N CYS A 139 5.39 7.00 2.10
CA CYS A 139 5.83 5.62 2.25
C CYS A 139 4.74 4.65 1.81
N SER A 140 5.15 3.49 1.30
CA SER A 140 4.20 2.49 0.83
C SER A 140 3.42 1.89 1.99
N LEU A 141 2.32 2.53 2.36
CA LEU A 141 1.48 2.07 3.46
C LEU A 141 0.10 2.70 3.40
N ILE A 142 -0.92 1.89 3.65
CA ILE A 142 -2.30 2.38 3.63
C ILE A 142 -3.05 1.95 4.88
N ILE A 143 -3.95 2.82 5.35
CA ILE A 143 -4.74 2.52 6.54
C ILE A 143 -6.23 2.65 6.25
N GLU A 144 -7.04 1.89 6.98
CA GLU A 144 -8.48 1.92 6.81
C GLU A 144 -9.15 2.70 7.95
N LEU A 145 -10.22 3.42 7.61
CA LEU A 145 -10.94 4.20 8.61
C LEU A 145 -12.02 3.36 9.28
N LEU A 146 -11.73 2.91 10.50
CA LEU A 146 -12.67 2.09 11.27
C LEU A 146 -13.56 2.96 12.15
N HIS A 147 -14.84 3.02 11.82
CA HIS A 147 -15.79 3.81 12.59
C HIS A 147 -15.95 3.25 14.00
N TYR A 148 -16.46 2.03 14.10
CA TYR A 148 -16.66 1.39 15.39
C TYR A 148 -17.47 2.28 16.32
N ASN A 149 -18.79 2.15 16.28
CA ASN A 149 -19.67 2.94 17.12
C ASN A 149 -20.12 2.14 18.35
N HIS A 150 -19.18 1.42 18.94
CA HIS A 150 -19.48 0.62 20.12
C HIS A 150 -18.19 0.21 20.85
N HIS A 151 -18.35 -0.46 21.98
CA HIS A 151 -17.19 -0.90 22.77
C HIS A 151 -16.29 0.28 23.10
N HIS A 152 -16.58 0.96 24.21
CA HIS A 152 -15.79 2.10 24.65
C HIS A 152 -15.33 1.93 26.09
N HIS A 153 -15.02 0.69 26.46
CA HIS A 153 -14.57 0.39 27.82
C HIS A 153 -13.14 -0.14 27.82
N HIS A 154 -12.29 0.49 27.01
CA HIS A 154 -10.89 0.08 26.92
C HIS A 154 -10.04 1.20 26.34
N HIS A 155 -9.57 2.10 27.20
CA HIS A 155 -8.73 3.21 26.77
C HIS A 155 -7.49 2.72 26.03
ZN ZN B . -8.51 7.08 -0.20
N MET A 1 18.34 -0.86 15.00
CA MET A 1 18.03 -0.65 13.59
C MET A 1 19.31 -0.40 12.78
N MET A 2 19.20 -0.47 11.47
CA MET A 2 20.34 -0.26 10.60
C MET A 2 21.48 -1.23 10.92
N ALA A 3 22.59 -1.10 10.21
CA ALA A 3 23.74 -1.96 10.42
C ALA A 3 24.76 -1.30 11.35
N VAL A 4 24.75 -1.71 12.61
CA VAL A 4 25.68 -1.16 13.60
C VAL A 4 26.76 -2.16 13.96
N GLU A 5 26.40 -3.44 13.92
CA GLU A 5 27.35 -4.50 14.24
C GLU A 5 28.48 -4.56 13.21
N GLN A 6 28.12 -4.43 11.94
CA GLN A 6 29.10 -4.47 10.86
C GLN A 6 29.23 -3.10 10.19
N MET A 7 30.29 -2.93 9.41
CA MET A 7 30.52 -1.67 8.71
C MET A 7 30.60 -1.89 7.20
N PRO A 8 30.34 -0.82 6.43
CA PRO A 8 30.36 -0.88 4.97
C PRO A 8 31.78 -1.06 4.42
N LYS A 9 31.87 -1.33 3.13
CA LYS A 9 33.17 -1.52 2.48
C LYS A 9 33.87 -2.76 3.03
N LYS A 10 34.68 -3.40 2.19
CA LYS A 10 35.42 -4.60 2.59
C LYS A 10 36.36 -5.04 1.48
N ASP A 11 36.74 -6.32 1.51
CA ASP A 11 37.64 -6.88 0.51
C ASP A 11 37.24 -6.42 -0.89
N TRP A 12 35.95 -6.25 -1.10
CA TRP A 12 35.44 -5.83 -2.39
C TRP A 12 36.20 -4.61 -2.91
N TYR A 13 36.39 -3.62 -2.03
CA TYR A 13 37.10 -2.40 -2.40
C TYR A 13 38.50 -2.72 -2.92
N SER A 14 39.11 -3.76 -2.35
CA SER A 14 40.44 -4.17 -2.76
C SER A 14 40.39 -5.07 -3.98
N ILE A 15 39.25 -5.71 -4.19
CA ILE A 15 39.06 -6.60 -5.33
C ILE A 15 39.27 -5.87 -6.65
N LEU A 16 38.34 -4.97 -6.97
CA LEU A 16 38.42 -4.19 -8.21
C LEU A 16 39.15 -2.88 -7.97
N GLY A 17 39.60 -2.66 -6.73
CA GLY A 17 40.30 -1.43 -6.39
C GLY A 17 39.52 -0.19 -6.78
N ALA A 18 38.24 -0.16 -6.41
CA ALA A 18 37.39 0.98 -6.72
C ALA A 18 37.37 1.99 -5.57
N ASP A 19 37.39 3.27 -5.92
CA ASP A 19 37.38 4.33 -4.91
C ASP A 19 35.97 4.54 -4.36
N PRO A 20 35.88 5.25 -3.23
CA PRO A 20 34.60 5.54 -2.58
C PRO A 20 33.74 6.52 -3.39
N SER A 21 34.34 7.09 -4.43
CA SER A 21 33.64 8.05 -5.28
C SER A 21 33.49 7.52 -6.70
N ALA A 22 34.00 6.31 -6.92
CA ALA A 22 33.92 5.69 -8.24
C ALA A 22 32.48 5.52 -8.69
N ASN A 23 32.28 4.79 -9.78
CA ASN A 23 30.94 4.55 -10.31
C ASN A 23 30.81 3.12 -10.83
N ILE A 24 29.59 2.61 -10.84
CA ILE A 24 29.32 1.26 -11.31
C ILE A 24 29.71 1.10 -12.77
N SER A 25 29.49 2.15 -13.55
CA SER A 25 29.82 2.14 -14.97
C SER A 25 31.26 1.67 -15.20
N ASP A 26 32.21 2.54 -14.87
CA ASP A 26 33.63 2.22 -15.03
C ASP A 26 33.97 0.92 -14.31
N LEU A 27 33.19 0.59 -13.29
CA LEU A 27 33.41 -0.62 -12.51
C LEU A 27 33.06 -1.86 -13.32
N LYS A 28 32.04 -1.74 -14.16
CA LYS A 28 31.59 -2.85 -15.00
C LYS A 28 32.69 -3.27 -15.96
N GLN A 29 33.23 -2.30 -16.70
CA GLN A 29 34.30 -2.59 -17.67
C GLN A 29 35.59 -2.98 -16.95
N LYS A 30 35.90 -2.26 -15.88
CA LYS A 30 37.12 -2.53 -15.11
C LYS A 30 37.01 -3.88 -14.41
N TYR A 31 35.79 -4.34 -14.19
CA TYR A 31 35.56 -5.61 -13.52
C TYR A 31 36.04 -6.77 -14.38
N GLN A 32 35.58 -6.82 -15.62
CA GLN A 32 35.97 -7.88 -16.55
C GLN A 32 37.48 -7.88 -16.78
N LYS A 33 38.09 -6.70 -16.68
CA LYS A 33 39.53 -6.56 -16.88
C LYS A 33 40.29 -6.98 -15.62
N LEU A 34 40.03 -6.28 -14.52
CA LEU A 34 40.69 -6.59 -13.25
C LEU A 34 40.55 -8.07 -12.90
N ILE A 35 39.29 -8.51 -12.78
CA ILE A 35 39.01 -9.90 -12.45
C ILE A 35 39.80 -10.85 -13.35
N LEU A 36 39.69 -10.63 -14.66
CA LEU A 36 40.40 -11.47 -15.63
C LEU A 36 41.89 -11.51 -15.33
N MET A 37 42.49 -10.34 -15.15
CA MET A 37 43.92 -10.24 -14.85
C MET A 37 44.24 -10.91 -13.52
N TYR A 38 43.24 -11.00 -12.65
CA TYR A 38 43.42 -11.62 -11.33
C TYR A 38 43.65 -13.12 -11.47
N HIS A 39 43.00 -13.73 -12.46
CA HIS A 39 43.14 -15.16 -12.69
C HIS A 39 42.93 -15.50 -14.16
N PRO A 40 43.88 -15.08 -15.01
CA PRO A 40 43.82 -15.32 -16.45
C PRO A 40 44.02 -16.79 -16.80
N ASP A 41 44.16 -17.08 -18.09
CA ASP A 41 44.36 -18.44 -18.56
C ASP A 41 45.83 -18.72 -18.84
N LYS A 42 46.28 -19.93 -18.50
CA LYS A 42 47.67 -20.32 -18.72
C LYS A 42 47.76 -21.76 -19.19
N GLN A 43 47.33 -22.68 -18.33
CA GLN A 43 47.37 -24.11 -18.66
C GLN A 43 46.43 -24.42 -19.83
N SER A 44 46.46 -25.67 -20.28
CA SER A 44 45.62 -26.09 -21.39
C SER A 44 45.31 -27.58 -21.31
N THR A 45 45.33 -28.11 -20.09
CA THR A 45 45.06 -29.53 -19.86
C THR A 45 43.59 -29.76 -19.53
N ASP A 46 43.14 -29.21 -18.41
CA ASP A 46 41.76 -29.35 -17.99
C ASP A 46 41.51 -28.58 -16.69
N VAL A 47 41.99 -29.12 -15.57
CA VAL A 47 41.83 -28.48 -14.28
C VAL A 47 42.97 -28.83 -13.34
N PRO A 48 44.14 -28.21 -13.57
CA PRO A 48 45.33 -28.44 -12.75
C PRO A 48 45.19 -27.86 -11.34
N ALA A 49 46.11 -28.23 -10.47
CA ALA A 49 46.09 -27.76 -9.09
C ALA A 49 46.00 -26.23 -9.04
N GLY A 50 46.55 -25.58 -10.06
CA GLY A 50 46.52 -24.13 -10.10
C GLY A 50 45.12 -23.58 -10.34
N THR A 51 44.32 -24.34 -11.10
CA THR A 51 42.96 -23.92 -11.40
C THR A 51 42.01 -24.23 -10.24
N VAL A 52 42.21 -25.38 -9.61
CA VAL A 52 41.39 -25.79 -8.48
C VAL A 52 41.34 -24.71 -7.41
N GLU A 53 42.51 -24.33 -6.91
CA GLU A 53 42.60 -23.30 -5.88
C GLU A 53 42.22 -21.93 -6.44
N GLU A 54 42.46 -21.74 -7.73
CA GLU A 54 42.14 -20.47 -8.38
C GLU A 54 40.64 -20.25 -8.43
N CYS A 55 39.89 -21.33 -8.63
CA CYS A 55 38.44 -21.25 -8.69
C CYS A 55 37.86 -20.85 -7.34
N VAL A 56 38.12 -21.67 -6.33
CA VAL A 56 37.62 -21.40 -4.98
C VAL A 56 38.07 -20.03 -4.50
N GLN A 57 39.33 -19.70 -4.74
CA GLN A 57 39.89 -18.42 -4.33
C GLN A 57 39.21 -17.27 -5.07
N LYS A 58 39.28 -17.28 -6.39
CA LYS A 58 38.68 -16.25 -7.22
C LYS A 58 37.19 -16.12 -6.92
N PHE A 59 36.59 -17.23 -6.48
CA PHE A 59 35.16 -17.25 -6.17
C PHE A 59 34.83 -16.21 -5.08
N ILE A 60 35.38 -16.41 -3.89
CA ILE A 60 35.14 -15.50 -2.78
C ILE A 60 35.46 -14.07 -3.17
N GLU A 61 36.38 -13.91 -4.11
CA GLU A 61 36.78 -12.58 -4.57
C GLU A 61 35.67 -11.93 -5.39
N ILE A 62 35.48 -12.40 -6.61
CA ILE A 62 34.46 -11.87 -7.49
C ILE A 62 33.10 -11.84 -6.79
N ASP A 63 32.85 -12.86 -5.97
CA ASP A 63 31.59 -12.95 -5.23
C ASP A 63 31.48 -11.83 -4.20
N GLN A 64 32.60 -11.46 -3.61
CA GLN A 64 32.63 -10.40 -2.61
C GLN A 64 32.30 -9.05 -3.24
N ALA A 65 32.68 -8.88 -4.49
CA ALA A 65 32.42 -7.63 -5.21
C ALA A 65 30.93 -7.39 -5.37
N TRP A 66 30.25 -8.32 -6.04
CA TRP A 66 28.82 -8.21 -6.27
C TRP A 66 28.06 -8.06 -4.95
N LYS A 67 28.68 -8.53 -3.87
CA LYS A 67 28.07 -8.45 -2.55
C LYS A 67 28.01 -7.01 -2.06
N ILE A 68 29.18 -6.40 -1.87
CA ILE A 68 29.25 -5.01 -1.41
C ILE A 68 28.88 -4.05 -2.53
N LEU A 69 28.70 -4.58 -3.73
CA LEU A 69 28.34 -3.76 -4.89
C LEU A 69 27.05 -2.99 -4.62
N GLY A 70 26.28 -3.45 -3.64
CA GLY A 70 25.04 -2.79 -3.31
C GLY A 70 25.01 -2.30 -1.87
N ASN A 71 26.19 -2.03 -1.32
CA ASN A 71 26.30 -1.54 0.06
C ASN A 71 25.60 -0.21 0.21
N GLU A 72 25.80 0.44 1.35
CA GLU A 72 25.18 1.73 1.63
C GLU A 72 26.21 2.86 1.55
N GLU A 73 27.30 2.72 2.30
CA GLU A 73 28.35 3.72 2.32
C GLU A 73 29.29 3.55 1.12
N THR A 74 29.33 2.33 0.59
CA THR A 74 30.19 2.03 -0.55
C THR A 74 29.96 3.01 -1.69
N LYS A 75 28.74 3.54 -1.76
CA LYS A 75 28.39 4.50 -2.80
C LYS A 75 26.94 4.96 -2.66
N ARG A 76 26.72 6.26 -2.77
CA ARG A 76 25.38 6.82 -2.66
C ARG A 76 24.40 6.10 -3.58
N GLU A 77 24.92 5.60 -4.70
CA GLU A 77 24.09 4.89 -5.67
C GLU A 77 23.64 3.54 -5.12
N TYR A 78 24.53 2.87 -4.40
CA TYR A 78 24.22 1.57 -3.81
C TYR A 78 23.34 1.72 -2.58
N ASP A 79 23.36 2.91 -2.00
CA ASP A 79 22.56 3.19 -0.81
C ASP A 79 21.07 3.18 -1.14
N LEU A 80 20.63 4.19 -1.90
CA LEU A 80 19.23 4.29 -2.29
C LEU A 80 18.77 3.03 -3.02
N GLN A 81 19.69 2.39 -3.72
CA GLN A 81 19.38 1.18 -4.46
C GLN A 81 18.69 0.16 -3.58
N ARG A 82 19.36 -0.22 -2.48
CA ARG A 82 18.81 -1.19 -1.54
C ARG A 82 17.62 -0.60 -0.79
N CYS A 83 17.56 0.72 -0.71
CA CYS A 83 16.48 1.40 -0.01
C CYS A 83 15.16 1.26 -0.78
N GLU A 84 15.14 1.77 -2.01
CA GLU A 84 13.95 1.68 -2.84
C GLU A 84 13.45 0.24 -2.96
N ASP A 85 14.39 -0.70 -2.87
CA ASP A 85 14.06 -2.11 -2.98
C ASP A 85 13.60 -2.66 -1.63
N ASP A 86 14.10 -2.07 -0.55
CA ASP A 86 13.73 -2.50 0.79
C ASP A 86 12.42 -1.86 1.23
N LEU A 87 12.04 -0.78 0.56
CA LEU A 87 10.80 -0.08 0.87
C LEU A 87 9.61 -0.76 0.20
N ARG A 88 9.78 -1.14 -1.06
CA ARG A 88 8.72 -1.80 -1.81
C ARG A 88 8.64 -3.28 -1.46
N ASN A 89 9.76 -3.84 -1.00
CA ASN A 89 9.81 -5.25 -0.63
C ASN A 89 8.84 -5.54 0.51
N VAL A 90 8.48 -4.51 1.26
CA VAL A 90 7.56 -4.66 2.39
C VAL A 90 6.26 -5.31 1.94
N GLY A 91 5.92 -5.15 0.67
CA GLY A 91 4.70 -5.73 0.14
C GLY A 91 3.45 -5.06 0.69
N PRO A 92 2.29 -5.72 0.51
CA PRO A 92 1.01 -5.21 0.98
C PRO A 92 0.89 -5.26 2.50
N VAL A 93 1.52 -4.29 3.16
CA VAL A 93 1.49 -4.22 4.62
C VAL A 93 0.52 -3.13 5.10
N ASP A 94 -0.60 -3.01 4.41
CA ASP A 94 -1.61 -2.03 4.76
C ASP A 94 -2.60 -2.59 5.77
N ALA A 95 -2.59 -2.04 6.98
CA ALA A 95 -3.48 -2.50 8.03
C ALA A 95 -4.59 -1.48 8.28
N GLN A 96 -5.46 -1.78 9.24
CA GLN A 96 -6.58 -0.89 9.57
C GLN A 96 -6.23 -0.01 10.76
N VAL A 97 -6.77 1.20 10.77
CA VAL A 97 -6.53 2.14 11.86
C VAL A 97 -7.81 2.43 12.63
N TYR A 98 -7.67 2.59 13.95
CA TYR A 98 -8.81 2.86 14.81
C TYR A 98 -8.98 4.36 15.03
N LEU A 99 -10.23 4.81 14.97
CA LEU A 99 -10.53 6.23 15.17
C LEU A 99 -9.96 6.74 16.48
N GLU A 100 -9.71 5.82 17.41
CA GLU A 100 -9.16 6.18 18.72
C GLU A 100 -7.73 6.73 18.57
N GLU A 101 -7.15 6.52 17.39
CA GLU A 101 -5.79 7.00 17.13
C GLU A 101 -5.81 8.31 16.35
N MET A 102 -7.01 8.77 16.03
CA MET A 102 -7.17 10.02 15.28
C MET A 102 -7.44 11.19 16.22
N SER A 103 -6.58 12.20 16.17
CA SER A 103 -6.73 13.38 17.02
C SER A 103 -8.14 13.95 16.92
N TRP A 104 -8.82 13.99 18.05
CA TRP A 104 -10.19 14.52 18.10
C TRP A 104 -10.19 16.02 18.38
N ASN A 105 -10.57 16.80 17.37
CA ASN A 105 -10.61 18.25 17.51
C ASN A 105 -12.05 18.76 17.53
N GLU A 106 -12.51 19.18 18.71
CA GLU A 106 -13.87 19.68 18.86
C GLU A 106 -14.01 21.07 18.24
N GLY A 107 -12.89 21.78 18.16
CA GLY A 107 -12.90 23.12 17.59
C GLY A 107 -13.56 23.16 16.22
N ASP A 108 -13.12 22.28 15.34
CA ASP A 108 -13.68 22.22 13.99
C ASP A 108 -14.36 20.88 13.74
N HIS A 109 -14.44 20.05 14.79
CA HIS A 109 -15.06 18.74 14.69
C HIS A 109 -14.51 17.96 13.49
N SER A 110 -13.22 17.60 13.59
CA SER A 110 -12.57 16.85 12.51
C SER A 110 -11.47 15.96 13.07
N PHE A 111 -11.08 14.94 12.31
CA PHE A 111 -10.04 14.03 12.72
C PHE A 111 -8.78 14.22 11.88
N TYR A 112 -7.63 14.28 12.55
CA TYR A 112 -6.35 14.47 11.87
C TYR A 112 -5.36 13.38 12.26
N LEU A 113 -4.73 12.77 11.26
CA LEU A 113 -3.76 11.70 11.49
C LEU A 113 -2.39 12.09 10.94
N SER A 114 -1.34 11.73 11.67
CA SER A 114 0.02 12.04 11.25
C SER A 114 0.88 10.78 11.23
N CYS A 115 1.41 10.45 10.05
CA CYS A 115 2.26 9.27 9.91
C CYS A 115 3.50 9.37 10.77
N ARG A 116 4.29 8.31 10.79
CA ARG A 116 5.51 8.27 11.60
C ARG A 116 6.72 8.61 10.74
N CYS A 117 6.59 8.46 9.43
CA CYS A 117 7.68 8.76 8.51
C CYS A 117 7.80 10.27 8.28
N GLY A 118 6.66 10.93 8.11
CA GLY A 118 6.66 12.36 7.89
C GLY A 118 5.31 12.87 7.43
N GLY A 119 4.75 12.21 6.41
CA GLY A 119 3.45 12.62 5.89
C GLY A 119 2.41 12.78 6.98
N LYS A 120 1.28 13.39 6.62
CA LYS A 120 0.20 13.59 7.58
C LYS A 120 -1.11 13.92 6.86
N TYR A 121 -2.16 13.19 7.17
CA TYR A 121 -3.46 13.40 6.56
C TYR A 121 -4.46 13.99 7.56
N SER A 122 -5.64 14.36 7.08
CA SER A 122 -6.66 14.94 7.92
C SER A 122 -8.05 14.76 7.29
N VAL A 123 -8.89 13.96 7.93
CA VAL A 123 -10.23 13.72 7.44
C VAL A 123 -11.28 14.27 8.40
N SER A 124 -12.15 15.13 7.89
CA SER A 124 -13.21 15.73 8.71
C SER A 124 -14.02 14.66 9.40
N LYS A 125 -14.76 15.07 10.44
CA LYS A 125 -15.59 14.14 11.20
C LYS A 125 -16.62 13.47 10.29
N ASP A 126 -17.29 14.26 9.47
CA ASP A 126 -18.29 13.75 8.55
C ASP A 126 -17.64 13.17 7.30
N GLU A 127 -16.46 13.69 6.96
CA GLU A 127 -15.74 13.22 5.79
C GLU A 127 -15.37 11.74 5.92
N ALA A 128 -14.98 11.34 7.13
CA ALA A 128 -14.61 9.95 7.38
C ALA A 128 -15.73 9.00 6.97
N GLU A 129 -16.97 9.50 6.99
CA GLU A 129 -18.12 8.68 6.62
C GLU A 129 -18.17 8.46 5.11
N GLU A 130 -17.60 9.40 4.36
CA GLU A 130 -17.57 9.29 2.90
C GLU A 130 -16.29 8.63 2.42
N VAL A 131 -15.21 8.84 3.17
CA VAL A 131 -13.92 8.27 2.83
C VAL A 131 -13.50 7.20 3.82
N SER A 132 -13.19 6.01 3.31
CA SER A 132 -12.79 4.89 4.18
C SER A 132 -11.35 4.48 3.88
N LEU A 133 -10.90 4.74 2.65
CA LEU A 133 -9.55 4.39 2.24
C LEU A 133 -8.66 5.62 2.20
N ILE A 134 -7.56 5.57 2.96
CA ILE A 134 -6.62 6.68 3.02
C ILE A 134 -5.18 6.18 2.98
N SER A 135 -4.42 6.64 1.99
CA SER A 135 -3.03 6.25 1.85
C SER A 135 -2.09 7.38 2.27
N CYS A 136 -0.84 7.03 2.55
CA CYS A 136 0.15 8.03 2.96
C CYS A 136 0.85 8.63 1.75
N ASP A 137 1.17 9.91 1.84
CA ASP A 137 1.84 10.62 0.74
C ASP A 137 3.34 10.70 0.99
N THR A 138 3.97 9.55 1.21
CA THR A 138 5.40 9.49 1.46
C THR A 138 5.90 8.05 1.51
N CYS A 139 5.35 7.27 2.44
CA CYS A 139 5.74 5.86 2.57
C CYS A 139 4.69 4.95 1.93
N SER A 140 5.16 3.86 1.33
CA SER A 140 4.27 2.91 0.68
C SER A 140 3.44 2.15 1.72
N LEU A 141 2.30 2.73 2.09
CA LEU A 141 1.42 2.12 3.07
C LEU A 141 0.03 2.76 3.02
N ILE A 142 -0.99 1.96 3.32
CA ILE A 142 -2.37 2.44 3.32
C ILE A 142 -3.11 2.00 4.57
N ILE A 143 -3.98 2.86 5.06
CA ILE A 143 -4.78 2.56 6.26
C ILE A 143 -6.26 2.83 6.03
N GLU A 144 -7.10 2.01 6.64
CA GLU A 144 -8.55 2.16 6.51
C GLU A 144 -9.15 2.71 7.79
N LEU A 145 -10.15 3.58 7.65
CA LEU A 145 -10.83 4.17 8.80
C LEU A 145 -11.98 3.29 9.27
N LEU A 146 -11.91 2.85 10.52
CA LEU A 146 -12.95 2.00 11.09
C LEU A 146 -13.51 2.62 12.36
N HIS A 147 -14.81 2.90 12.37
CA HIS A 147 -15.47 3.49 13.53
C HIS A 147 -16.74 2.71 13.87
N TYR A 148 -16.93 2.47 15.16
CA TYR A 148 -18.10 1.73 15.64
C TYR A 148 -18.44 2.11 17.08
N ASN A 149 -17.54 1.78 18.00
CA ASN A 149 -17.75 2.09 19.41
C ASN A 149 -16.49 1.79 20.21
N HIS A 150 -16.44 2.32 21.43
CA HIS A 150 -15.29 2.11 22.31
C HIS A 150 -15.54 2.73 23.69
N HIS A 151 -15.91 1.87 24.64
CA HIS A 151 -16.18 2.32 26.00
C HIS A 151 -16.09 1.17 26.99
N HIS A 152 -14.95 1.05 27.66
CA HIS A 152 -14.74 -0.03 28.63
C HIS A 152 -14.87 0.50 30.06
N HIS A 153 -14.55 1.79 30.24
CA HIS A 153 -14.64 2.42 31.55
C HIS A 153 -15.98 3.11 31.74
N HIS A 154 -16.11 3.87 32.83
CA HIS A 154 -17.34 4.59 33.12
C HIS A 154 -17.08 5.74 34.09
N HIS A 155 -17.03 6.96 33.56
CA HIS A 155 -16.79 8.14 34.36
C HIS A 155 -17.41 9.38 33.72
ZN ZN B . -13.78 11.24 4.80
N MET A 1 11.24 17.54 17.69
CA MET A 1 11.13 18.98 17.49
C MET A 1 12.50 19.59 17.19
N MET A 2 13.01 19.30 15.99
CA MET A 2 14.31 19.82 15.58
C MET A 2 14.31 20.19 14.10
N ALA A 3 15.45 20.66 13.60
CA ALA A 3 15.57 21.04 12.21
C ALA A 3 16.51 20.10 11.47
N VAL A 4 16.05 19.58 10.33
CA VAL A 4 16.85 18.66 9.53
C VAL A 4 16.78 19.02 8.05
N GLU A 5 17.39 20.14 7.69
CA GLU A 5 17.40 20.60 6.31
C GLU A 5 18.63 20.09 5.56
N GLN A 6 19.80 20.34 6.13
CA GLN A 6 21.05 19.90 5.52
C GLN A 6 21.72 18.82 6.37
N MET A 7 21.52 17.57 5.99
CA MET A 7 22.10 16.45 6.71
C MET A 7 23.16 15.75 5.87
N PRO A 8 24.09 15.04 6.54
CA PRO A 8 25.16 14.31 5.87
C PRO A 8 24.65 13.10 5.10
N LYS A 9 25.05 13.01 3.83
CA LYS A 9 24.63 11.90 2.98
C LYS A 9 25.33 10.60 3.38
N LYS A 10 26.64 10.54 3.14
CA LYS A 10 27.42 9.36 3.49
C LYS A 10 28.91 9.61 3.24
N ASP A 11 29.70 8.54 3.30
CA ASP A 11 31.14 8.64 3.07
C ASP A 11 31.43 9.17 1.67
N TRP A 12 30.45 9.09 0.79
CA TRP A 12 30.61 9.56 -0.58
C TRP A 12 31.18 10.96 -0.61
N TYR A 13 30.39 11.94 -0.18
CA TYR A 13 30.82 13.33 -0.16
C TYR A 13 31.98 13.52 0.82
N SER A 14 32.12 12.59 1.76
CA SER A 14 33.18 12.66 2.75
C SER A 14 34.52 12.28 2.14
N ILE A 15 34.48 11.57 1.02
CA ILE A 15 35.69 11.14 0.33
C ILE A 15 36.26 12.27 -0.53
N LEU A 16 35.43 12.79 -1.43
CA LEU A 16 35.85 13.87 -2.32
C LEU A 16 35.53 15.23 -1.70
N GLY A 17 35.09 15.22 -0.45
CA GLY A 17 34.75 16.46 0.23
C GLY A 17 33.91 17.39 -0.64
N ALA A 18 32.82 16.85 -1.19
CA ALA A 18 31.94 17.64 -2.04
C ALA A 18 30.78 18.22 -1.23
N ASP A 19 30.61 19.53 -1.32
CA ASP A 19 29.54 20.21 -0.60
C ASP A 19 28.17 19.78 -1.11
N PRO A 20 27.12 20.04 -0.32
CA PRO A 20 25.75 19.68 -0.67
C PRO A 20 25.20 20.53 -1.82
N SER A 21 25.95 21.56 -2.20
CA SER A 21 25.55 22.45 -3.28
C SER A 21 26.54 22.39 -4.43
N ALA A 22 27.52 21.49 -4.32
CA ALA A 22 28.53 21.33 -5.36
C ALA A 22 27.88 21.06 -6.72
N ASN A 23 28.70 21.01 -7.76
CA ASN A 23 28.20 20.77 -9.11
C ASN A 23 29.01 19.67 -9.79
N ILE A 24 28.34 18.91 -10.65
CA ILE A 24 28.99 17.82 -11.37
C ILE A 24 30.25 18.30 -12.08
N SER A 25 30.25 19.58 -12.45
CA SER A 25 31.40 20.16 -13.15
C SER A 25 32.55 20.42 -12.18
N ASP A 26 32.34 21.35 -11.25
CA ASP A 26 33.37 21.68 -10.27
C ASP A 26 33.81 20.45 -9.50
N LEU A 27 32.92 19.46 -9.42
CA LEU A 27 33.23 18.21 -8.71
C LEU A 27 34.03 17.27 -9.59
N LYS A 28 33.88 17.42 -10.91
CA LYS A 28 34.60 16.57 -11.87
C LYS A 28 36.10 16.78 -11.74
N GLN A 29 36.53 18.03 -11.72
CA GLN A 29 37.95 18.36 -11.61
C GLN A 29 38.47 18.02 -10.22
N LYS A 30 37.74 18.45 -9.19
CA LYS A 30 38.13 18.19 -7.82
C LYS A 30 38.12 16.69 -7.52
N TYR A 31 37.34 15.95 -8.29
CA TYR A 31 37.26 14.49 -8.11
C TYR A 31 38.60 13.83 -8.40
N GLN A 32 39.08 14.00 -9.62
CA GLN A 32 40.35 13.41 -10.03
C GLN A 32 41.45 13.73 -9.01
N LYS A 33 41.44 14.96 -8.52
CA LYS A 33 42.44 15.40 -7.54
C LYS A 33 42.20 14.73 -6.19
N LEU A 34 40.95 14.73 -5.74
CA LEU A 34 40.58 14.13 -4.47
C LEU A 34 40.93 12.63 -4.46
N ILE A 35 40.35 11.90 -5.40
CA ILE A 35 40.58 10.47 -5.51
C ILE A 35 42.08 10.16 -5.51
N LEU A 36 42.87 11.09 -6.03
CA LEU A 36 44.32 10.92 -6.08
C LEU A 36 44.95 11.15 -4.71
N MET A 37 44.68 12.30 -4.12
CA MET A 37 45.23 12.64 -2.81
C MET A 37 44.79 11.62 -1.77
N TYR A 38 43.59 11.07 -1.94
CA TYR A 38 43.05 10.09 -1.02
C TYR A 38 43.77 8.75 -1.17
N HIS A 39 44.18 8.44 -2.40
CA HIS A 39 44.87 7.20 -2.69
C HIS A 39 46.10 7.45 -3.57
N PRO A 40 47.14 8.05 -2.98
CA PRO A 40 48.39 8.35 -3.70
C PRO A 40 49.18 7.10 -4.05
N ASP A 41 50.40 7.30 -4.54
CA ASP A 41 51.26 6.18 -4.91
C ASP A 41 51.93 5.58 -3.69
N LYS A 42 51.76 4.28 -3.49
CA LYS A 42 52.36 3.58 -2.36
C LYS A 42 52.43 2.08 -2.61
N GLN A 43 53.53 1.46 -2.20
CA GLN A 43 53.73 0.03 -2.39
C GLN A 43 55.07 -0.42 -1.80
N SER A 44 55.16 -1.70 -1.46
CA SER A 44 56.37 -2.26 -0.88
C SER A 44 57.02 -3.25 -1.84
N THR A 45 56.42 -4.43 -1.97
CA THR A 45 56.95 -5.46 -2.86
C THR A 45 56.25 -5.42 -4.21
N ASP A 46 54.95 -5.70 -4.21
CA ASP A 46 54.18 -5.70 -5.44
C ASP A 46 52.69 -5.54 -5.14
N VAL A 47 52.07 -6.61 -4.65
CA VAL A 47 50.65 -6.60 -4.33
C VAL A 47 50.33 -7.59 -3.22
N PRO A 48 50.69 -7.24 -1.98
CA PRO A 48 50.44 -8.08 -0.80
C PRO A 48 48.96 -8.18 -0.46
N ALA A 49 48.63 -9.11 0.42
CA ALA A 49 47.25 -9.31 0.84
C ALA A 49 46.62 -7.99 1.29
N GLY A 50 47.45 -7.10 1.83
CA GLY A 50 46.96 -5.81 2.29
C GLY A 50 46.56 -4.90 1.15
N THR A 51 47.30 -4.99 0.05
CA THR A 51 47.02 -4.15 -1.12
C THR A 51 45.86 -4.71 -1.93
N VAL A 52 45.75 -6.03 -1.97
CA VAL A 52 44.67 -6.69 -2.70
C VAL A 52 43.31 -6.22 -2.22
N GLU A 53 42.98 -6.52 -0.96
CA GLU A 53 41.70 -6.12 -0.39
C GLU A 53 41.55 -4.60 -0.42
N GLU A 54 42.66 -3.89 -0.20
CA GLU A 54 42.64 -2.43 -0.20
C GLU A 54 42.25 -1.89 -1.57
N CYS A 55 42.71 -2.56 -2.63
CA CYS A 55 42.41 -2.15 -3.99
C CYS A 55 40.92 -2.33 -4.30
N VAL A 56 40.45 -3.57 -4.20
CA VAL A 56 39.05 -3.88 -4.46
C VAL A 56 38.12 -2.97 -3.66
N GLN A 57 38.28 -3.00 -2.34
CA GLN A 57 37.45 -2.19 -1.45
C GLN A 57 37.47 -0.73 -1.89
N LYS A 58 38.66 -0.13 -1.90
CA LYS A 58 38.81 1.27 -2.30
C LYS A 58 38.15 1.52 -3.65
N PHE A 59 38.24 0.53 -4.54
CA PHE A 59 37.65 0.65 -5.87
C PHE A 59 36.18 1.07 -5.78
N ILE A 60 35.45 0.44 -4.88
CA ILE A 60 34.04 0.76 -4.70
C ILE A 60 33.86 2.11 -4.00
N GLU A 61 34.89 2.54 -3.30
CA GLU A 61 34.86 3.82 -2.59
C GLU A 61 35.05 4.98 -3.56
N ILE A 62 36.14 4.94 -4.31
CA ILE A 62 36.45 5.99 -5.28
C ILE A 62 35.27 6.25 -6.20
N ASP A 63 34.59 5.17 -6.61
CA ASP A 63 33.45 5.28 -7.50
C ASP A 63 32.19 5.68 -6.72
N GLN A 64 32.18 5.36 -5.43
CA GLN A 64 31.05 5.68 -4.57
C GLN A 64 30.71 7.17 -4.65
N ALA A 65 31.73 8.01 -4.55
CA ALA A 65 31.54 9.46 -4.62
C ALA A 65 31.51 9.95 -6.06
N TRP A 66 32.30 9.30 -6.91
CA TRP A 66 32.37 9.67 -8.32
C TRP A 66 30.97 9.87 -8.90
N LYS A 67 30.03 9.04 -8.48
CA LYS A 67 28.66 9.13 -8.95
C LYS A 67 27.82 10.00 -8.01
N ILE A 68 27.70 9.57 -6.76
CA ILE A 68 26.93 10.31 -5.77
C ILE A 68 27.80 11.32 -5.03
N LEU A 69 28.49 12.17 -5.79
CA LEU A 69 29.36 13.19 -5.23
C LEU A 69 28.65 13.94 -4.11
N GLY A 70 27.34 14.13 -4.26
CA GLY A 70 26.56 14.83 -3.25
C GLY A 70 25.27 14.12 -2.93
N ASN A 71 24.23 14.90 -2.65
CA ASN A 71 22.91 14.35 -2.31
C ASN A 71 22.44 13.38 -3.40
N GLU A 72 21.38 12.64 -3.10
CA GLU A 72 20.83 11.68 -4.05
C GLU A 72 20.39 12.39 -5.34
N GLU A 73 20.14 13.69 -5.24
CA GLU A 73 19.71 14.48 -6.39
C GLU A 73 20.82 14.57 -7.42
N THR A 74 22.04 14.20 -7.02
CA THR A 74 23.19 14.26 -7.91
C THR A 74 22.89 13.53 -9.22
N LYS A 75 22.74 12.21 -9.14
CA LYS A 75 22.45 11.41 -10.32
C LYS A 75 21.28 10.47 -10.07
N ARG A 76 20.25 10.56 -10.91
CA ARG A 76 19.07 9.72 -10.78
C ARG A 76 19.44 8.24 -10.86
N GLU A 77 20.59 7.96 -11.49
CA GLU A 77 21.06 6.58 -11.63
C GLU A 77 21.06 5.87 -10.28
N TYR A 78 22.00 6.26 -9.41
CA TYR A 78 22.12 5.66 -8.09
C TYR A 78 20.92 6.03 -7.22
N ASP A 79 20.37 7.21 -7.46
CA ASP A 79 19.23 7.69 -6.68
C ASP A 79 18.06 6.71 -6.78
N LEU A 80 17.47 6.60 -7.96
CA LEU A 80 16.35 5.70 -8.18
C LEU A 80 16.72 4.27 -7.83
N GLN A 81 18.02 3.97 -7.88
CA GLN A 81 18.50 2.64 -7.56
C GLN A 81 17.97 2.17 -6.21
N ARG A 82 18.35 2.87 -5.15
CA ARG A 82 17.91 2.53 -3.81
C ARG A 82 16.40 2.73 -3.66
N CYS A 83 15.85 3.59 -4.49
CA CYS A 83 14.41 3.87 -4.45
C CYS A 83 13.61 2.64 -4.88
N GLU A 84 13.82 2.19 -6.12
CA GLU A 84 13.11 1.03 -6.64
C GLU A 84 13.28 -0.16 -5.72
N ASP A 85 14.39 -0.20 -5.00
CA ASP A 85 14.66 -1.29 -4.06
C ASP A 85 13.99 -1.06 -2.72
N ASP A 86 13.81 0.21 -2.37
CA ASP A 86 13.17 0.57 -1.11
C ASP A 86 11.65 0.54 -1.24
N LEU A 87 11.17 0.62 -2.48
CA LEU A 87 9.73 0.61 -2.75
C LEU A 87 9.20 -0.82 -2.74
N ARG A 88 9.92 -1.72 -3.39
CA ARG A 88 9.52 -3.12 -3.45
C ARG A 88 9.66 -3.80 -2.09
N ASN A 89 10.54 -3.25 -1.26
CA ASN A 89 10.77 -3.80 0.07
C ASN A 89 9.61 -3.45 1.02
N VAL A 90 8.90 -2.37 0.70
CA VAL A 90 7.77 -1.93 1.50
C VAL A 90 6.75 -3.06 1.66
N GLY A 91 6.44 -3.73 0.57
CA GLY A 91 5.48 -4.82 0.61
C GLY A 91 4.17 -4.41 1.25
N PRO A 92 3.29 -5.39 1.50
CA PRO A 92 1.98 -5.14 2.12
C PRO A 92 2.10 -4.74 3.58
N VAL A 93 2.28 -3.46 3.83
CA VAL A 93 2.40 -2.94 5.19
C VAL A 93 1.24 -2.01 5.54
N ASP A 94 0.07 -2.29 4.97
CA ASP A 94 -1.11 -1.49 5.21
C ASP A 94 -2.08 -2.22 6.13
N ALA A 95 -2.36 -1.63 7.28
CA ALA A 95 -3.28 -2.22 8.25
C ALA A 95 -4.43 -1.28 8.56
N GLN A 96 -5.31 -1.70 9.47
CA GLN A 96 -6.45 -0.89 9.86
C GLN A 96 -6.13 -0.03 11.07
N VAL A 97 -6.70 1.18 11.10
CA VAL A 97 -6.48 2.10 12.20
C VAL A 97 -7.76 2.36 12.98
N TYR A 98 -7.64 2.44 14.30
CA TYR A 98 -8.80 2.68 15.16
C TYR A 98 -9.06 4.17 15.31
N LEU A 99 -10.28 4.58 15.03
CA LEU A 99 -10.66 6.00 15.13
C LEU A 99 -10.38 6.53 16.53
N GLU A 100 -10.33 5.62 17.51
CA GLU A 100 -10.08 6.01 18.89
C GLU A 100 -8.65 6.51 19.06
N GLU A 101 -7.81 6.26 18.05
CA GLU A 101 -6.42 6.69 18.08
C GLU A 101 -6.25 8.05 17.43
N MET A 102 -7.05 8.30 16.40
CA MET A 102 -6.99 9.57 15.67
C MET A 102 -7.45 10.72 16.57
N SER A 103 -6.63 11.77 16.63
CA SER A 103 -6.95 12.93 17.45
C SER A 103 -8.14 13.70 16.88
N TRP A 104 -9.09 14.04 17.74
CA TRP A 104 -10.28 14.77 17.32
C TRP A 104 -10.09 16.27 17.52
N ASN A 105 -9.86 16.99 16.43
CA ASN A 105 -9.67 18.44 16.50
C ASN A 105 -11.00 19.17 16.30
N GLU A 106 -11.41 19.91 17.33
CA GLU A 106 -12.66 20.67 17.28
C GLU A 106 -12.51 21.90 16.38
N GLY A 107 -11.28 22.40 16.28
CA GLY A 107 -11.02 23.57 15.46
C GLY A 107 -11.58 23.43 14.06
N ASP A 108 -11.26 22.32 13.40
CA ASP A 108 -11.74 22.08 12.05
C ASP A 108 -12.65 20.85 12.01
N HIS A 109 -12.91 20.27 13.17
CA HIS A 109 -13.76 19.09 13.27
C HIS A 109 -13.31 18.01 12.29
N SER A 110 -12.16 17.42 12.55
CA SER A 110 -11.63 16.37 11.69
C SER A 110 -10.61 15.52 12.44
N PHE A 111 -10.43 14.28 11.98
CA PHE A 111 -9.50 13.36 12.61
C PHE A 111 -8.24 13.19 11.77
N TYR A 112 -7.08 13.25 12.42
CA TYR A 112 -5.81 13.11 11.72
C TYR A 112 -4.91 12.11 12.44
N LEU A 113 -4.08 11.40 11.66
CA LEU A 113 -3.17 10.42 12.22
C LEU A 113 -1.73 10.71 11.80
N SER A 114 -0.84 10.78 12.78
CA SER A 114 0.57 11.06 12.51
C SER A 114 1.30 9.80 12.04
N CYS A 115 1.71 9.79 10.78
CA CYS A 115 2.40 8.64 10.21
C CYS A 115 3.77 8.46 10.86
N ARG A 116 4.43 7.36 10.53
CA ARG A 116 5.76 7.07 11.08
C ARG A 116 6.86 7.46 10.09
N CYS A 117 6.55 8.44 9.24
CA CYS A 117 7.52 8.91 8.25
C CYS A 117 7.68 10.42 8.33
N GLY A 118 6.56 11.13 8.42
CA GLY A 118 6.60 12.58 8.50
C GLY A 118 5.25 13.22 8.24
N GLY A 119 4.53 12.68 7.25
CA GLY A 119 3.22 13.22 6.93
C GLY A 119 2.13 12.70 7.83
N LYS A 120 0.98 13.34 7.80
CA LYS A 120 -0.16 12.94 8.63
C LYS A 120 -1.48 13.14 7.89
N TYR A 121 -2.28 12.09 7.83
CA TYR A 121 -3.57 12.14 7.16
C TYR A 121 -4.55 13.05 7.90
N SER A 122 -5.47 13.65 7.16
CA SER A 122 -6.45 14.55 7.74
C SER A 122 -7.71 14.61 6.88
N VAL A 123 -8.80 14.06 7.40
CA VAL A 123 -10.06 14.04 6.67
C VAL A 123 -11.19 14.63 7.52
N SER A 124 -12.11 15.33 6.88
CA SER A 124 -13.24 15.94 7.59
C SER A 124 -13.95 14.93 8.47
N LYS A 125 -14.28 15.33 9.68
CA LYS A 125 -14.97 14.46 10.63
C LYS A 125 -16.21 13.84 9.99
N ASP A 126 -17.09 14.69 9.48
CA ASP A 126 -18.31 14.22 8.84
C ASP A 126 -18.00 13.45 7.56
N GLU A 127 -16.76 13.57 7.08
CA GLU A 127 -16.34 12.89 5.87
C GLU A 127 -15.89 11.46 6.18
N ALA A 128 -15.25 11.29 7.33
CA ALA A 128 -14.78 9.97 7.74
C ALA A 128 -15.89 8.93 7.67
N GLU A 129 -17.06 9.29 8.18
CA GLU A 129 -18.21 8.38 8.17
C GLU A 129 -18.62 8.05 6.74
N GLU A 130 -18.39 8.99 5.83
CA GLU A 130 -18.74 8.80 4.42
C GLU A 130 -17.67 7.98 3.71
N VAL A 131 -16.42 8.13 4.14
CA VAL A 131 -15.31 7.40 3.54
C VAL A 131 -14.93 6.19 4.36
N SER A 132 -13.83 5.55 4.00
CA SER A 132 -13.36 4.36 4.71
C SER A 132 -11.88 4.11 4.42
N LEU A 133 -11.48 4.32 3.18
CA LEU A 133 -10.10 4.12 2.76
C LEU A 133 -9.30 5.42 2.87
N ILE A 134 -8.17 5.36 3.55
CA ILE A 134 -7.31 6.53 3.71
C ILE A 134 -5.85 6.19 3.42
N SER A 135 -5.17 7.10 2.73
CA SER A 135 -3.76 6.89 2.39
C SER A 135 -2.90 8.01 2.95
N CYS A 136 -1.60 7.76 3.05
CA CYS A 136 -0.66 8.75 3.57
C CYS A 136 -0.24 9.73 2.48
N ASP A 137 -0.02 10.98 2.88
CA ASP A 137 0.38 12.02 1.93
C ASP A 137 1.90 12.23 1.98
N THR A 138 2.64 11.15 1.77
CA THR A 138 4.10 11.22 1.78
C THR A 138 4.71 9.88 1.40
N CYS A 139 4.43 8.85 2.20
CA CYS A 139 4.96 7.52 1.93
C CYS A 139 3.89 6.62 1.31
N SER A 140 4.30 5.44 0.88
CA SER A 140 3.38 4.50 0.25
C SER A 140 2.77 3.57 1.30
N LEU A 141 1.69 4.01 1.92
CA LEU A 141 1.00 3.23 2.94
C LEU A 141 -0.49 3.54 2.94
N ILE A 142 -1.30 2.51 3.21
CA ILE A 142 -2.75 2.67 3.25
C ILE A 142 -3.31 2.19 4.58
N ILE A 143 -4.35 2.87 5.07
CA ILE A 143 -4.99 2.52 6.32
C ILE A 143 -6.50 2.53 6.20
N GLU A 144 -7.18 1.97 7.19
CA GLU A 144 -8.63 1.92 7.20
C GLU A 144 -9.20 2.68 8.38
N LEU A 145 -10.04 3.67 8.10
CA LEU A 145 -10.66 4.48 9.15
C LEU A 145 -11.94 3.83 9.66
N LEU A 146 -11.84 3.12 10.76
CA LEU A 146 -12.99 2.44 11.36
C LEU A 146 -13.44 3.16 12.62
N HIS A 147 -14.62 3.76 12.56
CA HIS A 147 -15.17 4.48 13.71
C HIS A 147 -15.19 3.60 14.95
N TYR A 148 -15.82 2.43 14.83
CA TYR A 148 -15.90 1.49 15.95
C TYR A 148 -16.51 0.16 15.49
N ASN A 149 -17.49 0.24 14.60
CA ASN A 149 -18.15 -0.96 14.10
C ASN A 149 -19.13 -0.60 12.97
N HIS A 150 -19.90 0.47 13.19
CA HIS A 150 -20.87 0.91 12.20
C HIS A 150 -21.82 -0.23 11.81
N HIS A 151 -22.38 -0.88 12.82
CA HIS A 151 -23.31 -1.98 12.59
C HIS A 151 -24.62 -1.47 11.99
N HIS A 152 -25.57 -2.39 11.80
CA HIS A 152 -26.87 -2.04 11.24
C HIS A 152 -27.95 -2.07 12.32
N HIS A 153 -28.04 -3.19 13.03
CA HIS A 153 -29.03 -3.35 14.09
C HIS A 153 -28.77 -2.38 15.23
N HIS A 154 -29.85 -1.80 15.76
CA HIS A 154 -29.74 -0.84 16.85
C HIS A 154 -29.62 -1.57 18.20
N HIS A 155 -30.70 -2.20 18.63
CA HIS A 155 -30.72 -2.92 19.90
C HIS A 155 -29.88 -4.18 19.80
ZN ZN B . -9.15 12.42 3.41
N MET A 1 16.09 44.17 -20.33
CA MET A 1 15.03 43.24 -20.72
C MET A 1 13.97 43.95 -21.57
N MET A 2 12.99 43.20 -22.04
CA MET A 2 11.92 43.75 -22.85
C MET A 2 10.77 42.77 -22.98
N ALA A 3 11.09 41.53 -23.35
CA ALA A 3 10.07 40.49 -23.51
C ALA A 3 9.67 39.92 -22.17
N VAL A 4 8.83 38.88 -22.20
CA VAL A 4 8.36 38.24 -20.98
C VAL A 4 9.51 37.55 -20.25
N GLU A 5 9.41 37.50 -18.92
CA GLU A 5 10.44 36.86 -18.10
C GLU A 5 10.73 35.45 -18.59
N GLN A 6 9.72 34.82 -19.17
CA GLN A 6 9.87 33.45 -19.68
C GLN A 6 9.12 33.29 -21.00
N MET A 7 9.00 32.04 -21.46
CA MET A 7 8.31 31.74 -22.70
C MET A 7 6.89 31.23 -22.42
N PRO A 8 6.03 31.30 -23.44
CA PRO A 8 4.64 30.86 -23.34
C PRO A 8 4.52 29.34 -23.22
N LYS A 9 3.79 28.88 -22.21
CA LYS A 9 3.59 27.46 -21.98
C LYS A 9 2.38 26.94 -22.76
N LYS A 10 1.23 27.57 -22.52
CA LYS A 10 0.00 27.18 -23.20
C LYS A 10 -1.13 28.15 -22.87
N ASP A 11 -2.36 27.79 -23.25
CA ASP A 11 -3.52 28.62 -22.99
C ASP A 11 -3.77 28.78 -21.49
N TRP A 12 -3.12 27.92 -20.71
CA TRP A 12 -3.26 27.97 -19.25
C TRP A 12 -2.87 29.33 -18.71
N TYR A 13 -1.57 29.64 -18.76
CA TYR A 13 -1.07 30.91 -18.27
C TYR A 13 -1.70 32.08 -19.03
N SER A 14 -2.22 31.79 -20.22
CA SER A 14 -2.85 32.81 -21.04
C SER A 14 -4.27 33.10 -20.56
N ILE A 15 -4.89 32.11 -19.93
CA ILE A 15 -6.25 32.26 -19.42
C ILE A 15 -6.29 33.24 -18.26
N LEU A 16 -5.39 33.05 -17.31
CA LEU A 16 -5.32 33.92 -16.13
C LEU A 16 -4.23 34.98 -16.29
N GLY A 17 -3.50 34.90 -17.41
CA GLY A 17 -2.44 35.85 -17.66
C GLY A 17 -1.50 36.01 -16.49
N ALA A 18 -1.08 34.88 -15.93
CA ALA A 18 -0.18 34.89 -14.78
C ALA A 18 1.28 34.76 -15.24
N ASP A 19 2.12 35.71 -14.83
CA ASP A 19 3.52 35.70 -15.20
C ASP A 19 4.22 34.47 -14.64
N PRO A 20 5.40 34.14 -15.19
CA PRO A 20 6.18 32.99 -14.77
C PRO A 20 6.78 33.16 -13.37
N SER A 21 6.66 34.38 -12.84
CA SER A 21 7.20 34.68 -11.52
C SER A 21 6.07 35.08 -10.56
N ALA A 22 4.84 34.97 -11.04
CA ALA A 22 3.68 35.31 -10.23
C ALA A 22 3.61 34.45 -8.97
N ASN A 23 2.52 34.58 -8.23
CA ASN A 23 2.33 33.81 -7.00
C ASN A 23 0.91 33.26 -6.92
N ILE A 24 0.79 31.98 -6.53
CA ILE A 24 -0.51 31.34 -6.40
C ILE A 24 -1.46 32.19 -5.57
N SER A 25 -0.92 32.85 -4.56
CA SER A 25 -1.72 33.70 -3.68
C SER A 25 -2.29 34.89 -4.43
N ASP A 26 -1.40 35.75 -4.91
CA ASP A 26 -1.81 36.94 -5.66
C ASP A 26 -2.71 36.55 -6.83
N LEU A 27 -2.43 35.40 -7.44
CA LEU A 27 -3.21 34.93 -8.57
C LEU A 27 -4.53 34.32 -8.11
N LYS A 28 -4.58 33.93 -6.84
CA LYS A 28 -5.78 33.33 -6.26
C LYS A 28 -6.95 34.32 -6.30
N GLN A 29 -6.70 35.54 -5.84
CA GLN A 29 -7.73 36.57 -5.83
C GLN A 29 -8.06 37.03 -7.24
N LYS A 30 -7.03 37.23 -8.04
CA LYS A 30 -7.21 37.68 -9.42
C LYS A 30 -7.89 36.58 -10.26
N TYR A 31 -7.77 35.35 -9.81
CA TYR A 31 -8.37 34.22 -10.51
C TYR A 31 -9.90 34.31 -10.47
N GLN A 32 -10.46 34.36 -9.27
CA GLN A 32 -11.90 34.44 -9.10
C GLN A 32 -12.48 35.59 -9.92
N LYS A 33 -11.77 36.71 -9.95
CA LYS A 33 -12.20 37.87 -10.70
C LYS A 33 -11.96 37.68 -12.20
N LEU A 34 -10.96 36.90 -12.53
CA LEU A 34 -10.62 36.62 -13.93
C LEU A 34 -11.60 35.64 -14.54
N ILE A 35 -11.62 34.42 -14.00
CA ILE A 35 -12.51 33.37 -14.50
C ILE A 35 -13.94 33.89 -14.60
N LEU A 36 -14.31 34.80 -13.69
CA LEU A 36 -15.66 35.36 -13.69
C LEU A 36 -15.84 36.33 -14.85
N MET A 37 -14.86 37.20 -15.06
CA MET A 37 -14.92 38.17 -16.15
C MET A 37 -14.86 37.48 -17.51
N TYR A 38 -14.23 36.30 -17.53
CA TYR A 38 -14.09 35.54 -18.77
C TYR A 38 -15.45 35.01 -19.24
N HIS A 39 -16.24 34.55 -18.28
CA HIS A 39 -17.57 34.01 -18.59
C HIS A 39 -18.36 34.98 -19.45
N PRO A 40 -18.55 34.61 -20.73
CA PRO A 40 -19.29 35.45 -21.69
C PRO A 40 -20.79 35.49 -21.38
N ASP A 41 -21.38 34.33 -21.14
CA ASP A 41 -22.80 34.24 -20.83
C ASP A 41 -23.64 34.58 -22.06
N LYS A 42 -23.72 35.87 -22.37
CA LYS A 42 -24.50 36.34 -23.51
C LYS A 42 -25.95 35.87 -23.41
N GLN A 43 -26.73 36.13 -24.46
CA GLN A 43 -28.12 35.74 -24.49
C GLN A 43 -28.27 34.25 -24.79
N SER A 44 -29.31 33.64 -24.23
CA SER A 44 -29.55 32.21 -24.42
C SER A 44 -30.85 31.79 -23.75
N THR A 45 -31.77 31.24 -24.54
CA THR A 45 -33.05 30.79 -24.01
C THR A 45 -32.87 29.87 -22.81
N ASP A 46 -31.80 29.08 -22.84
CA ASP A 46 -31.51 28.15 -21.74
C ASP A 46 -30.14 27.49 -21.94
N VAL A 47 -30.09 26.54 -22.87
CA VAL A 47 -28.85 25.83 -23.17
C VAL A 47 -28.83 25.32 -24.60
N PRO A 48 -28.61 26.24 -25.55
CA PRO A 48 -28.56 25.92 -26.98
C PRO A 48 -27.32 25.10 -27.34
N ALA A 49 -27.33 24.54 -28.55
CA ALA A 49 -26.21 23.73 -29.02
C ALA A 49 -24.88 24.48 -28.85
N GLY A 50 -24.94 25.81 -28.92
CA GLY A 50 -23.74 26.60 -28.78
C GLY A 50 -23.28 26.69 -27.33
N THR A 51 -24.22 26.63 -26.40
CA THR A 51 -23.91 26.72 -24.98
C THR A 51 -23.54 25.34 -24.43
N VAL A 52 -24.12 24.29 -25.01
CA VAL A 52 -23.85 22.93 -24.57
C VAL A 52 -22.40 22.54 -24.83
N GLU A 53 -21.94 22.79 -26.06
CA GLU A 53 -20.57 22.47 -26.44
C GLU A 53 -19.59 23.45 -25.81
N GLU A 54 -20.03 24.69 -25.63
CA GLU A 54 -19.19 25.73 -25.04
C GLU A 54 -19.08 25.54 -23.53
N CYS A 55 -20.08 24.90 -22.94
CA CYS A 55 -20.09 24.66 -21.51
C CYS A 55 -19.04 23.63 -21.12
N VAL A 56 -19.16 22.44 -21.67
CA VAL A 56 -18.22 21.36 -21.38
C VAL A 56 -16.81 21.73 -21.82
N GLN A 57 -16.70 22.27 -23.03
CA GLN A 57 -15.39 22.67 -23.56
C GLN A 57 -14.72 23.68 -22.65
N LYS A 58 -15.42 24.77 -22.36
CA LYS A 58 -14.88 25.81 -21.49
C LYS A 58 -14.69 25.30 -20.07
N PHE A 59 -15.47 24.28 -19.71
CA PHE A 59 -15.39 23.69 -18.37
C PHE A 59 -14.00 23.13 -18.11
N ILE A 60 -13.41 22.52 -19.14
CA ILE A 60 -12.08 21.93 -19.01
C ILE A 60 -11.01 23.00 -19.10
N GLU A 61 -11.27 24.06 -19.87
CA GLU A 61 -10.31 25.15 -20.02
C GLU A 61 -10.23 25.98 -18.75
N ILE A 62 -11.38 26.43 -18.27
CA ILE A 62 -11.44 27.24 -17.06
C ILE A 62 -10.79 26.51 -15.88
N ASP A 63 -11.00 25.20 -15.83
CA ASP A 63 -10.43 24.39 -14.75
C ASP A 63 -8.94 24.17 -14.96
N GLN A 64 -8.50 24.24 -16.22
CA GLN A 64 -7.10 24.05 -16.56
C GLN A 64 -6.22 25.05 -15.82
N ALA A 65 -6.39 26.33 -16.15
CA ALA A 65 -5.62 27.39 -15.52
C ALA A 65 -5.81 27.38 -14.00
N TRP A 66 -7.03 27.10 -13.56
CA TRP A 66 -7.34 27.06 -12.13
C TRP A 66 -6.29 26.24 -11.37
N LYS A 67 -5.84 25.16 -11.99
CA LYS A 67 -4.84 24.29 -11.37
C LYS A 67 -3.46 24.55 -11.97
N ILE A 68 -3.30 24.26 -13.25
CA ILE A 68 -2.03 24.47 -13.92
C ILE A 68 -1.94 25.87 -14.51
N LEU A 69 -2.23 26.87 -13.69
CA LEU A 69 -2.18 28.27 -14.13
C LEU A 69 -0.88 28.55 -14.87
N GLY A 70 0.23 28.15 -14.27
CA GLY A 70 1.53 28.38 -14.88
C GLY A 70 2.01 27.17 -15.67
N ASN A 71 3.32 26.95 -15.66
CA ASN A 71 3.92 25.83 -16.38
C ASN A 71 3.36 24.50 -15.87
N GLU A 72 3.98 23.41 -16.31
CA GLU A 72 3.54 22.08 -15.89
C GLU A 72 3.89 21.81 -14.43
N GLU A 73 5.07 22.29 -14.02
CA GLU A 73 5.52 22.11 -12.65
C GLU A 73 4.64 22.88 -11.68
N THR A 74 3.83 23.80 -12.22
CA THR A 74 2.94 24.61 -11.39
C THR A 74 2.15 23.75 -10.43
N LYS A 75 1.23 22.95 -10.97
CA LYS A 75 0.40 22.07 -10.16
C LYS A 75 -0.04 20.84 -10.96
N ARG A 76 0.64 19.73 -10.71
CA ARG A 76 0.32 18.48 -11.40
C ARG A 76 -0.80 17.73 -10.70
N GLU A 77 -2.04 18.15 -10.94
CA GLU A 77 -3.20 17.52 -10.32
C GLU A 77 -3.41 16.12 -10.87
N TYR A 78 -3.30 15.98 -12.19
CA TYR A 78 -3.49 14.70 -12.84
C TYR A 78 -2.43 13.70 -12.38
N ASP A 79 -1.29 14.21 -11.95
CA ASP A 79 -0.20 13.37 -11.47
C ASP A 79 -0.58 12.66 -10.18
N LEU A 80 -0.71 13.42 -9.11
CA LEU A 80 -1.08 12.87 -7.81
C LEU A 80 -2.45 12.21 -7.86
N GLN A 81 -3.31 12.71 -8.75
CA GLN A 81 -4.65 12.17 -8.90
C GLN A 81 -4.62 10.65 -9.08
N ARG A 82 -3.90 10.21 -10.10
CA ARG A 82 -3.78 8.78 -10.40
C ARG A 82 -2.96 8.08 -9.32
N CYS A 83 -2.13 8.84 -8.62
CA CYS A 83 -1.29 8.29 -7.57
C CYS A 83 -2.12 7.90 -6.35
N GLU A 84 -2.79 8.87 -5.76
CA GLU A 84 -3.62 8.62 -4.59
C GLU A 84 -4.64 7.52 -4.87
N ASP A 85 -5.02 7.38 -6.13
CA ASP A 85 -5.99 6.37 -6.53
C ASP A 85 -5.30 5.03 -6.76
N ASP A 86 -4.04 5.07 -7.15
CA ASP A 86 -3.27 3.86 -7.40
C ASP A 86 -2.69 3.30 -6.11
N LEU A 87 -2.60 4.16 -5.10
CA LEU A 87 -2.07 3.75 -3.80
C LEU A 87 -3.14 3.07 -2.96
N ARG A 88 -4.35 3.60 -3.01
CA ARG A 88 -5.47 3.04 -2.24
C ARG A 88 -6.11 1.88 -3.01
N ASN A 89 -5.95 1.88 -4.32
CA ASN A 89 -6.52 0.84 -5.16
C ASN A 89 -6.01 -0.53 -4.73
N VAL A 90 -4.85 -0.56 -4.08
CA VAL A 90 -4.26 -1.81 -3.61
C VAL A 90 -5.06 -2.39 -2.45
N GLY A 91 -5.77 -1.53 -1.74
CA GLY A 91 -6.57 -1.97 -0.61
C GLY A 91 -5.79 -1.96 0.70
N PRO A 92 -6.30 -2.69 1.69
CA PRO A 92 -5.65 -2.78 3.01
C PRO A 92 -4.35 -3.56 2.97
N VAL A 93 -3.24 -2.83 2.90
CA VAL A 93 -1.92 -3.45 2.85
C VAL A 93 -1.12 -3.14 4.12
N ASP A 94 -1.19 -1.89 4.56
CA ASP A 94 -0.47 -1.46 5.75
C ASP A 94 -1.14 -2.01 7.01
N ALA A 95 -2.29 -1.45 7.36
CA ALA A 95 -3.03 -1.89 8.53
C ALA A 95 -4.22 -0.96 8.81
N GLN A 96 -4.94 -1.25 9.89
CA GLN A 96 -6.10 -0.44 10.26
C GLN A 96 -5.78 0.43 11.48
N VAL A 97 -6.36 1.62 11.51
CA VAL A 97 -6.14 2.55 12.62
C VAL A 97 -7.44 2.85 13.34
N TYR A 98 -7.36 3.00 14.66
CA TYR A 98 -8.53 3.31 15.47
C TYR A 98 -8.68 4.80 15.70
N LEU A 99 -9.86 5.34 15.38
CA LEU A 99 -10.12 6.76 15.55
C LEU A 99 -9.85 7.20 16.99
N GLU A 100 -9.88 6.25 17.91
CA GLU A 100 -9.64 6.53 19.32
C GLU A 100 -8.19 6.98 19.54
N GLU A 101 -7.36 6.76 18.53
CA GLU A 101 -5.95 7.14 18.62
C GLU A 101 -5.68 8.40 17.80
N MET A 102 -6.13 8.39 16.54
CA MET A 102 -5.94 9.53 15.65
C MET A 102 -6.44 10.82 16.30
N SER A 103 -5.54 11.76 16.50
CA SER A 103 -5.89 13.04 17.12
C SER A 103 -7.08 13.68 16.39
N TRP A 104 -8.02 14.20 17.17
CA TRP A 104 -9.21 14.85 16.60
C TRP A 104 -9.47 16.19 17.27
N ASN A 105 -10.22 17.05 16.59
CA ASN A 105 -10.54 18.37 17.11
C ASN A 105 -12.05 18.54 17.27
N GLU A 106 -12.52 18.44 18.51
CA GLU A 106 -13.94 18.59 18.79
C GLU A 106 -14.45 19.95 18.35
N GLY A 107 -13.53 20.91 18.21
CA GLY A 107 -13.91 22.24 17.79
C GLY A 107 -14.75 22.24 16.52
N ASP A 108 -14.26 21.55 15.50
CA ASP A 108 -14.97 21.46 14.23
C ASP A 108 -15.40 20.03 13.93
N HIS A 109 -15.32 19.17 14.95
CA HIS A 109 -15.71 17.77 14.79
C HIS A 109 -15.00 17.15 13.59
N SER A 110 -13.67 17.18 13.61
CA SER A 110 -12.88 16.61 12.53
C SER A 110 -11.77 15.72 13.08
N PHE A 111 -11.49 14.64 12.36
CA PHE A 111 -10.45 13.70 12.77
C PHE A 111 -9.19 13.88 11.93
N TYR A 112 -8.04 13.90 12.60
CA TYR A 112 -6.76 14.08 11.92
C TYR A 112 -5.86 12.86 12.15
N LEU A 113 -5.13 12.48 11.10
CA LEU A 113 -4.23 11.34 11.19
C LEU A 113 -2.81 11.73 10.76
N SER A 114 -1.82 10.97 11.21
CA SER A 114 -0.43 11.24 10.89
C SER A 114 0.38 9.95 10.86
N CYS A 115 1.07 9.72 9.74
CA CYS A 115 1.88 8.52 9.58
C CYS A 115 2.99 8.47 10.63
N ARG A 116 3.71 7.35 10.66
CA ARG A 116 4.80 7.17 11.62
C ARG A 116 6.12 7.61 11.02
N CYS A 117 6.18 7.68 9.69
CA CYS A 117 7.38 8.09 8.99
C CYS A 117 7.50 9.60 8.92
N GLY A 118 6.38 10.26 8.66
CA GLY A 118 6.36 11.71 8.58
C GLY A 118 5.10 12.25 7.95
N GLY A 119 4.46 11.43 7.11
CA GLY A 119 3.24 11.86 6.45
C GLY A 119 2.22 12.43 7.41
N LYS A 120 1.36 13.30 6.92
CA LYS A 120 0.34 13.93 7.74
C LYS A 120 -0.92 14.20 6.93
N TYR A 121 -2.07 13.80 7.47
CA TYR A 121 -3.34 13.99 6.80
C TYR A 121 -4.42 14.44 7.79
N SER A 122 -5.60 14.77 7.27
CA SER A 122 -6.71 15.21 8.11
C SER A 122 -8.04 15.02 7.38
N VAL A 123 -8.86 14.10 7.89
CA VAL A 123 -10.16 13.84 7.29
C VAL A 123 -11.29 14.21 8.24
N SER A 124 -12.03 15.26 7.89
CA SER A 124 -13.13 15.72 8.72
C SER A 124 -14.16 14.62 8.92
N LYS A 125 -14.97 14.74 9.98
CA LYS A 125 -15.99 13.75 10.29
C LYS A 125 -16.94 13.58 9.12
N ASP A 126 -17.08 14.63 8.30
CA ASP A 126 -17.96 14.59 7.15
C ASP A 126 -17.34 13.80 6.01
N GLU A 127 -16.01 13.83 5.93
CA GLU A 127 -15.29 13.11 4.88
C GLU A 127 -15.06 11.66 5.28
N ALA A 128 -14.94 11.42 6.58
CA ALA A 128 -14.72 10.07 7.10
C ALA A 128 -15.92 9.18 6.83
N GLU A 129 -17.10 9.78 6.72
CA GLU A 129 -18.32 9.05 6.46
C GLU A 129 -18.44 8.69 4.98
N GLU A 130 -17.71 9.42 4.15
CA GLU A 130 -17.74 9.18 2.70
C GLU A 130 -16.60 8.25 2.28
N VAL A 131 -15.50 8.33 3.00
CA VAL A 131 -14.33 7.50 2.70
C VAL A 131 -13.75 6.89 3.97
N SER A 132 -13.14 5.72 3.84
CA SER A 132 -12.53 5.04 4.98
C SER A 132 -11.16 4.49 4.63
N LEU A 133 -10.57 5.04 3.57
CA LEU A 133 -9.24 4.60 3.13
C LEU A 133 -8.39 5.79 2.73
N ILE A 134 -7.23 5.93 3.38
CA ILE A 134 -6.32 7.03 3.09
C ILE A 134 -4.89 6.52 2.90
N SER A 135 -4.21 7.06 1.89
CA SER A 135 -2.84 6.66 1.60
C SER A 135 -1.85 7.69 2.13
N CYS A 136 -0.59 7.27 2.27
CA CYS A 136 0.45 8.15 2.78
C CYS A 136 1.19 8.83 1.62
N ASP A 137 1.58 10.09 1.84
CA ASP A 137 2.29 10.85 0.83
C ASP A 137 3.80 10.69 0.98
N THR A 138 4.25 9.44 1.01
CA THR A 138 5.67 9.15 1.15
C THR A 138 5.95 7.66 1.00
N CYS A 139 5.50 6.88 1.96
CA CYS A 139 5.69 5.44 1.94
C CYS A 139 4.50 4.73 1.30
N SER A 140 4.77 3.70 0.50
CA SER A 140 3.73 2.95 -0.17
C SER A 140 2.90 2.15 0.84
N LEU A 141 1.91 2.82 1.45
CA LEU A 141 1.06 2.17 2.43
C LEU A 141 -0.26 2.93 2.58
N ILE A 142 -1.27 2.26 3.13
CA ILE A 142 -2.58 2.88 3.34
C ILE A 142 -3.24 2.37 4.61
N ILE A 143 -3.93 3.25 5.31
CA ILE A 143 -4.61 2.89 6.55
C ILE A 143 -6.11 3.01 6.40
N GLU A 144 -6.85 2.35 7.29
CA GLU A 144 -8.31 2.38 7.27
C GLU A 144 -8.86 3.21 8.41
N LEU A 145 -9.87 4.02 8.12
CA LEU A 145 -10.49 4.88 9.13
C LEU A 145 -11.60 4.14 9.85
N LEU A 146 -11.27 3.60 11.03
CA LEU A 146 -12.25 2.86 11.83
C LEU A 146 -13.08 3.81 12.67
N HIS A 147 -14.37 3.89 12.36
CA HIS A 147 -15.28 4.76 13.10
C HIS A 147 -16.42 3.96 13.72
N TYR A 148 -16.10 2.80 14.26
CA TYR A 148 -17.09 1.93 14.88
C TYR A 148 -16.58 1.36 16.20
N ASN A 149 -15.68 2.09 16.85
CA ASN A 149 -15.11 1.67 18.12
C ASN A 149 -16.15 1.71 19.23
N HIS A 150 -17.12 2.63 19.10
CA HIS A 150 -18.17 2.78 20.09
C HIS A 150 -19.54 2.87 19.42
N HIS A 151 -20.59 2.74 20.21
CA HIS A 151 -21.95 2.82 19.69
C HIS A 151 -22.89 3.45 20.71
N HIS A 152 -22.35 4.37 21.52
CA HIS A 152 -23.15 5.04 22.54
C HIS A 152 -23.74 6.34 22.00
N HIS A 153 -22.88 7.18 21.43
CA HIS A 153 -23.31 8.47 20.87
C HIS A 153 -24.04 9.30 21.93
N HIS A 154 -23.27 10.12 22.64
CA HIS A 154 -23.84 10.97 23.68
C HIS A 154 -24.92 11.89 23.11
N HIS A 155 -25.92 12.22 23.92
CA HIS A 155 -27.00 13.09 23.50
C HIS A 155 -26.46 14.41 22.96
ZN ZN B . -5.37 17.36 12.23
N MET A 1 3.57 -4.97 44.03
CA MET A 1 4.91 -4.36 44.12
C MET A 1 5.98 -5.34 43.63
N MET A 2 5.72 -5.98 42.51
CA MET A 2 6.67 -6.94 41.94
C MET A 2 7.26 -6.41 40.64
N ALA A 3 8.26 -7.12 40.13
CA ALA A 3 8.92 -6.72 38.88
C ALA A 3 9.12 -7.92 37.96
N VAL A 4 8.71 -7.76 36.70
CA VAL A 4 8.84 -8.83 35.71
C VAL A 4 9.93 -8.49 34.69
N GLU A 5 10.16 -7.21 34.48
CA GLU A 5 11.17 -6.76 33.53
C GLU A 5 12.55 -7.26 33.93
N GLN A 6 12.74 -7.53 35.21
CA GLN A 6 14.01 -8.02 35.72
C GLN A 6 15.12 -7.00 35.50
N MET A 7 16.31 -7.31 35.98
CA MET A 7 17.46 -6.42 35.84
C MET A 7 18.64 -7.13 35.19
N PRO A 8 19.55 -6.36 34.59
CA PRO A 8 20.73 -6.90 33.92
C PRO A 8 21.74 -7.48 34.91
N LYS A 9 22.29 -8.63 34.58
CA LYS A 9 23.27 -9.30 35.43
C LYS A 9 23.75 -10.60 34.81
N LYS A 10 24.75 -10.50 33.94
CA LYS A 10 25.30 -11.68 33.28
C LYS A 10 26.77 -11.47 32.95
N ASP A 11 27.34 -12.38 32.16
CA ASP A 11 28.74 -12.29 31.77
C ASP A 11 29.03 -10.98 31.03
N TRP A 12 27.97 -10.36 30.52
CA TRP A 12 28.10 -9.10 29.79
C TRP A 12 28.85 -8.07 30.63
N TYR A 13 28.20 -7.60 31.69
CA TYR A 13 28.80 -6.60 32.57
C TYR A 13 30.11 -7.12 33.16
N SER A 14 30.27 -8.44 33.15
CA SER A 14 31.48 -9.05 33.69
C SER A 14 32.66 -8.86 32.74
N ILE A 15 32.43 -9.11 31.46
CA ILE A 15 33.47 -8.96 30.45
C ILE A 15 34.14 -7.60 30.56
N LEU A 16 33.33 -6.54 30.52
CA LEU A 16 33.84 -5.18 30.61
C LEU A 16 33.94 -4.73 32.06
N GLY A 17 33.44 -5.56 32.97
CA GLY A 17 33.50 -5.23 34.39
C GLY A 17 33.00 -3.82 34.67
N ALA A 18 32.06 -3.36 33.86
CA ALA A 18 31.51 -2.01 34.03
C ALA A 18 30.22 -2.06 34.84
N ASP A 19 30.15 -1.22 35.88
CA ASP A 19 28.97 -1.16 36.72
C ASP A 19 27.75 -0.71 35.94
N PRO A 20 26.55 -0.95 36.50
CA PRO A 20 25.28 -0.58 35.86
C PRO A 20 25.08 0.93 35.83
N SER A 21 25.95 1.67 36.52
CA SER A 21 25.85 3.12 36.57
C SER A 21 26.69 3.75 35.46
N ALA A 22 27.71 3.03 35.00
CA ALA A 22 28.58 3.52 33.95
C ALA A 22 27.78 3.98 32.74
N ASN A 23 28.46 4.62 31.79
CA ASN A 23 27.80 5.12 30.59
C ASN A 23 28.37 4.45 29.34
N ILE A 24 27.54 4.32 28.31
CA ILE A 24 27.95 3.70 27.06
C ILE A 24 29.25 4.31 26.56
N SER A 25 29.35 5.63 26.64
CA SER A 25 30.53 6.35 26.18
C SER A 25 31.79 5.82 26.88
N ASP A 26 31.86 6.02 28.19
CA ASP A 26 33.00 5.56 28.97
C ASP A 26 33.22 4.07 28.78
N LEU A 27 32.16 3.35 28.43
CA LEU A 27 32.24 1.91 28.21
C LEU A 27 32.87 1.60 26.86
N LYS A 28 32.71 2.51 25.92
CA LYS A 28 33.26 2.34 24.57
C LYS A 28 34.78 2.32 24.61
N GLN A 29 35.38 3.38 25.13
CA GLN A 29 36.83 3.48 25.23
C GLN A 29 37.39 2.43 26.17
N LYS A 30 36.69 2.19 27.27
CA LYS A 30 37.10 1.19 28.25
C LYS A 30 36.95 -0.21 27.70
N TYR A 31 36.05 -0.38 26.74
CA TYR A 31 35.82 -1.68 26.13
C TYR A 31 37.06 -2.17 25.38
N GLN A 32 37.64 -1.29 24.57
CA GLN A 32 38.83 -1.64 23.80
C GLN A 32 40.00 -1.96 24.72
N LYS A 33 40.11 -1.20 25.82
CA LYS A 33 41.18 -1.40 26.78
C LYS A 33 40.88 -2.59 27.69
N LEU A 34 39.61 -2.95 27.77
CA LEU A 34 39.19 -4.08 28.60
C LEU A 34 39.30 -5.39 27.83
N ILE A 35 38.50 -5.52 26.77
CA ILE A 35 38.51 -6.72 25.95
C ILE A 35 39.93 -7.09 25.53
N LEU A 36 40.76 -6.07 25.34
CA LEU A 36 42.15 -6.29 24.93
C LEU A 36 42.97 -6.86 26.09
N MET A 37 42.98 -6.16 27.21
CA MET A 37 43.73 -6.60 28.38
C MET A 37 43.23 -7.96 28.86
N TYR A 38 41.96 -8.25 28.59
CA TYR A 38 41.36 -9.51 29.00
C TYR A 38 41.88 -10.66 28.14
N HIS A 39 42.18 -10.37 26.88
CA HIS A 39 42.68 -11.37 25.95
C HIS A 39 44.00 -11.96 26.45
N PRO A 40 44.36 -13.14 25.93
CA PRO A 40 45.59 -13.82 26.31
C PRO A 40 46.84 -13.11 25.79
N ASP A 41 47.99 -13.73 25.96
CA ASP A 41 49.26 -13.15 25.51
C ASP A 41 49.94 -14.07 24.50
N LYS A 42 49.78 -15.37 24.68
CA LYS A 42 50.38 -16.35 23.79
C LYS A 42 49.33 -17.30 23.23
N GLN A 43 49.55 -17.77 22.01
CA GLN A 43 48.60 -18.69 21.37
C GLN A 43 49.30 -19.49 20.27
N SER A 44 48.53 -20.34 19.58
CA SER A 44 49.06 -21.17 18.52
C SER A 44 50.15 -22.10 19.05
N THR A 45 49.74 -23.10 19.83
CA THR A 45 50.68 -24.05 20.40
C THR A 45 50.29 -25.48 20.04
N ASP A 46 49.09 -25.88 20.40
CA ASP A 46 48.60 -27.22 20.10
C ASP A 46 47.08 -27.27 20.16
N VAL A 47 46.43 -26.71 19.14
CA VAL A 47 44.98 -26.69 19.07
C VAL A 47 44.50 -26.71 17.62
N PRO A 48 44.63 -27.87 16.97
CA PRO A 48 44.21 -28.05 15.57
C PRO A 48 42.70 -28.00 15.41
N ALA A 49 42.23 -27.23 14.44
CA ALA A 49 40.80 -27.11 14.18
C ALA A 49 40.11 -26.28 15.26
N GLY A 50 40.16 -26.77 16.50
CA GLY A 50 39.53 -26.06 17.60
C GLY A 50 40.01 -24.62 17.71
N THR A 51 41.20 -24.36 17.19
CA THR A 51 41.76 -23.02 17.23
C THR A 51 40.76 -21.98 16.74
N VAL A 52 40.07 -22.30 15.65
CA VAL A 52 39.08 -21.40 15.07
C VAL A 52 37.75 -21.51 15.81
N GLU A 53 37.34 -22.74 16.09
CA GLU A 53 36.08 -22.98 16.79
C GLU A 53 36.03 -22.22 18.11
N GLU A 54 37.18 -22.11 18.78
CA GLU A 54 37.25 -21.41 20.04
C GLU A 54 37.51 -19.92 19.82
N CYS A 55 38.32 -19.61 18.82
CA CYS A 55 38.65 -18.22 18.50
C CYS A 55 37.40 -17.45 18.12
N VAL A 56 36.72 -17.90 17.06
CA VAL A 56 35.51 -17.24 16.60
C VAL A 56 34.47 -17.15 17.71
N GLN A 57 34.20 -18.28 18.35
CA GLN A 57 33.22 -18.33 19.43
C GLN A 57 33.54 -17.28 20.49
N LYS A 58 34.74 -17.36 21.06
CA LYS A 58 35.16 -16.41 22.09
C LYS A 58 35.10 -14.98 21.57
N PHE A 59 35.57 -14.78 20.35
CA PHE A 59 35.57 -13.46 19.74
C PHE A 59 34.18 -12.83 19.80
N ILE A 60 33.15 -13.67 19.68
CA ILE A 60 31.77 -13.20 19.72
C ILE A 60 31.43 -12.64 21.09
N GLU A 61 31.68 -13.42 22.13
CA GLU A 61 31.40 -12.99 23.50
C GLU A 61 32.01 -11.62 23.78
N ILE A 62 33.14 -11.36 23.15
CA ILE A 62 33.83 -10.08 23.34
C ILE A 62 32.96 -8.92 22.88
N ASP A 63 32.67 -8.88 21.58
CA ASP A 63 31.85 -7.81 21.01
C ASP A 63 30.47 -7.81 21.66
N GLN A 64 30.05 -8.96 22.17
CA GLN A 64 28.74 -9.08 22.81
C GLN A 64 28.56 -8.01 23.89
N ALA A 65 29.33 -8.14 24.97
CA ALA A 65 29.26 -7.19 26.07
C ALA A 65 29.40 -5.75 25.57
N TRP A 66 30.28 -5.56 24.59
CA TRP A 66 30.51 -4.23 24.03
C TRP A 66 29.19 -3.61 23.56
N LYS A 67 28.22 -4.45 23.24
CA LYS A 67 26.92 -3.98 22.79
C LYS A 67 25.90 -3.99 23.92
N ILE A 68 25.58 -5.20 24.41
CA ILE A 68 24.62 -5.35 25.49
C ILE A 68 25.34 -5.39 26.84
N LEU A 69 26.23 -4.44 27.06
CA LEU A 69 26.98 -4.37 28.32
C LEU A 69 26.05 -4.49 29.51
N GLY A 70 24.82 -3.97 29.37
CA GLY A 70 23.86 -4.03 30.45
C GLY A 70 22.70 -4.95 30.13
N ASN A 71 21.80 -4.50 29.27
CA ASN A 71 20.64 -5.29 28.89
C ASN A 71 20.34 -5.13 27.40
N GLU A 72 19.30 -5.82 26.93
CA GLU A 72 18.92 -5.75 25.52
C GLU A 72 18.57 -4.32 25.12
N GLU A 73 18.25 -3.49 26.10
CA GLU A 73 17.91 -2.10 25.85
C GLU A 73 19.18 -1.25 25.69
N THR A 74 20.32 -1.81 26.08
CA THR A 74 21.59 -1.10 25.99
C THR A 74 21.88 -0.69 24.55
N LYS A 75 22.16 -1.68 23.71
CA LYS A 75 22.46 -1.43 22.31
C LYS A 75 22.82 -2.72 21.58
N ARG A 76 21.79 -3.43 21.11
CA ARG A 76 22.00 -4.68 20.39
C ARG A 76 20.68 -5.27 19.93
N GLU A 77 19.87 -5.74 20.88
CA GLU A 77 18.58 -6.33 20.56
C GLU A 77 17.51 -5.24 20.41
N TYR A 78 17.69 -4.14 21.13
CA TYR A 78 16.74 -3.03 21.07
C TYR A 78 16.98 -2.17 19.84
N ASP A 79 18.25 -1.89 19.56
CA ASP A 79 18.62 -1.08 18.39
C ASP A 79 18.18 -1.74 17.10
N LEU A 80 18.62 -2.98 16.90
CA LEU A 80 18.26 -3.73 15.70
C LEU A 80 16.75 -3.99 15.64
N GLN A 81 16.13 -4.07 16.80
CA GLN A 81 14.69 -4.31 16.88
C GLN A 81 13.92 -3.33 16.01
N ARG A 82 14.15 -2.04 16.26
CA ARG A 82 13.48 -0.98 15.50
C ARG A 82 14.00 -0.94 14.07
N CYS A 83 15.21 -1.44 13.87
CA CYS A 83 15.82 -1.45 12.55
C CYS A 83 15.13 -2.45 11.63
N GLU A 84 15.17 -3.72 12.02
CA GLU A 84 14.54 -4.77 11.23
C GLU A 84 13.07 -4.46 10.96
N ASP A 85 12.47 -3.71 11.87
CA ASP A 85 11.06 -3.34 11.74
C ASP A 85 10.91 -2.11 10.85
N ASP A 86 11.93 -1.25 10.84
CA ASP A 86 11.90 -0.05 10.04
C ASP A 86 12.33 -0.33 8.60
N LEU A 87 13.04 -1.44 8.41
CA LEU A 87 13.50 -1.83 7.09
C LEU A 87 12.40 -2.57 6.32
N ARG A 88 11.66 -3.41 7.03
CA ARG A 88 10.57 -4.18 6.43
C ARG A 88 9.30 -3.34 6.35
N ASN A 89 9.18 -2.37 7.25
CA ASN A 89 8.00 -1.50 7.28
C ASN A 89 7.78 -0.83 5.93
N VAL A 90 8.86 -0.68 5.17
CA VAL A 90 8.79 -0.05 3.85
C VAL A 90 7.94 -0.88 2.90
N GLY A 91 7.93 -2.19 3.11
CA GLY A 91 7.16 -3.08 2.26
C GLY A 91 5.67 -2.96 2.49
N PRO A 92 4.90 -3.93 1.98
CA PRO A 92 3.45 -3.94 2.12
C PRO A 92 3.00 -4.22 3.56
N VAL A 93 2.54 -3.18 4.24
CA VAL A 93 2.10 -3.31 5.62
C VAL A 93 0.91 -2.38 5.91
N ASP A 94 -0.12 -2.48 5.08
CA ASP A 94 -1.31 -1.66 5.25
C ASP A 94 -2.34 -2.36 6.12
N ALA A 95 -2.62 -1.78 7.28
CA ALA A 95 -3.59 -2.35 8.21
C ALA A 95 -4.70 -1.36 8.52
N GLN A 96 -5.62 -1.76 9.38
CA GLN A 96 -6.75 -0.90 9.76
C GLN A 96 -6.42 -0.09 11.01
N VAL A 97 -6.97 1.11 11.10
CA VAL A 97 -6.74 1.97 12.24
C VAL A 97 -8.06 2.46 12.84
N TYR A 98 -8.10 2.58 14.16
CA TYR A 98 -9.30 3.02 14.87
C TYR A 98 -9.26 4.53 15.08
N LEU A 99 -10.36 5.20 14.73
CA LEU A 99 -10.47 6.65 14.89
C LEU A 99 -10.12 7.07 16.31
N GLU A 100 -10.28 6.14 17.26
CA GLU A 100 -9.98 6.41 18.66
C GLU A 100 -8.52 6.81 18.83
N GLU A 101 -7.69 6.48 17.85
CA GLU A 101 -6.27 6.81 17.88
C GLU A 101 -6.01 8.17 17.24
N MET A 102 -6.62 8.40 16.08
CA MET A 102 -6.44 9.66 15.36
C MET A 102 -6.81 10.84 16.25
N SER A 103 -6.03 11.91 16.14
CA SER A 103 -6.27 13.11 16.94
C SER A 103 -7.72 13.56 16.82
N TRP A 104 -8.43 13.55 17.95
CA TRP A 104 -9.84 13.97 17.97
C TRP A 104 -9.96 15.46 18.23
N ASN A 105 -10.58 16.18 17.31
CA ASN A 105 -10.76 17.61 17.45
C ASN A 105 -12.25 17.96 17.57
N GLU A 106 -12.80 17.77 18.77
CA GLU A 106 -14.21 18.06 19.01
C GLU A 106 -14.52 19.52 18.69
N GLY A 107 -13.50 20.37 18.73
CA GLY A 107 -13.69 21.78 18.44
C GLY A 107 -14.40 22.01 17.13
N ASP A 108 -13.90 21.37 16.07
CA ASP A 108 -14.50 21.51 14.75
C ASP A 108 -15.07 20.18 14.26
N HIS A 109 -15.21 19.23 15.18
CA HIS A 109 -15.74 17.91 14.84
C HIS A 109 -14.98 17.31 13.66
N SER A 110 -13.73 16.95 13.90
CA SER A 110 -12.90 16.36 12.85
C SER A 110 -11.75 15.56 13.45
N PHE A 111 -11.14 14.70 12.64
CA PHE A 111 -10.03 13.87 13.09
C PHE A 111 -8.85 13.96 12.13
N TYR A 112 -7.66 14.13 12.68
CA TYR A 112 -6.45 14.24 11.87
C TYR A 112 -5.47 13.11 12.18
N LEU A 113 -4.80 12.61 11.15
CA LEU A 113 -3.84 11.53 11.32
C LEU A 113 -2.46 11.95 10.82
N SER A 114 -1.43 11.26 11.31
CA SER A 114 -0.06 11.56 10.92
C SER A 114 0.77 10.28 10.81
N CYS A 115 1.65 10.24 9.81
CA CYS A 115 2.49 9.08 9.59
C CYS A 115 3.75 9.15 10.46
N ARG A 116 4.60 8.14 10.33
CA ARG A 116 5.84 8.08 11.11
C ARG A 116 7.05 8.16 10.20
N CYS A 117 6.88 8.80 9.04
CA CYS A 117 7.95 8.94 8.07
C CYS A 117 8.13 10.41 7.66
N GLY A 118 7.01 11.09 7.43
CA GLY A 118 7.05 12.48 7.04
C GLY A 118 5.72 12.98 6.52
N GLY A 119 4.95 12.08 5.91
CA GLY A 119 3.66 12.46 5.37
C GLY A 119 2.61 12.67 6.45
N LYS A 120 1.47 13.22 6.07
CA LYS A 120 0.39 13.46 7.02
C LYS A 120 -0.96 13.49 6.31
N TYR A 121 -2.04 13.47 7.08
CA TYR A 121 -3.39 13.51 6.53
C TYR A 121 -4.37 14.09 7.53
N SER A 122 -5.59 14.37 7.06
CA SER A 122 -6.62 14.93 7.91
C SER A 122 -8.01 14.68 7.33
N VAL A 123 -8.79 13.86 8.02
CA VAL A 123 -10.14 13.53 7.57
C VAL A 123 -11.19 14.07 8.54
N SER A 124 -11.98 15.03 8.07
CA SER A 124 -13.02 15.63 8.90
C SER A 124 -14.08 14.60 9.28
N LYS A 125 -14.96 14.97 10.20
CA LYS A 125 -16.03 14.09 10.64
C LYS A 125 -16.89 13.63 9.47
N ASP A 126 -17.56 14.59 8.83
CA ASP A 126 -18.41 14.28 7.69
C ASP A 126 -17.59 13.71 6.53
N GLU A 127 -16.31 14.06 6.50
CA GLU A 127 -15.42 13.58 5.45
C GLU A 127 -15.14 12.08 5.60
N ALA A 128 -14.83 11.67 6.82
CA ALA A 128 -14.55 10.26 7.10
C ALA A 128 -15.71 9.37 6.65
N GLU A 129 -16.92 9.92 6.71
CA GLU A 129 -18.10 9.16 6.31
C GLU A 129 -18.11 8.91 4.82
N GLU A 130 -17.42 9.76 4.07
CA GLU A 130 -17.34 9.63 2.62
C GLU A 130 -16.06 8.91 2.20
N VAL A 131 -15.02 9.06 3.01
CA VAL A 131 -13.73 8.43 2.73
C VAL A 131 -13.33 7.48 3.85
N SER A 132 -13.08 6.22 3.49
CA SER A 132 -12.70 5.21 4.47
C SER A 132 -11.28 4.70 4.19
N LEU A 133 -10.84 4.86 2.95
CA LEU A 133 -9.50 4.41 2.55
C LEU A 133 -8.58 5.61 2.33
N ILE A 134 -7.49 5.65 3.06
CA ILE A 134 -6.52 6.74 2.94
C ILE A 134 -5.10 6.19 2.84
N SER A 135 -4.32 6.75 1.91
CA SER A 135 -2.94 6.32 1.71
C SER A 135 -1.98 7.45 2.07
N CYS A 136 -0.72 7.08 2.34
CA CYS A 136 0.30 8.05 2.69
C CYS A 136 1.09 8.48 1.46
N ASP A 137 1.29 9.79 1.31
CA ASP A 137 2.03 10.33 0.18
C ASP A 137 3.52 10.48 0.52
N THR A 138 4.13 9.40 0.97
CA THR A 138 5.55 9.42 1.33
C THR A 138 6.12 8.01 1.39
N CYS A 139 5.37 7.10 1.99
CA CYS A 139 5.80 5.71 2.11
C CYS A 139 4.71 4.75 1.66
N SER A 140 5.10 3.57 1.19
CA SER A 140 4.15 2.57 0.73
C SER A 140 3.35 2.01 1.89
N LEU A 141 2.26 2.69 2.24
CA LEU A 141 1.41 2.24 3.35
C LEU A 141 0.02 2.85 3.23
N ILE A 142 -0.99 2.08 3.65
CA ILE A 142 -2.38 2.55 3.59
C ILE A 142 -3.15 2.11 4.83
N ILE A 143 -4.00 3.00 5.34
CA ILE A 143 -4.80 2.70 6.52
C ILE A 143 -6.28 2.96 6.24
N GLU A 144 -7.13 2.19 6.91
CA GLU A 144 -8.58 2.33 6.75
C GLU A 144 -9.21 2.94 7.98
N LEU A 145 -10.33 3.63 7.80
CA LEU A 145 -11.03 4.28 8.91
C LEU A 145 -12.13 3.36 9.45
N LEU A 146 -12.01 3.01 10.72
CA LEU A 146 -12.99 2.13 11.37
C LEU A 146 -13.80 2.91 12.41
N HIS A 147 -15.08 3.10 12.12
CA HIS A 147 -15.97 3.82 13.03
C HIS A 147 -16.21 3.01 14.31
N TYR A 148 -16.00 3.66 15.46
CA TYR A 148 -16.19 3.00 16.74
C TYR A 148 -16.94 3.91 17.71
N ASN A 149 -17.42 3.33 18.80
CA ASN A 149 -18.15 4.08 19.81
C ASN A 149 -19.31 4.86 19.18
N HIS A 150 -20.41 4.15 18.92
CA HIS A 150 -21.58 4.77 18.32
C HIS A 150 -21.24 5.40 16.97
N HIS A 151 -22.24 5.98 16.32
CA HIS A 151 -22.05 6.61 15.03
C HIS A 151 -23.30 7.39 14.60
N HIS A 152 -23.49 8.55 15.22
CA HIS A 152 -24.65 9.39 14.91
C HIS A 152 -24.28 10.86 14.99
N HIS A 153 -24.91 11.68 14.13
CA HIS A 153 -24.64 13.11 14.11
C HIS A 153 -25.83 13.87 13.52
N HIS A 154 -26.13 15.03 14.08
CA HIS A 154 -27.24 15.85 13.61
C HIS A 154 -26.82 17.31 13.47
N HIS A 155 -26.39 17.91 14.57
CA HIS A 155 -25.96 19.30 14.57
C HIS A 155 -27.07 20.22 14.08
ZN ZN B . -9.39 0.64 2.14
N MET A 1 -34.88 -11.06 -16.02
CA MET A 1 -34.80 -10.94 -17.47
C MET A 1 -33.58 -10.12 -17.89
N MET A 2 -32.55 -10.16 -17.06
CA MET A 2 -31.32 -9.41 -17.34
C MET A 2 -30.13 -10.03 -16.62
N ALA A 3 -29.01 -10.14 -17.32
CA ALA A 3 -27.80 -10.71 -16.74
C ALA A 3 -26.56 -9.96 -17.21
N VAL A 4 -25.47 -10.09 -16.46
CA VAL A 4 -24.22 -9.42 -16.79
C VAL A 4 -23.06 -10.41 -16.81
N GLU A 5 -23.35 -11.66 -17.15
CA GLU A 5 -22.33 -12.70 -17.20
C GLU A 5 -21.98 -13.05 -18.65
N GLN A 6 -23.00 -13.10 -19.50
CA GLN A 6 -22.80 -13.42 -20.91
C GLN A 6 -22.18 -14.79 -21.07
N MET A 7 -22.06 -15.25 -22.32
CA MET A 7 -21.47 -16.56 -22.61
C MET A 7 -20.43 -16.45 -23.71
N PRO A 8 -19.51 -17.43 -23.74
CA PRO A 8 -18.43 -17.46 -24.75
C PRO A 8 -18.96 -17.76 -26.14
N LYS A 9 -18.11 -17.56 -27.15
CA LYS A 9 -18.48 -17.80 -28.54
C LYS A 9 -17.28 -17.68 -29.45
N LYS A 10 -17.48 -17.96 -30.74
CA LYS A 10 -16.42 -17.86 -31.72
C LYS A 10 -16.72 -16.79 -32.76
N ASP A 11 -16.77 -15.54 -32.32
CA ASP A 11 -17.06 -14.42 -33.21
C ASP A 11 -15.78 -13.93 -33.87
N TRP A 12 -14.69 -13.93 -33.13
CA TRP A 12 -13.40 -13.48 -33.64
C TRP A 12 -12.66 -14.61 -34.36
N TYR A 13 -12.76 -15.82 -33.80
CA TYR A 13 -12.11 -16.98 -34.38
C TYR A 13 -12.76 -17.36 -35.72
N SER A 14 -13.99 -16.89 -35.92
CA SER A 14 -14.72 -17.19 -37.15
C SER A 14 -14.35 -16.20 -38.24
N ILE A 15 -14.45 -14.91 -37.93
CA ILE A 15 -14.12 -13.85 -38.88
C ILE A 15 -12.75 -14.08 -39.51
N LEU A 16 -11.85 -14.67 -38.75
CA LEU A 16 -10.50 -14.96 -39.23
C LEU A 16 -10.30 -16.46 -39.45
N GLY A 17 -11.25 -17.25 -38.97
CA GLY A 17 -11.17 -18.70 -39.13
C GLY A 17 -9.83 -19.25 -38.67
N ALA A 18 -9.20 -18.55 -37.73
CA ALA A 18 -7.91 -18.98 -37.20
C ALA A 18 -8.08 -19.82 -35.94
N ASP A 19 -7.47 -21.00 -35.93
CA ASP A 19 -7.56 -21.90 -34.79
C ASP A 19 -7.11 -21.20 -33.51
N PRO A 20 -7.46 -21.79 -32.36
CA PRO A 20 -7.10 -21.24 -31.05
C PRO A 20 -5.61 -21.33 -30.77
N SER A 21 -4.88 -22.04 -31.63
CA SER A 21 -3.45 -22.21 -31.48
C SER A 21 -2.69 -21.01 -32.05
N ALA A 22 -3.28 -20.36 -33.04
CA ALA A 22 -2.67 -19.20 -33.67
C ALA A 22 -2.24 -18.18 -32.62
N ASN A 23 -1.25 -17.36 -32.98
CA ASN A 23 -0.75 -16.33 -32.07
C ASN A 23 -1.03 -14.94 -32.62
N ILE A 24 -0.89 -13.93 -31.76
CA ILE A 24 -1.12 -12.55 -32.16
C ILE A 24 -0.28 -12.18 -33.37
N SER A 25 0.97 -12.64 -33.39
CA SER A 25 1.87 -12.35 -34.51
C SER A 25 1.35 -12.97 -35.80
N ASP A 26 1.31 -14.31 -35.84
CA ASP A 26 0.83 -15.02 -37.02
C ASP A 26 -0.57 -14.55 -37.42
N LEU A 27 -1.31 -14.04 -36.44
CA LEU A 27 -2.66 -13.55 -36.68
C LEU A 27 -2.65 -12.14 -37.24
N LYS A 28 -1.60 -11.39 -36.91
CA LYS A 28 -1.45 -10.02 -37.39
C LYS A 28 -1.39 -9.98 -38.92
N GLN A 29 -0.44 -10.71 -39.48
CA GLN A 29 -0.27 -10.77 -40.93
C GLN A 29 -1.44 -11.51 -41.59
N LYS A 30 -1.82 -12.63 -41.00
CA LYS A 30 -2.92 -13.43 -41.51
C LYS A 30 -4.23 -12.65 -41.48
N TYR A 31 -4.30 -11.65 -40.61
CA TYR A 31 -5.50 -10.83 -40.49
C TYR A 31 -5.69 -9.97 -41.72
N GLN A 32 -4.68 -9.15 -42.03
CA GLN A 32 -4.74 -8.26 -43.18
C GLN A 32 -5.19 -9.02 -44.42
N LYS A 33 -4.72 -10.25 -44.56
CA LYS A 33 -5.07 -11.08 -45.72
C LYS A 33 -6.43 -11.74 -45.51
N LEU A 34 -6.77 -12.03 -44.26
CA LEU A 34 -8.04 -12.65 -43.92
C LEU A 34 -9.19 -11.66 -44.11
N ILE A 35 -9.19 -10.60 -43.30
CA ILE A 35 -10.23 -9.59 -43.38
C ILE A 35 -10.36 -9.03 -44.79
N LEU A 36 -9.23 -8.97 -45.50
CA LEU A 36 -9.22 -8.47 -46.87
C LEU A 36 -10.21 -9.23 -47.75
N MET A 37 -10.03 -10.55 -47.82
CA MET A 37 -10.91 -11.40 -48.62
C MET A 37 -12.28 -11.53 -47.97
N TYR A 38 -12.33 -11.30 -46.67
CA TYR A 38 -13.58 -11.40 -45.92
C TYR A 38 -14.47 -10.17 -46.19
N HIS A 39 -13.83 -9.07 -46.54
CA HIS A 39 -14.56 -7.83 -46.82
C HIS A 39 -15.56 -8.03 -47.95
N PRO A 40 -16.55 -7.13 -48.03
CA PRO A 40 -17.59 -7.19 -49.06
C PRO A 40 -17.06 -6.87 -50.44
N ASP A 41 -17.96 -6.72 -51.41
CA ASP A 41 -17.58 -6.41 -52.78
C ASP A 41 -18.34 -5.19 -53.31
N LYS A 42 -19.62 -5.11 -52.95
CA LYS A 42 -20.47 -4.01 -53.38
C LYS A 42 -20.72 -4.06 -54.88
N GLN A 43 -19.71 -3.68 -55.66
CA GLN A 43 -19.83 -3.69 -57.12
C GLN A 43 -21.09 -2.95 -57.57
N SER A 44 -21.31 -1.77 -56.99
CA SER A 44 -22.48 -0.96 -57.33
C SER A 44 -22.44 0.37 -56.59
N THR A 45 -23.43 1.22 -56.85
CA THR A 45 -23.53 2.52 -56.22
C THR A 45 -24.80 2.64 -55.40
N ASP A 46 -25.73 1.72 -55.61
CA ASP A 46 -27.00 1.73 -54.89
C ASP A 46 -26.80 1.36 -53.42
N VAL A 47 -26.43 2.35 -52.62
CA VAL A 47 -26.19 2.15 -51.20
C VAL A 47 -27.25 2.85 -50.35
N PRO A 48 -28.45 2.27 -50.29
CA PRO A 48 -29.57 2.83 -49.52
C PRO A 48 -29.34 2.74 -48.02
N ALA A 49 -30.17 3.44 -47.25
CA ALA A 49 -30.06 3.43 -45.80
C ALA A 49 -29.99 2.01 -45.26
N GLY A 50 -30.64 1.07 -45.96
CA GLY A 50 -30.63 -0.31 -45.54
C GLY A 50 -29.25 -0.94 -45.62
N THR A 51 -28.55 -0.66 -46.72
CA THR A 51 -27.21 -1.21 -46.92
C THR A 51 -26.22 -0.62 -45.93
N VAL A 52 -26.35 0.69 -45.68
CA VAL A 52 -25.47 1.37 -44.75
C VAL A 52 -25.39 0.64 -43.42
N GLU A 53 -26.55 0.29 -42.87
CA GLU A 53 -26.62 -0.42 -41.59
C GLU A 53 -25.88 -1.75 -41.67
N GLU A 54 -26.11 -2.49 -42.75
CA GLU A 54 -25.47 -3.78 -42.95
C GLU A 54 -23.96 -3.63 -43.10
N CYS A 55 -23.54 -2.45 -43.55
CA CYS A 55 -22.12 -2.18 -43.73
C CYS A 55 -21.46 -1.76 -42.42
N VAL A 56 -22.00 -0.70 -41.81
CA VAL A 56 -21.47 -0.20 -40.55
C VAL A 56 -21.35 -1.33 -39.53
N GLN A 57 -22.43 -2.06 -39.33
CA GLN A 57 -22.46 -3.16 -38.37
C GLN A 57 -21.29 -4.11 -38.62
N LYS A 58 -21.16 -4.57 -39.87
CA LYS A 58 -20.08 -5.49 -40.23
C LYS A 58 -18.73 -4.94 -39.78
N PHE A 59 -18.54 -3.65 -39.95
CA PHE A 59 -17.28 -3.00 -39.55
C PHE A 59 -16.93 -3.33 -38.11
N ILE A 60 -17.91 -3.15 -37.21
CA ILE A 60 -17.71 -3.42 -35.80
C ILE A 60 -17.19 -4.84 -35.58
N GLU A 61 -17.70 -5.78 -36.37
CA GLU A 61 -17.30 -7.17 -36.27
C GLU A 61 -15.85 -7.35 -36.73
N ILE A 62 -15.48 -6.65 -37.80
CA ILE A 62 -14.12 -6.74 -38.33
C ILE A 62 -13.09 -6.45 -37.26
N ASP A 63 -13.10 -5.22 -36.74
CA ASP A 63 -12.15 -4.82 -35.71
C ASP A 63 -12.34 -5.67 -34.45
N GLN A 64 -13.54 -6.21 -34.28
CA GLN A 64 -13.85 -7.04 -33.12
C GLN A 64 -12.80 -8.14 -32.94
N ALA A 65 -12.49 -8.82 -34.04
CA ALA A 65 -11.50 -9.90 -34.01
C ALA A 65 -10.09 -9.35 -34.12
N TRP A 66 -9.92 -8.35 -34.98
CA TRP A 66 -8.61 -7.74 -35.18
C TRP A 66 -7.92 -7.46 -33.84
N LYS A 67 -8.72 -7.11 -32.84
CA LYS A 67 -8.20 -6.81 -31.51
C LYS A 67 -8.20 -8.06 -30.64
N ILE A 68 -9.39 -8.57 -30.37
CA ILE A 68 -9.54 -9.77 -29.54
C ILE A 68 -9.50 -11.03 -30.39
N LEU A 69 -8.47 -11.15 -31.21
CA LEU A 69 -8.30 -12.32 -32.07
C LEU A 69 -8.51 -13.61 -31.29
N GLY A 70 -8.11 -13.61 -30.02
CA GLY A 70 -8.26 -14.79 -29.19
C GLY A 70 -9.59 -14.79 -28.44
N ASN A 71 -9.86 -15.89 -27.74
CA ASN A 71 -11.09 -16.02 -26.98
C ASN A 71 -11.15 -15.00 -25.84
N GLU A 72 -12.18 -15.10 -25.01
CA GLU A 72 -12.35 -14.18 -23.89
C GLU A 72 -11.21 -14.32 -22.90
N GLU A 73 -10.60 -15.50 -22.86
CA GLU A 73 -9.49 -15.77 -21.95
C GLU A 73 -8.20 -15.15 -22.49
N THR A 74 -8.15 -14.91 -23.79
CA THR A 74 -6.98 -14.32 -24.42
C THR A 74 -6.93 -12.82 -24.21
N LYS A 75 -7.87 -12.11 -24.81
CA LYS A 75 -7.94 -10.66 -24.69
C LYS A 75 -9.34 -10.22 -24.25
N ARG A 76 -9.55 -8.91 -24.17
CA ARG A 76 -10.83 -8.35 -23.76
C ARG A 76 -11.15 -8.73 -22.32
N GLU A 77 -11.67 -9.94 -22.14
CA GLU A 77 -12.02 -10.43 -20.81
C GLU A 77 -10.77 -10.70 -19.98
N TYR A 78 -9.66 -10.99 -20.66
CA TYR A 78 -8.40 -11.28 -20.00
C TYR A 78 -7.78 -10.02 -19.43
N ASP A 79 -7.87 -8.93 -20.19
CA ASP A 79 -7.31 -7.64 -19.76
C ASP A 79 -7.96 -7.19 -18.45
N LEU A 80 -9.27 -7.01 -18.49
CA LEU A 80 -10.01 -6.57 -17.30
C LEU A 80 -9.82 -7.55 -16.15
N GLN A 81 -9.60 -8.82 -16.49
CA GLN A 81 -9.40 -9.85 -15.48
C GLN A 81 -8.33 -9.44 -14.48
N ARG A 82 -7.13 -9.17 -14.97
CA ARG A 82 -6.02 -8.78 -14.11
C ARG A 82 -6.26 -7.39 -13.53
N CYS A 83 -7.10 -6.61 -14.21
CA CYS A 83 -7.41 -5.25 -13.76
C CYS A 83 -8.25 -5.28 -12.49
N GLU A 84 -9.44 -5.87 -12.58
CA GLU A 84 -10.34 -5.96 -11.45
C GLU A 84 -9.63 -6.59 -10.24
N ASP A 85 -8.65 -7.45 -10.52
CA ASP A 85 -7.89 -8.11 -9.47
C ASP A 85 -6.78 -7.22 -8.94
N ASP A 86 -6.27 -6.35 -9.81
CA ASP A 86 -5.20 -5.44 -9.44
C ASP A 86 -5.75 -4.20 -8.74
N LEU A 87 -7.04 -3.94 -8.96
CA LEU A 87 -7.70 -2.78 -8.35
C LEU A 87 -8.13 -3.09 -6.93
N ARG A 88 -8.62 -4.31 -6.71
CA ARG A 88 -9.06 -4.72 -5.38
C ARG A 88 -7.96 -4.54 -4.35
N ASN A 89 -6.72 -4.72 -4.79
CA ASN A 89 -5.57 -4.57 -3.89
C ASN A 89 -5.41 -3.12 -3.45
N VAL A 90 -5.94 -2.20 -4.25
CA VAL A 90 -5.85 -0.78 -3.93
C VAL A 90 -6.44 -0.48 -2.55
N GLY A 91 -7.35 -1.35 -2.10
CA GLY A 91 -7.96 -1.17 -0.81
C GLY A 91 -6.97 -1.21 0.32
N PRO A 92 -7.46 -1.41 1.55
CA PRO A 92 -6.62 -1.48 2.75
C PRO A 92 -5.77 -2.74 2.78
N VAL A 93 -4.51 -2.62 2.39
CA VAL A 93 -3.59 -3.75 2.38
C VAL A 93 -2.47 -3.56 3.39
N ASP A 94 -2.25 -2.31 3.80
CA ASP A 94 -1.20 -1.99 4.77
C ASP A 94 -1.67 -2.30 6.18
N ALA A 95 -2.50 -1.42 6.72
CA ALA A 95 -3.02 -1.59 8.08
C ALA A 95 -4.24 -0.72 8.32
N GLN A 96 -4.81 -0.82 9.51
CA GLN A 96 -6.00 -0.04 9.87
C GLN A 96 -5.73 0.81 11.11
N VAL A 97 -6.45 1.92 11.22
CA VAL A 97 -6.29 2.82 12.36
C VAL A 97 -7.57 2.86 13.20
N TYR A 98 -7.39 2.96 14.52
CA TYR A 98 -8.53 3.01 15.43
C TYR A 98 -8.91 4.45 15.74
N LEU A 99 -10.21 4.73 15.72
CA LEU A 99 -10.71 6.07 16.00
C LEU A 99 -10.26 6.54 17.39
N GLU A 100 -9.92 5.57 18.24
CA GLU A 100 -9.48 5.88 19.59
C GLU A 100 -8.06 6.45 19.59
N GLU A 101 -7.38 6.31 18.47
CA GLU A 101 -6.01 6.80 18.33
C GLU A 101 -5.99 8.12 17.57
N MET A 102 -7.16 8.58 17.15
CA MET A 102 -7.27 9.84 16.41
C MET A 102 -7.65 10.98 17.34
N SER A 103 -7.76 12.18 16.77
CA SER A 103 -8.11 13.37 17.55
C SER A 103 -8.98 14.32 16.75
N TRP A 104 -10.25 14.41 17.13
CA TRP A 104 -11.20 15.29 16.43
C TRP A 104 -11.21 16.67 17.05
N ASN A 105 -11.38 17.69 16.21
CA ASN A 105 -11.42 19.07 16.69
C ASN A 105 -12.75 19.72 16.37
N GLU A 106 -13.54 19.98 17.40
CA GLU A 106 -14.86 20.60 17.22
C GLU A 106 -14.72 21.98 16.58
N GLY A 107 -13.53 22.57 16.71
CA GLY A 107 -13.30 23.88 16.12
C GLY A 107 -13.62 23.93 14.65
N ASP A 108 -13.08 22.98 13.89
CA ASP A 108 -13.30 22.91 12.45
C ASP A 108 -14.06 21.64 12.08
N HIS A 109 -14.54 20.93 13.09
CA HIS A 109 -15.28 19.68 12.86
C HIS A 109 -14.48 18.74 11.96
N SER A 110 -13.29 18.36 12.42
CA SER A 110 -12.43 17.47 11.65
C SER A 110 -11.34 16.88 12.54
N PHE A 111 -10.89 15.68 12.19
CA PHE A 111 -9.84 15.00 12.95
C PHE A 111 -8.61 14.76 12.08
N TYR A 112 -7.49 14.46 12.74
CA TYR A 112 -6.24 14.20 12.02
C TYR A 112 -5.41 13.14 12.76
N LEU A 113 -4.74 12.30 11.98
CA LEU A 113 -3.90 11.25 12.55
C LEU A 113 -2.43 11.49 12.24
N SER A 114 -1.55 10.83 12.99
CA SER A 114 -0.11 10.97 12.80
C SER A 114 0.47 9.75 12.10
N CYS A 115 1.54 9.97 11.34
CA CYS A 115 2.20 8.88 10.62
C CYS A 115 3.49 8.47 11.32
N ARG A 116 3.76 7.17 11.33
CA ARG A 116 4.96 6.64 11.96
C ARG A 116 6.00 6.23 10.92
N CYS A 117 5.65 6.41 9.65
CA CYS A 117 6.55 6.06 8.56
C CYS A 117 6.73 7.24 7.60
N GLY A 118 6.15 8.37 7.96
CA GLY A 118 6.24 9.56 7.13
C GLY A 118 5.77 10.81 7.83
N GLY A 119 4.81 11.51 7.21
CA GLY A 119 4.29 12.72 7.79
C GLY A 119 3.14 12.46 8.75
N LYS A 120 1.92 12.68 8.29
CA LYS A 120 0.74 12.47 9.11
C LYS A 120 -0.53 12.45 8.27
N TYR A 121 -1.55 11.76 8.74
CA TYR A 121 -2.81 11.65 8.02
C TYR A 121 -3.79 12.73 8.47
N SER A 122 -4.81 12.99 7.67
CA SER A 122 -5.81 14.01 8.00
C SER A 122 -7.09 13.76 7.21
N VAL A 123 -8.23 13.89 7.91
CA VAL A 123 -9.53 13.69 7.28
C VAL A 123 -10.58 14.63 7.87
N SER A 124 -11.57 14.98 7.06
CA SER A 124 -12.62 15.88 7.49
C SER A 124 -13.84 15.09 7.97
N LYS A 125 -14.61 15.70 8.89
CA LYS A 125 -15.80 15.05 9.42
C LYS A 125 -16.72 14.58 8.30
N ASP A 126 -16.76 15.35 7.21
CA ASP A 126 -17.61 15.00 6.07
C ASP A 126 -16.86 14.07 5.12
N GLU A 127 -15.54 14.15 5.14
CA GLU A 127 -14.71 13.30 4.28
C GLU A 127 -14.71 11.86 4.77
N ALA A 128 -14.31 11.67 6.02
CA ALA A 128 -14.26 10.34 6.62
C ALA A 128 -15.64 9.68 6.61
N GLU A 129 -16.68 10.50 6.70
CA GLU A 129 -18.05 9.99 6.71
C GLU A 129 -18.44 9.49 5.32
N GLU A 130 -17.79 10.03 4.29
CA GLU A 130 -18.08 9.64 2.91
C GLU A 130 -17.17 8.50 2.47
N VAL A 131 -15.95 8.48 3.01
CA VAL A 131 -14.98 7.44 2.67
C VAL A 131 -14.17 7.04 3.89
N SER A 132 -13.95 5.73 4.04
CA SER A 132 -13.19 5.21 5.18
C SER A 132 -11.82 4.73 4.72
N LEU A 133 -11.39 5.19 3.55
CA LEU A 133 -10.09 4.81 3.01
C LEU A 133 -9.24 6.05 2.69
N ILE A 134 -8.04 6.08 3.23
CA ILE A 134 -7.13 7.20 2.99
C ILE A 134 -5.69 6.72 2.78
N SER A 135 -4.98 7.39 1.89
CA SER A 135 -3.60 7.03 1.59
C SER A 135 -2.64 7.68 2.58
N CYS A 136 -1.43 7.14 2.66
CA CYS A 136 -0.42 7.67 3.57
C CYS A 136 -0.14 9.14 3.27
N ASP A 137 0.78 9.72 4.03
CA ASP A 137 1.16 11.12 3.85
C ASP A 137 2.50 11.24 3.14
N THR A 138 2.47 11.27 1.81
CA THR A 138 3.68 11.38 1.02
C THR A 138 4.47 10.07 1.03
N CYS A 139 3.86 9.02 1.57
CA CYS A 139 4.50 7.72 1.66
C CYS A 139 3.56 6.62 1.15
N SER A 140 4.14 5.45 0.85
CA SER A 140 3.36 4.33 0.36
C SER A 140 2.41 3.81 1.42
N LEU A 141 1.78 2.67 1.14
CA LEU A 141 0.84 2.07 2.09
C LEU A 141 -0.33 3.01 2.37
N ILE A 142 -1.36 2.48 3.01
CA ILE A 142 -2.54 3.26 3.35
C ILE A 142 -3.13 2.83 4.69
N ILE A 143 -4.20 3.51 5.10
CA ILE A 143 -4.85 3.19 6.36
C ILE A 143 -6.38 3.30 6.23
N GLU A 144 -7.09 2.56 7.08
CA GLU A 144 -8.55 2.58 7.05
C GLU A 144 -9.10 3.21 8.33
N LEU A 145 -10.09 4.09 8.15
CA LEU A 145 -10.70 4.78 9.28
C LEU A 145 -11.85 3.96 9.85
N LEU A 146 -11.58 3.23 10.93
CA LEU A 146 -12.59 2.40 11.57
C LEU A 146 -12.40 2.38 13.09
N HIS A 147 -13.48 2.10 13.81
CA HIS A 147 -13.43 2.06 15.27
C HIS A 147 -12.76 0.77 15.75
N TYR A 148 -12.18 0.83 16.94
CA TYR A 148 -11.49 -0.33 17.51
C TYR A 148 -12.42 -1.55 17.53
N ASN A 149 -11.95 -2.65 16.96
CA ASN A 149 -12.73 -3.88 16.91
C ASN A 149 -11.90 -5.08 17.35
N HIS A 150 -12.48 -6.27 17.25
CA HIS A 150 -11.77 -7.49 17.63
C HIS A 150 -11.82 -8.51 16.50
N HIS A 151 -10.72 -9.24 16.32
CA HIS A 151 -10.63 -10.25 15.27
C HIS A 151 -10.77 -9.62 13.89
N HIS A 152 -9.64 -9.41 13.23
CA HIS A 152 -9.63 -8.81 11.90
C HIS A 152 -8.35 -9.15 11.15
N HIS A 153 -8.26 -10.38 10.65
CA HIS A 153 -7.09 -10.84 9.92
C HIS A 153 -7.40 -12.10 9.13
N HIS A 154 -8.63 -12.21 8.64
CA HIS A 154 -9.05 -13.37 7.86
C HIS A 154 -8.99 -13.07 6.37
N HIS A 155 -8.85 -14.12 5.57
CA HIS A 155 -8.78 -13.98 4.12
C HIS A 155 -7.61 -13.08 3.72
ZN ZN B . -9.78 -5.02 10.30
N MET A 1 9.82 -12.61 3.51
CA MET A 1 9.86 -13.25 2.21
C MET A 1 10.85 -14.43 2.22
N MET A 2 12.14 -14.11 2.27
CA MET A 2 13.18 -15.14 2.28
C MET A 2 13.00 -16.10 1.11
N ALA A 3 13.52 -15.71 -0.05
CA ALA A 3 13.42 -16.54 -1.24
C ALA A 3 14.70 -17.35 -1.45
N VAL A 4 14.79 -18.03 -2.58
CA VAL A 4 15.95 -18.85 -2.90
C VAL A 4 16.09 -20.01 -1.93
N GLU A 5 14.97 -20.69 -1.68
CA GLU A 5 14.97 -21.83 -0.76
C GLU A 5 14.82 -23.15 -1.53
N GLN A 6 14.22 -23.07 -2.71
CA GLN A 6 14.01 -24.26 -3.53
C GLN A 6 13.27 -25.34 -2.76
N MET A 7 12.17 -24.95 -2.10
CA MET A 7 11.38 -25.89 -1.33
C MET A 7 10.29 -26.52 -2.19
N PRO A 8 9.76 -27.67 -1.74
CA PRO A 8 8.70 -28.38 -2.45
C PRO A 8 7.37 -27.64 -2.42
N LYS A 9 6.77 -27.46 -3.60
CA LYS A 9 5.49 -26.77 -3.71
C LYS A 9 4.39 -27.53 -2.98
N LYS A 10 3.97 -28.65 -3.58
CA LYS A 10 2.92 -29.48 -2.98
C LYS A 10 2.75 -30.77 -3.78
N ASP A 11 1.64 -31.46 -3.53
CA ASP A 11 1.35 -32.71 -4.22
C ASP A 11 1.59 -32.57 -5.72
N TRP A 12 1.35 -31.38 -6.25
CA TRP A 12 1.54 -31.11 -7.67
C TRP A 12 2.90 -31.61 -8.14
N TYR A 13 3.95 -30.96 -7.66
CA TYR A 13 5.32 -31.34 -8.03
C TYR A 13 5.59 -32.79 -7.68
N SER A 14 4.81 -33.33 -6.76
CA SER A 14 4.97 -34.71 -6.31
C SER A 14 4.45 -35.68 -7.38
N ILE A 15 3.30 -35.35 -7.96
CA ILE A 15 2.70 -36.19 -8.98
C ILE A 15 3.67 -36.45 -10.13
N LEU A 16 4.28 -35.38 -10.63
CA LEU A 16 5.24 -35.49 -11.72
C LEU A 16 6.65 -35.70 -11.19
N GLY A 17 6.82 -35.55 -9.87
CA GLY A 17 8.12 -35.74 -9.26
C GLY A 17 9.21 -34.95 -9.97
N ALA A 18 9.06 -33.64 -10.02
CA ALA A 18 10.04 -32.78 -10.68
C ALA A 18 10.51 -31.67 -9.74
N ASP A 19 11.81 -31.63 -9.47
CA ASP A 19 12.38 -30.62 -8.59
C ASP A 19 12.01 -29.21 -9.07
N PRO A 20 12.11 -28.23 -8.16
CA PRO A 20 11.80 -26.84 -8.46
C PRO A 20 12.81 -26.20 -9.39
N SER A 21 13.91 -26.91 -9.65
CA SER A 21 14.96 -26.41 -10.53
C SER A 21 14.93 -27.14 -11.87
N ALA A 22 14.12 -28.19 -11.95
CA ALA A 22 14.00 -28.97 -13.18
C ALA A 22 13.38 -28.13 -14.30
N ASN A 23 13.75 -28.46 -15.54
CA ASN A 23 13.23 -27.74 -16.70
C ASN A 23 12.11 -28.53 -17.37
N ILE A 24 11.29 -27.83 -18.14
CA ILE A 24 10.18 -28.46 -18.84
C ILE A 24 10.64 -29.69 -19.61
N SER A 25 11.85 -29.61 -20.17
CA SER A 25 12.41 -30.71 -20.94
C SER A 25 12.43 -31.99 -20.11
N ASP A 26 13.32 -32.04 -19.13
CA ASP A 26 13.45 -33.21 -18.26
C ASP A 26 12.12 -33.53 -17.59
N LEU A 27 11.27 -32.52 -17.47
CA LEU A 27 9.95 -32.70 -16.85
C LEU A 27 9.01 -33.46 -17.77
N LYS A 28 9.17 -33.26 -19.08
CA LYS A 28 8.34 -33.93 -20.07
C LYS A 28 8.57 -35.44 -20.04
N GLN A 29 9.83 -35.83 -19.93
CA GLN A 29 10.18 -37.25 -19.89
C GLN A 29 9.68 -37.90 -18.60
N LYS A 30 9.99 -37.28 -17.47
CA LYS A 30 9.57 -37.80 -16.17
C LYS A 30 8.07 -37.69 -16.01
N TYR A 31 7.45 -36.79 -16.77
CA TYR A 31 6.01 -36.59 -16.71
C TYR A 31 5.26 -37.87 -17.09
N GLN A 32 5.44 -38.29 -18.34
CA GLN A 32 4.79 -39.49 -18.84
C GLN A 32 5.16 -40.71 -17.99
N LYS A 33 6.36 -40.68 -17.43
CA LYS A 33 6.84 -41.78 -16.60
C LYS A 33 6.10 -41.81 -15.27
N LEU A 34 6.22 -40.73 -14.50
CA LEU A 34 5.57 -40.65 -13.20
C LEU A 34 4.05 -40.69 -13.35
N ILE A 35 3.51 -39.81 -14.19
CA ILE A 35 2.09 -39.74 -14.43
C ILE A 35 1.52 -41.12 -14.76
N LEU A 36 2.36 -41.97 -15.35
CA LEU A 36 1.95 -43.32 -15.71
C LEU A 36 2.07 -44.26 -14.51
N MET A 37 3.25 -44.28 -13.89
CA MET A 37 3.49 -45.13 -12.73
C MET A 37 2.51 -44.83 -11.62
N TYR A 38 1.99 -43.60 -11.60
CA TYR A 38 1.04 -43.19 -10.58
C TYR A 38 -0.35 -43.74 -10.87
N HIS A 39 -0.80 -43.55 -12.11
CA HIS A 39 -2.12 -44.04 -12.52
C HIS A 39 -2.00 -44.99 -13.70
N PRO A 40 -1.46 -46.19 -13.45
CA PRO A 40 -1.28 -47.21 -14.49
C PRO A 40 -2.60 -47.81 -14.95
N ASP A 41 -2.51 -48.85 -15.76
CA ASP A 41 -3.71 -49.51 -16.28
C ASP A 41 -3.75 -50.98 -15.83
N LYS A 42 -4.59 -51.27 -14.85
CA LYS A 42 -4.72 -52.62 -14.33
C LYS A 42 -5.84 -52.70 -13.29
N GLN A 43 -6.36 -53.90 -13.08
CA GLN A 43 -7.44 -54.11 -12.12
C GLN A 43 -8.66 -53.27 -12.47
N SER A 44 -9.61 -53.89 -13.15
CA SER A 44 -10.83 -53.19 -13.56
C SER A 44 -11.77 -54.13 -14.31
N THR A 45 -12.84 -54.55 -13.65
CA THR A 45 -13.81 -55.44 -14.26
C THR A 45 -15.21 -54.86 -14.19
N ASP A 46 -15.65 -54.49 -13.00
CA ASP A 46 -16.97 -53.91 -12.81
C ASP A 46 -16.89 -52.63 -11.98
N VAL A 47 -17.17 -51.50 -12.63
CA VAL A 47 -17.12 -50.22 -11.95
C VAL A 47 -18.29 -49.33 -12.37
N PRO A 48 -19.49 -49.66 -11.86
CA PRO A 48 -20.71 -48.91 -12.18
C PRO A 48 -20.72 -47.52 -11.54
N ALA A 49 -20.95 -46.51 -12.37
CA ALA A 49 -20.98 -45.13 -11.90
C ALA A 49 -19.57 -44.63 -11.57
N GLY A 50 -18.91 -45.27 -10.63
CA GLY A 50 -17.57 -44.88 -10.24
C GLY A 50 -16.65 -44.76 -11.43
N THR A 51 -16.92 -45.54 -12.47
CA THR A 51 -16.09 -45.53 -13.67
C THR A 51 -15.91 -44.10 -14.19
N VAL A 52 -16.96 -43.30 -14.09
CA VAL A 52 -16.91 -41.92 -14.55
C VAL A 52 -16.27 -41.02 -13.50
N GLU A 53 -16.68 -41.18 -12.26
CA GLU A 53 -16.14 -40.38 -11.16
C GLU A 53 -14.63 -40.55 -11.04
N GLU A 54 -14.14 -41.71 -11.46
CA GLU A 54 -12.72 -42.00 -11.41
C GLU A 54 -12.01 -41.49 -12.67
N CYS A 55 -12.70 -41.60 -13.81
CA CYS A 55 -12.15 -41.16 -15.08
C CYS A 55 -11.80 -39.67 -15.04
N VAL A 56 -12.82 -38.85 -14.80
CA VAL A 56 -12.63 -37.40 -14.74
C VAL A 56 -11.61 -37.03 -13.65
N GLN A 57 -11.82 -37.55 -12.45
CA GLN A 57 -10.93 -37.27 -11.34
C GLN A 57 -9.51 -37.69 -11.66
N LYS A 58 -9.36 -38.65 -12.57
CA LYS A 58 -8.05 -39.13 -12.98
C LYS A 58 -7.44 -38.23 -14.06
N PHE A 59 -8.31 -37.54 -14.79
CA PHE A 59 -7.85 -36.64 -15.86
C PHE A 59 -7.53 -35.26 -15.30
N ILE A 60 -8.15 -34.92 -14.17
CA ILE A 60 -7.92 -33.63 -13.55
C ILE A 60 -6.67 -33.66 -12.66
N GLU A 61 -6.40 -34.80 -12.06
CA GLU A 61 -5.24 -34.97 -11.20
C GLU A 61 -3.95 -34.95 -12.02
N ILE A 62 -3.93 -35.71 -13.10
CA ILE A 62 -2.77 -35.78 -13.97
C ILE A 62 -2.48 -34.44 -14.63
N ASP A 63 -3.56 -33.74 -15.01
CA ASP A 63 -3.42 -32.43 -15.64
C ASP A 63 -3.15 -31.35 -14.61
N GLN A 64 -3.57 -31.59 -13.38
CA GLN A 64 -3.37 -30.63 -12.30
C GLN A 64 -1.89 -30.34 -12.10
N ALA A 65 -1.07 -31.39 -12.13
CA ALA A 65 0.37 -31.24 -11.95
C ALA A 65 1.04 -30.85 -13.27
N TRP A 66 0.73 -31.57 -14.32
CA TRP A 66 1.31 -31.30 -15.64
C TRP A 66 1.15 -29.83 -16.01
N LYS A 67 0.10 -29.21 -15.50
CA LYS A 67 -0.16 -27.80 -15.78
C LYS A 67 0.19 -26.94 -14.56
N ILE A 68 -0.53 -27.14 -13.47
CA ILE A 68 -0.29 -26.39 -12.25
C ILE A 68 0.75 -27.08 -11.37
N LEU A 69 1.85 -27.51 -11.98
CA LEU A 69 2.92 -28.17 -11.25
C LEU A 69 3.33 -27.38 -10.02
N GLY A 70 3.21 -26.06 -10.11
CA GLY A 70 3.57 -25.20 -8.99
C GLY A 70 4.93 -24.57 -9.15
N ASN A 71 5.91 -25.38 -9.55
CA ASN A 71 7.27 -24.89 -9.75
C ASN A 71 7.32 -23.79 -10.81
N GLU A 72 8.52 -23.41 -11.20
CA GLU A 72 8.69 -22.37 -12.22
C GLU A 72 8.85 -22.99 -13.60
N GLU A 73 8.35 -24.21 -13.76
CA GLU A 73 8.45 -24.90 -15.03
C GLU A 73 7.35 -24.44 -15.99
N THR A 74 6.20 -24.09 -15.43
CA THR A 74 5.08 -23.63 -16.23
C THR A 74 5.41 -22.34 -16.96
N LYS A 75 6.17 -21.47 -16.31
CA LYS A 75 6.57 -20.20 -16.90
C LYS A 75 5.36 -19.43 -17.42
N ARG A 76 4.28 -19.44 -16.65
CA ARG A 76 3.06 -18.75 -17.03
C ARG A 76 2.05 -18.75 -15.88
N GLU A 77 1.42 -19.91 -15.65
CA GLU A 77 0.44 -20.04 -14.58
C GLU A 77 1.01 -19.54 -13.26
N TYR A 78 1.92 -20.32 -12.68
CA TYR A 78 2.54 -19.95 -11.41
C TYR A 78 3.22 -18.59 -11.50
N ASP A 79 3.62 -18.22 -12.71
CA ASP A 79 4.29 -16.95 -12.94
C ASP A 79 3.45 -15.79 -12.43
N LEU A 80 2.28 -15.61 -13.03
CA LEU A 80 1.38 -14.53 -12.63
C LEU A 80 0.96 -14.67 -11.17
N GLN A 81 1.02 -15.91 -10.67
CA GLN A 81 0.65 -16.18 -9.28
C GLN A 81 1.40 -15.25 -8.33
N ARG A 82 2.72 -15.35 -8.33
CA ARG A 82 3.54 -14.51 -7.46
C ARG A 82 3.45 -13.04 -7.86
N CYS A 83 3.11 -12.80 -9.13
CA CYS A 83 2.99 -11.44 -9.64
C CYS A 83 1.81 -10.72 -9.00
N GLU A 84 0.62 -11.27 -9.20
CA GLU A 84 -0.59 -10.67 -8.64
C GLU A 84 -0.46 -10.48 -7.14
N ASP A 85 0.35 -11.33 -6.51
CA ASP A 85 0.56 -11.26 -5.07
C ASP A 85 1.63 -10.22 -4.73
N ASP A 86 2.56 -10.02 -5.65
CA ASP A 86 3.65 -9.06 -5.45
C ASP A 86 3.18 -7.65 -5.80
N LEU A 87 2.14 -7.56 -6.62
CA LEU A 87 1.61 -6.27 -7.04
C LEU A 87 0.66 -5.70 -5.99
N ARG A 88 -0.10 -6.59 -5.35
CA ARG A 88 -1.05 -6.18 -4.33
C ARG A 88 -0.35 -5.36 -3.23
N ASN A 89 0.86 -5.79 -2.88
CA ASN A 89 1.63 -5.10 -1.85
C ASN A 89 1.82 -3.63 -2.20
N VAL A 90 1.75 -3.32 -3.49
CA VAL A 90 1.92 -1.95 -3.96
C VAL A 90 0.66 -1.13 -3.68
N GLY A 91 -0.48 -1.80 -3.63
CA GLY A 91 -1.73 -1.10 -3.37
C GLY A 91 -1.98 -0.89 -1.89
N PRO A 92 -3.23 -0.54 -1.54
CA PRO A 92 -3.62 -0.29 -0.15
C PRO A 92 -3.64 -1.56 0.69
N VAL A 93 -2.51 -1.87 1.31
CA VAL A 93 -2.40 -3.07 2.14
C VAL A 93 -1.47 -2.84 3.32
N ASP A 94 -1.51 -1.63 3.88
CA ASP A 94 -0.66 -1.28 5.01
C ASP A 94 -1.19 -1.90 6.29
N ALA A 95 -2.32 -1.37 6.78
CA ALA A 95 -2.93 -1.88 8.00
C ALA A 95 -4.11 -1.00 8.42
N GLN A 96 -4.73 -1.35 9.55
CA GLN A 96 -5.88 -0.61 10.05
C GLN A 96 -5.49 0.20 11.28
N VAL A 97 -6.09 1.38 11.41
CA VAL A 97 -5.81 2.26 12.55
C VAL A 97 -7.10 2.66 13.26
N TYR A 98 -7.05 2.71 14.59
CA TYR A 98 -8.21 3.07 15.39
C TYR A 98 -8.23 4.57 15.66
N LEU A 99 -9.34 5.21 15.31
CA LEU A 99 -9.49 6.64 15.51
C LEU A 99 -9.25 7.01 16.97
N GLU A 100 -9.45 6.04 17.86
CA GLU A 100 -9.26 6.27 19.29
C GLU A 100 -7.80 6.61 19.59
N GLU A 101 -6.92 6.33 18.64
CA GLU A 101 -5.50 6.61 18.81
C GLU A 101 -5.08 7.79 17.94
N MET A 102 -6.02 8.34 17.19
CA MET A 102 -5.75 9.48 16.33
C MET A 102 -6.34 10.76 16.89
N SER A 103 -5.55 11.82 16.90
CA SER A 103 -6.00 13.11 17.42
C SER A 103 -7.23 13.60 16.68
N TRP A 104 -7.95 14.53 17.29
CA TRP A 104 -9.15 15.09 16.68
C TRP A 104 -9.23 16.59 16.88
N ASN A 105 -10.01 17.27 16.04
CA ASN A 105 -10.16 18.72 16.13
C ASN A 105 -11.64 19.11 16.09
N GLU A 106 -12.27 19.14 17.27
CA GLU A 106 -13.67 19.50 17.38
C GLU A 106 -13.91 20.91 16.84
N GLY A 107 -12.85 21.70 16.78
CA GLY A 107 -12.96 23.07 16.29
C GLY A 107 -13.66 23.14 14.94
N ASP A 108 -13.22 22.29 14.01
CA ASP A 108 -13.80 22.26 12.68
C ASP A 108 -14.53 20.94 12.42
N HIS A 109 -14.85 20.24 13.51
CA HIS A 109 -15.54 18.96 13.41
C HIS A 109 -14.84 18.03 12.42
N SER A 110 -13.59 17.68 12.73
CA SER A 110 -12.80 16.81 11.88
C SER A 110 -11.70 16.12 12.67
N PHE A 111 -11.35 14.90 12.26
CA PHE A 111 -10.31 14.14 12.93
C PHE A 111 -9.02 14.14 12.11
N TYR A 112 -7.89 14.11 12.81
CA TYR A 112 -6.58 14.11 12.15
C TYR A 112 -5.74 12.92 12.59
N LEU A 113 -4.96 12.38 11.67
CA LEU A 113 -4.10 11.23 11.98
C LEU A 113 -2.63 11.59 11.75
N SER A 114 -1.75 10.79 12.35
CA SER A 114 -0.31 11.01 12.22
C SER A 114 0.35 9.88 11.44
N CYS A 115 1.46 10.19 10.79
CA CYS A 115 2.19 9.19 10.01
C CYS A 115 3.45 8.73 10.76
N ARG A 116 3.42 7.50 11.25
CA ARG A 116 4.55 6.95 11.97
C ARG A 116 5.69 6.59 11.02
N CYS A 117 5.43 6.72 9.73
CA CYS A 117 6.43 6.41 8.71
C CYS A 117 6.59 7.56 7.73
N GLY A 118 6.12 8.75 8.14
CA GLY A 118 6.22 9.92 7.29
C GLY A 118 5.70 11.17 7.97
N GLY A 119 4.77 11.87 7.29
CA GLY A 119 4.21 13.07 7.85
C GLY A 119 2.99 12.81 8.70
N LYS A 120 1.80 13.07 8.15
CA LYS A 120 0.56 12.86 8.87
C LYS A 120 -0.64 12.99 7.92
N TYR A 121 -1.79 12.52 8.38
CA TYR A 121 -3.01 12.59 7.58
C TYR A 121 -4.10 13.39 8.29
N SER A 122 -5.15 13.74 7.56
CA SER A 122 -6.25 14.51 8.12
C SER A 122 -7.51 14.34 7.28
N VAL A 123 -8.60 13.94 7.93
CA VAL A 123 -9.87 13.74 7.25
C VAL A 123 -11.00 14.46 7.97
N SER A 124 -12.02 14.87 7.21
CA SER A 124 -13.16 15.58 7.79
C SER A 124 -14.19 14.59 8.34
N LYS A 125 -14.91 15.02 9.37
CA LYS A 125 -15.92 14.17 9.99
C LYS A 125 -16.91 13.64 8.96
N ASP A 126 -17.11 14.41 7.88
CA ASP A 126 -18.01 14.02 6.82
C ASP A 126 -17.30 13.13 5.79
N GLU A 127 -15.99 13.30 5.68
CA GLU A 127 -15.20 12.51 4.74
C GLU A 127 -14.98 11.10 5.25
N ALA A 128 -14.41 10.99 6.45
CA ALA A 128 -14.15 9.70 7.06
C ALA A 128 -15.44 8.90 7.23
N GLU A 129 -16.57 9.60 7.26
CA GLU A 129 -17.86 8.96 7.42
C GLU A 129 -18.34 8.37 6.09
N GLU A 130 -17.86 8.93 4.99
CA GLU A 130 -18.24 8.47 3.67
C GLU A 130 -17.21 7.48 3.12
N VAL A 131 -15.95 7.67 3.50
CA VAL A 131 -14.87 6.81 3.06
C VAL A 131 -13.90 6.51 4.19
N SER A 132 -13.56 5.22 4.33
CA SER A 132 -12.64 4.80 5.39
C SER A 132 -11.22 4.64 4.84
N LEU A 133 -11.08 4.75 3.53
CA LEU A 133 -9.79 4.61 2.87
C LEU A 133 -8.98 5.90 3.00
N ILE A 134 -7.79 5.79 3.57
CA ILE A 134 -6.91 6.94 3.74
C ILE A 134 -5.46 6.58 3.44
N SER A 135 -5.00 6.94 2.24
CA SER A 135 -3.64 6.66 1.83
C SER A 135 -2.65 7.55 2.57
N CYS A 136 -1.43 7.04 2.75
CA CYS A 136 -0.39 7.79 3.45
C CYS A 136 -0.14 9.14 2.78
N ASP A 137 0.02 10.18 3.59
CA ASP A 137 0.26 11.52 3.07
C ASP A 137 1.75 11.86 3.11
N THR A 138 2.56 11.01 2.51
CA THR A 138 4.01 11.21 2.48
C THR A 138 4.72 10.03 1.83
N CYS A 139 4.25 8.82 2.13
CA CYS A 139 4.84 7.61 1.58
C CYS A 139 3.77 6.69 1.02
N SER A 140 4.20 5.54 0.49
CA SER A 140 3.27 4.57 -0.08
C SER A 140 2.41 3.93 1.00
N LEU A 141 1.79 2.81 0.66
CA LEU A 141 0.93 2.09 1.61
C LEU A 141 -0.28 2.92 2.00
N ILE A 142 -1.36 2.25 2.36
CA ILE A 142 -2.59 2.93 2.76
C ILE A 142 -3.20 2.29 4.01
N ILE A 143 -3.78 3.12 4.87
CA ILE A 143 -4.41 2.63 6.09
C ILE A 143 -5.91 2.84 6.06
N GLU A 144 -6.60 2.33 7.07
CA GLU A 144 -8.04 2.46 7.16
C GLU A 144 -8.46 3.09 8.50
N LEU A 145 -9.35 4.07 8.43
CA LEU A 145 -9.83 4.76 9.61
C LEU A 145 -11.04 4.04 10.22
N LEU A 146 -11.00 3.84 11.53
CA LEU A 146 -12.09 3.17 12.23
C LEU A 146 -12.44 3.90 13.52
N HIS A 147 -13.65 4.46 13.57
CA HIS A 147 -14.10 5.19 14.75
C HIS A 147 -15.02 4.31 15.60
N TYR A 148 -15.89 3.56 14.94
CA TYR A 148 -16.83 2.68 15.64
C TYR A 148 -16.87 1.30 14.99
N ASN A 149 -17.21 0.29 15.77
CA ASN A 149 -17.30 -1.08 15.28
C ASN A 149 -18.10 -1.95 16.23
N HIS A 150 -19.42 -1.91 16.09
CA HIS A 150 -20.30 -2.72 16.94
C HIS A 150 -21.25 -3.56 16.10
N HIS A 151 -21.92 -2.93 15.15
CA HIS A 151 -22.86 -3.62 14.28
C HIS A 151 -22.65 -3.21 12.82
N HIS A 152 -22.19 -4.15 12.00
CA HIS A 152 -21.95 -3.88 10.59
C HIS A 152 -22.79 -4.81 9.72
N HIS A 153 -22.66 -4.65 8.41
CA HIS A 153 -23.40 -5.47 7.45
C HIS A 153 -23.00 -5.15 6.02
N HIS A 154 -23.64 -5.82 5.06
CA HIS A 154 -23.35 -5.60 3.65
C HIS A 154 -23.99 -4.30 3.15
N HIS A 155 -23.61 -3.19 3.76
CA HIS A 155 -24.14 -1.89 3.37
C HIS A 155 -23.90 -1.62 1.89
ZN ZN B . -20.62 12.91 12.25
N MET A 1 -8.38 0.76 -16.81
CA MET A 1 -9.04 1.28 -15.62
C MET A 1 -8.73 2.76 -15.42
N MET A 2 -9.73 3.60 -15.63
CA MET A 2 -9.55 5.04 -15.47
C MET A 2 -10.87 5.71 -15.05
N ALA A 3 -11.93 5.39 -15.77
CA ALA A 3 -13.25 5.95 -15.48
C ALA A 3 -14.16 4.92 -14.81
N VAL A 4 -15.29 5.37 -14.30
CA VAL A 4 -16.24 4.49 -13.63
C VAL A 4 -17.55 4.41 -14.41
N GLU A 5 -17.52 3.78 -15.57
CA GLU A 5 -18.71 3.64 -16.40
C GLU A 5 -19.35 2.27 -16.20
N GLN A 6 -18.55 1.29 -15.81
CA GLN A 6 -19.04 -0.07 -15.59
C GLN A 6 -19.84 -0.14 -14.28
N MET A 7 -21.14 0.16 -14.38
CA MET A 7 -22.02 0.12 -13.21
C MET A 7 -23.19 -0.82 -13.44
N PRO A 8 -23.83 -1.25 -12.34
CA PRO A 8 -24.97 -2.17 -12.40
C PRO A 8 -26.22 -1.49 -12.98
N LYS A 9 -27.23 -2.31 -13.27
CA LYS A 9 -28.48 -1.79 -13.83
C LYS A 9 -28.23 -1.14 -15.19
N LYS A 10 -28.44 -1.91 -16.25
CA LYS A 10 -28.24 -1.41 -17.61
C LYS A 10 -29.12 -2.17 -18.59
N ASP A 11 -28.86 -1.96 -19.88
CA ASP A 11 -29.62 -2.63 -20.93
C ASP A 11 -29.54 -4.15 -20.78
N TRP A 12 -28.52 -4.61 -20.07
CA TRP A 12 -28.32 -6.04 -19.86
C TRP A 12 -29.60 -6.70 -19.36
N TYR A 13 -29.95 -6.41 -18.11
CA TYR A 13 -31.16 -6.97 -17.50
C TYR A 13 -32.41 -6.57 -18.30
N SER A 14 -32.29 -5.50 -19.07
CA SER A 14 -33.39 -5.01 -19.89
C SER A 14 -33.69 -5.96 -21.04
N ILE A 15 -32.63 -6.44 -21.68
CA ILE A 15 -32.77 -7.35 -22.80
C ILE A 15 -33.49 -8.64 -22.38
N LEU A 16 -33.03 -9.23 -21.29
CA LEU A 16 -33.62 -10.45 -20.78
C LEU A 16 -34.85 -10.15 -19.94
N GLY A 17 -35.07 -8.87 -19.65
CA GLY A 17 -36.22 -8.48 -18.86
C GLY A 17 -36.34 -9.26 -17.57
N ALA A 18 -35.20 -9.71 -17.05
CA ALA A 18 -35.18 -10.48 -15.81
C ALA A 18 -34.79 -9.60 -14.62
N ASP A 19 -35.70 -9.48 -13.66
CA ASP A 19 -35.44 -8.67 -12.48
C ASP A 19 -34.15 -9.10 -11.78
N PRO A 20 -33.61 -8.23 -10.93
CA PRO A 20 -32.37 -8.50 -10.19
C PRO A 20 -32.57 -9.56 -9.11
N SER A 21 -33.82 -9.94 -8.88
CA SER A 21 -34.13 -10.96 -7.88
C SER A 21 -34.16 -12.35 -8.50
N ALA A 22 -34.42 -12.40 -9.80
CA ALA A 22 -34.47 -13.67 -10.52
C ALA A 22 -33.23 -14.50 -10.25
N ASN A 23 -33.27 -15.77 -10.62
CA ASN A 23 -32.15 -16.68 -10.42
C ASN A 23 -31.57 -17.13 -11.76
N ILE A 24 -30.36 -17.66 -11.73
CA ILE A 24 -29.69 -18.14 -12.94
C ILE A 24 -30.60 -19.08 -13.72
N SER A 25 -31.38 -19.88 -13.00
CA SER A 25 -32.27 -20.84 -13.62
C SER A 25 -33.44 -20.12 -14.29
N ASP A 26 -34.22 -19.40 -13.50
CA ASP A 26 -35.37 -18.67 -14.02
C ASP A 26 -34.96 -17.75 -15.16
N LEU A 27 -33.70 -17.31 -15.15
CA LEU A 27 -33.18 -16.43 -16.18
C LEU A 27 -32.85 -17.21 -17.45
N LYS A 28 -32.48 -18.48 -17.29
CA LYS A 28 -32.16 -19.33 -18.42
C LYS A 28 -33.37 -19.50 -19.34
N GLN A 29 -34.54 -19.68 -18.74
CA GLN A 29 -35.76 -19.85 -19.52
C GLN A 29 -36.14 -18.56 -20.24
N LYS A 30 -36.22 -17.47 -19.49
CA LYS A 30 -36.56 -16.17 -20.06
C LYS A 30 -35.50 -15.71 -21.06
N TYR A 31 -34.28 -16.25 -20.91
CA TYR A 31 -33.18 -15.89 -21.79
C TYR A 31 -33.48 -16.30 -23.23
N GLN A 32 -33.58 -17.60 -23.47
CA GLN A 32 -33.86 -18.11 -24.80
C GLN A 32 -35.21 -17.61 -25.31
N LYS A 33 -36.05 -17.16 -24.38
CA LYS A 33 -37.36 -16.64 -24.72
C LYS A 33 -37.26 -15.24 -25.33
N LEU A 34 -36.73 -14.30 -24.56
CA LEU A 34 -36.58 -12.93 -25.01
C LEU A 34 -35.50 -12.83 -26.10
N ILE A 35 -34.33 -13.41 -25.80
CA ILE A 35 -33.23 -13.39 -26.75
C ILE A 35 -33.68 -13.84 -28.13
N LEU A 36 -34.27 -15.03 -28.21
CA LEU A 36 -34.73 -15.57 -29.47
C LEU A 36 -35.91 -14.76 -30.01
N MET A 37 -36.64 -14.11 -29.10
CA MET A 37 -37.78 -13.29 -29.49
C MET A 37 -37.33 -12.01 -30.18
N TYR A 38 -36.12 -11.58 -29.89
CA TYR A 38 -35.57 -10.37 -30.49
C TYR A 38 -34.76 -10.70 -31.74
N HIS A 39 -34.20 -11.91 -31.77
CA HIS A 39 -33.40 -12.34 -32.91
C HIS A 39 -34.18 -12.16 -34.22
N PRO A 40 -33.43 -12.14 -35.34
CA PRO A 40 -34.02 -11.98 -36.67
C PRO A 40 -34.84 -13.19 -37.10
N ASP A 41 -35.33 -13.15 -38.34
CA ASP A 41 -36.11 -14.26 -38.88
C ASP A 41 -36.37 -14.07 -40.37
N LYS A 42 -35.31 -14.13 -41.16
CA LYS A 42 -35.41 -13.96 -42.60
C LYS A 42 -34.22 -14.61 -43.32
N GLN A 43 -34.39 -14.86 -44.61
CA GLN A 43 -33.32 -15.47 -45.40
C GLN A 43 -33.62 -15.35 -46.89
N SER A 44 -32.56 -15.22 -47.70
CA SER A 44 -32.72 -15.09 -49.13
C SER A 44 -31.81 -16.10 -49.86
N THR A 45 -30.51 -15.97 -49.66
CA THR A 45 -29.55 -16.86 -50.29
C THR A 45 -28.79 -17.68 -49.26
N ASP A 46 -28.16 -16.99 -48.32
CA ASP A 46 -27.39 -17.66 -47.26
C ASP A 46 -27.07 -16.69 -46.13
N VAL A 47 -26.14 -15.77 -46.39
CA VAL A 47 -25.75 -14.79 -45.38
C VAL A 47 -25.29 -13.49 -46.04
N PRO A 48 -26.25 -12.71 -46.52
CA PRO A 48 -25.97 -11.42 -47.19
C PRO A 48 -25.47 -10.37 -46.21
N ALA A 49 -24.95 -9.27 -46.75
CA ALA A 49 -24.43 -8.19 -45.92
C ALA A 49 -25.47 -7.74 -44.89
N GLY A 50 -26.74 -7.89 -45.23
CA GLY A 50 -27.80 -7.51 -44.32
C GLY A 50 -27.93 -8.46 -43.15
N THR A 51 -27.63 -9.73 -43.38
CA THR A 51 -27.71 -10.74 -42.34
C THR A 51 -26.43 -10.81 -41.52
N VAL A 52 -25.31 -10.53 -42.18
CA VAL A 52 -24.00 -10.55 -41.51
C VAL A 52 -23.91 -9.46 -40.44
N GLU A 53 -24.56 -8.34 -40.70
CA GLU A 53 -24.55 -7.22 -39.77
C GLU A 53 -25.55 -7.46 -38.63
N GLU A 54 -26.76 -7.86 -38.98
CA GLU A 54 -27.80 -8.12 -37.99
C GLU A 54 -27.39 -9.26 -37.07
N CYS A 55 -26.82 -10.32 -37.65
CA CYS A 55 -26.39 -11.49 -36.89
C CYS A 55 -25.34 -11.10 -35.85
N VAL A 56 -24.23 -10.54 -36.33
CA VAL A 56 -23.15 -10.12 -35.44
C VAL A 56 -23.65 -9.11 -34.40
N GLN A 57 -24.37 -8.09 -34.86
CA GLN A 57 -24.89 -7.07 -33.97
C GLN A 57 -25.69 -7.71 -32.82
N LYS A 58 -26.79 -8.36 -33.16
CA LYS A 58 -27.63 -9.02 -32.16
C LYS A 58 -26.81 -9.93 -31.27
N PHE A 59 -25.77 -10.53 -31.85
CA PHE A 59 -24.89 -11.44 -31.10
C PHE A 59 -24.27 -10.72 -29.90
N ILE A 60 -23.87 -9.47 -30.11
CA ILE A 60 -23.26 -8.68 -29.05
C ILE A 60 -24.25 -8.43 -27.92
N GLU A 61 -25.48 -8.10 -28.27
CA GLU A 61 -26.51 -7.83 -27.28
C GLU A 61 -26.82 -9.08 -26.47
N ILE A 62 -27.25 -10.14 -27.15
CA ILE A 62 -27.58 -11.40 -26.49
C ILE A 62 -26.42 -11.90 -25.65
N ASP A 63 -25.20 -11.60 -26.10
CA ASP A 63 -24.00 -12.02 -25.37
C ASP A 63 -23.73 -11.08 -24.19
N GLN A 64 -24.21 -9.85 -24.30
CA GLN A 64 -24.01 -8.86 -23.25
C GLN A 64 -24.73 -9.28 -21.96
N ALA A 65 -25.91 -9.86 -22.11
CA ALA A 65 -26.69 -10.32 -20.97
C ALA A 65 -26.23 -11.70 -20.50
N TRP A 66 -26.08 -12.62 -21.44
CA TRP A 66 -25.66 -13.97 -21.13
C TRP A 66 -24.43 -13.96 -20.21
N LYS A 67 -23.55 -12.98 -20.43
CA LYS A 67 -22.34 -12.84 -19.63
C LYS A 67 -22.47 -11.70 -18.62
N ILE A 68 -22.59 -10.48 -19.14
CA ILE A 68 -22.73 -9.31 -18.29
C ILE A 68 -24.20 -9.02 -17.98
N LEU A 69 -24.92 -10.05 -17.57
CA LEU A 69 -26.34 -9.91 -17.23
C LEU A 69 -26.55 -8.72 -16.31
N GLY A 70 -25.62 -8.51 -15.38
CA GLY A 70 -25.74 -7.41 -14.45
C GLY A 70 -25.61 -7.85 -13.00
N ASN A 71 -26.68 -8.41 -12.45
CA ASN A 71 -26.68 -8.88 -11.08
C ASN A 71 -25.64 -9.97 -10.87
N GLU A 72 -25.72 -10.65 -9.74
CA GLU A 72 -24.79 -11.73 -9.41
C GLU A 72 -24.75 -12.76 -10.53
N GLU A 73 -25.82 -12.80 -11.33
CA GLU A 73 -25.92 -13.75 -12.43
C GLU A 73 -24.65 -13.71 -13.30
N THR A 74 -23.99 -12.55 -13.30
CA THR A 74 -22.77 -12.37 -14.09
C THR A 74 -21.80 -13.53 -13.87
N LYS A 75 -21.25 -13.61 -12.65
CA LYS A 75 -20.31 -14.67 -12.31
C LYS A 75 -19.07 -14.60 -13.20
N ARG A 76 -18.79 -13.42 -13.73
CA ARG A 76 -17.64 -13.22 -14.60
C ARG A 76 -17.05 -11.83 -14.41
N GLU A 77 -17.73 -10.83 -14.96
CA GLU A 77 -17.26 -9.45 -14.85
C GLU A 77 -17.35 -8.95 -13.42
N TYR A 78 -18.57 -8.87 -12.89
CA TYR A 78 -18.78 -8.41 -11.52
C TYR A 78 -18.05 -9.31 -10.53
N ASP A 79 -17.85 -10.57 -10.90
CA ASP A 79 -17.16 -11.53 -10.04
C ASP A 79 -15.78 -11.00 -9.64
N LEU A 80 -14.93 -10.75 -10.63
CA LEU A 80 -13.59 -10.25 -10.36
C LEU A 80 -13.64 -8.90 -9.65
N GLN A 81 -14.73 -8.17 -9.86
CA GLN A 81 -14.90 -6.86 -9.23
C GLN A 81 -14.67 -6.95 -7.73
N ARG A 82 -15.45 -7.80 -7.06
CA ARG A 82 -15.33 -7.98 -5.62
C ARG A 82 -14.02 -8.66 -5.26
N CYS A 83 -13.46 -9.40 -6.21
CA CYS A 83 -12.20 -10.10 -5.99
C CYS A 83 -11.04 -9.12 -5.86
N GLU A 84 -10.82 -8.34 -6.92
CA GLU A 84 -9.73 -7.36 -6.92
C GLU A 84 -9.83 -6.44 -5.72
N ASP A 85 -11.05 -6.23 -5.24
CA ASP A 85 -11.28 -5.36 -4.08
C ASP A 85 -10.96 -6.10 -2.79
N ASP A 86 -11.17 -7.41 -2.79
CA ASP A 86 -10.90 -8.23 -1.61
C ASP A 86 -9.43 -8.61 -1.54
N LEU A 87 -8.75 -8.58 -2.68
CA LEU A 87 -7.34 -8.92 -2.74
C LEU A 87 -6.47 -7.72 -2.36
N ARG A 88 -7.01 -6.52 -2.57
CA ARG A 88 -6.29 -5.29 -2.25
C ARG A 88 -5.80 -5.31 -0.79
N ASN A 89 -6.62 -5.89 0.08
CA ASN A 89 -6.27 -5.97 1.50
C ASN A 89 -4.94 -6.68 1.69
N VAL A 90 -4.57 -7.51 0.72
CA VAL A 90 -3.33 -8.27 0.78
C VAL A 90 -2.17 -7.45 0.21
N GLY A 91 -2.50 -6.47 -0.63
CA GLY A 91 -1.47 -5.63 -1.23
C GLY A 91 -0.70 -4.84 -0.20
N PRO A 92 0.00 -3.79 -0.66
CA PRO A 92 0.79 -2.92 0.21
C PRO A 92 -0.07 -2.09 1.15
N VAL A 93 -0.56 -2.72 2.21
CA VAL A 93 -1.40 -2.02 3.19
C VAL A 93 -0.78 -2.07 4.58
N ASP A 94 -0.75 -0.93 5.25
CA ASP A 94 -0.19 -0.84 6.59
C ASP A 94 -1.07 -1.57 7.60
N ALA A 95 -2.18 -0.94 7.97
CA ALA A 95 -3.10 -1.52 8.93
C ALA A 95 -4.28 -0.59 9.20
N GLN A 96 -5.18 -1.03 10.08
CA GLN A 96 -6.36 -0.23 10.41
C GLN A 96 -6.09 0.62 11.65
N VAL A 97 -6.65 1.84 11.66
CA VAL A 97 -6.47 2.74 12.78
C VAL A 97 -7.80 3.01 13.49
N TYR A 98 -7.74 3.12 14.81
CA TYR A 98 -8.94 3.37 15.60
C TYR A 98 -9.10 4.86 15.90
N LEU A 99 -10.26 5.41 15.56
CA LEU A 99 -10.53 6.82 15.80
C LEU A 99 -10.33 7.18 17.27
N GLU A 100 -10.40 6.17 18.14
CA GLU A 100 -10.22 6.38 19.56
C GLU A 100 -8.79 6.82 19.87
N GLU A 101 -7.90 6.69 18.88
CA GLU A 101 -6.51 7.06 19.06
C GLU A 101 -6.16 8.27 18.17
N MET A 102 -6.58 8.20 16.91
CA MET A 102 -6.31 9.28 15.97
C MET A 102 -6.84 10.61 16.50
N SER A 103 -5.95 11.59 16.63
CA SER A 103 -6.33 12.90 17.13
C SER A 103 -7.59 13.40 16.43
N TRP A 104 -8.39 14.19 17.14
CA TRP A 104 -9.62 14.74 16.59
C TRP A 104 -9.80 16.20 17.01
N ASN A 105 -10.15 17.05 16.05
CA ASN A 105 -10.37 18.47 16.32
C ASN A 105 -11.85 18.80 16.39
N GLU A 106 -12.36 18.91 17.62
CA GLU A 106 -13.78 19.21 17.81
C GLU A 106 -14.14 20.56 17.20
N GLY A 107 -13.12 21.40 16.99
CA GLY A 107 -13.34 22.71 16.41
C GLY A 107 -14.00 22.64 15.05
N ASP A 108 -13.44 21.82 14.16
CA ASP A 108 -13.99 21.66 12.82
C ASP A 108 -14.47 20.24 12.59
N HIS A 109 -14.60 19.48 13.68
CA HIS A 109 -15.05 18.10 13.60
C HIS A 109 -14.24 17.32 12.56
N SER A 110 -12.97 17.07 12.87
CA SER A 110 -12.09 16.35 11.97
C SER A 110 -11.12 15.46 12.76
N PHE A 111 -10.32 14.69 12.04
CA PHE A 111 -9.35 13.80 12.66
C PHE A 111 -8.06 13.74 11.85
N TYR A 112 -6.92 13.83 12.53
CA TYR A 112 -5.62 13.79 11.88
C TYR A 112 -4.60 13.05 12.74
N LEU A 113 -3.90 12.11 12.12
CA LEU A 113 -2.89 11.32 12.84
C LEU A 113 -1.51 11.53 12.22
N SER A 114 -0.49 11.55 13.07
CA SER A 114 0.88 11.76 12.60
C SER A 114 1.46 10.45 12.06
N CYS A 115 1.96 10.50 10.83
CA CYS A 115 2.54 9.33 10.20
C CYS A 115 3.93 9.03 10.77
N ARG A 116 4.25 7.75 10.88
CA ARG A 116 5.54 7.33 11.41
C ARG A 116 6.50 6.96 10.28
N CYS A 117 6.01 6.98 9.05
CA CYS A 117 6.82 6.65 7.89
C CYS A 117 6.73 7.75 6.83
N GLY A 118 6.40 8.95 7.28
CA GLY A 118 6.29 10.08 6.36
C GLY A 118 5.71 11.31 7.02
N GLY A 119 4.68 11.88 6.40
CA GLY A 119 4.05 13.07 6.95
C GLY A 119 2.96 12.74 7.95
N LYS A 120 1.71 12.95 7.55
CA LYS A 120 0.57 12.68 8.44
C LYS A 120 -0.73 12.70 7.65
N TYR A 121 -1.78 12.14 8.24
CA TYR A 121 -3.09 12.10 7.60
C TYR A 121 -4.05 13.09 8.23
N SER A 122 -4.90 13.69 7.41
CA SER A 122 -5.86 14.67 7.89
C SER A 122 -7.11 14.68 7.01
N VAL A 123 -8.27 14.49 7.63
CA VAL A 123 -9.53 14.47 6.91
C VAL A 123 -10.68 14.95 7.79
N SER A 124 -11.63 15.67 7.19
CA SER A 124 -12.77 16.18 7.93
C SER A 124 -13.83 15.10 8.13
N LYS A 125 -14.58 15.21 9.22
CA LYS A 125 -15.62 14.23 9.54
C LYS A 125 -16.56 14.06 8.34
N ASP A 126 -16.96 15.17 7.75
CA ASP A 126 -17.87 15.14 6.60
C ASP A 126 -17.33 14.22 5.51
N GLU A 127 -16.00 14.18 5.38
CA GLU A 127 -15.37 13.35 4.37
C GLU A 127 -15.20 11.91 4.88
N ALA A 128 -14.68 11.78 6.10
CA ALA A 128 -14.47 10.48 6.70
C ALA A 128 -15.77 9.68 6.76
N GLU A 129 -16.89 10.39 6.78
CA GLU A 129 -18.20 9.75 6.85
C GLU A 129 -18.56 9.12 5.51
N GLU A 130 -18.00 9.66 4.43
CA GLU A 130 -18.26 9.14 3.09
C GLU A 130 -17.17 8.17 2.65
N VAL A 131 -15.95 8.39 3.16
CA VAL A 131 -14.83 7.53 2.82
C VAL A 131 -14.07 7.11 4.08
N SER A 132 -13.67 5.84 4.13
CA SER A 132 -12.95 5.30 5.28
C SER A 132 -11.50 4.98 4.90
N LEU A 133 -11.30 4.64 3.64
CA LEU A 133 -9.98 4.30 3.14
C LEU A 133 -9.18 5.56 2.80
N ILE A 134 -8.05 5.74 3.47
CA ILE A 134 -7.20 6.91 3.24
C ILE A 134 -5.75 6.49 3.03
N SER A 135 -5.15 6.96 1.95
CA SER A 135 -3.76 6.63 1.63
C SER A 135 -2.81 7.40 2.54
N CYS A 136 -1.57 6.93 2.62
CA CYS A 136 -0.56 7.57 3.45
C CYS A 136 -0.31 9.00 3.00
N ASP A 137 0.61 9.68 3.67
CA ASP A 137 0.95 11.06 3.34
C ASP A 137 2.27 11.13 2.58
N THR A 138 2.20 11.03 1.26
CA THR A 138 3.39 11.08 0.42
C THR A 138 4.18 9.79 0.52
N CYS A 139 3.61 8.80 1.19
CA CYS A 139 4.27 7.51 1.36
C CYS A 139 3.33 6.36 1.00
N SER A 140 3.89 5.18 0.80
CA SER A 140 3.10 4.00 0.45
C SER A 140 2.22 3.57 1.62
N LEU A 141 1.57 2.42 1.47
CA LEU A 141 0.71 1.89 2.52
C LEU A 141 -0.46 2.85 2.79
N ILE A 142 -1.49 2.33 3.45
CA ILE A 142 -2.66 3.14 3.78
C ILE A 142 -3.27 2.71 5.11
N ILE A 143 -4.23 3.48 5.60
CA ILE A 143 -4.89 3.18 6.86
C ILE A 143 -6.41 3.24 6.71
N GLU A 144 -7.11 2.52 7.57
CA GLU A 144 -8.57 2.49 7.54
C GLU A 144 -9.17 3.33 8.67
N LEU A 145 -10.10 4.21 8.32
CA LEU A 145 -10.74 5.07 9.31
C LEU A 145 -11.95 4.38 9.93
N LEU A 146 -11.75 3.80 11.11
CA LEU A 146 -12.82 3.11 11.81
C LEU A 146 -12.82 3.46 13.29
N HIS A 147 -13.99 3.35 13.93
CA HIS A 147 -14.12 3.66 15.34
C HIS A 147 -14.53 2.42 16.13
N TYR A 148 -15.34 1.57 15.51
CA TYR A 148 -15.81 0.35 16.16
C TYR A 148 -16.29 -0.67 15.12
N ASN A 149 -15.86 -1.92 15.28
CA ASN A 149 -16.24 -2.98 14.36
C ASN A 149 -15.73 -4.33 14.85
N HIS A 150 -16.56 -5.36 14.70
CA HIS A 150 -16.18 -6.71 15.12
C HIS A 150 -17.23 -7.72 14.68
N HIS A 151 -16.79 -8.96 14.46
CA HIS A 151 -17.68 -10.03 14.03
C HIS A 151 -17.41 -11.31 14.80
N HIS A 152 -17.21 -11.19 16.11
CA HIS A 152 -16.94 -12.34 16.95
C HIS A 152 -18.20 -12.79 17.68
N HIS A 153 -18.68 -11.96 18.60
CA HIS A 153 -19.88 -12.27 19.37
C HIS A 153 -21.02 -11.32 19.00
N HIS A 154 -20.86 -10.04 19.33
CA HIS A 154 -21.88 -9.05 19.03
C HIS A 154 -23.18 -9.37 19.76
N HIS A 155 -23.37 -8.75 20.92
CA HIS A 155 -24.58 -8.97 21.71
C HIS A 155 -25.67 -7.98 21.32
ZN ZN B . -0.11 2.11 16.22
N MET A 1 -4.81 10.38 -35.76
CA MET A 1 -5.45 11.38 -34.93
C MET A 1 -6.95 11.47 -35.22
N MET A 2 -7.69 12.15 -34.34
CA MET A 2 -9.13 12.29 -34.51
C MET A 2 -9.80 10.93 -34.62
N ALA A 3 -9.67 10.13 -33.56
CA ALA A 3 -10.27 8.80 -33.53
C ALA A 3 -10.75 8.45 -32.13
N VAL A 4 -11.76 7.59 -32.05
CA VAL A 4 -12.32 7.18 -30.77
C VAL A 4 -11.83 5.79 -30.38
N GLU A 5 -11.57 4.96 -31.39
CA GLU A 5 -11.09 3.60 -31.15
C GLU A 5 -9.66 3.61 -30.63
N GLN A 6 -8.92 4.67 -30.95
CA GLN A 6 -7.54 4.79 -30.51
C GLN A 6 -6.70 3.62 -31.02
N MET A 7 -6.23 3.73 -32.26
CA MET A 7 -5.42 2.69 -32.87
C MET A 7 -4.11 2.53 -32.12
N PRO A 8 -3.44 1.37 -32.31
CA PRO A 8 -2.17 1.07 -31.66
C PRO A 8 -1.02 1.92 -32.22
N LYS A 9 -0.28 2.54 -31.32
CA LYS A 9 0.86 3.37 -31.72
C LYS A 9 1.94 3.37 -30.65
N LYS A 10 2.12 2.23 -29.99
CA LYS A 10 3.12 2.09 -28.95
C LYS A 10 4.19 1.07 -29.35
N ASP A 11 5.11 0.80 -28.43
CA ASP A 11 6.19 -0.15 -28.69
C ASP A 11 5.64 -1.57 -28.79
N TRP A 12 4.38 -1.75 -28.39
CA TRP A 12 3.75 -3.06 -28.43
C TRP A 12 3.51 -3.51 -29.87
N TYR A 13 2.63 -2.79 -30.57
CA TYR A 13 2.32 -3.12 -31.96
C TYR A 13 3.58 -3.16 -32.81
N SER A 14 4.62 -2.48 -32.34
CA SER A 14 5.89 -2.43 -33.06
C SER A 14 6.54 -3.80 -33.10
N ILE A 15 6.55 -4.49 -31.95
CA ILE A 15 7.14 -5.81 -31.86
C ILE A 15 6.43 -6.80 -32.78
N LEU A 16 5.13 -6.95 -32.58
CA LEU A 16 4.33 -7.87 -33.38
C LEU A 16 4.23 -7.37 -34.83
N GLY A 17 4.49 -6.08 -35.03
CA GLY A 17 4.42 -5.50 -36.35
C GLY A 17 3.12 -5.82 -37.06
N ALA A 18 2.00 -5.55 -36.39
CA ALA A 18 0.69 -5.81 -36.97
C ALA A 18 -0.09 -4.51 -37.16
N ASP A 19 -0.87 -4.45 -38.23
CA ASP A 19 -1.67 -3.27 -38.53
C ASP A 19 -2.92 -3.22 -37.66
N PRO A 20 -3.57 -2.05 -37.61
CA PRO A 20 -4.79 -1.85 -36.82
C PRO A 20 -5.98 -2.60 -37.39
N SER A 21 -5.80 -3.18 -38.58
CA SER A 21 -6.87 -3.92 -39.24
C SER A 21 -6.81 -5.39 -38.85
N ALA A 22 -5.61 -5.88 -38.57
CA ALA A 22 -5.43 -7.28 -38.18
C ALA A 22 -6.38 -7.67 -37.06
N ASN A 23 -6.63 -8.97 -36.93
CA ASN A 23 -7.52 -9.48 -35.90
C ASN A 23 -6.73 -10.01 -34.71
N ILE A 24 -6.93 -9.39 -33.55
CA ILE A 24 -6.23 -9.80 -32.34
C ILE A 24 -6.31 -11.31 -32.14
N SER A 25 -7.39 -11.91 -32.64
CA SER A 25 -7.58 -13.35 -32.52
C SER A 25 -6.44 -14.11 -33.20
N ASP A 26 -6.50 -14.19 -34.52
CA ASP A 26 -5.47 -14.89 -35.29
C ASP A 26 -4.12 -14.21 -35.14
N LEU A 27 -4.14 -12.97 -34.65
CA LEU A 27 -2.92 -12.20 -34.45
C LEU A 27 -2.15 -12.69 -33.24
N LYS A 28 -2.77 -12.56 -32.07
CA LYS A 28 -2.16 -13.00 -30.82
C LYS A 28 -1.67 -14.44 -30.93
N GLN A 29 -2.27 -15.20 -31.84
CA GLN A 29 -1.89 -16.60 -32.04
C GLN A 29 -0.78 -16.71 -33.07
N LYS A 30 -1.07 -16.32 -34.31
CA LYS A 30 -0.09 -16.38 -35.38
C LYS A 30 1.18 -15.62 -35.01
N TYR A 31 1.01 -14.48 -34.35
CA TYR A 31 2.14 -13.66 -33.93
C TYR A 31 2.84 -14.26 -32.71
N GLN A 32 2.04 -14.89 -31.84
CA GLN A 32 2.59 -15.51 -30.63
C GLN A 32 3.81 -16.35 -30.95
N LYS A 33 3.74 -17.08 -32.06
CA LYS A 33 4.85 -17.93 -32.48
C LYS A 33 5.94 -17.11 -33.16
N LEU A 34 5.53 -16.07 -33.88
CA LEU A 34 6.48 -15.20 -34.57
C LEU A 34 7.41 -14.51 -33.58
N ILE A 35 6.83 -13.69 -32.72
CA ILE A 35 7.60 -12.96 -31.72
C ILE A 35 8.43 -13.92 -30.87
N LEU A 36 7.85 -15.06 -30.54
CA LEU A 36 8.54 -16.07 -29.73
C LEU A 36 9.72 -16.66 -30.49
N MET A 37 9.60 -16.72 -31.81
CA MET A 37 10.66 -17.26 -32.65
C MET A 37 11.71 -16.20 -32.97
N TYR A 38 11.28 -14.95 -32.96
CA TYR A 38 12.18 -13.83 -33.24
C TYR A 38 13.18 -13.64 -32.11
N HIS A 39 12.80 -14.05 -30.91
CA HIS A 39 13.67 -13.94 -29.74
C HIS A 39 15.03 -14.53 -30.01
N PRO A 40 16.09 -13.85 -29.52
CA PRO A 40 17.47 -14.30 -29.71
C PRO A 40 17.78 -15.55 -28.90
N ASP A 41 17.99 -16.66 -29.59
CA ASP A 41 18.30 -17.93 -28.95
C ASP A 41 19.77 -18.30 -29.13
N LYS A 42 20.35 -18.93 -28.12
CA LYS A 42 21.75 -19.33 -28.17
C LYS A 42 22.66 -18.11 -28.35
N GLN A 43 23.97 -18.35 -28.33
CA GLN A 43 24.94 -17.27 -28.49
C GLN A 43 26.36 -17.83 -28.53
N SER A 44 26.87 -18.24 -27.37
CA SER A 44 28.22 -18.78 -27.27
C SER A 44 28.19 -20.30 -27.34
N THR A 45 27.76 -20.93 -26.25
CA THR A 45 27.68 -22.39 -26.20
C THR A 45 26.28 -22.85 -25.84
N ASP A 46 25.84 -22.53 -24.63
CA ASP A 46 24.52 -22.91 -24.17
C ASP A 46 23.72 -21.70 -23.71
N VAL A 47 24.08 -21.18 -22.53
CA VAL A 47 23.41 -20.02 -21.97
C VAL A 47 24.37 -19.18 -21.13
N PRO A 48 25.23 -18.40 -21.81
CA PRO A 48 26.22 -17.54 -21.14
C PRO A 48 25.56 -16.35 -20.44
N ALA A 49 26.34 -15.67 -19.62
CA ALA A 49 25.85 -14.52 -18.88
C ALA A 49 25.15 -13.54 -19.82
N GLY A 50 25.60 -13.48 -21.07
CA GLY A 50 25.01 -12.58 -22.04
C GLY A 50 23.64 -13.06 -22.51
N THR A 51 23.49 -14.37 -22.65
CA THR A 51 22.23 -14.95 -23.10
C THR A 51 21.21 -15.00 -21.97
N VAL A 52 21.71 -15.13 -20.74
CA VAL A 52 20.85 -15.19 -19.57
C VAL A 52 20.08 -13.89 -19.38
N GLU A 53 20.78 -12.77 -19.53
CA GLU A 53 20.16 -11.45 -19.37
C GLU A 53 19.15 -11.20 -20.48
N GLU A 54 19.54 -11.49 -21.71
CA GLU A 54 18.66 -11.28 -22.86
C GLU A 54 17.50 -12.27 -22.84
N CYS A 55 17.72 -13.42 -22.18
CA CYS A 55 16.70 -14.45 -22.09
C CYS A 55 15.51 -13.96 -21.27
N VAL A 56 15.80 -13.30 -20.15
CA VAL A 56 14.76 -12.79 -19.27
C VAL A 56 14.24 -11.44 -19.77
N GLN A 57 15.16 -10.52 -20.04
CA GLN A 57 14.79 -9.20 -20.52
C GLN A 57 13.85 -9.29 -21.71
N LYS A 58 14.34 -9.87 -22.81
CA LYS A 58 13.54 -10.02 -24.01
C LYS A 58 12.21 -10.70 -23.70
N PHE A 59 12.22 -11.59 -22.72
CA PHE A 59 11.02 -12.32 -22.34
C PHE A 59 9.92 -11.35 -21.91
N ILE A 60 10.32 -10.22 -21.34
CA ILE A 60 9.37 -9.21 -20.90
C ILE A 60 8.82 -8.40 -22.07
N GLU A 61 9.68 -8.12 -23.05
CA GLU A 61 9.29 -7.37 -24.22
C GLU A 61 8.40 -8.21 -25.14
N ILE A 62 8.87 -9.40 -25.47
CA ILE A 62 8.12 -10.30 -26.34
C ILE A 62 6.71 -10.53 -25.81
N ASP A 63 6.59 -10.63 -24.49
CA ASP A 63 5.29 -10.84 -23.86
C ASP A 63 4.52 -9.53 -23.75
N GLN A 64 5.24 -8.42 -23.74
CA GLN A 64 4.62 -7.10 -23.64
C GLN A 64 3.57 -6.92 -24.72
N ALA A 65 3.99 -7.00 -25.98
CA ALA A 65 3.08 -6.85 -27.11
C ALA A 65 2.20 -8.09 -27.27
N TRP A 66 2.74 -9.25 -26.92
CA TRP A 66 2.00 -10.50 -27.04
C TRP A 66 0.60 -10.36 -26.44
N LYS A 67 0.48 -9.50 -25.44
CA LYS A 67 -0.80 -9.27 -24.78
C LYS A 67 -1.37 -7.90 -25.14
N ILE A 68 -0.66 -6.85 -24.75
CA ILE A 68 -1.09 -5.48 -25.03
C ILE A 68 -0.51 -5.00 -26.35
N LEU A 69 -0.62 -5.83 -27.38
CA LEU A 69 -0.11 -5.49 -28.71
C LEU A 69 -0.62 -4.11 -29.14
N GLY A 70 -1.82 -3.76 -28.68
CA GLY A 70 -2.39 -2.48 -29.03
C GLY A 70 -3.03 -1.79 -27.84
N ASN A 71 -3.84 -0.76 -28.12
CA ASN A 71 -4.50 -0.01 -27.06
C ASN A 71 -5.38 -0.92 -26.22
N GLU A 72 -5.92 -0.38 -25.12
CA GLU A 72 -6.77 -1.15 -24.22
C GLU A 72 -7.98 -1.69 -24.97
N GLU A 73 -8.37 -1.00 -26.04
CA GLU A 73 -9.52 -1.41 -26.83
C GLU A 73 -9.30 -2.79 -27.43
N THR A 74 -8.05 -3.22 -27.50
CA THR A 74 -7.69 -4.51 -28.05
C THR A 74 -8.52 -5.63 -27.42
N LYS A 75 -8.91 -5.43 -26.17
CA LYS A 75 -9.71 -6.41 -25.46
C LYS A 75 -10.05 -5.92 -24.05
N ARG A 76 -11.00 -6.59 -23.40
CA ARG A 76 -11.42 -6.22 -22.06
C ARG A 76 -10.67 -7.04 -21.01
N GLU A 77 -10.22 -8.22 -21.40
CA GLU A 77 -9.49 -9.10 -20.50
C GLU A 77 -8.32 -8.37 -19.86
N TYR A 78 -7.55 -7.65 -20.68
CA TYR A 78 -6.41 -6.90 -20.20
C TYR A 78 -6.84 -5.78 -19.26
N ASP A 79 -8.05 -5.27 -19.48
CA ASP A 79 -8.58 -4.19 -18.65
C ASP A 79 -8.58 -4.58 -17.18
N LEU A 80 -9.40 -5.57 -16.83
CA LEU A 80 -9.49 -6.03 -15.45
C LEU A 80 -8.13 -6.50 -14.94
N GLN A 81 -7.26 -6.88 -15.87
CA GLN A 81 -5.93 -7.35 -15.51
C GLN A 81 -5.22 -6.35 -14.61
N ARG A 82 -4.99 -5.15 -15.12
CA ARG A 82 -4.32 -4.10 -14.35
C ARG A 82 -5.18 -3.66 -13.18
N CYS A 83 -6.48 -3.86 -13.30
CA CYS A 83 -7.43 -3.48 -12.25
C CYS A 83 -7.22 -4.34 -11.00
N GLU A 84 -7.41 -5.64 -11.15
CA GLU A 84 -7.25 -6.57 -10.03
C GLU A 84 -5.89 -6.39 -9.38
N ASP A 85 -4.91 -5.96 -10.17
CA ASP A 85 -3.56 -5.75 -9.66
C ASP A 85 -3.44 -4.38 -8.97
N ASP A 86 -4.22 -3.43 -9.43
CA ASP A 86 -4.20 -2.09 -8.87
C ASP A 86 -5.09 -2.01 -7.62
N LEU A 87 -5.99 -2.97 -7.49
CA LEU A 87 -6.90 -3.01 -6.34
C LEU A 87 -6.22 -3.66 -5.14
N ARG A 88 -5.43 -4.70 -5.41
CA ARG A 88 -4.72 -5.43 -4.35
C ARG A 88 -3.60 -4.57 -3.78
N ASN A 89 -3.03 -3.71 -4.62
CA ASN A 89 -1.95 -2.84 -4.19
C ASN A 89 -2.47 -1.68 -3.34
N VAL A 90 -3.64 -1.18 -3.69
CA VAL A 90 -4.26 -0.09 -2.96
C VAL A 90 -5.02 -0.59 -1.74
N GLY A 91 -5.33 -1.88 -1.74
CA GLY A 91 -6.05 -2.47 -0.62
C GLY A 91 -5.28 -2.37 0.68
N PRO A 92 -5.70 -3.16 1.68
CA PRO A 92 -5.07 -3.18 3.00
C PRO A 92 -3.66 -3.79 2.96
N VAL A 93 -2.65 -2.94 2.90
CA VAL A 93 -1.27 -3.41 2.86
C VAL A 93 -0.52 -3.01 4.13
N ASP A 94 -0.75 -1.79 4.58
CA ASP A 94 -0.10 -1.27 5.78
C ASP A 94 -0.72 -1.88 7.04
N ALA A 95 -1.94 -1.43 7.35
CA ALA A 95 -2.64 -1.94 8.53
C ALA A 95 -3.92 -1.15 8.77
N GLN A 96 -4.64 -1.50 9.83
CA GLN A 96 -5.88 -0.82 10.18
C GLN A 96 -5.68 0.14 11.34
N VAL A 97 -6.40 1.26 11.31
CA VAL A 97 -6.30 2.26 12.37
C VAL A 97 -7.62 2.43 13.11
N TYR A 98 -7.54 2.66 14.41
CA TYR A 98 -8.74 2.83 15.23
C TYR A 98 -9.06 4.31 15.40
N LEU A 99 -10.33 4.66 15.22
CA LEU A 99 -10.78 6.04 15.35
C LEU A 99 -10.41 6.59 16.73
N GLU A 100 -10.20 5.69 17.68
CA GLU A 100 -9.85 6.09 19.05
C GLU A 100 -8.46 6.71 19.08
N GLU A 101 -7.70 6.53 18.00
CA GLU A 101 -6.35 7.07 17.91
C GLU A 101 -6.35 8.40 17.16
N MET A 102 -7.07 8.44 16.05
CA MET A 102 -7.16 9.66 15.24
C MET A 102 -7.51 10.86 16.11
N SER A 103 -6.52 11.70 16.38
CA SER A 103 -6.72 12.89 17.20
C SER A 103 -7.86 13.74 16.64
N TRP A 104 -9.03 13.65 17.26
CA TRP A 104 -10.18 14.41 16.83
C TRP A 104 -10.28 15.74 17.57
N ASN A 105 -10.77 16.76 16.88
CA ASN A 105 -10.90 18.09 17.49
C ASN A 105 -12.37 18.50 17.56
N GLU A 106 -12.84 18.81 18.77
CA GLU A 106 -14.22 19.21 18.97
C GLU A 106 -14.46 20.62 18.43
N GLY A 107 -13.39 21.37 18.25
CA GLY A 107 -13.49 22.72 17.74
C GLY A 107 -14.15 22.78 16.37
N ASP A 108 -13.64 21.97 15.44
CA ASP A 108 -14.19 21.93 14.10
C ASP A 108 -14.78 20.55 13.79
N HIS A 109 -14.84 19.70 14.80
CA HIS A 109 -15.38 18.35 14.64
C HIS A 109 -14.73 17.64 13.47
N SER A 110 -13.44 17.33 13.61
CA SER A 110 -12.70 16.65 12.55
C SER A 110 -11.59 15.78 13.14
N PHE A 111 -11.13 14.81 12.35
CA PHE A 111 -10.07 13.91 12.80
C PHE A 111 -8.77 14.20 12.06
N TYR A 112 -7.67 13.77 12.66
CA TYR A 112 -6.35 13.98 12.06
C TYR A 112 -5.43 12.78 12.32
N LEU A 113 -4.73 12.35 11.27
CA LEU A 113 -3.82 11.22 11.39
C LEU A 113 -2.39 11.64 11.05
N SER A 114 -1.43 11.02 11.73
CA SER A 114 -0.02 11.33 11.51
C SER A 114 0.79 10.05 11.31
N CYS A 115 1.47 9.97 10.18
CA CYS A 115 2.30 8.80 9.87
C CYS A 115 3.53 8.73 10.77
N ARG A 116 4.33 7.70 10.59
CA ARG A 116 5.54 7.52 11.39
C ARG A 116 6.78 7.92 10.59
N CYS A 117 6.66 7.93 9.27
CA CYS A 117 7.77 8.30 8.40
C CYS A 117 7.92 9.82 8.35
N GLY A 118 6.80 10.52 8.23
CA GLY A 118 6.84 11.97 8.15
C GLY A 118 5.52 12.55 7.68
N GLY A 119 4.95 11.97 6.63
CA GLY A 119 3.69 12.46 6.11
C GLY A 119 2.63 12.62 7.18
N LYS A 120 1.56 13.32 6.85
CA LYS A 120 0.47 13.53 7.80
C LYS A 120 -0.82 13.90 7.06
N TYR A 121 -1.89 13.19 7.35
CA TYR A 121 -3.19 13.44 6.73
C TYR A 121 -4.22 13.88 7.76
N SER A 122 -5.40 14.27 7.28
CA SER A 122 -6.48 14.71 8.16
C SER A 122 -7.83 14.58 7.48
N VAL A 123 -8.73 13.82 8.08
CA VAL A 123 -10.06 13.62 7.52
C VAL A 123 -11.13 14.21 8.44
N SER A 124 -11.96 15.08 7.87
CA SER A 124 -13.02 15.73 8.63
C SER A 124 -14.07 14.71 9.07
N LYS A 125 -14.87 15.08 10.07
CA LYS A 125 -15.92 14.21 10.58
C LYS A 125 -16.89 13.81 9.48
N ASP A 126 -17.11 14.72 8.54
CA ASP A 126 -18.03 14.47 7.42
C ASP A 126 -17.30 13.77 6.28
N GLU A 127 -15.98 13.97 6.21
CA GLU A 127 -15.17 13.35 5.16
C GLU A 127 -15.12 11.85 5.33
N ALA A 128 -14.66 11.40 6.50
CA ALA A 128 -14.55 9.98 6.79
C ALA A 128 -15.91 9.28 6.66
N GLU A 129 -16.97 10.07 6.76
CA GLU A 129 -18.33 9.54 6.65
C GLU A 129 -18.60 9.05 5.24
N GLU A 130 -17.83 9.54 4.28
CA GLU A 130 -17.99 9.15 2.88
C GLU A 130 -16.85 8.24 2.44
N VAL A 131 -15.67 8.46 3.01
CA VAL A 131 -14.49 7.66 2.66
C VAL A 131 -14.17 6.66 3.76
N SER A 132 -13.03 6.00 3.63
CA SER A 132 -12.60 5.01 4.62
C SER A 132 -11.12 4.65 4.42
N LEU A 133 -10.72 4.53 3.17
CA LEU A 133 -9.34 4.18 2.84
C LEU A 133 -8.53 5.44 2.55
N ILE A 134 -7.38 5.57 3.22
CA ILE A 134 -6.51 6.72 3.04
C ILE A 134 -5.06 6.28 2.87
N SER A 135 -4.37 6.91 1.92
CA SER A 135 -2.96 6.59 1.66
C SER A 135 -2.05 7.67 2.19
N CYS A 136 -0.78 7.33 2.37
CA CYS A 136 0.21 8.28 2.87
C CYS A 136 0.89 9.02 1.73
N ASP A 137 1.17 10.31 1.94
CA ASP A 137 1.81 11.13 0.93
C ASP A 137 3.34 11.09 1.09
N THR A 138 3.90 9.88 1.12
CA THR A 138 5.33 9.70 1.26
C THR A 138 5.72 8.24 1.10
N CYS A 139 5.32 7.41 2.07
CA CYS A 139 5.63 5.99 2.03
C CYS A 139 4.50 5.20 1.36
N SER A 140 4.87 4.20 0.58
CA SER A 140 3.90 3.37 -0.11
C SER A 140 3.11 2.51 0.87
N LEU A 141 2.08 3.09 1.46
CA LEU A 141 1.25 2.37 2.43
C LEU A 141 -0.13 3.02 2.55
N ILE A 142 -1.10 2.26 3.03
CA ILE A 142 -2.45 2.77 3.21
C ILE A 142 -3.12 2.13 4.43
N ILE A 143 -3.96 2.92 5.11
CA ILE A 143 -4.66 2.44 6.28
C ILE A 143 -6.17 2.46 6.08
N GLU A 144 -6.91 1.79 6.96
CA GLU A 144 -8.36 1.73 6.87
C GLU A 144 -8.99 2.44 8.05
N LEU A 145 -10.06 3.19 7.79
CA LEU A 145 -10.77 3.93 8.83
C LEU A 145 -11.84 3.05 9.47
N LEU A 146 -11.49 2.45 10.62
CA LEU A 146 -12.43 1.60 11.34
C LEU A 146 -13.26 2.40 12.33
N HIS A 147 -14.55 2.51 12.06
CA HIS A 147 -15.46 3.26 12.93
C HIS A 147 -15.71 2.49 14.22
N TYR A 148 -15.38 3.11 15.35
CA TYR A 148 -15.57 2.48 16.66
C TYR A 148 -15.95 3.52 17.70
N ASN A 149 -17.23 3.53 18.06
CA ASN A 149 -17.73 4.48 19.06
C ASN A 149 -18.25 3.75 20.30
N HIS A 150 -18.63 4.51 21.32
CA HIS A 150 -19.14 3.93 22.56
C HIS A 150 -18.13 2.96 23.16
N HIS A 151 -17.26 3.49 24.02
CA HIS A 151 -16.25 2.66 24.67
C HIS A 151 -16.70 2.23 26.06
N HIS A 152 -16.17 1.12 26.54
CA HIS A 152 -16.52 0.59 27.85
C HIS A 152 -15.27 0.41 28.71
N HIS A 153 -14.34 1.36 28.61
CA HIS A 153 -13.11 1.30 29.38
C HIS A 153 -12.32 2.59 29.25
N HIS A 154 -11.38 2.82 30.17
CA HIS A 154 -10.57 4.02 30.16
C HIS A 154 -11.44 5.27 30.21
N HIS A 155 -12.09 5.48 31.35
CA HIS A 155 -12.95 6.64 31.54
C HIS A 155 -12.47 7.50 32.70
ZN ZN B . 2.54 11.18 9.87
N MET A 1 23.67 -30.26 -39.14
CA MET A 1 23.56 -31.23 -38.05
C MET A 1 23.71 -30.53 -36.70
N MET A 2 23.04 -31.08 -35.68
CA MET A 2 23.10 -30.51 -34.34
C MET A 2 22.68 -29.04 -34.34
N ALA A 3 21.37 -28.81 -34.21
CA ALA A 3 20.84 -27.46 -34.19
C ALA A 3 21.49 -26.61 -33.09
N VAL A 4 21.09 -25.36 -33.00
CA VAL A 4 21.63 -24.45 -31.99
C VAL A 4 21.51 -25.06 -30.59
N GLU A 5 22.43 -24.66 -29.71
CA GLU A 5 22.44 -25.17 -28.34
C GLU A 5 21.07 -24.97 -27.69
N GLN A 6 20.35 -23.94 -28.12
CA GLN A 6 19.03 -23.63 -27.58
C GLN A 6 18.03 -24.70 -27.98
N MET A 7 17.34 -25.26 -26.98
CA MET A 7 16.35 -26.30 -27.23
C MET A 7 15.00 -25.91 -26.63
N PRO A 8 13.93 -26.56 -27.12
CA PRO A 8 12.57 -26.29 -26.64
C PRO A 8 12.34 -26.79 -25.22
N LYS A 9 11.83 -25.91 -24.37
CA LYS A 9 11.56 -26.26 -22.97
C LYS A 9 10.51 -27.36 -22.88
N LYS A 10 10.00 -27.59 -21.67
CA LYS A 10 8.99 -28.62 -21.45
C LYS A 10 7.66 -28.00 -21.06
N ASP A 11 6.77 -28.81 -20.50
CA ASP A 11 5.46 -28.33 -20.08
C ASP A 11 4.75 -27.61 -21.22
N TRP A 12 4.93 -26.30 -21.28
CA TRP A 12 4.31 -25.49 -22.32
C TRP A 12 4.86 -25.86 -23.70
N TYR A 13 6.16 -25.73 -23.87
CA TYR A 13 6.81 -26.06 -25.14
C TYR A 13 6.59 -27.52 -25.50
N SER A 14 6.26 -28.33 -24.49
CA SER A 14 6.04 -29.76 -24.70
C SER A 14 4.60 -30.01 -25.16
N ILE A 15 3.64 -29.43 -24.46
CA ILE A 15 2.24 -29.59 -24.79
C ILE A 15 1.99 -29.34 -26.27
N LEU A 16 2.77 -28.43 -26.86
CA LEU A 16 2.64 -28.11 -28.27
C LEU A 16 3.83 -28.65 -29.06
N GLY A 17 4.92 -28.93 -28.37
CA GLY A 17 6.11 -29.45 -29.03
C GLY A 17 6.50 -28.64 -30.24
N ALA A 18 6.57 -27.32 -30.06
CA ALA A 18 6.94 -26.43 -31.16
C ALA A 18 8.44 -26.13 -31.14
N ASP A 19 8.96 -25.62 -32.25
CA ASP A 19 10.37 -25.29 -32.36
C ASP A 19 10.60 -23.79 -32.21
N PRO A 20 11.86 -23.41 -32.00
CA PRO A 20 12.24 -22.00 -31.82
C PRO A 20 12.10 -21.20 -33.12
N SER A 21 11.82 -21.89 -34.21
CA SER A 21 11.66 -21.25 -35.51
C SER A 21 10.19 -21.21 -35.92
N ALA A 22 9.39 -22.07 -35.32
CA ALA A 22 7.96 -22.13 -35.61
C ALA A 22 7.32 -20.75 -35.52
N ASN A 23 6.36 -20.49 -36.39
CA ASN A 23 5.67 -19.21 -36.40
C ASN A 23 4.49 -19.21 -35.41
N ILE A 24 4.50 -18.25 -34.50
CA ILE A 24 3.44 -18.14 -33.50
C ILE A 24 2.06 -18.22 -34.16
N SER A 25 1.98 -17.76 -35.40
CA SER A 25 0.72 -17.77 -36.14
C SER A 25 0.54 -19.09 -36.88
N ASP A 26 1.54 -19.48 -37.66
CA ASP A 26 1.49 -20.72 -38.42
C ASP A 26 1.18 -21.91 -37.50
N LEU A 27 1.80 -21.91 -36.32
CA LEU A 27 1.60 -22.99 -35.35
C LEU A 27 0.29 -22.80 -34.60
N LYS A 28 -0.10 -21.54 -34.40
CA LYS A 28 -1.34 -21.22 -33.69
C LYS A 28 -2.52 -21.95 -34.31
N GLN A 29 -2.46 -22.17 -35.61
CA GLN A 29 -3.53 -22.87 -36.32
C GLN A 29 -3.34 -24.38 -36.24
N LYS A 30 -2.23 -24.87 -36.77
CA LYS A 30 -1.93 -26.30 -36.75
C LYS A 30 -2.11 -26.88 -35.35
N TYR A 31 -1.71 -26.10 -34.35
CA TYR A 31 -1.82 -26.54 -32.96
C TYR A 31 -3.26 -26.42 -32.47
N GLN A 32 -3.98 -25.42 -32.98
CA GLN A 32 -5.36 -25.20 -32.59
C GLN A 32 -6.14 -26.50 -32.60
N LYS A 33 -5.95 -27.30 -33.64
CA LYS A 33 -6.65 -28.58 -33.77
C LYS A 33 -5.89 -29.68 -33.02
N LEU A 34 -4.58 -29.49 -32.88
CA LEU A 34 -3.76 -30.47 -32.19
C LEU A 34 -4.08 -30.50 -30.69
N ILE A 35 -3.84 -29.38 -30.03
CA ILE A 35 -4.11 -29.28 -28.60
C ILE A 35 -5.59 -29.48 -28.30
N LEU A 36 -6.44 -29.05 -29.23
CA LEU A 36 -7.88 -29.18 -29.07
C LEU A 36 -8.26 -30.63 -28.76
N MET A 37 -7.75 -31.55 -29.57
CA MET A 37 -8.04 -32.97 -29.38
C MET A 37 -7.28 -33.52 -28.17
N TYR A 38 -6.18 -32.86 -27.81
CA TYR A 38 -5.37 -33.28 -26.68
C TYR A 38 -6.12 -33.10 -25.36
N HIS A 39 -7.15 -32.26 -25.40
CA HIS A 39 -7.95 -32.00 -24.21
C HIS A 39 -8.40 -33.31 -23.55
N PRO A 40 -8.77 -33.22 -22.26
CA PRO A 40 -9.23 -34.38 -21.49
C PRO A 40 -10.59 -34.91 -21.97
N ASP A 41 -10.63 -36.18 -22.29
CA ASP A 41 -11.87 -36.80 -22.76
C ASP A 41 -11.69 -38.30 -22.98
N LYS A 42 -10.83 -38.91 -22.16
CA LYS A 42 -10.56 -40.34 -22.25
C LYS A 42 -11.79 -41.15 -21.83
N GLN A 43 -11.59 -42.46 -21.68
CA GLN A 43 -12.67 -43.35 -21.27
C GLN A 43 -12.80 -43.41 -19.75
N SER A 44 -13.64 -44.30 -19.25
CA SER A 44 -13.84 -44.45 -17.83
C SER A 44 -12.94 -45.55 -17.26
N THR A 45 -11.76 -45.14 -16.81
CA THR A 45 -10.80 -46.09 -16.24
C THR A 45 -10.82 -46.04 -14.72
N ASP A 46 -11.97 -45.68 -14.16
CA ASP A 46 -12.12 -45.60 -12.71
C ASP A 46 -11.08 -44.66 -12.11
N VAL A 47 -11.46 -43.40 -11.93
CA VAL A 47 -10.57 -42.41 -11.35
C VAL A 47 -11.29 -41.54 -10.32
N PRO A 48 -11.46 -42.11 -9.11
CA PRO A 48 -12.13 -41.41 -8.01
C PRO A 48 -11.31 -40.25 -7.46
N ALA A 49 -11.90 -39.07 -7.41
CA ALA A 49 -11.23 -37.88 -6.91
C ALA A 49 -10.21 -37.36 -7.92
N GLY A 50 -9.23 -38.20 -8.25
CA GLY A 50 -8.22 -37.81 -9.21
C GLY A 50 -8.80 -37.30 -10.52
N THR A 51 -10.01 -37.75 -10.83
CA THR A 51 -10.68 -37.34 -12.06
C THR A 51 -10.65 -35.82 -12.22
N VAL A 52 -10.91 -35.11 -11.12
CA VAL A 52 -10.91 -33.65 -11.15
C VAL A 52 -9.50 -33.10 -11.04
N GLU A 53 -8.71 -33.67 -10.12
CA GLU A 53 -7.34 -33.24 -9.92
C GLU A 53 -6.56 -33.26 -11.24
N GLU A 54 -6.80 -34.29 -12.05
CA GLU A 54 -6.13 -34.42 -13.34
C GLU A 54 -6.81 -33.57 -14.40
N CYS A 55 -8.13 -33.60 -14.42
CA CYS A 55 -8.90 -32.83 -15.40
C CYS A 55 -8.57 -31.35 -15.30
N VAL A 56 -8.73 -30.78 -14.11
CA VAL A 56 -8.44 -29.37 -13.89
C VAL A 56 -7.01 -29.03 -14.26
N GLN A 57 -6.06 -29.71 -13.61
CA GLN A 57 -4.64 -29.49 -13.88
C GLN A 57 -4.34 -29.60 -15.37
N LYS A 58 -5.08 -30.47 -16.04
CA LYS A 58 -4.89 -30.67 -17.48
C LYS A 58 -5.41 -29.48 -18.27
N PHE A 59 -6.62 -29.03 -17.94
CA PHE A 59 -7.22 -27.89 -18.62
C PHE A 59 -6.28 -26.70 -18.63
N ILE A 60 -5.89 -26.23 -17.45
CA ILE A 60 -4.99 -25.10 -17.33
C ILE A 60 -3.74 -25.30 -18.17
N GLU A 61 -3.27 -26.54 -18.23
CA GLU A 61 -2.07 -26.87 -19.00
C GLU A 61 -2.28 -26.56 -20.49
N ILE A 62 -3.46 -26.93 -21.00
CA ILE A 62 -3.78 -26.69 -22.39
C ILE A 62 -3.57 -25.23 -22.77
N ASP A 63 -4.35 -24.35 -22.14
CA ASP A 63 -4.26 -22.92 -22.40
C ASP A 63 -2.87 -22.39 -22.02
N GLN A 64 -2.21 -23.08 -21.11
CA GLN A 64 -0.88 -22.68 -20.65
C GLN A 64 0.05 -22.43 -21.83
N ALA A 65 0.14 -23.41 -22.72
CA ALA A 65 0.99 -23.29 -23.91
C ALA A 65 0.31 -22.46 -24.99
N TRP A 66 -1.02 -22.44 -24.96
CA TRP A 66 -1.79 -21.69 -25.96
C TRP A 66 -1.24 -20.26 -26.09
N LYS A 67 -0.79 -19.70 -24.97
CA LYS A 67 -0.24 -18.34 -24.97
C LYS A 67 1.28 -18.37 -24.93
N ILE A 68 1.83 -18.87 -23.83
CA ILE A 68 3.28 -18.96 -23.66
C ILE A 68 3.81 -20.30 -24.16
N LEU A 69 3.41 -20.68 -25.37
CA LEU A 69 3.86 -21.94 -25.95
C LEU A 69 5.37 -22.09 -25.84
N GLY A 70 6.08 -20.97 -25.88
CA GLY A 70 7.53 -21.00 -25.77
C GLY A 70 8.03 -20.46 -24.45
N ASN A 71 9.30 -20.05 -24.42
CA ASN A 71 9.90 -19.52 -23.21
C ASN A 71 9.16 -18.26 -22.75
N GLU A 72 9.74 -17.55 -21.79
CA GLU A 72 9.13 -16.33 -21.25
C GLU A 72 9.18 -15.21 -22.28
N GLU A 73 10.29 -15.12 -23.00
CA GLU A 73 10.47 -14.09 -24.01
C GLU A 73 9.49 -14.29 -25.16
N THR A 74 8.88 -15.47 -25.23
CA THR A 74 7.92 -15.78 -26.27
C THR A 74 6.86 -14.69 -26.40
N LYS A 75 6.02 -14.55 -25.38
CA LYS A 75 4.97 -13.55 -25.39
C LYS A 75 4.98 -12.75 -24.08
N ARG A 76 4.10 -11.76 -23.99
CA ARG A 76 4.00 -10.93 -22.80
C ARG A 76 2.92 -11.45 -21.86
N GLU A 77 2.62 -12.74 -21.96
CA GLU A 77 1.60 -13.35 -21.12
C GLU A 77 1.98 -13.26 -19.65
N TYR A 78 3.10 -13.88 -19.29
CA TYR A 78 3.57 -13.87 -17.91
C TYR A 78 3.77 -12.44 -17.41
N ASP A 79 4.02 -11.52 -18.35
CA ASP A 79 4.22 -10.13 -18.00
C ASP A 79 3.04 -9.58 -17.21
N LEU A 80 1.87 -9.59 -17.83
CA LEU A 80 0.66 -9.09 -17.19
C LEU A 80 0.35 -9.88 -15.92
N GLN A 81 0.82 -11.12 -15.87
CA GLN A 81 0.60 -11.98 -14.71
C GLN A 81 1.03 -11.27 -13.43
N ARG A 82 2.30 -10.91 -13.35
CA ARG A 82 2.83 -10.23 -12.17
C ARG A 82 2.24 -8.83 -12.04
N CYS A 83 1.80 -8.27 -13.16
CA CYS A 83 1.21 -6.93 -13.17
C CYS A 83 -0.12 -6.92 -12.43
N GLU A 84 -1.07 -7.71 -12.93
CA GLU A 84 -2.40 -7.78 -12.31
C GLU A 84 -2.29 -8.11 -10.83
N ASP A 85 -1.24 -8.83 -10.47
CA ASP A 85 -1.01 -9.21 -9.08
C ASP A 85 -0.36 -8.07 -8.30
N ASP A 86 0.42 -7.26 -8.99
CA ASP A 86 1.10 -6.14 -8.36
C ASP A 86 0.17 -4.92 -8.26
N LEU A 87 -0.86 -4.91 -9.10
CA LEU A 87 -1.83 -3.82 -9.11
C LEU A 87 -2.88 -4.01 -8.02
N ARG A 88 -3.22 -5.26 -7.75
CA ARG A 88 -4.21 -5.59 -6.73
C ARG A 88 -3.68 -5.28 -5.33
N ASN A 89 -2.36 -5.26 -5.21
CA ASN A 89 -1.72 -5.00 -3.92
C ASN A 89 -1.98 -3.55 -3.48
N VAL A 90 -2.46 -2.74 -4.41
CA VAL A 90 -2.76 -1.33 -4.11
C VAL A 90 -3.75 -1.21 -2.97
N GLY A 91 -4.52 -2.28 -2.74
CA GLY A 91 -5.50 -2.27 -1.66
C GLY A 91 -4.85 -2.10 -0.30
N PRO A 92 -5.62 -2.40 0.76
CA PRO A 92 -5.14 -2.29 2.14
C PRO A 92 -4.07 -3.33 2.48
N VAL A 93 -2.81 -2.96 2.29
CA VAL A 93 -1.70 -3.86 2.58
C VAL A 93 -0.88 -3.36 3.76
N ASP A 94 -1.10 -2.10 4.14
CA ASP A 94 -0.38 -1.51 5.26
C ASP A 94 -0.95 -1.99 6.59
N ALA A 95 -2.06 -1.39 7.01
CA ALA A 95 -2.70 -1.76 8.26
C ALA A 95 -3.95 -0.91 8.51
N GLN A 96 -4.59 -1.15 9.64
CA GLN A 96 -5.80 -0.41 10.00
C GLN A 96 -5.53 0.54 11.16
N VAL A 97 -6.23 1.67 11.18
CA VAL A 97 -6.08 2.66 12.23
C VAL A 97 -7.33 2.78 13.09
N TYR A 98 -7.14 2.99 14.38
CA TYR A 98 -8.26 3.12 15.30
C TYR A 98 -8.67 4.58 15.48
N LEU A 99 -9.97 4.85 15.41
CA LEU A 99 -10.48 6.20 15.56
C LEU A 99 -10.02 6.81 16.89
N GLU A 100 -9.66 5.95 17.83
CA GLU A 100 -9.20 6.41 19.14
C GLU A 100 -7.84 7.08 19.03
N GLU A 101 -7.18 6.90 17.90
CA GLU A 101 -5.87 7.48 17.67
C GLU A 101 -5.99 8.81 16.92
N MET A 102 -6.95 8.88 16.00
CA MET A 102 -7.17 10.10 15.22
C MET A 102 -7.56 11.26 16.12
N SER A 103 -6.65 12.23 16.26
CA SER A 103 -6.90 13.39 17.09
C SER A 103 -8.23 14.04 16.75
N TRP A 104 -9.09 14.20 17.75
CA TRP A 104 -10.40 14.80 17.55
C TRP A 104 -10.34 16.31 17.75
N ASN A 105 -10.55 17.06 16.67
CA ASN A 105 -10.52 18.51 16.72
C ASN A 105 -11.94 19.10 16.80
N GLU A 106 -12.49 19.16 18.01
CA GLU A 106 -13.82 19.69 18.21
C GLU A 106 -13.95 21.10 17.64
N GLY A 107 -12.81 21.80 17.56
CA GLY A 107 -12.82 23.15 17.04
C GLY A 107 -13.50 23.25 15.69
N ASP A 108 -13.10 22.39 14.77
CA ASP A 108 -13.68 22.39 13.42
C ASP A 108 -14.41 21.07 13.15
N HIS A 109 -14.61 20.28 14.20
CA HIS A 109 -15.28 18.99 14.07
C HIS A 109 -14.65 18.16 12.97
N SER A 110 -13.37 17.82 13.13
CA SER A 110 -12.66 17.03 12.15
C SER A 110 -11.56 16.20 12.81
N PHE A 111 -11.12 15.15 12.13
CA PHE A 111 -10.08 14.28 12.66
C PHE A 111 -8.75 14.55 11.95
N TYR A 112 -7.67 14.04 12.54
CA TYR A 112 -6.34 14.23 11.97
C TYR A 112 -5.51 12.95 12.09
N LEU A 113 -4.78 12.63 11.04
CA LEU A 113 -3.94 11.44 11.03
C LEU A 113 -2.47 11.80 10.80
N SER A 114 -1.58 10.93 11.24
CA SER A 114 -0.15 11.16 11.09
C SER A 114 0.61 9.84 10.95
N CYS A 115 1.51 9.79 9.98
CA CYS A 115 2.30 8.58 9.74
C CYS A 115 3.46 8.48 10.73
N ARG A 116 4.22 7.40 10.64
CA ARG A 116 5.36 7.17 11.53
C ARG A 116 6.66 7.46 10.80
N CYS A 117 6.56 7.83 9.53
CA CYS A 117 7.75 8.13 8.73
C CYS A 117 7.90 9.64 8.53
N GLY A 118 6.78 10.32 8.29
CA GLY A 118 6.82 11.75 8.08
C GLY A 118 5.52 12.29 7.53
N GLY A 119 4.80 11.44 6.81
CA GLY A 119 3.53 11.86 6.22
C GLY A 119 2.61 12.51 7.24
N LYS A 120 1.62 13.24 6.75
CA LYS A 120 0.66 13.91 7.62
C LYS A 120 -0.60 14.30 6.85
N TYR A 121 -1.75 13.91 7.37
CA TYR A 121 -3.02 14.22 6.74
C TYR A 121 -4.12 14.42 7.77
N SER A 122 -5.32 14.73 7.30
CA SER A 122 -6.45 14.97 8.19
C SER A 122 -7.77 14.73 7.47
N VAL A 123 -8.67 13.97 8.10
CA VAL A 123 -9.96 13.67 7.51
C VAL A 123 -11.10 14.28 8.33
N SER A 124 -11.95 15.07 7.67
CA SER A 124 -13.06 15.72 8.33
C SER A 124 -13.94 14.69 9.05
N LYS A 125 -14.72 15.16 10.02
CA LYS A 125 -15.60 14.29 10.78
C LYS A 125 -16.58 13.57 9.86
N ASP A 126 -17.43 14.34 9.20
CA ASP A 126 -18.42 13.77 8.29
C ASP A 126 -17.74 13.06 7.13
N GLU A 127 -16.53 13.49 6.80
CA GLU A 127 -15.77 12.89 5.71
C GLU A 127 -15.46 11.43 6.00
N ALA A 128 -15.02 11.15 7.22
CA ALA A 128 -14.69 9.79 7.62
C ALA A 128 -15.88 8.85 7.41
N GLU A 129 -17.08 9.41 7.41
CA GLU A 129 -18.29 8.63 7.22
C GLU A 129 -18.45 8.23 5.75
N GLU A 130 -17.90 9.04 4.86
CA GLU A 130 -17.98 8.78 3.43
C GLU A 130 -16.75 8.03 2.94
N VAL A 131 -15.62 8.30 3.58
CA VAL A 131 -14.36 7.64 3.21
C VAL A 131 -13.62 7.13 4.44
N SER A 132 -13.22 5.87 4.39
CA SER A 132 -12.51 5.25 5.50
C SER A 132 -11.18 4.67 5.04
N LEU A 133 -10.51 5.36 4.14
CA LEU A 133 -9.21 4.92 3.62
C LEU A 133 -8.38 6.11 3.15
N ILE A 134 -7.18 6.22 3.70
CA ILE A 134 -6.27 7.31 3.35
C ILE A 134 -4.86 6.79 3.10
N SER A 135 -4.20 7.34 2.09
CA SER A 135 -2.84 6.92 1.75
C SER A 135 -1.82 7.92 2.29
N CYS A 136 -0.58 7.48 2.40
CA CYS A 136 0.50 8.34 2.91
C CYS A 136 1.21 9.05 1.76
N ASP A 137 1.61 10.30 2.01
CA ASP A 137 2.30 11.09 1.00
C ASP A 137 3.82 10.90 1.11
N THR A 138 4.26 9.65 1.09
CA THR A 138 5.68 9.34 1.18
C THR A 138 5.94 7.85 1.01
N CYS A 139 5.47 7.06 1.96
CA CYS A 139 5.64 5.61 1.91
C CYS A 139 4.39 4.93 1.36
N SER A 140 4.59 3.86 0.59
CA SER A 140 3.48 3.13 0.00
C SER A 140 2.70 2.38 1.07
N LEU A 141 1.78 3.07 1.73
CA LEU A 141 0.96 2.47 2.78
C LEU A 141 -0.35 3.23 2.94
N ILE A 142 -1.42 2.49 3.26
CA ILE A 142 -2.73 3.08 3.44
C ILE A 142 -3.40 2.57 4.70
N ILE A 143 -4.05 3.47 5.44
CA ILE A 143 -4.72 3.11 6.68
C ILE A 143 -6.23 3.23 6.53
N GLU A 144 -6.96 2.31 7.17
CA GLU A 144 -8.42 2.32 7.12
C GLU A 144 -9.01 2.86 8.42
N LEU A 145 -10.00 3.73 8.29
CA LEU A 145 -10.66 4.31 9.45
C LEU A 145 -11.80 3.42 9.95
N LEU A 146 -11.58 2.77 11.09
CA LEU A 146 -12.58 1.89 11.67
C LEU A 146 -13.25 2.53 12.88
N HIS A 147 -14.56 2.68 12.83
CA HIS A 147 -15.31 3.29 13.92
C HIS A 147 -15.87 2.21 14.85
N TYR A 148 -16.12 1.03 14.30
CA TYR A 148 -16.65 -0.08 15.08
C TYR A 148 -18.02 0.27 15.66
N ASN A 149 -18.66 -0.71 16.29
CA ASN A 149 -19.97 -0.49 16.90
C ASN A 149 -19.83 0.01 18.34
N HIS A 150 -20.64 0.99 18.69
CA HIS A 150 -20.62 1.56 20.04
C HIS A 150 -20.73 0.47 21.09
N HIS A 151 -21.65 -0.47 20.87
CA HIS A 151 -21.87 -1.57 21.80
C HIS A 151 -22.08 -1.04 23.22
N HIS A 152 -23.30 -0.61 23.51
CA HIS A 152 -23.64 -0.09 24.83
C HIS A 152 -24.65 -0.99 25.52
N HIS A 153 -24.78 -0.82 26.84
CA HIS A 153 -25.72 -1.61 27.63
C HIS A 153 -25.40 -3.10 27.52
N HIS A 154 -26.13 -3.91 28.26
CA HIS A 154 -25.93 -5.36 28.24
C HIS A 154 -27.14 -6.08 27.66
N HIS A 155 -27.04 -7.39 27.53
CA HIS A 155 -28.14 -8.19 26.98
C HIS A 155 -29.31 -8.24 27.96
ZN ZN B . -13.08 16.77 16.23
N MET A 1 -2.57 -16.96 -35.18
CA MET A 1 -2.94 -17.16 -36.58
C MET A 1 -2.49 -15.97 -37.43
N MET A 2 -3.06 -14.80 -37.15
CA MET A 2 -2.71 -13.59 -37.89
C MET A 2 -2.74 -12.37 -36.98
N ALA A 3 -1.86 -11.42 -37.26
CA ALA A 3 -1.78 -10.20 -36.46
C ALA A 3 -1.36 -9.01 -37.32
N VAL A 4 -1.12 -7.87 -36.67
CA VAL A 4 -0.71 -6.66 -37.38
C VAL A 4 0.52 -6.93 -38.25
N GLU A 5 0.64 -6.16 -39.33
CA GLU A 5 1.76 -6.31 -40.24
C GLU A 5 3.09 -6.28 -39.50
N GLN A 6 3.13 -5.53 -38.40
CA GLN A 6 4.34 -5.42 -37.60
C GLN A 6 4.50 -6.63 -36.67
N MET A 7 5.16 -7.66 -37.19
CA MET A 7 5.39 -8.88 -36.42
C MET A 7 6.54 -8.70 -35.43
N PRO A 8 6.59 -9.57 -34.40
CA PRO A 8 7.63 -9.52 -33.38
C PRO A 8 8.99 -9.94 -33.93
N LYS A 9 10.05 -9.65 -33.16
CA LYS A 9 11.40 -10.00 -33.57
C LYS A 9 12.40 -9.64 -32.47
N LYS A 10 12.21 -10.22 -31.30
CA LYS A 10 13.10 -9.97 -30.16
C LYS A 10 13.60 -11.29 -29.57
N ASP A 11 14.28 -11.19 -28.43
CA ASP A 11 14.83 -12.37 -27.77
C ASP A 11 13.70 -13.23 -27.20
N TRP A 12 12.50 -12.68 -27.17
CA TRP A 12 11.34 -13.40 -26.66
C TRP A 12 11.04 -14.63 -27.50
N TYR A 13 10.55 -14.39 -28.73
CA TYR A 13 10.22 -15.48 -29.64
C TYR A 13 11.44 -16.36 -29.91
N SER A 14 12.62 -15.80 -29.67
CA SER A 14 13.87 -16.53 -29.88
C SER A 14 14.14 -17.51 -28.74
N ILE A 15 13.97 -17.03 -27.50
CA ILE A 15 14.20 -17.85 -26.33
C ILE A 15 13.40 -19.14 -26.40
N LEU A 16 12.26 -19.10 -27.09
CA LEU A 16 11.40 -20.27 -27.24
C LEU A 16 11.52 -20.84 -28.65
N GLY A 17 11.99 -20.03 -29.58
CA GLY A 17 12.14 -20.47 -30.96
C GLY A 17 10.84 -20.97 -31.55
N ALA A 18 9.85 -20.07 -31.62
CA ALA A 18 8.55 -20.42 -32.17
C ALA A 18 8.28 -19.66 -33.46
N ASP A 19 7.84 -20.38 -34.49
CA ASP A 19 7.54 -19.77 -35.78
C ASP A 19 6.36 -18.81 -35.66
N PRO A 20 6.21 -17.93 -36.68
CA PRO A 20 5.13 -16.94 -36.71
C PRO A 20 3.77 -17.59 -36.95
N SER A 21 3.78 -18.88 -37.27
CA SER A 21 2.54 -19.61 -37.52
C SER A 21 2.22 -20.55 -36.37
N ALA A 22 3.23 -20.86 -35.56
CA ALA A 22 3.05 -21.75 -34.42
C ALA A 22 1.88 -21.28 -33.54
N ASN A 23 0.92 -22.16 -33.33
CA ASN A 23 -0.25 -21.84 -32.51
C ASN A 23 0.18 -21.42 -31.11
N ILE A 24 -0.14 -20.18 -30.75
CA ILE A 24 0.20 -19.64 -29.44
C ILE A 24 -0.20 -20.61 -28.33
N SER A 25 -1.27 -21.37 -28.58
CA SER A 25 -1.77 -22.33 -27.60
C SER A 25 -1.04 -23.67 -27.74
N ASP A 26 -1.14 -24.26 -28.93
CA ASP A 26 -0.49 -25.54 -29.19
C ASP A 26 0.98 -25.51 -28.78
N LEU A 27 1.69 -24.48 -29.24
CA LEU A 27 3.10 -24.33 -28.93
C LEU A 27 3.31 -24.09 -27.44
N LYS A 28 2.43 -23.30 -26.84
CA LYS A 28 2.50 -22.99 -25.43
C LYS A 28 2.56 -24.26 -24.59
N GLN A 29 2.06 -25.36 -25.17
CA GLN A 29 2.06 -26.65 -24.48
C GLN A 29 3.42 -27.33 -24.58
N LYS A 30 3.82 -27.65 -25.80
CA LYS A 30 5.11 -28.31 -26.04
C LYS A 30 6.25 -27.43 -25.57
N TYR A 31 6.12 -26.12 -25.78
CA TYR A 31 7.15 -25.17 -25.38
C TYR A 31 7.22 -25.05 -23.87
N GLN A 32 6.06 -25.08 -23.22
CA GLN A 32 5.99 -24.97 -21.76
C GLN A 32 6.98 -25.93 -21.10
N LYS A 33 6.97 -27.19 -21.54
CA LYS A 33 7.86 -28.20 -20.99
C LYS A 33 9.31 -27.93 -21.41
N LEU A 34 9.48 -27.30 -22.56
CA LEU A 34 10.81 -26.98 -23.07
C LEU A 34 11.55 -26.03 -22.13
N ILE A 35 10.99 -24.84 -21.95
CA ILE A 35 11.60 -23.84 -21.07
C ILE A 35 11.92 -24.44 -19.71
N LEU A 36 11.03 -25.31 -19.22
CA LEU A 36 11.22 -25.94 -17.92
C LEU A 36 12.44 -26.88 -17.95
N MET A 37 12.60 -27.59 -19.07
CA MET A 37 13.71 -28.51 -19.23
C MET A 37 14.99 -27.76 -19.56
N TYR A 38 14.85 -26.53 -20.04
CA TYR A 38 16.00 -25.71 -20.41
C TYR A 38 16.81 -25.32 -19.17
N HIS A 39 16.11 -24.94 -18.11
CA HIS A 39 16.76 -24.55 -16.87
C HIS A 39 16.45 -25.54 -15.75
N PRO A 40 17.05 -26.73 -15.83
CA PRO A 40 16.85 -27.79 -14.84
C PRO A 40 17.48 -27.45 -13.50
N ASP A 41 18.27 -26.38 -13.47
CA ASP A 41 18.94 -25.95 -12.25
C ASP A 41 17.94 -25.82 -11.09
N LYS A 42 18.16 -26.60 -10.04
CA LYS A 42 17.29 -26.58 -8.87
C LYS A 42 17.83 -27.49 -7.78
N GLN A 43 18.41 -28.61 -8.18
CA GLN A 43 18.97 -29.57 -7.23
C GLN A 43 20.29 -29.06 -6.66
N SER A 44 20.99 -29.93 -5.94
CA SER A 44 22.27 -29.58 -5.33
C SER A 44 23.42 -29.93 -6.26
N THR A 45 24.00 -28.91 -6.88
CA THR A 45 25.11 -29.10 -7.81
C THR A 45 26.32 -28.27 -7.39
N ASP A 46 26.43 -27.98 -6.10
CA ASP A 46 27.54 -27.19 -5.58
C ASP A 46 27.52 -25.78 -6.16
N VAL A 47 26.65 -24.94 -5.61
CA VAL A 47 26.53 -23.56 -6.08
C VAL A 47 26.03 -22.65 -4.97
N PRO A 48 26.94 -22.26 -4.06
CA PRO A 48 26.61 -21.39 -2.93
C PRO A 48 26.31 -19.96 -3.38
N ALA A 49 25.16 -19.45 -2.98
CA ALA A 49 24.76 -18.09 -3.33
C ALA A 49 24.33 -18.01 -4.79
N GLY A 50 25.24 -18.35 -5.69
CA GLY A 50 24.93 -18.30 -7.11
C GLY A 50 23.69 -19.11 -7.46
N THR A 51 23.38 -20.11 -6.64
CA THR A 51 22.22 -20.95 -6.87
C THR A 51 20.97 -20.11 -7.12
N VAL A 52 20.80 -19.05 -6.34
CA VAL A 52 19.65 -18.16 -6.48
C VAL A 52 19.88 -17.16 -7.61
N GLU A 53 21.05 -16.54 -7.62
CA GLU A 53 21.38 -15.56 -8.64
C GLU A 53 21.18 -16.13 -10.04
N GLU A 54 21.42 -17.43 -10.18
CA GLU A 54 21.25 -18.09 -11.47
C GLU A 54 19.82 -18.57 -11.66
N CYS A 55 19.26 -19.21 -10.64
CA CYS A 55 17.90 -19.71 -10.69
C CYS A 55 16.93 -18.59 -11.07
N VAL A 56 16.91 -17.53 -10.27
CA VAL A 56 16.03 -16.40 -10.52
C VAL A 56 16.24 -15.84 -11.93
N GLN A 57 17.47 -15.45 -12.22
CA GLN A 57 17.81 -14.91 -13.54
C GLN A 57 17.32 -15.82 -14.65
N LYS A 58 17.48 -17.12 -14.46
CA LYS A 58 17.05 -18.11 -15.45
C LYS A 58 15.53 -18.16 -15.54
N PHE A 59 14.87 -18.07 -14.38
CA PHE A 59 13.41 -18.11 -14.33
C PHE A 59 12.82 -16.86 -14.99
N ILE A 60 13.57 -15.78 -14.97
CA ILE A 60 13.12 -14.52 -15.56
C ILE A 60 13.15 -14.59 -17.08
N GLU A 61 14.12 -15.33 -17.62
CA GLU A 61 14.26 -15.47 -19.06
C GLU A 61 13.11 -16.29 -19.64
N ILE A 62 12.98 -17.53 -19.19
CA ILE A 62 11.92 -18.41 -19.66
C ILE A 62 10.55 -17.74 -19.55
N ASP A 63 10.36 -16.98 -18.48
CA ASP A 63 9.10 -16.28 -18.26
C ASP A 63 9.03 -15.01 -19.11
N GLN A 64 10.19 -14.46 -19.44
CA GLN A 64 10.26 -13.24 -20.24
C GLN A 64 9.44 -13.40 -21.53
N ALA A 65 9.75 -14.44 -22.28
CA ALA A 65 9.05 -14.69 -23.54
C ALA A 65 7.69 -15.34 -23.29
N TRP A 66 7.58 -16.06 -22.18
CA TRP A 66 6.33 -16.72 -21.82
C TRP A 66 5.15 -15.76 -21.90
N LYS A 67 5.41 -14.49 -21.62
CA LYS A 67 4.37 -13.47 -21.67
C LYS A 67 4.49 -12.64 -22.94
N ILE A 68 5.59 -11.91 -23.06
CA ILE A 68 5.82 -11.07 -24.23
C ILE A 68 6.55 -11.84 -25.33
N LEU A 69 6.07 -13.04 -25.61
CA LEU A 69 6.67 -13.88 -26.65
C LEU A 69 6.87 -13.10 -27.94
N GLY A 70 5.98 -12.15 -28.19
CA GLY A 70 6.08 -11.34 -29.40
C GLY A 70 5.76 -9.88 -29.15
N ASN A 71 4.87 -9.32 -29.96
CA ASN A 71 4.49 -7.92 -29.82
C ASN A 71 3.64 -7.71 -28.57
N GLU A 72 3.12 -6.50 -28.42
CA GLU A 72 2.28 -6.17 -27.26
C GLU A 72 0.94 -6.91 -27.34
N GLU A 73 0.57 -7.32 -28.54
CA GLU A 73 -0.68 -8.04 -28.74
C GLU A 73 -0.54 -9.51 -28.38
N THR A 74 0.71 -9.96 -28.24
CA THR A 74 0.98 -11.35 -27.90
C THR A 74 0.18 -11.78 -26.69
N LYS A 75 0.49 -11.22 -25.53
CA LYS A 75 -0.20 -11.55 -24.30
C LYS A 75 0.00 -10.47 -23.25
N ARG A 76 -1.10 -9.91 -22.75
CA ARG A 76 -1.04 -8.86 -21.74
C ARG A 76 -1.12 -9.45 -20.34
N GLU A 77 -0.36 -10.53 -20.12
CA GLU A 77 -0.35 -11.18 -18.81
C GLU A 77 0.38 -10.33 -17.78
N TYR A 78 1.60 -9.91 -18.12
CA TYR A 78 2.41 -9.09 -17.23
C TYR A 78 1.80 -7.70 -17.06
N ASP A 79 1.13 -7.23 -18.11
CA ASP A 79 0.49 -5.91 -18.09
C ASP A 79 -0.48 -5.81 -16.92
N LEU A 80 -1.57 -6.56 -16.99
CA LEU A 80 -2.59 -6.54 -15.94
C LEU A 80 -1.97 -6.92 -14.59
N GLN A 81 -0.86 -7.64 -14.64
CA GLN A 81 -0.18 -8.07 -13.43
C GLN A 81 0.06 -6.89 -12.49
N ARG A 82 0.87 -5.95 -12.94
CA ARG A 82 1.19 -4.77 -12.15
C ARG A 82 -0.06 -3.91 -11.94
N CYS A 83 -1.02 -4.03 -12.84
CA CYS A 83 -2.26 -3.27 -12.75
C CYS A 83 -3.07 -3.69 -11.54
N GLU A 84 -3.47 -4.96 -11.51
CA GLU A 84 -4.26 -5.49 -10.40
C GLU A 84 -3.57 -5.23 -9.07
N ASP A 85 -2.24 -5.14 -9.09
CA ASP A 85 -1.46 -4.89 -7.89
C ASP A 85 -1.41 -3.39 -7.58
N ASP A 86 -1.48 -2.57 -8.62
CA ASP A 86 -1.43 -1.12 -8.46
C ASP A 86 -2.82 -0.58 -8.11
N LEU A 87 -3.85 -1.35 -8.43
CA LEU A 87 -5.22 -0.94 -8.14
C LEU A 87 -5.60 -1.25 -6.70
N ARG A 88 -5.14 -2.40 -6.21
CA ARG A 88 -5.43 -2.81 -4.84
C ARG A 88 -4.45 -2.17 -3.86
N ASN A 89 -3.27 -1.81 -4.36
CA ASN A 89 -2.24 -1.19 -3.53
C ASN A 89 -2.78 0.06 -2.85
N VAL A 90 -3.79 0.67 -3.45
CA VAL A 90 -4.40 1.87 -2.90
C VAL A 90 -5.28 1.55 -1.71
N GLY A 91 -5.83 0.34 -1.70
CA GLY A 91 -6.70 -0.08 -0.62
C GLY A 91 -5.94 -0.31 0.67
N PRO A 92 -6.57 -1.02 1.63
CA PRO A 92 -5.97 -1.33 2.92
C PRO A 92 -4.82 -2.32 2.81
N VAL A 93 -3.60 -1.81 2.74
CA VAL A 93 -2.42 -2.65 2.64
C VAL A 93 -1.55 -2.55 3.89
N ASP A 94 -1.66 -1.43 4.59
CA ASP A 94 -0.89 -1.19 5.80
C ASP A 94 -1.56 -1.85 7.01
N ALA A 95 -2.68 -1.27 7.43
CA ALA A 95 -3.41 -1.81 8.57
C ALA A 95 -4.64 -0.95 8.88
N GLN A 96 -5.38 -1.32 9.92
CA GLN A 96 -6.57 -0.59 10.32
C GLN A 96 -6.27 0.32 11.51
N VAL A 97 -6.93 1.47 11.55
CA VAL A 97 -6.74 2.42 12.64
C VAL A 97 -8.06 2.69 13.37
N TYR A 98 -7.96 2.84 14.68
CA TYR A 98 -9.14 3.10 15.51
C TYR A 98 -9.36 4.60 15.69
N LEU A 99 -10.60 5.04 15.47
CA LEU A 99 -10.93 6.45 15.61
C LEU A 99 -10.58 6.96 17.00
N GLU A 100 -10.47 6.04 17.96
CA GLU A 100 -10.12 6.41 19.33
C GLU A 100 -8.68 6.91 19.41
N GLU A 101 -7.92 6.66 18.35
CA GLU A 101 -6.52 7.10 18.30
C GLU A 101 -6.38 8.40 17.52
N MET A 102 -7.36 8.69 16.69
CA MET A 102 -7.36 9.91 15.88
C MET A 102 -7.95 11.08 16.66
N SER A 103 -7.08 11.87 17.27
CA SER A 103 -7.52 13.02 18.05
C SER A 103 -8.44 13.91 17.22
N TRP A 104 -9.57 14.29 17.81
CA TRP A 104 -10.54 15.14 17.12
C TRP A 104 -10.25 16.61 17.39
N ASN A 105 -10.29 17.43 16.34
CA ASN A 105 -10.04 18.86 16.46
C ASN A 105 -11.33 19.66 16.32
N GLU A 106 -11.63 20.47 17.32
CA GLU A 106 -12.84 21.29 17.30
C GLU A 106 -12.68 22.47 16.35
N GLY A 107 -11.44 22.78 15.99
CA GLY A 107 -11.17 23.88 15.09
C GLY A 107 -11.79 23.67 13.72
N ASP A 108 -11.50 22.51 13.13
CA ASP A 108 -12.04 22.18 11.80
C ASP A 108 -12.96 20.98 11.87
N HIS A 109 -13.24 20.51 13.08
CA HIS A 109 -14.10 19.36 13.29
C HIS A 109 -13.67 18.19 12.42
N SER A 110 -12.52 17.61 12.76
CA SER A 110 -11.98 16.48 12.00
C SER A 110 -10.96 15.71 12.84
N PHE A 111 -10.55 14.55 12.33
CA PHE A 111 -9.58 13.72 13.01
C PHE A 111 -8.33 13.51 12.18
N TYR A 112 -7.16 13.66 12.80
CA TYR A 112 -5.89 13.50 12.12
C TYR A 112 -4.93 12.65 12.94
N LEU A 113 -4.13 11.83 12.25
CA LEU A 113 -3.17 10.97 12.91
C LEU A 113 -1.74 11.42 12.60
N SER A 114 -0.82 11.07 13.50
CA SER A 114 0.58 11.44 13.33
C SER A 114 1.37 10.31 12.64
N CYS A 115 1.86 10.59 11.45
CA CYS A 115 2.63 9.61 10.69
C CYS A 115 4.10 9.62 11.11
N ARG A 116 4.68 8.43 11.20
CA ARG A 116 6.09 8.30 11.59
C ARG A 116 6.96 7.97 10.39
N CYS A 117 6.32 7.77 9.24
CA CYS A 117 7.04 7.45 8.02
C CYS A 117 6.81 8.52 6.95
N GLY A 118 6.37 9.70 7.39
CA GLY A 118 6.13 10.78 6.46
C GLY A 118 5.54 12.01 7.14
N GLY A 119 4.32 12.36 6.78
CA GLY A 119 3.67 13.52 7.37
C GLY A 119 2.65 13.13 8.42
N LYS A 120 1.37 13.24 8.07
CA LYS A 120 0.29 12.90 8.99
C LYS A 120 -1.03 12.75 8.25
N TYR A 121 -1.92 11.91 8.79
CA TYR A 121 -3.22 11.68 8.17
C TYR A 121 -4.24 12.72 8.64
N SER A 122 -5.29 12.89 7.85
CA SER A 122 -6.34 13.86 8.18
C SER A 122 -7.63 13.54 7.43
N VAL A 123 -8.65 13.14 8.18
CA VAL A 123 -9.94 12.80 7.59
C VAL A 123 -11.06 13.67 8.15
N SER A 124 -11.61 14.54 7.30
CA SER A 124 -12.67 15.45 7.72
C SER A 124 -13.82 14.67 8.35
N LYS A 125 -14.53 15.32 9.28
CA LYS A 125 -15.65 14.69 9.97
C LYS A 125 -16.65 14.12 8.96
N ASP A 126 -16.87 14.85 7.87
CA ASP A 126 -17.79 14.41 6.83
C ASP A 126 -17.10 13.47 5.85
N GLU A 127 -15.78 13.59 5.75
CA GLU A 127 -15.01 12.76 4.84
C GLU A 127 -14.92 11.33 5.36
N ALA A 128 -14.68 11.19 6.66
CA ALA A 128 -14.59 9.87 7.27
C ALA A 128 -15.85 9.05 7.05
N GLU A 129 -17.00 9.73 7.17
CA GLU A 129 -18.29 9.07 6.98
C GLU A 129 -18.57 8.81 5.50
N GLU A 130 -17.98 9.64 4.65
CA GLU A 130 -18.17 9.51 3.21
C GLU A 130 -17.31 8.38 2.65
N VAL A 131 -16.16 8.15 3.28
CA VAL A 131 -15.25 7.10 2.84
C VAL A 131 -14.32 6.67 3.97
N SER A 132 -14.03 5.38 4.05
CA SER A 132 -13.15 4.85 5.09
C SER A 132 -11.72 4.73 4.58
N LEU A 133 -11.57 4.61 3.27
CA LEU A 133 -10.26 4.50 2.66
C LEU A 133 -9.41 5.73 2.94
N ILE A 134 -8.26 5.54 3.58
CA ILE A 134 -7.37 6.63 3.91
C ILE A 134 -5.91 6.25 3.67
N SER A 135 -5.32 6.81 2.62
CA SER A 135 -3.92 6.53 2.29
C SER A 135 -2.98 7.37 3.13
N CYS A 136 -1.71 6.95 3.19
CA CYS A 136 -0.70 7.68 3.96
C CYS A 136 -0.63 9.13 3.53
N ASP A 137 0.24 9.89 4.18
CA ASP A 137 0.41 11.31 3.86
C ASP A 137 1.68 11.53 3.04
N THR A 138 1.55 11.42 1.72
CA THR A 138 2.67 11.61 0.82
C THR A 138 3.66 10.45 0.92
N CYS A 139 3.23 9.37 1.57
CA CYS A 139 4.07 8.20 1.73
C CYS A 139 3.31 6.92 1.36
N SER A 140 4.05 5.86 1.10
CA SER A 140 3.45 4.58 0.73
C SER A 140 2.55 4.06 1.86
N LEU A 141 2.10 2.82 1.72
CA LEU A 141 1.23 2.20 2.71
C LEU A 141 -0.09 2.94 2.81
N ILE A 142 -1.14 2.20 3.17
CA ILE A 142 -2.47 2.79 3.30
C ILE A 142 -3.24 2.15 4.45
N ILE A 143 -3.98 2.97 5.19
CA ILE A 143 -4.76 2.49 6.32
C ILE A 143 -6.26 2.71 6.08
N GLU A 144 -7.07 2.20 7.00
CA GLU A 144 -8.52 2.34 6.89
C GLU A 144 -9.09 3.05 8.12
N LEU A 145 -10.01 3.98 7.89
CA LEU A 145 -10.63 4.73 8.98
C LEU A 145 -11.85 3.99 9.51
N LEU A 146 -11.74 3.50 10.75
CA LEU A 146 -12.84 2.77 11.38
C LEU A 146 -12.87 3.05 12.88
N HIS A 147 -14.05 2.90 13.48
CA HIS A 147 -14.22 3.12 14.91
C HIS A 147 -14.77 1.88 15.59
N TYR A 148 -14.50 0.72 15.01
CA TYR A 148 -14.97 -0.55 15.57
C TYR A 148 -14.04 -1.70 15.17
N ASN A 149 -14.11 -2.09 13.91
CA ASN A 149 -13.28 -3.17 13.40
C ASN A 149 -13.48 -3.37 11.90
N HIS A 150 -12.66 -4.23 11.31
CA HIS A 150 -12.75 -4.51 9.88
C HIS A 150 -12.57 -6.00 9.60
N HIS A 151 -13.01 -6.43 8.41
CA HIS A 151 -12.90 -7.82 8.02
C HIS A 151 -11.48 -8.16 7.60
N HIS A 152 -11.12 -9.45 7.68
CA HIS A 152 -9.78 -9.89 7.30
C HIS A 152 -9.85 -10.87 6.13
N HIS A 153 -8.68 -11.32 5.67
CA HIS A 153 -8.61 -12.25 4.55
C HIS A 153 -7.43 -13.21 4.72
N HIS A 154 -7.37 -14.22 3.86
CA HIS A 154 -6.29 -15.20 3.92
C HIS A 154 -5.04 -14.66 3.23
N HIS A 155 -4.01 -15.50 3.11
CA HIS A 155 -2.76 -15.11 2.48
C HIS A 155 -2.98 -14.82 0.99
ZN ZN B . 1.76 10.92 11.31
N MET A 1 -39.67 -15.28 14.85
CA MET A 1 -39.79 -15.90 16.16
C MET A 1 -39.58 -17.41 16.08
N MET A 2 -39.88 -17.98 14.92
CA MET A 2 -39.72 -19.42 14.72
C MET A 2 -39.07 -19.70 13.38
N ALA A 3 -37.83 -19.25 13.22
CA ALA A 3 -37.09 -19.46 11.98
C ALA A 3 -36.65 -20.92 11.85
N VAL A 4 -37.02 -21.53 10.74
CA VAL A 4 -36.66 -22.93 10.48
C VAL A 4 -35.21 -23.06 10.04
N GLU A 5 -34.70 -22.01 9.39
CA GLU A 5 -33.33 -22.01 8.91
C GLU A 5 -32.36 -21.71 10.06
N GLN A 6 -32.71 -20.74 10.90
CA GLN A 6 -31.88 -20.37 12.03
C GLN A 6 -32.11 -21.30 13.22
N MET A 7 -31.55 -22.50 13.14
CA MET A 7 -31.69 -23.48 14.20
C MET A 7 -30.33 -23.94 14.72
N PRO A 8 -30.31 -24.51 15.93
CA PRO A 8 -29.07 -25.01 16.55
C PRO A 8 -28.54 -26.25 15.86
N LYS A 9 -27.31 -26.63 16.20
CA LYS A 9 -26.68 -27.80 15.61
C LYS A 9 -25.78 -28.51 16.63
N LYS A 10 -24.68 -27.85 16.98
CA LYS A 10 -23.73 -28.42 17.94
C LYS A 10 -22.64 -27.40 18.29
N ASP A 11 -21.56 -27.89 18.88
CA ASP A 11 -20.45 -27.02 19.26
C ASP A 11 -20.94 -25.76 19.96
N TRP A 12 -21.04 -24.67 19.20
CA TRP A 12 -21.51 -23.41 19.75
C TRP A 12 -22.82 -23.58 20.50
N TYR A 13 -23.75 -24.32 19.90
CA TYR A 13 -25.05 -24.57 20.51
C TYR A 13 -24.94 -25.56 21.66
N SER A 14 -23.93 -26.43 21.58
CA SER A 14 -23.71 -27.43 22.62
C SER A 14 -23.05 -26.81 23.86
N ILE A 15 -22.31 -25.72 23.63
CA ILE A 15 -21.64 -25.03 24.72
C ILE A 15 -22.63 -24.33 25.65
N LEU A 16 -23.45 -23.46 25.07
CA LEU A 16 -24.45 -22.73 25.83
C LEU A 16 -25.74 -23.53 25.94
N GLY A 17 -25.84 -24.61 25.16
CA GLY A 17 -27.02 -25.44 25.19
C GLY A 17 -28.30 -24.63 25.05
N ALA A 18 -28.42 -23.91 23.94
CA ALA A 18 -29.61 -23.09 23.69
C ALA A 18 -30.63 -23.85 22.85
N ASP A 19 -31.82 -24.02 23.41
CA ASP A 19 -32.89 -24.74 22.71
C ASP A 19 -33.17 -24.11 21.35
N PRO A 20 -33.79 -24.89 20.46
CA PRO A 20 -34.11 -24.44 19.10
C PRO A 20 -35.21 -23.38 19.08
N SER A 21 -35.81 -23.14 20.25
CA SER A 21 -36.88 -22.16 20.37
C SER A 21 -36.46 -21.02 21.30
N ALA A 22 -35.22 -21.07 21.76
CA ALA A 22 -34.68 -20.04 22.65
C ALA A 22 -34.65 -18.69 21.97
N ASN A 23 -34.17 -17.68 22.67
CA ASN A 23 -34.08 -16.33 22.13
C ASN A 23 -32.79 -15.64 22.58
N ILE A 24 -32.31 -14.71 21.77
CA ILE A 24 -31.09 -13.98 22.08
C ILE A 24 -31.12 -13.42 23.50
N SER A 25 -32.30 -12.95 23.91
CA SER A 25 -32.47 -12.39 25.24
C SER A 25 -32.01 -13.37 26.31
N ASP A 26 -32.81 -14.41 26.53
CA ASP A 26 -32.50 -15.43 27.52
C ASP A 26 -31.10 -16.00 27.29
N LEU A 27 -30.66 -15.95 26.04
CA LEU A 27 -29.33 -16.47 25.67
C LEU A 27 -28.23 -15.59 26.24
N LYS A 28 -28.48 -14.27 26.26
CA LYS A 28 -27.51 -13.32 26.78
C LYS A 28 -27.21 -13.58 28.24
N GLN A 29 -28.26 -13.81 29.03
CA GLN A 29 -28.10 -14.09 30.46
C GLN A 29 -27.46 -15.45 30.68
N LYS A 30 -28.03 -16.48 30.05
CA LYS A 30 -27.52 -17.84 30.18
C LYS A 30 -26.10 -17.94 29.64
N TYR A 31 -25.73 -17.00 28.77
CA TYR A 31 -24.39 -16.99 28.19
C TYR A 31 -23.34 -16.70 29.25
N GLN A 32 -23.49 -15.56 29.93
CA GLN A 32 -22.54 -15.17 30.97
C GLN A 32 -22.47 -16.23 32.06
N LYS A 33 -23.55 -16.97 32.24
CA LYS A 33 -23.61 -18.02 33.26
C LYS A 33 -22.92 -19.28 32.77
N LEU A 34 -23.42 -19.84 31.68
CA LEU A 34 -22.84 -21.06 31.11
C LEU A 34 -21.35 -20.88 30.85
N ILE A 35 -21.01 -19.86 30.05
CA ILE A 35 -19.62 -19.58 29.73
C ILE A 35 -18.75 -19.52 30.98
N LEU A 36 -19.14 -18.65 31.91
CA LEU A 36 -18.39 -18.49 33.16
C LEU A 36 -18.29 -19.83 33.89
N MET A 37 -19.36 -20.61 33.84
CA MET A 37 -19.38 -21.91 34.51
C MET A 37 -18.44 -22.89 33.82
N TYR A 38 -18.20 -22.66 32.53
CA TYR A 38 -17.33 -23.53 31.74
C TYR A 38 -15.88 -23.39 32.20
N HIS A 39 -15.50 -22.17 32.59
CA HIS A 39 -14.14 -21.91 33.05
C HIS A 39 -14.14 -21.53 34.53
N PRO A 40 -14.38 -22.52 35.40
CA PRO A 40 -14.40 -22.31 36.85
C PRO A 40 -13.03 -22.01 37.42
N ASP A 41 -12.92 -21.99 38.74
CA ASP A 41 -11.65 -21.72 39.41
C ASP A 41 -10.75 -22.94 39.39
N LYS A 42 -9.45 -22.72 39.45
CA LYS A 42 -8.48 -23.81 39.44
C LYS A 42 -7.19 -23.39 40.13
N GLN A 43 -6.36 -24.38 40.45
CA GLN A 43 -5.08 -24.12 41.12
C GLN A 43 -3.91 -24.48 40.22
N SER A 44 -2.88 -23.62 40.22
CA SER A 44 -1.70 -23.84 39.39
C SER A 44 -0.62 -22.81 39.70
N THR A 45 0.59 -23.08 39.24
CA THR A 45 1.72 -22.18 39.47
C THR A 45 1.45 -20.81 38.86
N ASP A 46 1.00 -20.80 37.61
CA ASP A 46 0.71 -19.56 36.91
C ASP A 46 0.01 -19.83 35.59
N VAL A 47 0.76 -20.31 34.60
CA VAL A 47 0.19 -20.61 33.29
C VAL A 47 1.00 -21.71 32.58
N PRO A 48 0.82 -22.95 33.03
CA PRO A 48 1.52 -24.11 32.46
C PRO A 48 1.04 -24.43 31.05
N ALA A 49 1.77 -25.30 30.37
CA ALA A 49 1.43 -25.70 29.01
C ALA A 49 -0.03 -26.16 28.93
N GLY A 50 -0.52 -26.72 30.03
CA GLY A 50 -1.89 -27.20 30.06
C GLY A 50 -2.90 -26.07 30.10
N THR A 51 -2.53 -24.97 30.75
CA THR A 51 -3.41 -23.81 30.86
C THR A 51 -3.31 -22.93 29.63
N VAL A 52 -2.13 -22.90 29.02
CA VAL A 52 -1.91 -22.08 27.82
C VAL A 52 -2.83 -22.52 26.69
N GLU A 53 -2.75 -23.79 26.31
CA GLU A 53 -3.58 -24.33 25.24
C GLU A 53 -5.06 -24.30 25.63
N GLU A 54 -5.35 -24.70 26.86
CA GLU A 54 -6.71 -24.72 27.36
C GLU A 54 -7.31 -23.32 27.38
N CYS A 55 -6.44 -22.31 27.50
CA CYS A 55 -6.87 -20.93 27.54
C CYS A 55 -7.35 -20.46 26.16
N VAL A 56 -6.48 -20.63 25.16
CA VAL A 56 -6.80 -20.23 23.80
C VAL A 56 -7.88 -21.12 23.21
N GLN A 57 -7.90 -22.38 23.64
CA GLN A 57 -8.89 -23.33 23.15
C GLN A 57 -10.29 -22.95 23.59
N LYS A 58 -10.52 -22.99 24.91
CA LYS A 58 -11.82 -22.64 25.46
C LYS A 58 -12.30 -21.28 24.95
N PHE A 59 -11.35 -20.39 24.69
CA PHE A 59 -11.67 -19.06 24.20
C PHE A 59 -12.49 -19.14 22.91
N ILE A 60 -11.92 -19.78 21.89
CA ILE A 60 -12.60 -19.92 20.61
C ILE A 60 -13.96 -20.58 20.79
N GLU A 61 -14.10 -21.36 21.85
CA GLU A 61 -15.36 -22.05 22.13
C GLU A 61 -16.40 -21.08 22.69
N ILE A 62 -16.13 -20.57 23.90
CA ILE A 62 -17.04 -19.64 24.54
C ILE A 62 -17.35 -18.45 23.63
N ASP A 63 -16.37 -18.05 22.84
CA ASP A 63 -16.53 -16.93 21.92
C ASP A 63 -17.39 -17.33 20.72
N GLN A 64 -17.29 -18.60 20.33
CA GLN A 64 -18.06 -19.11 19.20
C GLN A 64 -19.56 -18.86 19.40
N ALA A 65 -20.13 -19.49 20.41
CA ALA A 65 -21.54 -19.35 20.71
C ALA A 65 -21.91 -17.88 20.88
N TRP A 66 -21.03 -17.12 21.52
CA TRP A 66 -21.26 -15.70 21.75
C TRP A 66 -21.73 -15.01 20.48
N LYS A 67 -21.17 -15.43 19.34
CA LYS A 67 -21.53 -14.85 18.05
C LYS A 67 -22.47 -15.77 17.29
N ILE A 68 -21.97 -16.96 16.94
CA ILE A 68 -22.77 -17.93 16.20
C ILE A 68 -23.52 -18.85 17.15
N LEU A 69 -24.22 -18.26 18.12
CA LEU A 69 -24.98 -19.03 19.10
C LEU A 69 -25.85 -20.08 18.41
N GLY A 70 -26.34 -19.73 17.21
CA GLY A 70 -27.17 -20.67 16.47
C GLY A 70 -26.63 -20.94 15.07
N ASN A 71 -27.53 -21.26 14.16
CA ASN A 71 -27.14 -21.55 12.78
C ASN A 71 -26.33 -20.41 12.19
N GLU A 72 -25.83 -20.60 10.97
CA GLU A 72 -25.04 -19.58 10.30
C GLU A 72 -25.88 -18.33 10.03
N GLU A 73 -27.19 -18.51 9.97
CA GLU A 73 -28.10 -17.40 9.72
C GLU A 73 -28.37 -16.61 11.00
N THR A 74 -28.04 -17.21 12.14
CA THR A 74 -28.25 -16.57 13.43
C THR A 74 -27.62 -15.17 13.45
N LYS A 75 -26.30 -15.12 13.39
CA LYS A 75 -25.59 -13.85 13.41
C LYS A 75 -24.40 -13.89 12.45
N ARG A 76 -23.41 -14.72 12.77
CA ARG A 76 -22.22 -14.85 11.94
C ARG A 76 -21.44 -13.53 11.89
N GLU A 77 -21.43 -12.81 13.01
CA GLU A 77 -20.73 -11.54 13.08
C GLU A 77 -19.22 -11.73 12.96
N TYR A 78 -18.64 -12.43 13.93
CA TYR A 78 -17.22 -12.69 13.94
C TYR A 78 -16.76 -13.29 12.61
N ASP A 79 -17.60 -14.15 12.04
CA ASP A 79 -17.28 -14.78 10.77
C ASP A 79 -17.00 -13.74 9.69
N LEU A 80 -18.04 -13.00 9.30
CA LEU A 80 -17.91 -11.98 8.28
C LEU A 80 -16.85 -10.95 8.67
N GLN A 81 -16.61 -10.84 9.98
CA GLN A 81 -15.62 -9.89 10.49
C GLN A 81 -14.29 -10.05 9.78
N ARG A 82 -13.67 -11.22 9.93
CA ARG A 82 -12.39 -11.50 9.31
C ARG A 82 -12.53 -11.54 7.79
N CYS A 83 -13.73 -11.84 7.32
CA CYS A 83 -14.00 -11.90 5.88
C CYS A 83 -13.85 -10.53 5.23
N GLU A 84 -14.68 -9.59 5.67
CA GLU A 84 -14.64 -8.24 5.13
C GLU A 84 -13.24 -7.65 5.20
N ASP A 85 -12.46 -8.11 6.19
CA ASP A 85 -11.10 -7.64 6.38
C ASP A 85 -10.13 -8.39 5.47
N ASP A 86 -10.47 -9.64 5.16
CA ASP A 86 -9.63 -10.47 4.30
C ASP A 86 -9.91 -10.18 2.82
N LEU A 87 -11.07 -9.60 2.56
CA LEU A 87 -11.46 -9.27 1.19
C LEU A 87 -10.85 -7.95 0.75
N ARG A 88 -10.82 -6.99 1.67
CA ARG A 88 -10.27 -5.67 1.38
C ARG A 88 -8.75 -5.68 1.55
N ASN A 89 -8.24 -6.64 2.31
CA ASN A 89 -6.81 -6.75 2.55
C ASN A 89 -6.09 -7.25 1.30
N VAL A 90 -6.85 -7.84 0.37
CA VAL A 90 -6.29 -8.36 -0.86
C VAL A 90 -5.51 -7.28 -1.61
N GLY A 91 -5.93 -6.03 -1.44
CA GLY A 91 -5.26 -4.93 -2.09
C GLY A 91 -4.01 -4.47 -1.36
N PRO A 92 -3.20 -3.63 -2.01
CA PRO A 92 -1.97 -3.11 -1.43
C PRO A 92 -2.22 -2.13 -0.29
N VAL A 93 -2.33 -2.67 0.92
CA VAL A 93 -2.58 -1.85 2.11
C VAL A 93 -1.86 -2.42 3.32
N ASP A 94 -1.76 -1.60 4.37
CA ASP A 94 -1.10 -2.02 5.60
C ASP A 94 -2.08 -2.68 6.55
N ALA A 95 -3.01 -1.89 7.07
CA ALA A 95 -4.01 -2.41 8.00
C ALA A 95 -5.01 -1.31 8.38
N GLN A 96 -5.95 -1.65 9.26
CA GLN A 96 -6.96 -0.70 9.70
C GLN A 96 -6.52 0.00 10.98
N VAL A 97 -6.92 1.26 11.12
CA VAL A 97 -6.56 2.05 12.29
C VAL A 97 -7.81 2.48 13.06
N TYR A 98 -7.70 2.51 14.39
CA TYR A 98 -8.81 2.90 15.25
C TYR A 98 -8.85 4.41 15.42
N LEU A 99 -10.03 4.99 15.18
CA LEU A 99 -10.20 6.44 15.31
C LEU A 99 -9.72 6.92 16.67
N GLU A 100 -9.72 6.03 17.65
CA GLU A 100 -9.27 6.37 18.99
C GLU A 100 -7.89 7.02 18.96
N GLU A 101 -7.11 6.68 17.95
CA GLU A 101 -5.77 7.23 17.80
C GLU A 101 -5.81 8.58 17.09
N MET A 102 -6.69 8.70 16.11
CA MET A 102 -6.84 9.94 15.36
C MET A 102 -7.31 11.08 16.26
N SER A 103 -6.39 11.98 16.60
CA SER A 103 -6.71 13.11 17.48
C SER A 103 -7.94 13.84 16.96
N TRP A 104 -8.98 13.91 17.80
CA TRP A 104 -10.22 14.59 17.43
C TRP A 104 -10.16 16.07 17.80
N ASN A 105 -10.63 16.93 16.91
CA ASN A 105 -10.64 18.37 17.15
C ASN A 105 -12.07 18.90 17.27
N GLU A 106 -12.39 19.44 18.44
CA GLU A 106 -13.73 19.99 18.67
C GLU A 106 -13.91 21.32 17.96
N GLY A 107 -12.79 21.92 17.54
CA GLY A 107 -12.85 23.19 16.85
C GLY A 107 -13.56 23.09 15.51
N ASP A 108 -13.14 22.14 14.69
CA ASP A 108 -13.73 21.94 13.37
C ASP A 108 -14.40 20.57 13.28
N HIS A 109 -14.45 19.87 14.40
CA HIS A 109 -15.05 18.54 14.44
C HIS A 109 -14.47 17.65 13.36
N SER A 110 -13.20 17.29 13.50
CA SER A 110 -12.52 16.45 12.53
C SER A 110 -11.38 15.68 13.18
N PHE A 111 -10.83 14.71 12.46
CA PHE A 111 -9.73 13.90 12.96
C PHE A 111 -8.55 13.91 12.00
N TYR A 112 -7.36 14.12 12.53
CA TYR A 112 -6.15 14.16 11.71
C TYR A 112 -5.14 13.10 12.16
N LEU A 113 -4.57 12.40 11.20
CA LEU A 113 -3.59 11.35 11.50
C LEU A 113 -2.27 11.64 10.79
N SER A 114 -1.19 11.07 11.34
CA SER A 114 0.14 11.26 10.76
C SER A 114 0.95 9.98 10.83
N CYS A 115 1.54 9.60 9.70
CA CYS A 115 2.35 8.38 9.63
C CYS A 115 3.54 8.45 10.58
N ARG A 116 4.11 7.29 10.89
CA ARG A 116 5.26 7.23 11.79
C ARG A 116 6.49 7.84 11.15
N CYS A 117 6.42 8.07 9.84
CA CYS A 117 7.54 8.66 9.10
C CYS A 117 7.46 10.18 9.11
N GLY A 118 6.26 10.71 8.90
CA GLY A 118 6.07 12.15 8.88
C GLY A 118 4.77 12.56 8.23
N GLY A 119 4.22 11.67 7.40
CA GLY A 119 2.97 11.97 6.71
C GLY A 119 1.93 12.55 7.65
N LYS A 120 0.94 13.23 7.08
CA LYS A 120 -0.13 13.85 7.86
C LYS A 120 -1.36 14.09 7.00
N TYR A 121 -2.53 14.02 7.63
CA TYR A 121 -3.79 14.22 6.92
C TYR A 121 -4.91 14.59 7.90
N SER A 122 -6.04 15.01 7.35
CA SER A 122 -7.19 15.40 8.18
C SER A 122 -8.49 15.10 7.45
N VAL A 123 -9.26 14.15 7.98
CA VAL A 123 -10.54 13.78 7.39
C VAL A 123 -11.70 14.17 8.30
N SER A 124 -12.51 15.10 7.83
CA SER A 124 -13.67 15.56 8.61
C SER A 124 -14.52 14.39 9.06
N LYS A 125 -15.21 14.57 10.18
CA LYS A 125 -16.07 13.52 10.73
C LYS A 125 -17.01 12.98 9.66
N ASP A 126 -17.59 13.88 8.87
CA ASP A 126 -18.50 13.49 7.81
C ASP A 126 -17.75 13.15 6.53
N GLU A 127 -16.49 13.57 6.47
CA GLU A 127 -15.66 13.31 5.30
C GLU A 127 -15.35 11.82 5.17
N ALA A 128 -15.15 11.16 6.30
CA ALA A 128 -14.86 9.73 6.32
C ALA A 128 -15.92 8.95 5.56
N GLU A 129 -17.12 9.50 5.49
CA GLU A 129 -18.24 8.85 4.81
C GLU A 129 -17.92 8.67 3.32
N GLU A 130 -17.16 9.62 2.77
CA GLU A 130 -16.79 9.56 1.36
C GLU A 130 -15.51 8.77 1.16
N VAL A 131 -14.63 8.83 2.15
CA VAL A 131 -13.35 8.12 2.08
C VAL A 131 -13.13 7.28 3.34
N SER A 132 -12.94 5.98 3.15
CA SER A 132 -12.71 5.06 4.26
C SER A 132 -11.25 4.65 4.34
N LEU A 133 -10.53 4.84 3.24
CA LEU A 133 -9.11 4.49 3.18
C LEU A 133 -8.25 5.71 2.88
N ILE A 134 -7.14 5.83 3.58
CA ILE A 134 -6.22 6.95 3.38
C ILE A 134 -4.78 6.47 3.28
N SER A 135 -4.18 6.67 2.10
CA SER A 135 -2.80 6.26 1.87
C SER A 135 -1.83 7.36 2.28
N CYS A 136 -0.72 6.96 2.89
CA CYS A 136 0.29 7.90 3.34
C CYS A 136 1.07 8.47 2.15
N ASP A 137 1.11 9.80 2.06
CA ASP A 137 1.82 10.47 0.98
C ASP A 137 3.28 10.72 1.36
N THR A 138 3.98 9.65 1.74
CA THR A 138 5.38 9.76 2.12
C THR A 138 6.14 8.48 1.79
N CYS A 139 5.53 7.34 2.12
CA CYS A 139 6.15 6.04 1.86
C CYS A 139 5.22 5.16 1.03
N SER A 140 4.21 4.60 1.68
CA SER A 140 3.26 3.73 1.00
C SER A 140 2.25 3.15 1.99
N LEU A 141 1.56 2.08 1.58
CA LEU A 141 0.57 1.44 2.43
C LEU A 141 -0.61 2.37 2.68
N ILE A 142 -1.78 1.78 2.94
CA ILE A 142 -2.98 2.56 3.20
C ILE A 142 -3.65 2.11 4.49
N ILE A 143 -4.26 3.06 5.19
CA ILE A 143 -4.95 2.76 6.45
C ILE A 143 -6.43 3.10 6.36
N GLU A 144 -7.26 2.33 7.06
CA GLU A 144 -8.70 2.55 7.06
C GLU A 144 -9.14 3.24 8.36
N LEU A 145 -10.02 4.23 8.23
CA LEU A 145 -10.53 4.96 9.38
C LEU A 145 -11.82 4.33 9.90
N LEU A 146 -11.74 3.73 11.09
CA LEU A 146 -12.89 3.09 11.70
C LEU A 146 -12.89 3.30 13.21
N HIS A 147 -14.09 3.40 13.79
CA HIS A 147 -14.22 3.60 15.23
C HIS A 147 -13.87 2.31 15.99
N TYR A 148 -13.46 2.46 17.24
CA TYR A 148 -13.10 1.32 18.06
C TYR A 148 -14.31 0.42 18.31
N ASN A 149 -15.49 1.01 18.25
CA ASN A 149 -16.73 0.26 18.47
C ASN A 149 -17.74 0.55 17.36
N HIS A 150 -17.28 0.48 16.11
CA HIS A 150 -18.14 0.74 14.96
C HIS A 150 -17.53 0.17 13.69
N HIS A 151 -18.26 0.27 12.59
CA HIS A 151 -17.79 -0.24 11.30
C HIS A 151 -18.52 0.45 10.15
N HIS A 152 -17.80 1.32 9.44
CA HIS A 152 -18.37 2.05 8.31
C HIS A 152 -17.88 1.46 6.99
N HIS A 153 -18.79 0.88 6.23
CA HIS A 153 -18.46 0.28 4.94
C HIS A 153 -18.90 1.18 3.79
N HIS A 154 -18.08 1.25 2.76
CA HIS A 154 -18.39 2.08 1.59
C HIS A 154 -18.36 1.25 0.31
N HIS A 155 -19.28 1.54 -0.61
CA HIS A 155 -19.36 0.82 -1.87
C HIS A 155 -18.06 0.98 -2.66
ZN ZN B . 3.78 1.13 12.59
N MET A 1 2.42 -9.51 12.34
CA MET A 1 3.11 -8.47 13.11
C MET A 1 3.66 -9.03 14.41
N MET A 2 4.98 -8.94 14.59
CA MET A 2 5.63 -9.44 15.79
C MET A 2 5.68 -8.36 16.86
N ALA A 3 5.45 -8.76 18.11
CA ALA A 3 5.48 -7.82 19.23
C ALA A 3 6.91 -7.60 19.73
N VAL A 4 7.21 -6.35 20.08
CA VAL A 4 8.54 -6.01 20.58
C VAL A 4 8.46 -5.07 21.77
N GLU A 5 7.98 -5.60 22.90
CA GLU A 5 7.85 -4.82 24.12
C GLU A 5 9.15 -4.81 24.91
N GLN A 6 9.74 -5.99 25.06
CA GLN A 6 10.99 -6.13 25.80
C GLN A 6 10.81 -5.72 27.26
N MET A 7 11.92 -5.64 27.99
CA MET A 7 11.88 -5.25 29.39
C MET A 7 12.93 -4.19 29.69
N PRO A 8 12.75 -3.48 30.81
CA PRO A 8 13.67 -2.43 31.24
C PRO A 8 15.01 -2.98 31.71
N LYS A 9 16.08 -2.21 31.48
CA LYS A 9 17.42 -2.63 31.87
C LYS A 9 17.84 -3.89 31.13
N LYS A 10 18.68 -3.73 30.12
CA LYS A 10 19.16 -4.86 29.33
C LYS A 10 20.63 -4.67 28.96
N ASP A 11 21.12 -5.52 28.06
CA ASP A 11 22.51 -5.45 27.62
C ASP A 11 22.81 -4.09 27.00
N TRP A 12 21.77 -3.38 26.61
CA TRP A 12 21.94 -2.06 26.00
C TRP A 12 22.82 -1.16 26.86
N TYR A 13 22.28 -0.71 27.99
CA TYR A 13 23.03 0.14 28.89
C TYR A 13 24.29 -0.56 29.40
N SER A 14 24.30 -1.89 29.31
CA SER A 14 25.43 -2.67 29.77
C SER A 14 26.64 -2.47 28.85
N ILE A 15 26.41 -2.60 27.55
CA ILE A 15 27.48 -2.42 26.57
C ILE A 15 28.16 -1.06 26.74
N LEU A 16 27.39 0.00 26.55
CA LEU A 16 27.92 1.36 26.68
C LEU A 16 28.23 1.68 28.15
N GLY A 17 27.64 0.91 29.05
CA GLY A 17 27.87 1.13 30.47
C GLY A 17 27.65 2.59 30.87
N ALA A 18 26.46 3.11 30.57
CA ALA A 18 26.14 4.49 30.91
C ALA A 18 24.78 4.57 31.60
N ASP A 19 24.77 5.18 32.79
CA ASP A 19 23.54 5.32 33.56
C ASP A 19 22.46 6.01 32.73
N PRO A 20 21.20 5.91 33.20
CA PRO A 20 20.06 6.52 32.52
C PRO A 20 20.07 8.04 32.61
N SER A 21 20.98 8.57 33.41
CA SER A 21 21.10 10.02 33.59
C SER A 21 21.83 10.65 32.41
N ALA A 22 22.84 9.96 31.90
CA ALA A 22 23.62 10.46 30.77
C ALA A 22 22.71 10.86 29.62
N ASN A 23 23.20 11.75 28.77
CA ASN A 23 22.43 12.21 27.62
C ASN A 23 22.67 11.33 26.41
N ILE A 24 21.62 10.67 25.95
CA ILE A 24 21.71 9.78 24.78
C ILE A 24 22.30 10.52 23.59
N SER A 25 22.17 11.85 23.58
CA SER A 25 22.68 12.66 22.50
C SER A 25 24.20 12.56 22.41
N ASP A 26 24.89 13.23 23.33
CA ASP A 26 26.35 13.21 23.37
C ASP A 26 26.87 11.80 23.64
N LEU A 27 25.98 10.92 24.09
CA LEU A 27 26.35 9.54 24.39
C LEU A 27 26.38 8.70 23.12
N LYS A 28 25.25 8.62 22.44
CA LYS A 28 25.14 7.85 21.21
C LYS A 28 26.27 8.21 20.24
N GLN A 29 26.81 9.41 20.39
CA GLN A 29 27.89 9.88 19.53
C GLN A 29 29.25 9.48 20.12
N LYS A 30 29.57 10.02 21.29
CA LYS A 30 30.83 9.72 21.96
C LYS A 30 31.01 8.21 22.14
N TYR A 31 29.92 7.53 22.52
CA TYR A 31 29.95 6.09 22.74
C TYR A 31 30.01 5.35 21.40
N GLN A 32 29.34 5.90 20.39
CA GLN A 32 29.31 5.28 19.07
C GLN A 32 30.70 4.85 18.65
N LYS A 33 31.69 5.71 18.89
CA LYS A 33 33.07 5.41 18.52
C LYS A 33 33.70 4.45 19.53
N LEU A 34 33.30 4.57 20.79
CA LEU A 34 33.82 3.71 21.84
C LEU A 34 33.44 2.25 21.60
N ILE A 35 32.14 1.99 21.54
CA ILE A 35 31.64 0.64 21.30
C ILE A 35 32.25 0.04 20.04
N LEU A 36 32.39 0.87 19.01
CA LEU A 36 32.96 0.43 17.74
C LEU A 36 34.42 0.07 17.89
N MET A 37 35.09 0.73 18.84
CA MET A 37 36.51 0.48 19.09
C MET A 37 36.69 -0.69 20.04
N TYR A 38 35.69 -0.93 20.89
CA TYR A 38 35.75 -2.03 21.84
C TYR A 38 35.66 -3.38 21.14
N HIS A 39 35.01 -3.38 19.98
CA HIS A 39 34.85 -4.62 19.20
C HIS A 39 36.20 -5.29 18.97
N PRO A 40 36.21 -6.63 19.07
CA PRO A 40 37.42 -7.42 18.90
C PRO A 40 37.90 -7.43 17.44
N ASP A 41 38.77 -6.49 17.10
CA ASP A 41 39.30 -6.38 15.75
C ASP A 41 40.78 -6.74 15.73
N LYS A 42 41.08 -7.96 15.28
CA LYS A 42 42.46 -8.43 15.20
C LYS A 42 42.82 -8.81 13.77
N GLN A 43 44.07 -9.23 13.57
CA GLN A 43 44.55 -9.63 12.25
C GLN A 43 44.13 -11.06 11.93
N SER A 44 44.74 -12.01 12.64
CA SER A 44 44.43 -13.42 12.42
C SER A 44 44.77 -14.24 13.66
N THR A 45 43.74 -14.67 14.39
CA THR A 45 43.94 -15.45 15.60
C THR A 45 43.40 -16.87 15.42
N ASP A 46 43.39 -17.34 14.18
CA ASP A 46 42.89 -18.68 13.87
C ASP A 46 41.43 -18.82 14.27
N VAL A 47 40.54 -18.34 13.40
CA VAL A 47 39.11 -18.43 13.65
C VAL A 47 38.34 -18.74 12.38
N PRO A 48 38.36 -20.03 11.98
CA PRO A 48 37.67 -20.48 10.77
C PRO A 48 36.15 -20.46 10.92
N ALA A 49 35.48 -19.80 9.98
CA ALA A 49 34.03 -19.69 10.01
C ALA A 49 33.57 -18.72 11.09
N GLY A 50 33.91 -19.01 12.34
CA GLY A 50 33.53 -18.15 13.44
C GLY A 50 33.94 -16.71 13.22
N THR A 51 34.98 -16.50 12.42
CA THR A 51 35.47 -15.16 12.12
C THR A 51 34.33 -14.24 11.72
N VAL A 52 33.44 -14.74 10.87
CA VAL A 52 32.31 -13.96 10.39
C VAL A 52 31.17 -13.97 11.41
N GLU A 53 30.90 -15.14 11.97
CA GLU A 53 29.83 -15.28 12.96
C GLU A 53 30.03 -14.30 14.11
N GLU A 54 31.29 -13.95 14.38
CA GLU A 54 31.61 -13.02 15.45
C GLU A 54 31.46 -11.57 14.99
N CYS A 55 31.96 -11.28 13.80
CA CYS A 55 31.89 -9.93 13.24
C CYS A 55 30.44 -9.48 13.15
N VAL A 56 29.62 -10.25 12.45
CA VAL A 56 28.21 -9.92 12.28
C VAL A 56 27.50 -9.84 13.63
N GLN A 57 27.71 -10.87 14.46
CA GLN A 57 27.08 -10.91 15.78
C GLN A 57 27.36 -9.62 16.56
N LYS A 58 28.63 -9.33 16.77
CA LYS A 58 29.03 -8.14 17.50
C LYS A 58 28.42 -6.88 16.87
N PHE A 59 28.30 -6.90 15.55
CA PHE A 59 27.73 -5.76 14.82
C PHE A 59 26.30 -5.49 15.28
N ILE A 60 25.60 -6.54 15.68
CA ILE A 60 24.23 -6.40 16.14
C ILE A 60 24.18 -5.87 17.58
N GLU A 61 25.18 -6.24 18.38
CA GLU A 61 25.24 -5.80 19.76
C GLU A 61 25.70 -4.35 19.85
N ILE A 62 26.79 -4.03 19.16
CA ILE A 62 27.34 -2.68 19.15
C ILE A 62 26.30 -1.67 18.68
N ASP A 63 25.49 -2.07 17.69
CA ASP A 63 24.46 -1.20 17.14
C ASP A 63 23.23 -1.20 18.04
N GLN A 64 23.06 -2.27 18.81
CA GLN A 64 21.92 -2.39 19.71
C GLN A 64 21.87 -1.22 20.68
N ALA A 65 22.86 -1.13 21.56
CA ALA A 65 22.93 -0.05 22.53
C ALA A 65 23.16 1.30 21.85
N TRP A 66 23.91 1.27 20.76
CA TRP A 66 24.21 2.49 20.01
C TRP A 66 22.97 3.36 19.85
N LYS A 67 21.85 2.71 19.55
CA LYS A 67 20.58 3.43 19.36
C LYS A 67 19.71 3.30 20.61
N ILE A 68 19.27 2.08 20.90
CA ILE A 68 18.43 1.83 22.06
C ILE A 68 19.27 1.46 23.28
N LEU A 69 20.20 2.35 23.64
CA LEU A 69 21.07 2.13 24.79
C LEU A 69 20.24 1.86 26.05
N GLY A 70 18.97 2.23 26.00
CA GLY A 70 18.10 2.02 27.15
C GLY A 70 16.74 1.49 26.75
N ASN A 71 15.79 1.51 27.69
CA ASN A 71 14.45 1.03 27.43
C ASN A 71 13.78 1.83 26.32
N GLU A 72 12.48 1.63 26.15
CA GLU A 72 11.72 2.34 25.12
C GLU A 72 11.86 3.86 25.30
N GLU A 73 12.18 4.28 26.51
CA GLU A 73 12.34 5.70 26.81
C GLU A 73 13.54 6.28 26.05
N THR A 74 14.38 5.41 25.52
CA THR A 74 15.56 5.82 24.78
C THR A 74 15.20 6.89 23.74
N LYS A 75 14.45 6.48 22.72
CA LYS A 75 14.04 7.40 21.67
C LYS A 75 12.67 7.03 21.12
N ARG A 76 12.47 5.74 20.87
CA ARG A 76 11.20 5.24 20.34
C ARG A 76 11.04 5.62 18.87
N GLU A 77 10.94 6.92 18.61
CA GLU A 77 10.78 7.41 17.25
C GLU A 77 11.83 6.80 16.33
N TYR A 78 13.09 6.91 16.72
CA TYR A 78 14.19 6.37 15.93
C TYR A 78 13.93 4.91 15.56
N ASP A 79 13.56 4.11 16.56
CA ASP A 79 13.28 2.70 16.34
C ASP A 79 12.21 2.51 15.27
N LEU A 80 11.00 2.97 15.58
CA LEU A 80 9.88 2.85 14.64
C LEU A 80 10.25 3.43 13.27
N GLN A 81 11.14 4.40 13.28
CA GLN A 81 11.59 5.04 12.04
C GLN A 81 12.04 4.00 11.02
N ARG A 82 13.06 3.23 11.38
CA ARG A 82 13.59 2.20 10.50
C ARG A 82 12.57 1.07 10.31
N CYS A 83 11.65 0.94 11.27
CA CYS A 83 10.63 -0.09 11.22
C CYS A 83 9.63 0.19 10.10
N GLU A 84 8.94 1.32 10.20
CA GLU A 84 7.95 1.71 9.19
C GLU A 84 8.55 1.67 7.79
N ASP A 85 9.86 1.92 7.71
CA ASP A 85 10.55 1.90 6.43
C ASP A 85 10.82 0.47 5.96
N ASP A 86 11.04 -0.42 6.93
CA ASP A 86 11.30 -1.82 6.63
C ASP A 86 10.01 -2.59 6.39
N LEU A 87 8.91 -2.06 6.92
CA LEU A 87 7.61 -2.69 6.77
C LEU A 87 6.98 -2.33 5.43
N ARG A 88 7.37 -1.18 4.88
CA ARG A 88 6.85 -0.72 3.60
C ARG A 88 7.57 -1.40 2.44
N ASN A 89 8.69 -2.06 2.75
CA ASN A 89 9.47 -2.75 1.73
C ASN A 89 9.06 -4.21 1.63
N VAL A 90 8.64 -4.79 2.75
CA VAL A 90 8.22 -6.18 2.80
C VAL A 90 7.05 -6.42 1.86
N GLY A 91 6.33 -5.35 1.51
CA GLY A 91 5.20 -5.46 0.62
C GLY A 91 3.98 -4.70 1.13
N PRO A 92 2.80 -5.04 0.60
CA PRO A 92 1.55 -4.39 0.98
C PRO A 92 1.11 -4.77 2.40
N VAL A 93 1.46 -3.92 3.36
CA VAL A 93 1.11 -4.17 4.76
C VAL A 93 0.14 -3.11 5.28
N ASP A 94 -0.90 -2.84 4.50
CA ASP A 94 -1.91 -1.85 4.88
C ASP A 94 -2.96 -2.46 5.81
N ALA A 95 -3.00 -1.98 7.04
CA ALA A 95 -3.95 -2.47 8.03
C ALA A 95 -4.98 -1.40 8.39
N GLN A 96 -5.88 -1.73 9.30
CA GLN A 96 -6.92 -0.80 9.73
C GLN A 96 -6.48 -0.04 10.98
N VAL A 97 -6.92 1.21 11.09
CA VAL A 97 -6.57 2.05 12.23
C VAL A 97 -7.82 2.54 12.95
N TYR A 98 -7.74 2.62 14.28
CA TYR A 98 -8.86 3.08 15.09
C TYR A 98 -8.84 4.59 15.26
N LEU A 99 -9.94 5.24 14.89
CA LEU A 99 -10.04 6.69 14.99
C LEU A 99 -9.74 7.15 16.41
N GLU A 100 -9.88 6.24 17.37
CA GLU A 100 -9.63 6.56 18.77
C GLU A 100 -8.19 7.03 18.96
N GLU A 101 -7.33 6.70 17.99
CA GLU A 101 -5.92 7.09 18.06
C GLU A 101 -5.65 8.32 17.20
N MET A 102 -6.70 8.81 16.54
CA MET A 102 -6.57 9.98 15.68
C MET A 102 -6.93 11.26 16.44
N SER A 103 -5.98 12.19 16.50
CA SER A 103 -6.19 13.45 17.20
C SER A 103 -7.48 14.12 16.74
N TRP A 104 -8.53 14.03 17.56
CA TRP A 104 -9.81 14.62 17.24
C TRP A 104 -9.92 16.03 17.82
N ASN A 105 -10.83 16.83 17.26
CA ASN A 105 -11.03 18.20 17.72
C ASN A 105 -12.52 18.54 17.74
N GLU A 106 -13.12 18.50 18.92
CA GLU A 106 -14.54 18.82 19.07
C GLU A 106 -14.83 20.22 18.57
N GLY A 107 -13.80 21.07 18.52
CA GLY A 107 -13.98 22.43 18.07
C GLY A 107 -14.67 22.51 16.71
N ASP A 108 -14.16 21.75 15.75
CA ASP A 108 -14.73 21.73 14.41
C ASP A 108 -15.27 20.34 14.07
N HIS A 109 -15.39 19.49 15.09
CA HIS A 109 -15.91 18.14 14.91
C HIS A 109 -15.16 17.43 13.78
N SER A 110 -13.83 17.42 13.87
CA SER A 110 -13.01 16.78 12.85
C SER A 110 -11.80 16.09 13.49
N PHE A 111 -11.21 15.16 12.75
CA PHE A 111 -10.05 14.41 13.25
C PHE A 111 -8.88 14.52 12.26
N TYR A 112 -7.67 14.31 12.78
CA TYR A 112 -6.48 14.38 11.95
C TYR A 112 -5.54 13.21 12.24
N LEU A 113 -4.94 12.66 11.19
CA LEU A 113 -4.03 11.53 11.34
C LEU A 113 -2.62 11.93 10.90
N SER A 114 -1.63 11.17 11.39
CA SER A 114 -0.23 11.45 11.05
C SER A 114 0.53 10.14 10.83
N CYS A 115 1.63 10.23 10.09
CA CYS A 115 2.45 9.06 9.80
C CYS A 115 3.68 9.03 10.71
N ARG A 116 4.48 7.98 10.56
CA ARG A 116 5.68 7.82 11.37
C ARG A 116 6.93 8.19 10.57
N CYS A 117 6.74 8.48 9.28
CA CYS A 117 7.85 8.85 8.41
C CYS A 117 7.82 10.35 8.10
N GLY A 118 6.62 10.87 7.83
CA GLY A 118 6.48 12.27 7.51
C GLY A 118 5.11 12.61 6.93
N GLY A 119 4.47 11.61 6.33
CA GLY A 119 3.17 11.82 5.74
C GLY A 119 2.22 12.54 6.67
N LYS A 120 1.30 13.30 6.09
CA LYS A 120 0.32 14.06 6.88
C LYS A 120 -1.05 14.02 6.22
N TYR A 121 -2.09 14.00 7.04
CA TYR A 121 -3.46 13.95 6.55
C TYR A 121 -4.45 14.42 7.61
N SER A 122 -5.62 14.85 7.18
CA SER A 122 -6.66 15.33 8.09
C SER A 122 -8.04 15.20 7.47
N VAL A 123 -8.85 14.30 8.03
CA VAL A 123 -10.20 14.08 7.53
C VAL A 123 -11.25 14.50 8.55
N SER A 124 -12.23 15.27 8.11
CA SER A 124 -13.28 15.75 9.00
C SER A 124 -14.25 14.61 9.34
N LYS A 125 -15.09 14.85 10.35
CA LYS A 125 -16.06 13.85 10.78
C LYS A 125 -16.98 13.45 9.63
N ASP A 126 -17.54 14.45 8.95
CA ASP A 126 -18.44 14.20 7.83
C ASP A 126 -17.67 13.66 6.63
N GLU A 127 -16.39 13.98 6.57
CA GLU A 127 -15.54 13.52 5.47
C GLU A 127 -15.27 12.02 5.58
N ALA A 128 -15.16 11.53 6.82
CA ALA A 128 -14.91 10.12 7.06
C ALA A 128 -15.95 9.24 6.37
N GLU A 129 -17.22 9.59 6.55
CA GLU A 129 -18.31 8.83 5.96
C GLU A 129 -18.23 8.88 4.43
N GLU A 130 -17.53 9.89 3.91
CA GLU A 130 -17.39 10.05 2.47
C GLU A 130 -16.16 9.30 1.97
N VAL A 131 -15.14 9.21 2.81
CA VAL A 131 -13.90 8.52 2.46
C VAL A 131 -13.33 7.77 3.65
N SER A 132 -13.01 6.49 3.44
CA SER A 132 -12.45 5.66 4.51
C SER A 132 -11.06 5.17 4.14
N LEU A 133 -10.69 5.33 2.87
CA LEU A 133 -9.38 4.91 2.39
C LEU A 133 -8.39 6.07 2.40
N ILE A 134 -7.32 5.93 3.16
CA ILE A 134 -6.31 6.96 3.27
C ILE A 134 -4.90 6.36 3.23
N SER A 135 -4.18 6.64 2.14
CA SER A 135 -2.82 6.12 1.98
C SER A 135 -1.79 7.21 2.23
N CYS A 136 -0.54 6.81 2.47
CA CYS A 136 0.53 7.76 2.73
C CYS A 136 1.21 8.17 1.43
N ASP A 137 1.62 9.44 1.36
CA ASP A 137 2.28 9.95 0.16
C ASP A 137 3.80 9.97 0.35
N THR A 138 4.36 8.81 0.67
CA THR A 138 5.80 8.68 0.87
C THR A 138 6.19 7.22 1.08
N CYS A 139 5.64 6.60 2.10
CA CYS A 139 5.94 5.20 2.41
C CYS A 139 4.83 4.28 1.89
N SER A 140 5.22 3.12 1.39
CA SER A 140 4.26 2.15 0.86
C SER A 140 3.41 1.56 1.99
N LEU A 141 2.32 2.25 2.32
CA LEU A 141 1.42 1.79 3.37
C LEU A 141 0.12 2.57 3.35
N ILE A 142 -0.99 1.88 3.64
CA ILE A 142 -2.30 2.50 3.65
C ILE A 142 -3.09 2.09 4.88
N ILE A 143 -3.95 2.98 5.35
CA ILE A 143 -4.78 2.72 6.52
C ILE A 143 -6.23 3.08 6.27
N GLU A 144 -7.14 2.35 6.91
CA GLU A 144 -8.58 2.60 6.76
C GLU A 144 -9.16 3.23 8.01
N LEU A 145 -10.20 4.02 7.84
CA LEU A 145 -10.86 4.69 8.97
C LEU A 145 -11.93 3.80 9.57
N LEU A 146 -11.74 3.42 10.83
CA LEU A 146 -12.69 2.58 11.54
C LEU A 146 -13.56 3.39 12.50
N HIS A 147 -14.84 3.50 12.17
CA HIS A 147 -15.77 4.25 12.99
C HIS A 147 -16.48 3.34 13.99
N TYR A 148 -15.70 2.49 14.65
CA TYR A 148 -16.25 1.56 15.64
C TYR A 148 -15.83 1.93 17.05
N ASN A 149 -16.40 1.26 18.04
CA ASN A 149 -16.07 1.53 19.44
C ASN A 149 -15.37 0.32 20.07
N HIS A 150 -16.13 -0.75 20.27
CA HIS A 150 -15.58 -1.97 20.87
C HIS A 150 -14.58 -2.63 19.92
N HIS A 151 -13.59 -3.30 20.50
CA HIS A 151 -12.57 -3.99 19.71
C HIS A 151 -12.06 -5.22 20.44
N HIS A 152 -11.35 -6.08 19.71
CA HIS A 152 -10.81 -7.31 20.29
C HIS A 152 -9.64 -7.82 19.45
N HIS A 153 -8.81 -8.67 20.07
CA HIS A 153 -7.66 -9.24 19.39
C HIS A 153 -6.98 -10.29 20.25
N HIS A 154 -6.54 -11.38 19.62
CA HIS A 154 -5.87 -12.47 20.33
C HIS A 154 -6.79 -13.04 21.41
N HIS A 155 -6.22 -13.91 22.25
CA HIS A 155 -6.99 -14.53 23.33
C HIS A 155 -7.00 -13.65 24.56
ZN ZN B . -8.01 3.72 -2.65
N MET A 1 -19.12 -29.44 -24.32
CA MET A 1 -18.36 -30.03 -23.22
C MET A 1 -17.18 -29.14 -22.84
N MET A 2 -16.34 -28.83 -23.81
CA MET A 2 -15.16 -27.99 -23.58
C MET A 2 -15.26 -26.69 -24.38
N ALA A 3 -15.18 -25.57 -23.68
CA ALA A 3 -15.26 -24.26 -24.33
C ALA A 3 -14.46 -23.22 -23.55
N VAL A 4 -13.97 -22.21 -24.27
CA VAL A 4 -13.18 -21.15 -23.65
C VAL A 4 -13.83 -19.79 -23.87
N GLU A 5 -14.28 -19.54 -25.10
CA GLU A 5 -14.92 -18.27 -25.44
C GLU A 5 -16.25 -18.13 -24.70
N GLN A 6 -16.84 -19.25 -24.33
CA GLN A 6 -18.12 -19.25 -23.62
C GLN A 6 -18.04 -18.34 -22.39
N MET A 7 -16.93 -18.40 -21.67
CA MET A 7 -16.75 -17.58 -20.48
C MET A 7 -17.00 -16.11 -20.78
N PRO A 8 -17.26 -15.32 -19.74
CA PRO A 8 -17.53 -13.89 -19.86
C PRO A 8 -16.29 -13.10 -20.27
N LYS A 9 -16.43 -12.28 -21.32
CA LYS A 9 -15.33 -11.48 -21.81
C LYS A 9 -15.83 -10.20 -22.47
N LYS A 10 -14.92 -9.42 -23.03
CA LYS A 10 -15.28 -8.18 -23.69
C LYS A 10 -14.31 -7.86 -24.83
N ASP A 11 -14.30 -8.72 -25.85
CA ASP A 11 -13.43 -8.53 -26.99
C ASP A 11 -13.78 -7.26 -27.76
N TRP A 12 -15.02 -7.18 -28.23
CA TRP A 12 -15.48 -6.01 -28.97
C TRP A 12 -15.13 -4.72 -28.22
N TYR A 13 -15.21 -4.77 -26.90
CA TYR A 13 -14.92 -3.61 -26.08
C TYR A 13 -13.56 -3.02 -26.43
N SER A 14 -12.56 -3.89 -26.55
CA SER A 14 -11.21 -3.45 -26.89
C SER A 14 -11.03 -3.38 -28.40
N ILE A 15 -11.42 -4.43 -29.09
CA ILE A 15 -11.30 -4.50 -30.54
C ILE A 15 -11.87 -3.24 -31.19
N LEU A 16 -13.13 -2.92 -30.87
CA LEU A 16 -13.79 -1.75 -31.41
C LEU A 16 -13.52 -0.52 -30.55
N GLY A 17 -13.11 -0.76 -29.31
CA GLY A 17 -12.83 0.34 -28.40
C GLY A 17 -14.08 1.07 -27.96
N ALA A 18 -15.14 0.31 -27.68
CA ALA A 18 -16.41 0.91 -27.25
C ALA A 18 -16.50 0.95 -25.73
N ASP A 19 -17.36 1.83 -25.22
CA ASP A 19 -17.55 1.97 -23.79
C ASP A 19 -18.73 1.13 -23.31
N PRO A 20 -18.81 0.93 -21.98
CA PRO A 20 -19.89 0.15 -21.37
C PRO A 20 -21.25 0.85 -21.45
N SER A 21 -21.22 2.11 -21.89
CA SER A 21 -22.45 2.88 -22.02
C SER A 21 -22.90 2.96 -23.47
N ALA A 22 -21.96 2.77 -24.39
CA ALA A 22 -22.26 2.82 -25.82
C ALA A 22 -23.23 1.72 -26.21
N ASN A 23 -24.27 2.09 -26.96
CA ASN A 23 -25.27 1.12 -27.40
C ASN A 23 -24.62 -0.05 -28.14
N ILE A 24 -24.77 -1.24 -27.60
CA ILE A 24 -24.20 -2.44 -28.21
C ILE A 24 -24.53 -2.51 -29.69
N SER A 25 -25.71 -2.01 -30.05
CA SER A 25 -26.15 -2.00 -31.45
C SER A 25 -25.73 -0.72 -32.15
N ASP A 26 -26.24 0.40 -31.66
CA ASP A 26 -25.93 1.70 -32.24
C ASP A 26 -24.42 1.85 -32.48
N LEU A 27 -23.64 1.35 -31.53
CA LEU A 27 -22.18 1.42 -31.63
C LEU A 27 -21.65 0.35 -32.58
N LYS A 28 -22.28 -0.82 -32.57
CA LYS A 28 -21.88 -1.93 -33.42
C LYS A 28 -21.83 -1.49 -34.88
N GLN A 29 -22.58 -0.45 -35.21
CA GLN A 29 -22.64 0.06 -36.57
C GLN A 29 -21.52 1.09 -36.81
N LYS A 30 -21.55 2.17 -36.03
CA LYS A 30 -20.54 3.22 -36.15
C LYS A 30 -19.15 2.65 -35.96
N TYR A 31 -19.01 1.71 -35.05
CA TYR A 31 -17.72 1.08 -34.77
C TYR A 31 -17.35 0.07 -35.85
N GLN A 32 -18.36 -0.63 -36.38
CA GLN A 32 -18.14 -1.61 -37.41
C GLN A 32 -17.24 -1.07 -38.52
N LYS A 33 -17.52 0.15 -38.96
CA LYS A 33 -16.73 0.79 -40.01
C LYS A 33 -15.40 1.29 -39.45
N LEU A 34 -15.40 1.67 -38.17
CA LEU A 34 -14.19 2.16 -37.52
C LEU A 34 -13.11 1.09 -37.50
N ILE A 35 -13.41 -0.04 -36.87
CA ILE A 35 -12.46 -1.14 -36.79
C ILE A 35 -11.91 -1.50 -38.17
N LEU A 36 -12.80 -1.57 -39.16
CA LEU A 36 -12.40 -1.90 -40.52
C LEU A 36 -11.61 -0.75 -41.15
N MET A 37 -11.84 0.45 -40.66
CA MET A 37 -11.15 1.63 -41.17
C MET A 37 -9.79 1.81 -40.47
N TYR A 38 -9.64 1.17 -39.32
CA TYR A 38 -8.40 1.26 -38.57
C TYR A 38 -7.27 0.50 -39.25
N HIS A 39 -7.55 -0.76 -39.59
CA HIS A 39 -6.56 -1.60 -40.25
C HIS A 39 -5.22 -1.53 -39.54
N PRO A 40 -5.08 -2.32 -38.46
CA PRO A 40 -3.85 -2.38 -37.67
C PRO A 40 -2.70 -3.03 -38.42
N ASP A 41 -2.01 -2.25 -39.24
CA ASP A 41 -0.89 -2.77 -40.02
C ASP A 41 -0.27 -1.67 -40.87
N LYS A 42 0.75 -0.99 -40.33
CA LYS A 42 1.42 0.08 -41.05
C LYS A 42 2.92 -0.19 -41.15
N GLN A 43 3.59 -0.18 -40.00
CA GLN A 43 5.02 -0.41 -39.95
C GLN A 43 5.78 0.68 -40.70
N SER A 44 7.09 0.51 -40.83
CA SER A 44 7.93 1.48 -41.52
C SER A 44 7.39 1.77 -42.91
N THR A 45 7.61 0.83 -43.84
CA THR A 45 7.14 1.00 -45.21
C THR A 45 6.33 -0.21 -45.66
N ASP A 46 6.74 -1.39 -45.20
CA ASP A 46 6.05 -2.62 -45.55
C ASP A 46 5.49 -3.32 -44.32
N VAL A 47 5.36 -4.63 -44.39
CA VAL A 47 4.85 -5.43 -43.27
C VAL A 47 5.53 -6.79 -43.19
N PRO A 48 6.75 -6.81 -42.63
CA PRO A 48 7.52 -8.04 -42.49
C PRO A 48 6.92 -8.98 -41.45
N ALA A 49 6.67 -10.23 -41.87
CA ALA A 49 6.10 -11.23 -40.97
C ALA A 49 4.61 -10.97 -40.75
N GLY A 50 4.28 -9.77 -40.31
CA GLY A 50 2.89 -9.43 -40.06
C GLY A 50 2.04 -9.53 -41.32
N THR A 51 2.69 -9.56 -42.47
CA THR A 51 1.99 -9.65 -43.74
C THR A 51 0.93 -10.75 -43.71
N VAL A 52 1.37 -11.97 -43.41
CA VAL A 52 0.46 -13.11 -43.35
C VAL A 52 -0.28 -13.15 -42.00
N GLU A 53 0.46 -12.91 -40.93
CA GLU A 53 -0.13 -12.92 -39.59
C GLU A 53 -1.36 -12.03 -39.53
N GLU A 54 -1.16 -10.74 -39.80
CA GLU A 54 -2.26 -9.78 -39.78
C GLU A 54 -3.30 -10.11 -40.85
N CYS A 55 -2.84 -10.67 -41.96
CA CYS A 55 -3.72 -11.03 -43.07
C CYS A 55 -4.90 -11.86 -42.56
N VAL A 56 -4.60 -12.90 -41.81
CA VAL A 56 -5.64 -13.78 -41.26
C VAL A 56 -6.21 -13.21 -39.98
N GLN A 57 -5.35 -12.61 -39.16
CA GLN A 57 -5.77 -12.04 -37.89
C GLN A 57 -6.83 -10.95 -38.12
N LYS A 58 -6.80 -10.35 -39.29
CA LYS A 58 -7.75 -9.29 -39.64
C LYS A 58 -9.19 -9.76 -39.39
N PHE A 59 -9.60 -10.78 -40.12
CA PHE A 59 -10.95 -11.33 -39.99
C PHE A 59 -11.20 -11.80 -38.56
N ILE A 60 -10.16 -12.30 -37.91
CA ILE A 60 -10.27 -12.78 -36.54
C ILE A 60 -10.57 -11.64 -35.58
N GLU A 61 -10.03 -10.46 -35.89
CA GLU A 61 -10.23 -9.29 -35.04
C GLU A 61 -11.70 -8.88 -35.03
N ILE A 62 -12.18 -8.36 -36.16
CA ILE A 62 -13.57 -7.94 -36.28
C ILE A 62 -14.52 -9.03 -35.83
N ASP A 63 -14.16 -10.28 -36.12
CA ASP A 63 -14.99 -11.42 -35.73
C ASP A 63 -14.96 -11.63 -34.22
N GLN A 64 -13.81 -11.35 -33.62
CA GLN A 64 -13.64 -11.51 -32.17
C GLN A 64 -14.58 -10.59 -31.41
N ALA A 65 -14.88 -9.43 -32.01
CA ALA A 65 -15.77 -8.46 -31.39
C ALA A 65 -17.21 -8.97 -31.36
N TRP A 66 -17.73 -9.29 -32.54
CA TRP A 66 -19.10 -9.78 -32.66
C TRP A 66 -19.27 -11.10 -31.91
N LYS A 67 -18.14 -11.75 -31.60
CA LYS A 67 -18.16 -13.02 -30.89
C LYS A 67 -18.58 -12.83 -29.43
N ILE A 68 -17.84 -11.99 -28.71
CA ILE A 68 -18.15 -11.72 -27.31
C ILE A 68 -19.27 -10.70 -27.19
N LEU A 69 -19.77 -10.23 -28.33
CA LEU A 69 -20.85 -9.24 -28.34
C LEU A 69 -22.17 -9.88 -27.93
N GLY A 70 -22.17 -11.20 -27.78
CA GLY A 70 -23.37 -11.91 -27.39
C GLY A 70 -23.36 -12.28 -25.92
N ASN A 71 -22.20 -12.21 -25.29
CA ASN A 71 -22.06 -12.55 -23.88
C ASN A 71 -23.05 -11.74 -23.03
N GLU A 72 -23.45 -12.30 -21.90
CA GLU A 72 -24.39 -11.64 -21.01
C GLU A 72 -23.65 -10.70 -20.05
N GLU A 73 -22.46 -11.12 -19.63
CA GLU A 73 -21.66 -10.33 -18.71
C GLU A 73 -20.90 -9.24 -19.45
N THR A 74 -20.59 -9.49 -20.72
CA THR A 74 -19.88 -8.53 -21.55
C THR A 74 -20.58 -7.17 -21.55
N LYS A 75 -21.89 -7.19 -21.32
CA LYS A 75 -22.67 -5.96 -21.30
C LYS A 75 -22.11 -4.97 -20.27
N ARG A 76 -21.64 -5.50 -19.15
CA ARG A 76 -21.08 -4.67 -18.09
C ARG A 76 -20.62 -5.53 -16.91
N GLU A 77 -21.34 -6.61 -16.67
CA GLU A 77 -21.01 -7.51 -15.56
C GLU A 77 -19.53 -7.84 -15.57
N TYR A 78 -19.06 -8.46 -16.65
CA TYR A 78 -17.65 -8.85 -16.76
C TYR A 78 -16.74 -7.66 -16.48
N ASP A 79 -17.18 -6.47 -16.91
CA ASP A 79 -16.41 -5.25 -16.70
C ASP A 79 -16.10 -5.05 -15.22
N LEU A 80 -17.15 -4.83 -14.43
CA LEU A 80 -16.98 -4.62 -13.00
C LEU A 80 -16.20 -5.75 -12.36
N GLN A 81 -16.29 -6.94 -12.96
CA GLN A 81 -15.59 -8.10 -12.45
C GLN A 81 -14.11 -7.81 -12.24
N ARG A 82 -13.43 -7.43 -13.32
CA ARG A 82 -12.01 -7.12 -13.26
C ARG A 82 -11.77 -5.84 -12.46
N CYS A 83 -12.80 -5.00 -12.37
CA CYS A 83 -12.70 -3.75 -11.63
C CYS A 83 -12.60 -4.00 -10.14
N GLU A 84 -13.62 -4.63 -9.58
CA GLU A 84 -13.65 -4.94 -8.15
C GLU A 84 -12.37 -5.68 -7.73
N ASP A 85 -11.81 -6.44 -8.66
CA ASP A 85 -10.59 -7.20 -8.38
C ASP A 85 -9.37 -6.30 -8.44
N ASP A 86 -9.43 -5.28 -9.29
CA ASP A 86 -8.32 -4.35 -9.45
C ASP A 86 -8.37 -3.27 -8.38
N LEU A 87 -9.55 -3.07 -7.79
CA LEU A 87 -9.72 -2.07 -6.74
C LEU A 87 -9.28 -2.61 -5.38
N ARG A 88 -9.39 -3.93 -5.21
CA ARG A 88 -9.01 -4.57 -3.97
C ARG A 88 -7.57 -4.21 -3.59
N ASN A 89 -6.72 -4.08 -4.60
CA ASN A 89 -5.31 -3.75 -4.38
C ASN A 89 -5.18 -2.41 -3.68
N VAL A 90 -6.24 -1.60 -3.75
CA VAL A 90 -6.23 -0.28 -3.12
C VAL A 90 -6.83 -0.36 -1.71
N GLY A 91 -6.91 -1.57 -1.18
CA GLY A 91 -7.46 -1.76 0.16
C GLY A 91 -6.44 -1.53 1.25
N PRO A 92 -6.71 -2.03 2.46
CA PRO A 92 -5.82 -1.89 3.60
C PRO A 92 -4.54 -2.72 3.45
N VAL A 93 -3.74 -2.38 2.44
CA VAL A 93 -2.49 -3.09 2.19
C VAL A 93 -1.52 -2.94 3.35
N ASP A 94 -1.54 -1.76 3.97
CA ASP A 94 -0.66 -1.49 5.11
C ASP A 94 -1.25 -2.06 6.40
N ALA A 95 -2.34 -1.45 6.86
CA ALA A 95 -3.01 -1.89 8.08
C ALA A 95 -4.21 -1.01 8.40
N GLN A 96 -4.88 -1.32 9.51
CA GLN A 96 -6.05 -0.55 9.93
C GLN A 96 -5.72 0.35 11.11
N VAL A 97 -6.49 1.41 11.28
CA VAL A 97 -6.29 2.35 12.37
C VAL A 97 -7.60 2.65 13.10
N TYR A 98 -7.51 2.83 14.42
CA TYR A 98 -8.69 3.11 15.22
C TYR A 98 -8.91 4.62 15.34
N LEU A 99 -10.13 5.05 15.06
CA LEU A 99 -10.47 6.47 15.13
C LEU A 99 -10.18 7.03 16.52
N GLU A 100 -10.12 6.14 17.51
CA GLU A 100 -9.84 6.55 18.88
C GLU A 100 -8.39 7.00 19.04
N GLU A 101 -7.57 6.69 18.04
CA GLU A 101 -6.17 7.07 18.07
C GLU A 101 -5.95 8.41 17.38
N MET A 102 -6.88 8.78 16.50
CA MET A 102 -6.79 10.05 15.78
C MET A 102 -6.98 11.23 16.72
N SER A 103 -6.61 12.42 16.25
CA SER A 103 -6.74 13.63 17.06
C SER A 103 -8.11 14.25 16.88
N TRP A 104 -8.70 14.68 17.99
CA TRP A 104 -10.03 15.30 17.96
C TRP A 104 -9.92 16.81 17.79
N ASN A 105 -10.60 17.33 16.77
CA ASN A 105 -10.57 18.77 16.49
C ASN A 105 -11.98 19.30 16.29
N GLU A 106 -12.72 19.44 17.40
CA GLU A 106 -14.08 19.94 17.35
C GLU A 106 -14.13 21.34 16.74
N GLY A 107 -12.99 22.03 16.77
CA GLY A 107 -12.92 23.37 16.21
C GLY A 107 -13.45 23.44 14.79
N ASP A 108 -12.97 22.54 13.94
CA ASP A 108 -13.41 22.50 12.55
C ASP A 108 -14.14 21.20 12.24
N HIS A 109 -14.55 20.49 13.29
CA HIS A 109 -15.26 19.23 13.13
C HIS A 109 -14.50 18.30 12.20
N SER A 110 -13.34 17.84 12.64
CA SER A 110 -12.52 16.94 11.83
C SER A 110 -11.42 16.30 12.68
N PHE A 111 -10.87 15.19 12.18
CA PHE A 111 -9.81 14.48 12.90
C PHE A 111 -8.55 14.40 12.05
N TYR A 112 -7.41 14.67 12.68
CA TYR A 112 -6.13 14.62 11.98
C TYR A 112 -5.29 13.45 12.47
N LEU A 113 -4.49 12.89 11.56
CA LEU A 113 -3.63 11.76 11.89
C LEU A 113 -2.17 12.07 11.59
N SER A 114 -1.27 11.32 12.22
CA SER A 114 0.16 11.53 12.02
C SER A 114 0.79 10.31 11.33
N CYS A 115 1.84 10.56 10.56
CA CYS A 115 2.53 9.48 9.85
C CYS A 115 3.76 9.03 10.63
N ARG A 116 3.70 7.83 11.19
CA ARG A 116 4.81 7.29 11.97
C ARG A 116 5.95 6.86 11.04
N CYS A 117 5.70 6.92 9.73
CA CYS A 117 6.71 6.54 8.75
C CYS A 117 6.89 7.64 7.72
N GLY A 118 6.43 8.85 8.05
CA GLY A 118 6.55 9.96 7.13
C GLY A 118 6.04 11.26 7.74
N GLY A 119 5.15 11.94 7.02
CA GLY A 119 4.60 13.19 7.50
C GLY A 119 3.36 12.99 8.36
N LYS A 120 2.20 13.28 7.78
CA LYS A 120 0.94 13.13 8.51
C LYS A 120 -0.24 13.25 7.55
N TYR A 121 -1.43 12.89 8.04
CA TYR A 121 -2.65 12.98 7.23
C TYR A 121 -3.77 13.62 8.02
N SER A 122 -4.92 13.79 7.36
CA SER A 122 -6.09 14.40 7.99
C SER A 122 -7.36 14.02 7.25
N VAL A 123 -8.36 13.56 8.00
CA VAL A 123 -9.64 13.16 7.41
C VAL A 123 -10.80 13.90 8.08
N SER A 124 -11.55 14.65 7.29
CA SER A 124 -12.68 15.40 7.81
C SER A 124 -13.62 14.50 8.60
N LYS A 125 -14.31 15.09 9.57
CA LYS A 125 -15.25 14.33 10.41
C LYS A 125 -16.30 13.64 9.56
N ASP A 126 -17.13 14.44 8.89
CA ASP A 126 -18.18 13.90 8.04
C ASP A 126 -17.60 13.08 6.89
N GLU A 127 -16.36 13.40 6.52
CA GLU A 127 -15.68 12.71 5.44
C GLU A 127 -15.35 11.27 5.84
N ALA A 128 -14.87 11.11 7.07
CA ALA A 128 -14.50 9.79 7.58
C ALA A 128 -15.73 8.88 7.66
N GLU A 129 -16.90 9.49 7.78
CA GLU A 129 -18.14 8.74 7.88
C GLU A 129 -18.58 8.22 6.50
N GLU A 130 -18.17 8.94 5.46
CA GLU A 130 -18.52 8.56 4.09
C GLU A 130 -17.42 7.70 3.47
N VAL A 131 -16.18 7.95 3.88
CA VAL A 131 -15.04 7.19 3.36
C VAL A 131 -14.07 6.84 4.47
N SER A 132 -13.38 5.71 4.32
CA SER A 132 -12.42 5.25 5.31
C SER A 132 -11.06 5.00 4.67
N LEU A 133 -10.98 5.20 3.35
CA LEU A 133 -9.74 4.98 2.63
C LEU A 133 -8.81 6.19 2.77
N ILE A 134 -7.63 5.95 3.34
CA ILE A 134 -6.66 7.02 3.54
C ILE A 134 -5.25 6.53 3.24
N SER A 135 -4.63 7.11 2.20
CA SER A 135 -3.28 6.72 1.82
C SER A 135 -2.25 7.60 2.51
N CYS A 136 -1.07 7.04 2.74
CA CYS A 136 0.02 7.78 3.39
C CYS A 136 0.33 9.07 2.65
N ASP A 137 0.56 10.13 3.41
CA ASP A 137 0.87 11.44 2.83
C ASP A 137 2.37 11.70 2.86
N THR A 138 3.14 10.79 2.30
CA THR A 138 4.59 10.92 2.28
C THR A 138 5.26 9.67 1.71
N CYS A 139 4.71 8.51 2.07
CA CYS A 139 5.25 7.23 1.60
C CYS A 139 4.13 6.34 1.06
N SER A 140 4.51 5.18 0.53
CA SER A 140 3.54 4.25 -0.03
C SER A 140 2.66 3.66 1.07
N LEU A 141 1.97 2.57 0.74
CA LEU A 141 1.08 1.92 1.71
C LEU A 141 -0.07 2.84 2.10
N ILE A 142 -1.18 2.24 2.52
CA ILE A 142 -2.35 3.01 2.93
C ILE A 142 -3.04 2.35 4.12
N ILE A 143 -3.82 3.14 4.85
CA ILE A 143 -4.54 2.64 6.01
C ILE A 143 -6.05 2.80 5.84
N GLU A 144 -6.82 2.27 6.79
CA GLU A 144 -8.27 2.37 6.73
C GLU A 144 -8.83 2.90 8.06
N LEU A 145 -9.94 3.60 7.98
CA LEU A 145 -10.58 4.16 9.16
C LEU A 145 -11.62 3.20 9.73
N LEU A 146 -11.44 2.83 11.00
CA LEU A 146 -12.36 1.91 11.66
C LEU A 146 -12.85 2.49 12.99
N HIS A 147 -14.14 2.81 13.04
CA HIS A 147 -14.74 3.37 14.25
C HIS A 147 -14.78 2.33 15.37
N TYR A 148 -14.82 1.06 14.99
CA TYR A 148 -14.87 -0.02 15.96
C TYR A 148 -16.14 0.05 16.80
N ASN A 149 -17.21 -0.56 16.30
CA ASN A 149 -18.48 -0.56 17.01
C ASN A 149 -19.34 -1.76 16.57
N HIS A 150 -20.10 -2.31 17.52
CA HIS A 150 -20.96 -3.45 17.24
C HIS A 150 -22.07 -3.05 16.28
N HIS A 151 -22.09 -3.68 15.10
CA HIS A 151 -23.11 -3.41 14.10
C HIS A 151 -24.12 -4.54 14.02
N HIS A 152 -25.18 -4.32 13.24
CA HIS A 152 -26.22 -5.33 13.08
C HIS A 152 -25.81 -6.38 12.07
N HIS A 153 -26.53 -7.50 12.04
CA HIS A 153 -26.25 -8.59 11.11
C HIS A 153 -27.52 -9.27 10.65
N HIS A 154 -27.41 -10.09 9.62
CA HIS A 154 -28.57 -10.81 9.08
C HIS A 154 -28.25 -12.29 8.88
N HIS A 155 -27.55 -12.88 9.86
CA HIS A 155 -27.18 -14.28 9.78
C HIS A 155 -27.07 -14.88 11.19
ZN ZN B . 5.18 5.17 13.18
N MET A 1 -55.05 2.51 10.03
CA MET A 1 -53.81 3.02 10.62
C MET A 1 -52.64 2.79 9.68
N MET A 2 -52.08 3.88 9.15
CA MET A 2 -50.95 3.80 8.25
C MET A 2 -49.62 3.87 9.01
N ALA A 3 -48.60 3.23 8.47
CA ALA A 3 -47.28 3.23 9.09
C ALA A 3 -46.31 4.13 8.34
N VAL A 4 -45.06 4.16 8.79
CA VAL A 4 -44.03 4.98 8.16
C VAL A 4 -43.78 4.54 6.73
N GLU A 5 -43.40 5.47 5.88
CA GLU A 5 -43.13 5.18 4.48
C GLU A 5 -42.07 4.09 4.35
N GLN A 6 -41.22 3.98 5.37
CA GLN A 6 -40.16 2.98 5.37
C GLN A 6 -40.68 1.64 5.89
N MET A 7 -41.11 0.78 4.97
CA MET A 7 -41.64 -0.53 5.33
C MET A 7 -40.54 -1.38 5.98
N PRO A 8 -40.97 -2.43 6.71
CA PRO A 8 -40.05 -3.34 7.39
C PRO A 8 -39.27 -4.21 6.42
N LYS A 9 -38.13 -4.72 6.87
CA LYS A 9 -37.29 -5.57 6.04
C LYS A 9 -38.04 -6.84 5.63
N LYS A 10 -37.30 -7.81 5.09
CA LYS A 10 -37.90 -9.07 4.67
C LYS A 10 -36.87 -10.20 4.71
N ASP A 11 -37.18 -11.31 4.04
CA ASP A 11 -36.28 -12.46 4.01
C ASP A 11 -35.80 -12.81 5.40
N TRP A 12 -34.65 -12.27 5.79
CA TRP A 12 -34.07 -12.54 7.11
C TRP A 12 -35.07 -12.19 8.21
N TYR A 13 -35.39 -10.90 8.32
CA TYR A 13 -36.32 -10.43 9.35
C TYR A 13 -37.68 -11.13 9.20
N SER A 14 -37.94 -11.65 8.01
CA SER A 14 -39.20 -12.34 7.74
C SER A 14 -39.12 -13.80 8.17
N ILE A 15 -37.90 -14.30 8.33
CA ILE A 15 -37.69 -15.68 8.74
C ILE A 15 -37.95 -15.87 10.23
N LEU A 16 -37.68 -14.82 11.00
CA LEU A 16 -37.88 -14.85 12.44
C LEU A 16 -39.01 -13.91 12.86
N GLY A 17 -39.38 -13.01 11.95
CA GLY A 17 -40.44 -12.06 12.25
C GLY A 17 -40.18 -11.27 13.52
N ALA A 18 -39.08 -10.53 13.53
CA ALA A 18 -38.71 -9.73 14.69
C ALA A 18 -39.14 -8.27 14.51
N ASP A 19 -39.88 -7.75 15.48
CA ASP A 19 -40.35 -6.37 15.43
C ASP A 19 -39.18 -5.40 15.26
N PRO A 20 -39.49 -4.17 14.83
CA PRO A 20 -38.48 -3.13 14.63
C PRO A 20 -37.88 -2.62 15.94
N SER A 21 -38.48 -3.05 17.06
CA SER A 21 -38.01 -2.64 18.37
C SER A 21 -37.35 -3.81 19.10
N ALA A 22 -37.57 -5.01 18.59
CA ALA A 22 -36.99 -6.21 19.19
C ALA A 22 -35.48 -6.05 19.37
N ASN A 23 -34.90 -6.92 20.20
CA ASN A 23 -33.46 -6.87 20.47
C ASN A 23 -32.84 -8.24 20.28
N ILE A 24 -31.50 -8.27 20.17
CA ILE A 24 -30.78 -9.52 19.98
C ILE A 24 -31.19 -10.56 21.02
N SER A 25 -31.39 -10.10 22.25
CA SER A 25 -31.77 -10.99 23.35
C SER A 25 -33.04 -11.76 22.99
N ASP A 26 -34.16 -11.04 22.94
CA ASP A 26 -35.45 -11.66 22.61
C ASP A 26 -35.38 -12.38 21.27
N LEU A 27 -34.44 -11.96 20.43
CA LEU A 27 -34.27 -12.57 19.11
C LEU A 27 -33.68 -13.97 19.24
N LYS A 28 -32.85 -14.17 20.25
CA LYS A 28 -32.22 -15.46 20.48
C LYS A 28 -33.25 -16.51 20.89
N GLN A 29 -34.12 -16.13 21.81
CA GLN A 29 -35.17 -17.04 22.30
C GLN A 29 -36.16 -17.35 21.19
N LYS A 30 -36.55 -16.33 20.43
CA LYS A 30 -37.50 -16.50 19.34
C LYS A 30 -36.83 -17.18 18.15
N TYR A 31 -35.51 -17.10 18.08
CA TYR A 31 -34.77 -17.70 16.99
C TYR A 31 -34.90 -19.22 17.01
N GLN A 32 -34.75 -19.81 18.19
CA GLN A 32 -34.86 -21.25 18.34
C GLN A 32 -36.32 -21.68 18.35
N LYS A 33 -37.21 -20.76 18.71
CA LYS A 33 -38.64 -21.05 18.76
C LYS A 33 -39.25 -21.00 17.37
N LEU A 34 -39.17 -19.85 16.73
CA LEU A 34 -39.71 -19.68 15.38
C LEU A 34 -39.21 -20.77 14.45
N ILE A 35 -37.89 -20.84 14.27
CA ILE A 35 -37.28 -21.83 13.40
C ILE A 35 -37.80 -23.24 13.73
N LEU A 36 -37.82 -23.57 15.02
CA LEU A 36 -38.29 -24.87 15.46
C LEU A 36 -39.67 -25.18 14.90
N MET A 37 -40.58 -24.23 15.03
CA MET A 37 -41.94 -24.39 14.52
C MET A 37 -41.94 -24.43 13.00
N TYR A 38 -40.96 -23.78 12.38
CA TYR A 38 -40.86 -23.74 10.93
C TYR A 38 -40.44 -25.10 10.37
N HIS A 39 -39.41 -25.68 10.98
CA HIS A 39 -38.91 -26.98 10.55
C HIS A 39 -38.45 -27.82 11.75
N PRO A 40 -39.43 -28.32 12.52
CA PRO A 40 -39.15 -29.14 13.71
C PRO A 40 -38.59 -30.51 13.35
N ASP A 41 -38.19 -31.27 14.37
CA ASP A 41 -37.65 -32.60 14.16
C ASP A 41 -38.76 -33.60 13.86
N LYS A 42 -38.39 -34.88 13.80
CA LYS A 42 -39.35 -35.94 13.52
C LYS A 42 -40.13 -35.65 12.24
N GLN A 43 -39.55 -36.07 11.10
CA GLN A 43 -40.18 -35.86 9.81
C GLN A 43 -40.41 -37.19 9.09
N SER A 44 -40.96 -37.12 7.88
CA SER A 44 -41.23 -38.31 7.09
C SER A 44 -40.05 -38.64 6.19
N THR A 45 -40.11 -39.81 5.55
CA THR A 45 -39.04 -40.25 4.67
C THR A 45 -39.53 -40.36 3.22
N ASP A 46 -40.59 -39.61 2.90
CA ASP A 46 -41.15 -39.63 1.56
C ASP A 46 -40.83 -38.32 0.83
N VAL A 47 -39.55 -38.08 0.57
CA VAL A 47 -39.12 -36.87 -0.12
C VAL A 47 -37.85 -37.13 -0.93
N PRO A 48 -38.01 -37.76 -2.09
CA PRO A 48 -36.89 -38.08 -2.98
C PRO A 48 -36.29 -36.84 -3.63
N ALA A 49 -34.97 -36.67 -3.48
CA ALA A 49 -34.28 -35.52 -4.05
C ALA A 49 -34.58 -34.25 -3.25
N GLY A 50 -35.85 -33.89 -3.19
CA GLY A 50 -36.24 -32.69 -2.46
C GLY A 50 -35.73 -32.69 -1.03
N THR A 51 -35.49 -33.88 -0.48
CA THR A 51 -35.00 -34.02 0.89
C THR A 51 -33.79 -33.12 1.12
N VAL A 52 -32.89 -33.08 0.15
CA VAL A 52 -31.69 -32.26 0.26
C VAL A 52 -31.98 -30.81 -0.11
N GLU A 53 -32.73 -30.63 -1.20
CA GLU A 53 -33.08 -29.29 -1.67
C GLU A 53 -33.75 -28.48 -0.56
N GLU A 54 -34.54 -29.17 0.26
CA GLU A 54 -35.24 -28.51 1.36
C GLU A 54 -34.33 -28.36 2.57
N CYS A 55 -33.56 -29.41 2.87
CA CYS A 55 -32.65 -29.40 4.01
C CYS A 55 -31.63 -28.28 3.87
N VAL A 56 -30.85 -28.32 2.79
CA VAL A 56 -29.83 -27.31 2.54
C VAL A 56 -30.44 -25.91 2.51
N GLN A 57 -31.50 -25.74 1.72
CA GLN A 57 -32.17 -24.46 1.60
C GLN A 57 -32.67 -23.99 2.96
N LYS A 58 -33.05 -24.94 3.82
CA LYS A 58 -33.54 -24.62 5.15
C LYS A 58 -32.40 -24.28 6.09
N PHE A 59 -31.25 -24.92 5.88
CA PHE A 59 -30.08 -24.67 6.71
C PHE A 59 -29.53 -23.26 6.50
N ILE A 60 -29.45 -22.86 5.24
CA ILE A 60 -28.95 -21.53 4.90
C ILE A 60 -29.94 -20.44 5.31
N GLU A 61 -31.22 -20.79 5.32
CA GLU A 61 -32.27 -19.85 5.69
C GLU A 61 -32.09 -19.40 7.13
N ILE A 62 -32.26 -20.32 8.07
CA ILE A 62 -32.12 -20.02 9.49
C ILE A 62 -30.83 -19.27 9.76
N ASP A 63 -29.74 -19.72 9.12
CA ASP A 63 -28.44 -19.08 9.30
C ASP A 63 -28.44 -17.66 8.72
N GLN A 64 -29.16 -17.48 7.62
CA GLN A 64 -29.24 -16.18 6.97
C GLN A 64 -29.60 -15.09 7.97
N ALA A 65 -30.64 -15.34 8.75
CA ALA A 65 -31.08 -14.38 9.77
C ALA A 65 -30.20 -14.43 11.00
N TRP A 66 -29.62 -15.60 11.26
CA TRP A 66 -28.75 -15.78 12.41
C TRP A 66 -27.75 -14.64 12.53
N LYS A 67 -27.28 -14.15 11.39
CA LYS A 67 -26.32 -13.06 11.36
C LYS A 67 -27.02 -11.72 11.14
N ILE A 68 -27.62 -11.57 9.96
CA ILE A 68 -28.32 -10.34 9.63
C ILE A 68 -29.80 -10.42 10.02
N LEU A 69 -30.05 -10.78 11.28
CA LEU A 69 -31.41 -10.90 11.77
C LEU A 69 -32.24 -9.65 11.42
N GLY A 70 -31.67 -8.49 11.69
CA GLY A 70 -32.36 -7.24 11.39
C GLY A 70 -31.96 -6.66 10.04
N ASN A 71 -32.08 -5.35 9.91
CA ASN A 71 -31.72 -4.67 8.66
C ASN A 71 -30.26 -4.90 8.32
N GLU A 72 -29.76 -4.17 7.33
CA GLU A 72 -28.37 -4.28 6.89
C GLU A 72 -27.43 -3.64 7.91
N GLU A 73 -27.94 -2.66 8.65
CA GLU A 73 -27.16 -1.96 9.65
C GLU A 73 -27.08 -2.76 10.94
N THR A 74 -28.00 -3.71 11.10
CA THR A 74 -28.04 -4.54 12.29
C THR A 74 -26.71 -5.22 12.53
N LYS A 75 -26.35 -6.15 11.65
CA LYS A 75 -25.10 -6.88 11.76
C LYS A 75 -24.47 -7.09 10.39
N ARG A 76 -23.40 -6.34 10.12
CA ARG A 76 -22.70 -6.44 8.84
C ARG A 76 -21.74 -7.62 8.84
N GLU A 77 -22.28 -8.83 8.96
CA GLU A 77 -21.47 -10.03 8.98
C GLU A 77 -20.88 -10.32 7.60
N TYR A 78 -21.73 -10.80 6.69
CA TYR A 78 -21.31 -11.11 5.34
C TYR A 78 -20.64 -9.90 4.68
N ASP A 79 -21.10 -8.71 5.04
CA ASP A 79 -20.55 -7.48 4.49
C ASP A 79 -19.04 -7.42 4.70
N LEU A 80 -18.61 -7.43 5.96
CA LEU A 80 -17.20 -7.39 6.28
C LEU A 80 -16.42 -8.44 5.51
N GLN A 81 -17.06 -9.58 5.27
CA GLN A 81 -16.43 -10.68 4.54
C GLN A 81 -15.83 -10.17 3.23
N ARG A 82 -16.67 -9.60 2.38
CA ARG A 82 -16.22 -9.08 1.09
C ARG A 82 -15.33 -7.86 1.28
N CYS A 83 -15.50 -7.18 2.40
CA CYS A 83 -14.71 -5.98 2.70
C CYS A 83 -13.25 -6.34 2.93
N GLU A 84 -13.01 -7.16 3.95
CA GLU A 84 -11.64 -7.58 4.28
C GLU A 84 -10.93 -8.14 3.04
N ASP A 85 -11.71 -8.78 2.17
CA ASP A 85 -11.15 -9.37 0.95
C ASP A 85 -10.88 -8.29 -0.10
N ASP A 86 -11.70 -7.24 -0.08
CA ASP A 86 -11.55 -6.15 -1.03
C ASP A 86 -10.50 -5.15 -0.56
N LEU A 87 -10.17 -5.22 0.72
CA LEU A 87 -9.17 -4.32 1.31
C LEU A 87 -7.76 -4.83 1.01
N ARG A 88 -7.58 -6.13 1.06
CA ARG A 88 -6.28 -6.73 0.80
C ARG A 88 -6.05 -6.91 -0.70
N ASN A 89 -7.13 -6.84 -1.47
CA ASN A 89 -7.04 -6.99 -2.92
C ASN A 89 -6.91 -5.63 -3.60
N VAL A 90 -7.34 -4.58 -2.90
CA VAL A 90 -7.27 -3.23 -3.44
C VAL A 90 -5.85 -2.88 -3.86
N GLY A 91 -4.88 -3.48 -3.20
CA GLY A 91 -3.48 -3.23 -3.51
C GLY A 91 -2.59 -3.28 -2.29
N PRO A 92 -1.38 -2.72 -2.41
CA PRO A 92 -0.41 -2.69 -1.32
C PRO A 92 -0.83 -1.77 -0.18
N VAL A 93 -1.50 -2.33 0.82
CA VAL A 93 -1.97 -1.55 1.96
C VAL A 93 -1.28 -2.00 3.24
N ASP A 94 -1.59 -1.32 4.34
CA ASP A 94 -0.99 -1.65 5.63
C ASP A 94 -2.01 -2.33 6.54
N ALA A 95 -2.95 -1.55 7.07
CA ALA A 95 -3.98 -2.08 7.95
C ALA A 95 -4.94 -0.98 8.39
N GLN A 96 -5.87 -1.33 9.28
CA GLN A 96 -6.85 -0.38 9.78
C GLN A 96 -6.34 0.31 11.04
N VAL A 97 -6.73 1.57 11.22
CA VAL A 97 -6.31 2.33 12.39
C VAL A 97 -7.49 2.67 13.28
N TYR A 98 -7.27 2.68 14.59
CA TYR A 98 -8.33 2.98 15.55
C TYR A 98 -8.32 4.47 15.91
N LEU A 99 -9.47 5.11 15.74
CA LEU A 99 -9.60 6.54 16.06
C LEU A 99 -9.13 6.82 17.48
N GLU A 100 -9.16 5.81 18.33
CA GLU A 100 -8.75 5.96 19.72
C GLU A 100 -7.28 6.38 19.80
N GLU A 101 -6.55 6.17 18.70
CA GLU A 101 -5.14 6.52 18.65
C GLU A 101 -4.91 7.73 17.75
N MET A 102 -5.99 8.23 17.18
CA MET A 102 -5.91 9.39 16.28
C MET A 102 -6.55 10.61 16.93
N SER A 103 -5.96 11.78 16.67
CA SER A 103 -6.46 13.03 17.23
C SER A 103 -7.58 13.61 16.36
N TRP A 104 -8.76 13.75 16.95
CA TRP A 104 -9.92 14.28 16.23
C TRP A 104 -10.21 15.71 16.67
N ASN A 105 -10.93 16.45 15.82
CA ASN A 105 -11.28 17.84 16.13
C ASN A 105 -12.79 18.05 16.01
N GLU A 106 -13.41 18.44 17.12
CA GLU A 106 -14.85 18.68 17.13
C GLU A 106 -15.18 20.06 16.59
N GLY A 107 -14.24 20.99 16.73
CA GLY A 107 -14.45 22.34 16.24
C GLY A 107 -14.35 22.43 14.74
N ASP A 108 -13.42 21.68 14.15
CA ASP A 108 -13.23 21.68 12.71
C ASP A 108 -13.84 20.43 12.07
N HIS A 109 -14.26 19.50 12.92
CA HIS A 109 -14.85 18.25 12.45
C HIS A 109 -13.94 17.56 11.44
N SER A 110 -12.80 17.09 11.91
CA SER A 110 -11.83 16.42 11.05
C SER A 110 -11.04 15.37 11.83
N PHE A 111 -10.30 14.54 11.12
CA PHE A 111 -9.50 13.49 11.74
C PHE A 111 -8.06 13.53 11.22
N TYR A 112 -7.11 13.45 12.15
CA TYR A 112 -5.70 13.48 11.79
C TYR A 112 -4.88 12.61 12.74
N LEU A 113 -3.70 12.19 12.27
CA LEU A 113 -2.82 11.35 13.08
C LEU A 113 -1.40 11.36 12.53
N SER A 114 -0.43 11.41 13.43
CA SER A 114 0.98 11.43 13.03
C SER A 114 1.48 10.02 12.72
N CYS A 115 1.95 9.83 11.49
CA CYS A 115 2.46 8.54 11.06
C CYS A 115 3.98 8.50 11.12
N ARG A 116 4.53 7.42 11.66
CA ARG A 116 5.97 7.26 11.78
C ARG A 116 6.59 6.90 10.42
N CYS A 117 5.75 6.41 9.51
CA CYS A 117 6.21 6.03 8.18
C CYS A 117 6.38 7.26 7.29
N GLY A 118 6.05 8.42 7.84
CA GLY A 118 6.17 9.66 7.07
C GLY A 118 5.99 10.89 7.94
N GLY A 119 4.82 11.52 7.83
CA GLY A 119 4.54 12.70 8.61
C GLY A 119 3.25 12.59 9.40
N LYS A 120 2.12 12.73 8.72
CA LYS A 120 0.82 12.64 9.36
C LYS A 120 -0.29 12.64 8.33
N TYR A 121 -1.52 12.36 8.78
CA TYR A 121 -2.67 12.32 7.89
C TYR A 121 -3.75 13.32 8.35
N SER A 122 -4.59 13.74 7.42
CA SER A 122 -5.66 14.69 7.72
C SER A 122 -6.75 14.63 6.66
N VAL A 123 -7.95 14.26 7.10
CA VAL A 123 -9.08 14.16 6.19
C VAL A 123 -10.37 14.68 6.85
N SER A 124 -11.05 15.59 6.17
CA SER A 124 -12.28 16.18 6.69
C SER A 124 -13.26 15.08 7.11
N LYS A 125 -13.96 15.32 8.21
CA LYS A 125 -14.93 14.35 8.72
C LYS A 125 -15.94 13.98 7.63
N ASP A 126 -16.23 14.92 6.75
CA ASP A 126 -17.18 14.69 5.67
C ASP A 126 -16.64 13.65 4.69
N GLU A 127 -15.33 13.65 4.50
CA GLU A 127 -14.68 12.71 3.59
C GLU A 127 -14.43 11.37 4.27
N ALA A 128 -13.99 11.44 5.53
CA ALA A 128 -13.72 10.23 6.30
C ALA A 128 -15.00 9.46 6.62
N GLU A 129 -16.06 10.20 6.94
CA GLU A 129 -17.34 9.59 7.26
C GLU A 129 -18.03 9.05 6.00
N GLU A 130 -17.64 9.61 4.85
CA GLU A 130 -18.20 9.18 3.58
C GLU A 130 -17.54 7.90 3.09
N VAL A 131 -16.27 7.73 3.41
CA VAL A 131 -15.52 6.56 3.00
C VAL A 131 -14.53 6.13 4.08
N SER A 132 -14.49 4.83 4.36
CA SER A 132 -13.59 4.29 5.38
C SER A 132 -12.15 4.28 4.87
N LEU A 133 -11.99 4.22 3.55
CA LEU A 133 -10.68 4.19 2.94
C LEU A 133 -9.94 5.52 3.16
N ILE A 134 -8.65 5.42 3.48
CA ILE A 134 -7.84 6.61 3.71
C ILE A 134 -6.36 6.31 3.46
N SER A 135 -5.74 7.13 2.61
CA SER A 135 -4.33 6.96 2.28
C SER A 135 -3.47 7.97 3.04
N CYS A 136 -2.27 7.54 3.42
CA CYS A 136 -1.36 8.40 4.15
C CYS A 136 -1.19 9.74 3.45
N ASP A 137 -1.04 10.81 4.24
CA ASP A 137 -0.87 12.14 3.68
C ASP A 137 0.59 12.57 3.74
N THR A 138 1.46 11.77 3.14
CA THR A 138 2.89 12.05 3.12
C THR A 138 3.67 10.94 2.44
N CYS A 139 3.28 9.69 2.70
CA CYS A 139 3.94 8.54 2.11
C CYS A 139 2.92 7.57 1.53
N SER A 140 3.41 6.44 1.01
CA SER A 140 2.54 5.44 0.43
C SER A 140 1.77 4.68 1.50
N LEU A 141 1.21 3.53 1.12
CA LEU A 141 0.46 2.71 2.05
C LEU A 141 -0.91 3.33 2.36
N ILE A 142 -1.91 2.50 2.56
CA ILE A 142 -3.25 2.97 2.86
C ILE A 142 -3.79 2.34 4.14
N ILE A 143 -4.66 3.06 4.83
CA ILE A 143 -5.25 2.57 6.07
C ILE A 143 -6.77 2.78 6.08
N GLU A 144 -7.41 2.28 7.14
CA GLU A 144 -8.86 2.41 7.28
C GLU A 144 -9.22 3.21 8.52
N LEU A 145 -10.12 4.16 8.37
CA LEU A 145 -10.56 4.99 9.49
C LEU A 145 -11.72 4.33 10.23
N LEU A 146 -11.50 4.03 11.50
CA LEU A 146 -12.53 3.40 12.33
C LEU A 146 -12.69 4.14 13.65
N HIS A 147 -13.90 4.65 13.89
CA HIS A 147 -14.20 5.38 15.12
C HIS A 147 -13.93 4.52 16.34
N TYR A 148 -14.59 3.36 16.40
CA TYR A 148 -14.42 2.45 17.53
C TYR A 148 -15.13 1.13 17.26
N ASN A 149 -14.40 0.17 16.69
CA ASN A 149 -14.96 -1.14 16.38
C ASN A 149 -13.86 -2.17 16.16
N HIS A 150 -14.21 -3.44 16.27
CA HIS A 150 -13.25 -4.52 16.09
C HIS A 150 -13.31 -5.07 14.67
N HIS A 151 -12.18 -5.55 14.17
CA HIS A 151 -12.10 -6.10 12.83
C HIS A 151 -12.05 -7.62 12.87
N HIS A 152 -11.24 -8.16 13.78
CA HIS A 152 -11.09 -9.60 13.92
C HIS A 152 -10.70 -10.25 12.59
N HIS A 153 -9.48 -10.01 12.15
CA HIS A 153 -8.99 -10.56 10.90
C HIS A 153 -8.33 -11.93 11.12
N HIS A 154 -8.11 -12.66 10.03
CA HIS A 154 -7.49 -13.98 10.11
C HIS A 154 -6.94 -14.40 8.75
N HIS A 155 -6.39 -15.60 8.69
CA HIS A 155 -5.83 -16.13 7.44
C HIS A 155 -5.57 -17.63 7.55
ZN ZN B . -6.89 0.07 16.33
N MET A 1 39.83 4.67 -4.50
CA MET A 1 38.47 4.16 -4.45
C MET A 1 37.47 5.29 -4.16
N MET A 2 36.95 5.87 -5.23
CA MET A 2 35.98 6.97 -5.10
C MET A 2 35.03 7.00 -6.29
N ALA A 3 33.76 7.25 -6.02
CA ALA A 3 32.74 7.30 -7.07
C ALA A 3 32.27 8.74 -7.29
N VAL A 4 33.22 9.66 -7.44
CA VAL A 4 32.89 11.06 -7.66
C VAL A 4 32.15 11.25 -8.98
N GLU A 5 32.40 10.35 -9.93
CA GLU A 5 31.75 10.42 -11.23
C GLU A 5 30.45 9.63 -11.23
N GLN A 6 30.38 8.61 -10.40
CA GLN A 6 29.19 7.78 -10.30
C GLN A 6 28.77 7.25 -11.68
N MET A 7 29.44 6.20 -12.13
CA MET A 7 29.14 5.61 -13.43
C MET A 7 28.77 4.13 -13.29
N PRO A 8 28.05 3.61 -14.29
CA PRO A 8 27.61 2.21 -14.29
C PRO A 8 28.78 1.24 -14.49
N LYS A 9 28.54 -0.02 -14.18
CA LYS A 9 29.56 -1.05 -14.33
C LYS A 9 28.98 -2.45 -14.08
N LYS A 10 29.83 -3.46 -14.17
CA LYS A 10 29.40 -4.83 -13.96
C LYS A 10 29.66 -5.27 -12.52
N ASP A 11 28.98 -4.62 -11.57
CA ASP A 11 29.13 -4.94 -10.16
C ASP A 11 28.32 -6.18 -9.80
N TRP A 12 27.64 -6.75 -10.78
CA TRP A 12 26.83 -7.94 -10.57
C TRP A 12 27.67 -9.07 -9.99
N TYR A 13 28.37 -9.79 -10.85
CA TYR A 13 29.21 -10.90 -10.42
C TYR A 13 30.55 -10.41 -9.89
N SER A 14 30.86 -9.14 -10.18
CA SER A 14 32.12 -8.54 -9.73
C SER A 14 32.25 -8.64 -8.21
N ILE A 15 31.22 -8.23 -7.50
CA ILE A 15 31.22 -8.29 -6.04
C ILE A 15 30.70 -9.62 -5.54
N LEU A 16 29.81 -10.24 -6.31
CA LEU A 16 29.22 -11.52 -5.94
C LEU A 16 30.08 -12.67 -6.46
N GLY A 17 31.27 -12.34 -6.97
CA GLY A 17 32.16 -13.36 -7.49
C GLY A 17 31.43 -14.41 -8.29
N ALA A 18 30.47 -13.98 -9.11
CA ALA A 18 29.70 -14.89 -9.94
C ALA A 18 30.33 -15.04 -11.33
N ASP A 19 29.68 -15.82 -12.18
CA ASP A 19 30.18 -16.04 -13.53
C ASP A 19 29.31 -15.34 -14.56
N PRO A 20 29.80 -15.24 -15.80
CA PRO A 20 29.09 -14.59 -16.90
C PRO A 20 27.87 -15.39 -17.35
N SER A 21 27.73 -16.60 -16.81
CA SER A 21 26.61 -17.46 -17.16
C SER A 21 25.61 -17.54 -16.01
N ALA A 22 26.07 -17.26 -14.80
CA ALA A 22 25.21 -17.29 -13.62
C ALA A 22 24.09 -16.26 -13.73
N ASN A 23 22.86 -16.71 -13.50
CA ASN A 23 21.70 -15.83 -13.58
C ASN A 23 21.24 -15.43 -12.17
N ILE A 24 20.13 -14.70 -12.11
CA ILE A 24 19.58 -14.25 -10.84
C ILE A 24 19.32 -15.42 -9.91
N SER A 25 18.97 -16.57 -10.49
CA SER A 25 18.70 -17.77 -9.72
C SER A 25 19.98 -18.40 -9.19
N ASP A 26 20.83 -18.83 -10.11
CA ASP A 26 22.10 -19.45 -9.75
C ASP A 26 22.92 -18.53 -8.85
N LEU A 27 22.75 -17.22 -9.04
CA LEU A 27 23.47 -16.23 -8.25
C LEU A 27 22.83 -16.06 -6.88
N LYS A 28 21.56 -16.42 -6.77
CA LYS A 28 20.83 -16.32 -5.51
C LYS A 28 21.46 -17.21 -4.45
N GLN A 29 21.61 -18.49 -4.77
CA GLN A 29 22.19 -19.45 -3.85
C GLN A 29 23.66 -19.14 -3.59
N LYS A 30 24.39 -18.81 -4.65
CA LYS A 30 25.81 -18.48 -4.55
C LYS A 30 26.01 -17.17 -3.79
N TYR A 31 24.98 -16.33 -3.78
CA TYR A 31 25.04 -15.05 -3.09
C TYR A 31 25.13 -15.25 -1.58
N GLN A 32 24.31 -16.15 -1.06
CA GLN A 32 24.29 -16.43 0.37
C GLN A 32 25.60 -17.04 0.82
N LYS A 33 26.21 -17.84 -0.05
CA LYS A 33 27.48 -18.48 0.26
C LYS A 33 28.63 -17.51 0.09
N LEU A 34 28.80 -16.99 -1.11
CA LEU A 34 29.87 -16.04 -1.41
C LEU A 34 29.88 -14.91 -0.39
N ILE A 35 28.80 -14.14 -0.36
CA ILE A 35 28.69 -13.03 0.57
C ILE A 35 29.09 -13.45 1.99
N LEU A 36 28.52 -14.56 2.45
CA LEU A 36 28.82 -15.05 3.79
C LEU A 36 30.33 -15.25 3.97
N MET A 37 30.98 -15.81 2.96
CA MET A 37 32.41 -16.05 3.01
C MET A 37 33.18 -14.73 3.03
N TYR A 38 32.59 -13.70 2.44
CA TYR A 38 33.20 -12.38 2.38
C TYR A 38 33.09 -11.66 3.73
N HIS A 39 31.94 -11.83 4.38
CA HIS A 39 31.69 -11.20 5.67
C HIS A 39 32.80 -11.54 6.66
N PRO A 40 32.92 -10.73 7.73
CA PRO A 40 33.93 -10.93 8.76
C PRO A 40 33.66 -12.16 9.61
N ASP A 41 34.69 -12.64 10.30
CA ASP A 41 34.55 -13.81 11.16
C ASP A 41 35.30 -13.60 12.48
N LYS A 42 35.01 -14.47 13.45
CA LYS A 42 35.66 -14.39 14.76
C LYS A 42 35.36 -13.05 15.42
N GLN A 43 35.81 -12.89 16.66
CA GLN A 43 35.59 -11.66 17.41
C GLN A 43 36.64 -10.62 17.05
N SER A 44 36.56 -9.45 17.69
CA SER A 44 37.50 -8.37 17.44
C SER A 44 37.67 -7.49 18.67
N THR A 45 38.92 -7.15 18.98
CA THR A 45 39.23 -6.33 20.14
C THR A 45 39.80 -4.98 19.71
N ASP A 46 40.50 -4.97 18.59
CA ASP A 46 41.11 -3.74 18.07
C ASP A 46 40.36 -3.26 16.83
N VAL A 47 39.38 -2.39 17.04
CA VAL A 47 38.59 -1.85 15.93
C VAL A 47 38.72 -0.34 15.84
N PRO A 48 39.86 0.14 15.35
CA PRO A 48 40.14 1.57 15.22
C PRO A 48 39.30 2.22 14.12
N ALA A 49 39.30 3.55 14.09
CA ALA A 49 38.53 4.29 13.11
C ALA A 49 38.83 3.79 11.69
N GLY A 50 40.05 3.32 11.49
CA GLY A 50 40.44 2.82 10.18
C GLY A 50 39.78 1.51 9.84
N THR A 51 39.54 0.68 10.85
CA THR A 51 38.90 -0.62 10.64
C THR A 51 37.38 -0.47 10.53
N VAL A 52 36.81 0.39 11.36
CA VAL A 52 35.37 0.62 11.35
C VAL A 52 34.92 1.23 10.02
N GLU A 53 35.73 2.13 9.49
CA GLU A 53 35.42 2.78 8.21
C GLU A 53 35.53 1.79 7.05
N GLU A 54 36.53 0.91 7.13
CA GLU A 54 36.75 -0.08 6.09
C GLU A 54 35.73 -1.20 6.17
N CYS A 55 35.27 -1.49 7.39
CA CYS A 55 34.28 -2.54 7.61
C CYS A 55 32.90 -2.09 7.18
N VAL A 56 32.43 -0.99 7.76
CA VAL A 56 31.11 -0.45 7.44
C VAL A 56 30.96 -0.20 5.94
N GLN A 57 31.94 0.48 5.36
CA GLN A 57 31.93 0.78 3.93
C GLN A 57 31.77 -0.50 3.12
N LYS A 58 32.61 -1.49 3.41
CA LYS A 58 32.56 -2.77 2.69
C LYS A 58 31.18 -3.40 2.82
N PHE A 59 30.61 -3.35 4.02
CA PHE A 59 29.30 -3.92 4.27
C PHE A 59 28.26 -3.37 3.31
N ILE A 60 28.46 -2.12 2.90
CA ILE A 60 27.54 -1.47 1.97
C ILE A 60 27.66 -2.06 0.58
N GLU A 61 28.88 -2.19 0.09
CA GLU A 61 29.11 -2.75 -1.24
C GLU A 61 28.45 -4.12 -1.38
N ILE A 62 28.61 -4.96 -0.36
CA ILE A 62 28.02 -6.28 -0.36
C ILE A 62 26.52 -6.21 -0.60
N ASP A 63 25.80 -5.62 0.35
CA ASP A 63 24.35 -5.50 0.24
C ASP A 63 23.96 -4.79 -1.05
N GLN A 64 24.88 -3.99 -1.58
CA GLN A 64 24.63 -3.26 -2.82
C GLN A 64 24.22 -4.21 -3.94
N ALA A 65 25.04 -5.25 -4.14
CA ALA A 65 24.76 -6.23 -5.19
C ALA A 65 23.45 -6.97 -4.92
N TRP A 66 23.24 -7.35 -3.67
CA TRP A 66 22.03 -8.07 -3.28
C TRP A 66 20.82 -7.52 -4.02
N LYS A 67 20.35 -6.35 -3.60
CA LYS A 67 19.20 -5.71 -4.23
C LYS A 67 19.49 -5.36 -5.68
N ILE A 68 20.31 -4.33 -5.89
CA ILE A 68 20.67 -3.90 -7.22
C ILE A 68 22.06 -4.40 -7.61
N LEU A 69 22.12 -5.64 -8.09
CA LEU A 69 23.39 -6.24 -8.50
C LEU A 69 24.21 -5.26 -9.33
N GLY A 70 23.53 -4.37 -10.04
CA GLY A 70 24.22 -3.39 -10.86
C GLY A 70 23.31 -2.26 -11.31
N ASN A 71 22.96 -2.27 -12.60
CA ASN A 71 22.09 -1.25 -13.16
C ASN A 71 20.62 -1.64 -13.01
N GLU A 72 19.75 -0.97 -13.76
CA GLU A 72 18.33 -1.24 -13.71
C GLU A 72 18.04 -2.70 -14.10
N GLU A 73 19.02 -3.34 -14.74
CA GLU A 73 18.86 -4.72 -15.16
C GLU A 73 18.68 -5.65 -13.97
N THR A 74 18.96 -5.12 -12.77
CA THR A 74 18.83 -5.90 -11.55
C THR A 74 17.50 -6.62 -11.50
N LYS A 75 16.50 -6.08 -12.19
CA LYS A 75 15.17 -6.68 -12.23
C LYS A 75 14.77 -7.18 -10.85
N ARG A 76 15.09 -6.41 -9.81
CA ARG A 76 14.77 -6.77 -8.45
C ARG A 76 14.26 -5.55 -7.66
N GLU A 77 15.07 -4.50 -7.64
CA GLU A 77 14.70 -3.28 -6.94
C GLU A 77 13.60 -2.52 -7.68
N TYR A 78 13.93 -2.03 -8.86
CA TYR A 78 12.97 -1.28 -9.67
C TYR A 78 11.67 -2.06 -9.84
N ASP A 79 11.80 -3.39 -9.92
CA ASP A 79 10.64 -4.26 -10.09
C ASP A 79 9.62 -4.02 -8.97
N LEU A 80 9.98 -4.40 -7.75
CA LEU A 80 9.08 -4.23 -6.61
C LEU A 80 8.73 -2.76 -6.42
N GLN A 81 9.57 -1.87 -6.94
CA GLN A 81 9.34 -0.44 -6.83
C GLN A 81 7.93 -0.08 -7.30
N ARG A 82 7.67 -0.30 -8.59
CA ARG A 82 6.37 0.01 -9.16
C ARG A 82 5.28 -0.89 -8.56
N CYS A 83 5.69 -2.05 -8.07
CA CYS A 83 4.75 -2.99 -7.46
C CYS A 83 4.15 -2.42 -6.18
N GLU A 84 5.01 -2.13 -5.21
CA GLU A 84 4.57 -1.59 -3.93
C GLU A 84 3.73 -0.33 -4.14
N ASP A 85 4.00 0.38 -5.24
CA ASP A 85 3.26 1.59 -5.56
C ASP A 85 1.95 1.27 -6.27
N ASP A 86 1.94 0.16 -7.00
CA ASP A 86 0.74 -0.25 -7.72
C ASP A 86 -0.21 -1.02 -6.81
N LEU A 87 0.32 -1.52 -5.69
CA LEU A 87 -0.48 -2.27 -4.74
C LEU A 87 -1.23 -1.33 -3.79
N ARG A 88 -0.54 -0.27 -3.36
CA ARG A 88 -1.14 0.71 -2.45
C ARG A 88 -2.40 1.30 -3.06
N ASN A 89 -2.50 1.26 -4.38
CA ASN A 89 -3.65 1.81 -5.08
C ASN A 89 -4.79 0.79 -5.11
N VAL A 90 -4.44 -0.49 -4.97
CA VAL A 90 -5.43 -1.56 -4.98
C VAL A 90 -6.40 -1.43 -3.81
N GLY A 91 -5.85 -1.15 -2.62
CA GLY A 91 -6.68 -1.01 -1.45
C GLY A 91 -5.88 -1.18 -0.16
N PRO A 92 -6.60 -1.44 0.95
CA PRO A 92 -5.97 -1.61 2.27
C PRO A 92 -5.16 -2.91 2.36
N VAL A 93 -3.85 -2.79 2.18
CA VAL A 93 -2.97 -3.94 2.24
C VAL A 93 -1.96 -3.81 3.38
N ASP A 94 -1.94 -2.64 4.00
CA ASP A 94 -1.03 -2.38 5.11
C ASP A 94 -1.66 -2.80 6.44
N ALA A 95 -2.63 -2.01 6.90
CA ALA A 95 -3.32 -2.29 8.15
C ALA A 95 -4.44 -1.28 8.40
N GLN A 96 -5.12 -1.44 9.54
CA GLN A 96 -6.22 -0.55 9.89
C GLN A 96 -5.86 0.32 11.09
N VAL A 97 -6.44 1.51 11.15
CA VAL A 97 -6.17 2.43 12.25
C VAL A 97 -7.43 2.66 13.08
N TYR A 98 -7.24 2.84 14.39
CA TYR A 98 -8.36 3.06 15.30
C TYR A 98 -8.63 4.55 15.47
N LEU A 99 -9.86 4.96 15.22
CA LEU A 99 -10.25 6.36 15.35
C LEU A 99 -9.91 6.89 16.73
N GLU A 100 -9.82 5.99 17.71
CA GLU A 100 -9.50 6.37 19.07
C GLU A 100 -8.11 6.99 19.15
N GLU A 101 -7.32 6.77 18.12
CA GLU A 101 -5.96 7.30 18.07
C GLU A 101 -5.91 8.59 17.25
N MET A 102 -6.46 8.53 16.04
CA MET A 102 -6.48 9.69 15.15
C MET A 102 -7.05 10.91 15.87
N SER A 103 -6.41 12.06 15.67
CA SER A 103 -6.85 13.31 16.30
C SER A 103 -8.34 13.53 16.06
N TRP A 104 -9.12 13.48 17.13
CA TRP A 104 -10.56 13.69 17.04
C TRP A 104 -10.97 15.01 17.68
N ASN A 105 -11.08 16.04 16.86
CA ASN A 105 -11.45 17.37 17.34
C ASN A 105 -12.96 17.60 17.17
N GLU A 106 -13.73 17.11 18.13
CA GLU A 106 -15.19 17.25 18.09
C GLU A 106 -15.58 18.72 18.16
N GLY A 107 -14.69 19.55 18.69
CA GLY A 107 -14.96 20.98 18.81
C GLY A 107 -15.39 21.59 17.50
N ASP A 108 -14.60 21.34 16.44
CA ASP A 108 -14.91 21.87 15.12
C ASP A 108 -15.20 20.76 14.13
N HIS A 109 -15.47 19.56 14.66
CA HIS A 109 -15.76 18.40 13.82
C HIS A 109 -14.68 18.22 12.75
N SER A 110 -13.42 18.23 13.19
CA SER A 110 -12.29 18.07 12.27
C SER A 110 -11.29 17.07 12.83
N PHE A 111 -10.90 16.10 12.00
CA PHE A 111 -9.94 15.08 12.41
C PHE A 111 -8.66 15.18 11.58
N TYR A 112 -7.55 14.77 12.17
CA TYR A 112 -6.26 14.81 11.48
C TYR A 112 -5.43 13.56 11.81
N LEU A 113 -4.76 13.02 10.81
CA LEU A 113 -3.92 11.84 10.98
C LEU A 113 -2.45 12.19 10.85
N SER A 114 -1.60 11.33 11.39
CA SER A 114 -0.16 11.54 11.34
C SER A 114 0.59 10.22 11.25
N CYS A 115 1.40 10.06 10.22
CA CYS A 115 2.17 8.84 10.02
C CYS A 115 3.36 8.79 10.97
N ARG A 116 4.09 7.68 10.94
CA ARG A 116 5.26 7.50 11.80
C ARG A 116 6.54 7.52 10.98
N CYS A 117 6.53 8.25 9.87
CA CYS A 117 7.70 8.34 9.00
C CYS A 117 8.06 9.81 8.74
N GLY A 118 7.04 10.62 8.50
CA GLY A 118 7.27 12.04 8.22
C GLY A 118 6.04 12.73 7.69
N GLY A 119 5.30 12.04 6.84
CA GLY A 119 4.09 12.62 6.27
C GLY A 119 2.92 12.60 7.23
N LYS A 120 1.83 13.25 6.85
CA LYS A 120 0.63 13.30 7.68
C LYS A 120 -0.58 13.77 6.88
N TYR A 121 -1.69 13.07 7.03
CA TYR A 121 -2.91 13.42 6.31
C TYR A 121 -3.96 13.97 7.28
N SER A 122 -5.11 14.35 6.73
CA SER A 122 -6.20 14.89 7.54
C SER A 122 -7.55 14.61 6.89
N VAL A 123 -8.48 14.10 7.69
CA VAL A 123 -9.82 13.78 7.20
C VAL A 123 -10.88 14.53 7.98
N SER A 124 -11.72 15.27 7.26
CA SER A 124 -12.79 16.04 7.90
C SER A 124 -13.93 15.14 8.36
N LYS A 125 -14.73 15.62 9.29
CA LYS A 125 -15.86 14.85 9.81
C LYS A 125 -16.76 14.37 8.68
N ASP A 126 -16.78 15.14 7.59
CA ASP A 126 -17.61 14.79 6.43
C ASP A 126 -16.86 13.81 5.52
N GLU A 127 -15.54 13.88 5.54
CA GLU A 127 -14.72 13.00 4.72
C GLU A 127 -14.68 11.59 5.30
N ALA A 128 -14.38 11.49 6.59
CA ALA A 128 -14.30 10.21 7.27
C ALA A 128 -15.64 9.50 7.24
N GLU A 129 -16.72 10.27 7.06
CA GLU A 129 -18.06 9.71 7.02
C GLU A 129 -18.41 9.23 5.62
N GLU A 130 -17.73 9.79 4.62
CA GLU A 130 -17.97 9.42 3.23
C GLU A 130 -17.01 8.32 2.80
N VAL A 131 -15.81 8.32 3.36
CA VAL A 131 -14.80 7.32 3.03
C VAL A 131 -14.17 6.74 4.28
N SER A 132 -13.32 5.73 4.10
CA SER A 132 -12.65 5.08 5.22
C SER A 132 -11.29 4.52 4.79
N LEU A 133 -10.69 5.16 3.80
CA LEU A 133 -9.39 4.73 3.29
C LEU A 133 -8.49 5.92 3.02
N ILE A 134 -7.23 5.81 3.41
CA ILE A 134 -6.25 6.88 3.19
C ILE A 134 -4.88 6.32 2.84
N SER A 135 -4.12 7.07 2.05
CA SER A 135 -2.79 6.65 1.63
C SER A 135 -1.75 7.70 2.00
N CYS A 136 -0.70 7.27 2.69
CA CYS A 136 0.37 8.17 3.10
C CYS A 136 1.07 8.78 1.89
N ASP A 137 1.50 10.04 2.03
CA ASP A 137 2.18 10.72 0.95
C ASP A 137 3.69 10.67 1.13
N THR A 138 4.21 9.45 1.27
CA THR A 138 5.65 9.25 1.45
C THR A 138 6.01 7.77 1.40
N CYS A 139 5.40 6.99 2.29
CA CYS A 139 5.66 5.55 2.35
C CYS A 139 4.47 4.77 1.79
N SER A 140 4.77 3.75 0.99
CA SER A 140 3.73 2.92 0.40
C SER A 140 2.95 2.17 1.48
N LEU A 141 1.76 2.68 1.81
CA LEU A 141 0.92 2.06 2.83
C LEU A 141 -0.39 2.83 2.99
N ILE A 142 -1.47 2.11 3.23
CA ILE A 142 -2.77 2.72 3.42
C ILE A 142 -3.45 2.22 4.69
N ILE A 143 -4.17 3.11 5.36
CA ILE A 143 -4.87 2.75 6.59
C ILE A 143 -6.37 2.96 6.45
N GLU A 144 -7.15 2.18 7.20
CA GLU A 144 -8.60 2.28 7.17
C GLU A 144 -9.13 3.00 8.40
N LEU A 145 -10.08 3.90 8.19
CA LEU A 145 -10.67 4.67 9.29
C LEU A 145 -11.84 3.91 9.90
N LEU A 146 -11.59 3.25 11.03
CA LEU A 146 -12.62 2.48 11.72
C LEU A 146 -13.23 3.31 12.85
N HIS A 147 -14.50 3.65 12.72
CA HIS A 147 -15.19 4.42 13.74
C HIS A 147 -15.63 3.53 14.89
N TYR A 148 -15.84 4.15 16.06
CA TYR A 148 -16.27 3.41 17.24
C TYR A 148 -15.22 2.36 17.62
N ASN A 149 -15.47 1.67 18.73
CA ASN A 149 -14.55 0.64 19.21
C ASN A 149 -15.28 -0.69 19.42
N HIS A 150 -15.07 -1.63 18.52
CA HIS A 150 -15.71 -2.93 18.61
C HIS A 150 -14.98 -3.82 19.60
N HIS A 151 -15.74 -4.45 20.49
CA HIS A 151 -15.16 -5.33 21.50
C HIS A 151 -15.03 -6.76 20.96
N HIS A 152 -13.80 -7.17 20.68
CA HIS A 152 -13.54 -8.50 20.15
C HIS A 152 -13.87 -9.56 21.20
N HIS A 153 -13.26 -9.44 22.38
CA HIS A 153 -13.48 -10.39 23.46
C HIS A 153 -13.23 -9.75 24.81
N HIS A 154 -14.13 -8.87 25.21
CA HIS A 154 -14.00 -8.17 26.50
C HIS A 154 -12.68 -7.42 26.58
N HIS A 155 -12.67 -6.18 26.09
CA HIS A 155 -11.47 -5.36 26.11
C HIS A 155 -11.80 -3.90 25.84
ZN ZN B . -5.30 14.98 4.04
N MET A 1 10.64 -11.40 -34.90
CA MET A 1 10.78 -12.40 -33.86
C MET A 1 12.02 -12.15 -33.01
N MET A 2 11.96 -11.11 -32.18
CA MET A 2 13.07 -10.75 -31.31
C MET A 2 13.19 -11.73 -30.15
N ALA A 3 14.34 -11.71 -29.48
CA ALA A 3 14.57 -12.59 -28.34
C ALA A 3 14.21 -11.89 -27.03
N VAL A 4 13.81 -12.69 -26.04
CA VAL A 4 13.43 -12.16 -24.73
C VAL A 4 14.04 -13.00 -23.61
N GLU A 5 15.34 -12.81 -23.38
CA GLU A 5 16.04 -13.54 -22.33
C GLU A 5 16.11 -12.70 -21.05
N GLN A 6 16.59 -11.48 -21.18
CA GLN A 6 16.72 -10.58 -20.04
C GLN A 6 17.61 -11.20 -18.96
N MET A 7 18.77 -11.68 -19.37
CA MET A 7 19.71 -12.30 -18.44
C MET A 7 20.75 -11.29 -17.96
N PRO A 8 21.40 -11.60 -16.83
CA PRO A 8 22.43 -10.73 -16.24
C PRO A 8 23.70 -10.69 -17.08
N LYS A 9 24.16 -9.48 -17.39
CA LYS A 9 25.37 -9.31 -18.18
C LYS A 9 25.67 -7.83 -18.40
N LYS A 10 26.59 -7.30 -17.61
CA LYS A 10 26.97 -5.89 -17.71
C LYS A 10 28.15 -5.57 -16.79
N ASP A 11 28.47 -4.29 -16.67
CA ASP A 11 29.56 -3.85 -15.81
C ASP A 11 29.27 -4.17 -14.35
N TRP A 12 28.05 -3.84 -13.92
CA TRP A 12 27.64 -4.09 -12.54
C TRP A 12 27.79 -5.56 -12.17
N TYR A 13 27.78 -6.42 -13.19
CA TYR A 13 27.93 -7.86 -12.98
C TYR A 13 29.37 -8.23 -12.72
N SER A 14 30.29 -7.36 -13.14
CA SER A 14 31.72 -7.60 -12.95
C SER A 14 32.15 -7.22 -11.54
N ILE A 15 31.47 -6.23 -10.97
CA ILE A 15 31.77 -5.77 -9.62
C ILE A 15 31.32 -6.78 -8.57
N LEU A 16 30.23 -7.48 -8.86
CA LEU A 16 29.68 -8.47 -7.94
C LEU A 16 30.07 -9.88 -8.39
N GLY A 17 30.44 -10.02 -9.65
CA GLY A 17 30.84 -11.31 -10.17
C GLY A 17 29.78 -12.37 -9.95
N ALA A 18 28.55 -12.08 -10.38
CA ALA A 18 27.44 -13.01 -10.22
C ALA A 18 27.23 -13.84 -11.49
N ASP A 19 27.31 -15.16 -11.35
CA ASP A 19 27.13 -16.05 -12.48
C ASP A 19 25.80 -15.80 -13.18
N PRO A 20 25.67 -16.28 -14.42
CA PRO A 20 24.46 -16.11 -15.22
C PRO A 20 23.29 -16.94 -14.69
N SER A 21 23.58 -17.80 -13.72
CA SER A 21 22.55 -18.65 -13.12
C SER A 21 22.39 -18.34 -11.64
N ALA A 22 23.06 -17.28 -11.18
CA ALA A 22 22.99 -16.88 -9.79
C ALA A 22 21.67 -16.16 -9.49
N ASN A 23 21.37 -15.99 -8.21
CA ASN A 23 20.14 -15.32 -7.80
C ASN A 23 20.43 -14.17 -6.84
N ILE A 24 19.48 -13.26 -6.71
CA ILE A 24 19.64 -12.11 -5.82
C ILE A 24 20.03 -12.55 -4.41
N SER A 25 19.43 -13.64 -3.95
CA SER A 25 19.72 -14.16 -2.62
C SER A 25 21.19 -14.53 -2.48
N ASP A 26 21.62 -15.53 -3.24
CA ASP A 26 23.01 -15.97 -3.21
C ASP A 26 23.95 -14.81 -3.46
N LEU A 27 23.47 -13.81 -4.19
CA LEU A 27 24.28 -12.64 -4.51
C LEU A 27 24.36 -11.69 -3.31
N LYS A 28 23.31 -11.67 -2.50
CA LYS A 28 23.27 -10.82 -1.32
C LYS A 28 24.42 -11.13 -0.38
N GLN A 29 24.51 -12.38 0.06
CA GLN A 29 25.57 -12.81 0.97
C GLN A 29 26.92 -12.73 0.28
N LYS A 30 26.98 -13.17 -0.96
CA LYS A 30 28.23 -13.15 -1.72
C LYS A 30 28.70 -11.72 -1.94
N TYR A 31 27.78 -10.77 -1.86
CA TYR A 31 28.11 -9.37 -2.05
C TYR A 31 28.89 -8.83 -0.85
N GLN A 32 28.45 -9.19 0.34
CA GLN A 32 29.10 -8.74 1.56
C GLN A 32 30.55 -9.21 1.61
N LYS A 33 30.80 -10.42 1.13
CA LYS A 33 32.14 -10.98 1.12
C LYS A 33 32.94 -10.43 -0.05
N LEU A 34 32.29 -10.30 -1.21
CA LEU A 34 32.95 -9.77 -2.40
C LEU A 34 33.34 -8.31 -2.21
N ILE A 35 32.33 -7.46 -2.04
CA ILE A 35 32.57 -6.03 -1.85
C ILE A 35 33.56 -5.79 -0.72
N LEU A 36 33.51 -6.64 0.30
CA LEU A 36 34.40 -6.51 1.45
C LEU A 36 35.86 -6.45 1.01
N MET A 37 36.28 -7.45 0.24
CA MET A 37 37.64 -7.51 -0.26
C MET A 37 37.89 -6.42 -1.29
N TYR A 38 36.82 -5.96 -1.92
CA TYR A 38 36.93 -4.91 -2.93
C TYR A 38 37.35 -3.58 -2.31
N HIS A 39 36.94 -3.37 -1.06
CA HIS A 39 37.28 -2.14 -0.35
C HIS A 39 38.78 -1.89 -0.38
N PRO A 40 39.18 -0.63 -0.13
CA PRO A 40 40.59 -0.23 -0.12
C PRO A 40 41.34 -0.82 1.07
N ASP A 41 42.40 -1.56 0.78
CA ASP A 41 43.21 -2.17 1.82
C ASP A 41 44.67 -1.72 1.73
N LYS A 42 45.53 -2.36 2.49
CA LYS A 42 46.96 -2.03 2.48
C LYS A 42 47.17 -0.55 2.84
N GLN A 43 47.13 -0.26 4.14
CA GLN A 43 47.32 1.11 4.61
C GLN A 43 48.71 1.29 5.19
N SER A 44 49.16 2.54 5.26
CA SER A 44 50.48 2.85 5.79
C SER A 44 50.37 3.64 7.10
N THR A 45 49.80 4.84 7.02
CA THR A 45 49.64 5.69 8.19
C THR A 45 48.23 5.57 8.76
N ASP A 46 47.24 5.93 7.94
CA ASP A 46 45.85 5.86 8.37
C ASP A 46 44.91 6.05 7.17
N VAL A 47 44.81 7.28 6.68
CA VAL A 47 43.96 7.58 5.54
C VAL A 47 44.48 8.80 4.77
N PRO A 48 45.55 8.58 3.99
CA PRO A 48 46.17 9.62 3.19
C PRO A 48 45.28 10.06 2.01
N ALA A 49 45.64 11.18 1.39
CA ALA A 49 44.89 11.69 0.26
C ALA A 49 44.67 10.61 -0.80
N GLY A 50 45.61 9.68 -0.90
CA GLY A 50 45.50 8.60 -1.86
C GLY A 50 44.44 7.59 -1.49
N THR A 51 44.25 7.38 -0.19
CA THR A 51 43.26 6.42 0.30
C THR A 51 41.88 7.06 0.38
N VAL A 52 41.84 8.36 0.65
CA VAL A 52 40.58 9.09 0.74
C VAL A 52 39.80 9.00 -0.57
N GLU A 53 40.44 9.38 -1.66
CA GLU A 53 39.81 9.33 -2.97
C GLU A 53 39.54 7.90 -3.42
N GLU A 54 40.52 7.03 -3.17
CA GLU A 54 40.40 5.62 -3.54
C GLU A 54 39.26 4.95 -2.77
N CYS A 55 38.95 5.49 -1.59
CA CYS A 55 37.88 4.95 -0.76
C CYS A 55 36.52 5.46 -1.22
N VAL A 56 36.37 6.78 -1.26
CA VAL A 56 35.11 7.38 -1.67
C VAL A 56 34.67 6.87 -3.03
N GLN A 57 35.57 6.96 -4.01
CA GLN A 57 35.27 6.50 -5.37
C GLN A 57 34.75 5.06 -5.35
N LYS A 58 35.60 4.14 -4.88
CA LYS A 58 35.23 2.73 -4.82
C LYS A 58 33.91 2.55 -4.08
N PHE A 59 33.67 3.39 -3.08
CA PHE A 59 32.45 3.33 -2.29
C PHE A 59 31.22 3.39 -3.19
N ILE A 60 31.30 4.21 -4.24
CA ILE A 60 30.19 4.35 -5.18
C ILE A 60 30.08 3.13 -6.09
N GLU A 61 31.21 2.54 -6.43
CA GLU A 61 31.24 1.36 -7.29
C GLU A 61 30.60 0.17 -6.58
N ILE A 62 31.21 -0.26 -5.48
CA ILE A 62 30.70 -1.39 -4.72
C ILE A 62 29.24 -1.19 -4.34
N ASP A 63 28.86 0.06 -4.11
CA ASP A 63 27.49 0.39 -3.74
C ASP A 63 26.59 0.41 -4.98
N GLN A 64 27.19 0.66 -6.13
CA GLN A 64 26.44 0.70 -7.38
C GLN A 64 25.71 -0.61 -7.64
N ALA A 65 26.48 -1.70 -7.67
CA ALA A 65 25.92 -3.02 -7.90
C ALA A 65 25.03 -3.46 -6.74
N TRP A 66 25.47 -3.14 -5.52
CA TRP A 66 24.71 -3.50 -4.32
C TRP A 66 23.26 -3.07 -4.44
N LYS A 67 23.02 -2.01 -5.20
CA LYS A 67 21.67 -1.49 -5.41
C LYS A 67 20.92 -2.32 -6.45
N ILE A 68 21.41 -2.30 -7.68
CA ILE A 68 20.79 -3.06 -8.76
C ILE A 68 21.40 -4.45 -8.88
N LEU A 69 21.62 -5.09 -7.74
CA LEU A 69 22.20 -6.44 -7.71
C LEU A 69 21.22 -7.45 -8.28
N GLY A 70 20.00 -7.01 -8.54
CA GLY A 70 18.99 -7.91 -9.09
C GLY A 70 19.43 -8.56 -10.38
N ASN A 71 19.28 -7.83 -11.48
CA ASN A 71 19.66 -8.36 -12.79
C ASN A 71 20.37 -7.28 -13.62
N GLU A 72 20.39 -7.47 -14.93
CA GLU A 72 21.03 -6.52 -15.84
C GLU A 72 20.72 -5.09 -15.42
N GLU A 73 19.46 -4.68 -15.56
CA GLU A 73 19.04 -3.33 -15.21
C GLU A 73 18.87 -3.20 -13.69
N THR A 74 17.70 -3.61 -13.19
CA THR A 74 17.41 -3.54 -11.77
C THR A 74 16.95 -4.89 -11.24
N LYS A 75 15.73 -5.28 -11.60
CA LYS A 75 15.18 -6.54 -11.15
C LYS A 75 14.95 -6.54 -9.65
N ARG A 76 14.70 -5.36 -9.10
CA ARG A 76 14.46 -5.23 -7.67
C ARG A 76 14.08 -3.79 -7.31
N GLU A 77 15.00 -2.86 -7.56
CA GLU A 77 14.76 -1.45 -7.27
C GLU A 77 13.55 -0.94 -8.05
N TYR A 78 13.72 -0.80 -9.36
CA TYR A 78 12.65 -0.32 -10.22
C TYR A 78 11.47 -1.29 -10.24
N ASP A 79 11.77 -2.57 -10.03
CA ASP A 79 10.74 -3.60 -10.01
C ASP A 79 9.66 -3.27 -8.99
N LEU A 80 10.03 -3.31 -7.72
CA LEU A 80 9.08 -3.03 -6.64
C LEU A 80 8.50 -1.62 -6.79
N GLN A 81 9.22 -0.76 -7.49
CA GLN A 81 8.76 0.60 -7.71
C GLN A 81 7.34 0.62 -8.27
N ARG A 82 7.17 0.07 -9.47
CA ARG A 82 5.86 0.01 -10.10
C ARG A 82 4.90 -0.87 -9.32
N CYS A 83 5.46 -1.81 -8.55
CA CYS A 83 4.66 -2.71 -7.75
C CYS A 83 3.93 -1.96 -6.64
N GLU A 84 4.70 -1.34 -5.75
CA GLU A 84 4.13 -0.59 -4.63
C GLU A 84 3.13 0.45 -5.13
N ASP A 85 3.32 0.91 -6.36
CA ASP A 85 2.44 1.90 -6.96
C ASP A 85 1.20 1.23 -7.55
N ASP A 86 1.35 -0.01 -8.00
CA ASP A 86 0.25 -0.76 -8.59
C ASP A 86 -0.61 -1.41 -7.51
N LEU A 87 -0.01 -1.61 -6.33
CA LEU A 87 -0.72 -2.22 -5.21
C LEU A 87 -1.55 -1.19 -4.46
N ARG A 88 -1.05 0.04 -4.42
CA ARG A 88 -1.76 1.12 -3.73
C ARG A 88 -3.16 1.30 -4.30
N ASN A 89 -3.36 0.88 -5.54
CA ASN A 89 -4.66 0.99 -6.19
C ASN A 89 -5.52 -0.23 -5.90
N VAL A 90 -4.87 -1.34 -5.55
CA VAL A 90 -5.59 -2.57 -5.24
C VAL A 90 -6.51 -2.39 -4.02
N GLY A 91 -5.99 -1.72 -3.00
CA GLY A 91 -6.78 -1.50 -1.80
C GLY A 91 -5.91 -1.29 -0.57
N PRO A 92 -6.51 -1.50 0.62
CA PRO A 92 -5.80 -1.34 1.89
C PRO A 92 -4.75 -2.42 2.11
N VAL A 93 -3.49 -2.08 1.85
CA VAL A 93 -2.39 -3.02 2.02
C VAL A 93 -1.43 -2.55 3.11
N ASP A 94 -1.87 -1.59 3.90
CA ASP A 94 -1.06 -1.04 4.98
C ASP A 94 -1.57 -1.51 6.33
N ALA A 95 -2.69 -0.95 6.76
CA ALA A 95 -3.29 -1.31 8.04
C ALA A 95 -4.42 -0.35 8.41
N GLN A 96 -5.02 -0.57 9.57
CA GLN A 96 -6.12 0.27 10.05
C GLN A 96 -5.62 1.30 11.06
N VAL A 97 -6.50 2.22 11.42
CA VAL A 97 -6.15 3.26 12.39
C VAL A 97 -7.26 3.47 13.41
N TYR A 98 -6.89 3.58 14.67
CA TYR A 98 -7.85 3.78 15.75
C TYR A 98 -7.97 5.25 16.11
N LEU A 99 -9.19 5.78 16.04
CA LEU A 99 -9.45 7.18 16.36
C LEU A 99 -9.02 7.50 17.79
N GLU A 100 -8.91 6.45 18.62
CA GLU A 100 -8.51 6.61 20.01
C GLU A 100 -7.02 6.88 20.11
N GLU A 101 -6.30 6.63 19.03
CA GLU A 101 -4.86 6.83 19.00
C GLU A 101 -4.48 8.02 18.11
N MET A 102 -5.50 8.66 17.53
CA MET A 102 -5.29 9.80 16.67
C MET A 102 -6.20 10.96 17.06
N SER A 103 -5.62 12.14 17.24
CA SER A 103 -6.38 13.32 17.62
C SER A 103 -7.61 13.49 16.73
N TRP A 104 -8.78 13.62 17.36
CA TRP A 104 -10.02 13.79 16.63
C TRP A 104 -10.91 14.82 17.30
N ASN A 105 -11.51 15.69 16.49
CA ASN A 105 -12.38 16.73 17.01
C ASN A 105 -13.85 16.44 16.66
N GLU A 106 -14.62 16.02 17.65
CA GLU A 106 -16.03 15.71 17.45
C GLU A 106 -16.83 16.98 17.19
N GLY A 107 -16.42 18.07 17.84
CA GLY A 107 -17.12 19.33 17.68
C GLY A 107 -16.63 20.11 16.47
N ASP A 108 -15.31 20.09 16.25
CA ASP A 108 -14.71 20.81 15.13
C ASP A 108 -14.96 20.06 13.83
N HIS A 109 -15.46 18.83 13.93
CA HIS A 109 -15.73 18.02 12.76
C HIS A 109 -14.45 17.80 11.94
N SER A 110 -13.34 17.59 12.64
CA SER A 110 -12.06 17.38 11.97
C SER A 110 -11.18 16.43 12.78
N PHE A 111 -10.66 15.40 12.12
CA PHE A 111 -9.80 14.43 12.78
C PHE A 111 -8.52 14.20 11.97
N TYR A 112 -7.38 14.19 12.67
CA TYR A 112 -6.09 13.98 12.02
C TYR A 112 -5.42 12.71 12.54
N LEU A 113 -4.57 12.12 11.72
CA LEU A 113 -3.85 10.91 12.10
C LEU A 113 -2.47 10.86 11.45
N SER A 114 -1.43 10.93 12.27
CA SER A 114 -0.06 10.90 11.78
C SER A 114 0.40 9.46 11.55
N CYS A 115 1.15 9.25 10.47
CA CYS A 115 1.64 7.92 10.12
C CYS A 115 2.94 7.63 10.86
N ARG A 116 3.30 6.35 10.94
CA ARG A 116 4.52 5.93 11.62
C ARG A 116 5.68 5.81 10.63
N CYS A 117 5.75 6.73 9.69
CA CYS A 117 6.80 6.72 8.68
C CYS A 117 7.51 8.07 8.63
N GLY A 118 6.75 9.15 8.74
CA GLY A 118 7.32 10.47 8.70
C GLY A 118 6.27 11.56 8.56
N GLY A 119 5.39 11.40 7.58
CA GLY A 119 4.35 12.38 7.35
C GLY A 119 3.10 12.11 8.18
N LYS A 120 2.00 12.76 7.81
CA LYS A 120 0.74 12.57 8.53
C LYS A 120 -0.43 12.59 7.56
N TYR A 121 -1.61 12.22 8.05
CA TYR A 121 -2.82 12.21 7.23
C TYR A 121 -4.02 12.65 8.04
N SER A 122 -4.75 13.64 7.52
CA SER A 122 -5.94 14.16 8.18
C SER A 122 -7.11 14.26 7.21
N VAL A 123 -8.27 13.77 7.64
CA VAL A 123 -9.46 13.80 6.82
C VAL A 123 -10.58 14.59 7.49
N SER A 124 -11.53 15.06 6.70
CA SER A 124 -12.66 15.83 7.22
C SER A 124 -13.80 14.91 7.65
N LYS A 125 -14.74 15.46 8.40
CA LYS A 125 -15.89 14.69 8.87
C LYS A 125 -16.73 14.21 7.70
N ASP A 126 -16.81 15.02 6.65
CA ASP A 126 -17.58 14.68 5.47
C ASP A 126 -16.78 13.78 4.54
N GLU A 127 -15.45 13.81 4.69
CA GLU A 127 -14.57 13.00 3.86
C GLU A 127 -14.45 11.59 4.40
N ALA A 128 -14.04 11.47 5.66
CA ALA A 128 -13.89 10.17 6.29
C ALA A 128 -15.20 9.40 6.29
N GLU A 129 -16.31 10.12 6.45
CA GLU A 129 -17.63 9.51 6.47
C GLU A 129 -18.03 9.02 5.08
N GLU A 130 -17.38 9.59 4.06
CA GLU A 130 -17.66 9.21 2.68
C GLU A 130 -16.72 8.11 2.20
N VAL A 131 -15.50 8.11 2.74
CA VAL A 131 -14.51 7.12 2.37
C VAL A 131 -13.73 6.64 3.59
N SER A 132 -13.45 5.34 3.63
CA SER A 132 -12.72 4.76 4.75
C SER A 132 -11.25 4.56 4.39
N LEU A 133 -11.00 4.19 3.14
CA LEU A 133 -9.63 3.97 2.67
C LEU A 133 -9.00 5.27 2.21
N ILE A 134 -7.75 5.50 2.63
CA ILE A 134 -7.03 6.71 2.26
C ILE A 134 -5.54 6.44 2.13
N SER A 135 -4.87 7.21 1.28
CA SER A 135 -3.44 7.05 1.05
C SER A 135 -2.64 7.98 1.96
N CYS A 136 -1.47 7.53 2.40
CA CYS A 136 -0.61 8.33 3.26
C CYS A 136 0.18 9.35 2.46
N ASP A 137 0.44 10.50 3.06
CA ASP A 137 1.19 11.57 2.41
C ASP A 137 2.69 11.45 2.72
N THR A 138 3.25 10.27 2.45
CA THR A 138 4.67 10.02 2.71
C THR A 138 5.09 8.66 2.17
N CYS A 139 4.49 7.61 2.71
CA CYS A 139 4.79 6.25 2.30
C CYS A 139 3.74 5.72 1.33
N SER A 140 4.19 4.98 0.32
CA SER A 140 3.30 4.41 -0.68
C SER A 140 2.43 3.33 -0.07
N LEU A 141 1.32 3.73 0.54
CA LEU A 141 0.40 2.79 1.17
C LEU A 141 -0.95 3.45 1.45
N ILE A 142 -1.87 2.68 2.02
CA ILE A 142 -3.19 3.20 2.34
C ILE A 142 -3.71 2.60 3.64
N ILE A 143 -4.37 3.43 4.45
CA ILE A 143 -4.92 2.98 5.72
C ILE A 143 -6.43 3.09 5.74
N GLU A 144 -7.05 2.59 6.81
CA GLU A 144 -8.50 2.64 6.94
C GLU A 144 -8.89 3.32 8.24
N LEU A 145 -9.84 4.26 8.14
CA LEU A 145 -10.31 4.99 9.32
C LEU A 145 -11.44 4.24 10.01
N LEU A 146 -11.27 4.01 11.31
CA LEU A 146 -12.27 3.30 12.10
C LEU A 146 -12.75 4.15 13.27
N HIS A 147 -14.06 4.38 13.33
CA HIS A 147 -14.64 5.17 14.40
C HIS A 147 -15.00 4.29 15.60
N TYR A 148 -14.11 4.24 16.58
CA TYR A 148 -14.33 3.44 17.78
C TYR A 148 -14.07 4.25 19.04
N ASN A 149 -15.00 5.13 19.38
CA ASN A 149 -14.87 5.97 20.56
C ASN A 149 -15.86 5.54 21.64
N HIS A 150 -15.46 4.59 22.47
CA HIS A 150 -16.30 4.10 23.55
C HIS A 150 -15.67 4.37 24.91
N HIS A 151 -14.36 4.19 24.99
CA HIS A 151 -13.64 4.41 26.24
C HIS A 151 -12.17 4.75 25.97
N HIS A 152 -11.41 4.97 27.04
CA HIS A 152 -10.00 5.29 26.91
C HIS A 152 -9.80 6.57 26.10
N HIS A 153 -9.78 7.71 26.79
CA HIS A 153 -9.59 9.00 26.14
C HIS A 153 -8.17 9.51 26.35
N HIS A 154 -7.63 10.15 25.33
CA HIS A 154 -6.28 10.70 25.40
C HIS A 154 -6.30 12.22 25.49
N HIS A 155 -5.63 12.77 26.50
CA HIS A 155 -5.59 14.21 26.69
C HIS A 155 -6.99 14.80 26.72
ZN ZN B . -4.82 10.59 3.42
N MET A 1 19.24 -31.85 35.27
CA MET A 1 20.60 -31.54 35.69
C MET A 1 21.56 -31.60 34.51
N MET A 2 21.16 -30.97 33.40
CA MET A 2 21.99 -30.96 32.20
C MET A 2 21.59 -29.80 31.29
N ALA A 3 22.53 -29.37 30.46
CA ALA A 3 22.28 -28.27 29.52
C ALA A 3 21.48 -28.75 28.32
N VAL A 4 20.17 -28.50 28.34
CA VAL A 4 19.30 -28.91 27.25
C VAL A 4 18.65 -27.70 26.58
N GLU A 5 18.48 -26.62 27.35
CA GLU A 5 17.88 -25.40 26.84
C GLU A 5 18.71 -24.84 25.68
N GLN A 6 20.03 -24.88 25.81
CA GLN A 6 20.92 -24.39 24.79
C GLN A 6 21.00 -25.36 23.61
N MET A 7 20.83 -26.64 23.90
CA MET A 7 20.88 -27.67 22.87
C MET A 7 19.51 -27.89 22.25
N PRO A 8 19.49 -28.50 21.05
CA PRO A 8 18.25 -28.78 20.33
C PRO A 8 17.42 -29.87 20.99
N LYS A 9 16.18 -30.02 20.53
CA LYS A 9 15.28 -31.03 21.09
C LYS A 9 13.99 -31.12 20.27
N LYS A 10 13.08 -31.98 20.71
CA LYS A 10 11.81 -32.16 20.03
C LYS A 10 10.76 -31.20 20.55
N ASP A 11 11.01 -29.89 20.37
CA ASP A 11 10.08 -28.87 20.85
C ASP A 11 8.97 -28.64 19.82
N TRP A 12 8.99 -29.42 18.75
CA TRP A 12 7.98 -29.30 17.70
C TRP A 12 6.59 -29.64 18.23
N TYR A 13 6.35 -30.92 18.47
CA TYR A 13 5.06 -31.38 18.96
C TYR A 13 4.99 -31.22 20.48
N SER A 14 6.15 -31.05 21.11
CA SER A 14 6.21 -30.89 22.56
C SER A 14 5.74 -29.50 22.97
N ILE A 15 5.76 -28.57 22.03
CA ILE A 15 5.34 -27.20 22.29
C ILE A 15 3.86 -27.01 21.96
N LEU A 16 3.53 -27.13 20.67
CA LEU A 16 2.15 -26.98 20.22
C LEU A 16 1.40 -28.31 20.30
N GLY A 17 1.92 -29.23 21.11
CA GLY A 17 1.29 -30.53 21.25
C GLY A 17 0.78 -31.08 19.92
N ALA A 18 1.55 -30.88 18.87
CA ALA A 18 1.18 -31.36 17.54
C ALA A 18 2.32 -32.15 16.92
N ASP A 19 2.08 -33.44 16.71
CA ASP A 19 3.08 -34.32 16.11
C ASP A 19 3.62 -33.73 14.81
N PRO A 20 4.76 -34.27 14.34
CA PRO A 20 5.39 -33.80 13.10
C PRO A 20 4.58 -34.17 11.86
N SER A 21 3.54 -34.98 12.05
CA SER A 21 2.69 -35.40 10.95
C SER A 21 1.74 -34.28 10.54
N ALA A 22 1.42 -33.40 11.49
CA ALA A 22 0.52 -32.28 11.23
C ALA A 22 1.18 -31.25 10.32
N ASN A 23 0.36 -30.47 9.63
CA ASN A 23 0.86 -29.44 8.73
C ASN A 23 0.71 -28.05 9.35
N ILE A 24 1.25 -27.04 8.67
CA ILE A 24 1.16 -25.67 9.16
C ILE A 24 -0.28 -25.26 9.41
N SER A 25 -1.20 -25.79 8.62
CA SER A 25 -2.62 -25.49 8.77
C SER A 25 -3.12 -25.90 10.14
N ASP A 26 -3.20 -27.20 10.38
CA ASP A 26 -3.67 -27.73 11.65
C ASP A 26 -2.85 -27.15 12.81
N LEU A 27 -1.63 -26.74 12.52
CA LEU A 27 -0.75 -26.16 13.53
C LEU A 27 -1.16 -24.73 13.86
N LYS A 28 -1.70 -24.03 12.87
CA LYS A 28 -2.14 -22.66 13.04
C LYS A 28 -3.23 -22.57 14.10
N GLN A 29 -4.21 -23.47 14.02
CA GLN A 29 -5.31 -23.49 14.98
C GLN A 29 -4.81 -23.87 16.38
N LYS A 30 -4.04 -24.96 16.44
CA LYS A 30 -3.50 -25.42 17.71
C LYS A 30 -2.51 -24.42 18.29
N TYR A 31 -1.97 -23.57 17.43
CA TYR A 31 -1.00 -22.56 17.85
C TYR A 31 -1.64 -21.57 18.82
N GLN A 32 -2.59 -20.79 18.32
CA GLN A 32 -3.27 -19.79 19.15
C GLN A 32 -3.91 -20.46 20.37
N LYS A 33 -4.19 -21.75 20.25
CA LYS A 33 -4.80 -22.50 21.35
C LYS A 33 -3.76 -22.82 22.42
N LEU A 34 -2.76 -23.60 22.05
CA LEU A 34 -1.69 -23.98 22.97
C LEU A 34 -0.88 -22.77 23.40
N ILE A 35 -0.33 -22.05 22.42
CA ILE A 35 0.48 -20.87 22.71
C ILE A 35 -0.19 -19.98 23.74
N LEU A 36 -1.44 -19.61 23.48
CA LEU A 36 -2.20 -18.76 24.40
C LEU A 36 -2.48 -19.48 25.70
N MET A 37 -2.66 -20.80 25.61
CA MET A 37 -2.94 -21.62 26.79
C MET A 37 -1.71 -21.71 27.69
N TYR A 38 -0.54 -21.42 27.12
CA TYR A 38 0.71 -21.47 27.85
C TYR A 38 1.09 -20.09 28.39
N HIS A 39 0.48 -19.06 27.83
CA HIS A 39 0.76 -17.69 28.24
C HIS A 39 0.63 -17.55 29.75
N PRO A 40 -0.58 -17.83 30.28
CA PRO A 40 -0.85 -17.74 31.71
C PRO A 40 -0.14 -18.83 32.51
N ASP A 41 -0.39 -18.86 33.82
CA ASP A 41 0.23 -19.85 34.69
C ASP A 41 -0.67 -20.16 35.88
N LYS A 42 -1.44 -21.24 35.77
CA LYS A 42 -2.34 -21.64 36.83
C LYS A 42 -1.58 -21.95 38.12
N GLN A 43 -1.75 -21.10 39.12
CA GLN A 43 -1.07 -21.27 40.40
C GLN A 43 -1.55 -20.24 41.42
N SER A 44 -1.08 -20.37 42.66
CA SER A 44 -1.46 -19.45 43.72
C SER A 44 -0.96 -18.04 43.43
N THR A 45 -1.09 -17.15 44.42
CA THR A 45 -0.65 -15.78 44.26
C THR A 45 0.53 -15.48 45.18
N ASP A 46 1.28 -16.52 45.54
CA ASP A 46 2.44 -16.36 46.41
C ASP A 46 3.73 -16.63 45.63
N VAL A 47 3.95 -15.86 44.57
CA VAL A 47 5.14 -16.01 43.75
C VAL A 47 5.84 -14.68 43.55
N PRO A 48 6.58 -14.24 44.58
CA PRO A 48 7.32 -12.97 44.54
C PRO A 48 8.50 -13.02 43.58
N ALA A 49 8.55 -12.06 42.66
CA ALA A 49 9.63 -11.99 41.68
C ALA A 49 9.48 -13.06 40.61
N GLY A 50 9.47 -14.32 41.04
CA GLY A 50 9.34 -15.42 40.10
C GLY A 50 8.11 -15.28 39.22
N THR A 51 7.11 -14.56 39.71
CA THR A 51 5.87 -14.35 38.97
C THR A 51 6.17 -13.87 37.55
N VAL A 52 7.10 -12.94 37.42
CA VAL A 52 7.47 -12.40 36.12
C VAL A 52 8.43 -13.33 35.39
N GLU A 53 9.35 -13.93 36.14
CA GLU A 53 10.33 -14.84 35.56
C GLU A 53 9.63 -16.05 34.94
N GLU A 54 8.47 -16.40 35.47
CA GLU A 54 7.71 -17.53 34.95
C GLU A 54 6.81 -17.10 33.81
N CYS A 55 6.41 -15.84 33.81
CA CYS A 55 5.54 -15.30 32.78
C CYS A 55 6.34 -14.94 31.53
N VAL A 56 7.57 -14.48 31.73
CA VAL A 56 8.45 -14.11 30.62
C VAL A 56 9.09 -15.34 30.00
N GLN A 57 9.43 -16.31 30.83
CA GLN A 57 10.06 -17.55 30.35
C GLN A 57 9.07 -18.38 29.54
N LYS A 58 7.80 -18.31 29.91
CA LYS A 58 6.75 -19.05 29.21
C LYS A 58 6.41 -18.40 27.87
N PHE A 59 6.67 -17.09 27.78
CA PHE A 59 6.39 -16.35 26.56
C PHE A 59 7.41 -16.65 25.48
N ILE A 60 8.63 -16.95 25.92
CA ILE A 60 9.72 -17.26 24.99
C ILE A 60 9.58 -18.67 24.43
N GLU A 61 9.10 -19.59 25.26
CA GLU A 61 8.91 -20.97 24.85
C GLU A 61 7.86 -21.08 23.74
N ILE A 62 6.66 -20.61 24.04
CA ILE A 62 5.58 -20.64 23.07
C ILE A 62 6.00 -20.02 21.74
N ASP A 63 6.64 -18.87 21.82
CA ASP A 63 7.10 -18.17 20.62
C ASP A 63 8.23 -18.93 19.95
N GLN A 64 8.99 -19.68 20.75
CA GLN A 64 10.11 -20.46 20.24
C GLN A 64 9.66 -21.35 19.08
N ALA A 65 8.62 -22.14 19.32
CA ALA A 65 8.09 -23.05 18.30
C ALA A 65 7.58 -22.27 17.10
N TRP A 66 6.90 -21.17 17.36
CA TRP A 66 6.36 -20.33 16.29
C TRP A 66 7.29 -20.29 15.10
N LYS A 67 8.42 -19.61 15.26
CA LYS A 67 9.40 -19.48 14.20
C LYS A 67 10.15 -20.81 13.99
N ILE A 68 11.00 -21.15 14.95
CA ILE A 68 11.77 -22.39 14.88
C ILE A 68 11.14 -23.48 15.74
N LEU A 69 10.18 -24.20 15.17
CA LEU A 69 9.50 -25.28 15.88
C LEU A 69 10.49 -26.12 16.68
N GLY A 70 11.71 -26.23 16.15
CA GLY A 70 12.74 -27.01 16.81
C GLY A 70 14.13 -26.55 16.46
N ASN A 71 14.47 -26.58 15.18
CA ASN A 71 15.79 -26.17 14.71
C ASN A 71 15.67 -24.96 13.78
N GLU A 72 16.77 -24.64 13.11
CA GLU A 72 16.81 -23.51 12.19
C GLU A 72 16.36 -23.93 10.80
N GLU A 73 16.39 -25.23 10.55
CA GLU A 73 15.99 -25.77 9.24
C GLU A 73 14.47 -25.86 9.14
N THR A 74 13.79 -25.71 10.27
CA THR A 74 12.34 -25.78 10.30
C THR A 74 11.73 -24.93 9.20
N LYS A 75 11.87 -23.61 9.32
CA LYS A 75 11.33 -22.68 8.33
C LYS A 75 12.18 -21.42 8.26
N ARG A 76 11.73 -20.45 7.46
CA ARG A 76 12.44 -19.19 7.30
C ARG A 76 12.21 -18.29 8.51
N GLU A 77 12.61 -18.76 9.68
CA GLU A 77 12.45 -18.00 10.91
C GLU A 77 13.08 -16.62 10.78
N TYR A 78 14.40 -16.59 10.60
CA TYR A 78 15.13 -15.34 10.46
C TYR A 78 14.99 -14.78 9.04
N ASP A 79 14.80 -15.67 8.08
CA ASP A 79 14.64 -15.27 6.68
C ASP A 79 13.41 -14.39 6.50
N LEU A 80 12.25 -14.92 6.89
CA LEU A 80 10.99 -14.19 6.77
C LEU A 80 10.96 -13.01 7.74
N GLN A 81 11.70 -13.13 8.83
CA GLN A 81 11.76 -12.07 9.83
C GLN A 81 12.07 -10.72 9.19
N ARG A 82 13.18 -10.67 8.44
CA ARG A 82 13.59 -9.44 7.77
C ARG A 82 12.65 -9.11 6.62
N CYS A 83 12.07 -10.14 6.02
CA CYS A 83 11.15 -9.97 4.91
C CYS A 83 9.90 -9.22 5.34
N GLU A 84 9.16 -9.82 6.28
CA GLU A 84 7.94 -9.22 6.78
C GLU A 84 8.20 -7.81 7.32
N ASP A 85 9.43 -7.57 7.74
CA ASP A 85 9.82 -6.27 8.28
C ASP A 85 10.15 -5.30 7.15
N ASP A 86 10.65 -5.84 6.03
CA ASP A 86 11.02 -5.02 4.89
C ASP A 86 9.79 -4.71 4.03
N LEU A 87 8.81 -5.61 4.07
CA LEU A 87 7.59 -5.44 3.29
C LEU A 87 6.60 -4.53 4.02
N ARG A 88 6.73 -4.47 5.34
CA ARG A 88 5.84 -3.64 6.16
C ARG A 88 6.35 -2.20 6.19
N ASN A 89 7.58 -1.99 5.74
CA ASN A 89 8.16 -0.66 5.72
C ASN A 89 7.89 0.05 4.40
N VAL A 90 7.87 -0.73 3.32
CA VAL A 90 7.61 -0.18 1.99
C VAL A 90 6.60 -1.02 1.23
N GLY A 91 6.77 -2.33 1.29
CA GLY A 91 5.86 -3.24 0.60
C GLY A 91 4.41 -2.96 0.93
N PRO A 92 3.49 -3.60 0.19
CA PRO A 92 2.05 -3.43 0.39
C PRO A 92 1.57 -4.05 1.69
N VAL A 93 1.18 -3.21 2.64
CA VAL A 93 0.69 -3.67 3.93
C VAL A 93 -0.39 -2.76 4.48
N ASP A 94 -1.40 -2.48 3.66
CA ASP A 94 -2.50 -1.62 4.06
C ASP A 94 -3.26 -2.21 5.25
N ALA A 95 -3.14 -1.57 6.39
CA ALA A 95 -3.82 -2.04 7.60
C ALA A 95 -4.87 -1.04 8.07
N GLN A 96 -5.53 -1.36 9.18
CA GLN A 96 -6.56 -0.48 9.73
C GLN A 96 -6.03 0.31 10.91
N VAL A 97 -6.75 1.36 11.30
CA VAL A 97 -6.35 2.20 12.42
C VAL A 97 -7.51 2.43 13.37
N TYR A 98 -7.19 2.56 14.66
CA TYR A 98 -8.21 2.78 15.67
C TYR A 98 -8.33 4.27 16.00
N LEU A 99 -9.54 4.81 15.86
CA LEU A 99 -9.78 6.22 16.14
C LEU A 99 -9.52 6.54 17.61
N GLU A 100 -9.53 5.50 18.44
CA GLU A 100 -9.29 5.66 19.87
C GLU A 100 -7.87 6.14 20.13
N GLU A 101 -7.01 6.03 19.12
CA GLU A 101 -5.63 6.45 19.24
C GLU A 101 -5.36 7.72 18.43
N MET A 102 -6.40 8.21 17.76
CA MET A 102 -6.28 9.42 16.95
C MET A 102 -6.79 10.64 17.72
N SER A 103 -6.73 11.80 17.08
CA SER A 103 -7.16 13.05 17.71
C SER A 103 -8.16 13.77 16.83
N TRP A 104 -9.28 14.19 17.41
CA TRP A 104 -10.32 14.91 16.67
C TRP A 104 -10.33 16.39 17.04
N ASN A 105 -10.41 17.25 16.03
CA ASN A 105 -10.43 18.69 16.25
C ASN A 105 -11.86 19.22 16.20
N GLU A 106 -12.28 19.89 17.27
CA GLU A 106 -13.62 20.45 17.34
C GLU A 106 -13.73 21.72 16.50
N GLY A 107 -12.60 22.39 16.31
CA GLY A 107 -12.58 23.61 15.53
C GLY A 107 -13.22 23.43 14.16
N ASP A 108 -12.79 22.40 13.45
CA ASP A 108 -13.33 22.11 12.11
C ASP A 108 -14.07 20.78 12.10
N HIS A 109 -14.15 20.14 13.25
CA HIS A 109 -14.83 18.85 13.38
C HIS A 109 -14.30 17.87 12.34
N SER A 110 -13.05 17.45 12.51
CA SER A 110 -12.43 16.50 11.58
C SER A 110 -11.55 15.51 12.34
N PHE A 111 -11.24 14.40 11.67
CA PHE A 111 -10.40 13.36 12.27
C PHE A 111 -9.08 13.22 11.52
N TYR A 112 -7.99 13.13 12.27
CA TYR A 112 -6.66 12.99 11.68
C TYR A 112 -5.80 12.03 12.48
N LEU A 113 -4.73 11.55 11.86
CA LEU A 113 -3.82 10.62 12.53
C LEU A 113 -2.36 11.00 12.28
N SER A 114 -1.48 10.50 13.12
CA SER A 114 -0.05 10.79 13.00
C SER A 114 0.64 9.76 12.12
N CYS A 115 1.62 10.22 11.35
CA CYS A 115 2.37 9.34 10.45
C CYS A 115 3.75 9.02 11.03
N ARG A 116 3.89 7.81 11.55
CA ARG A 116 5.15 7.38 12.13
C ARG A 116 6.15 6.96 11.05
N CYS A 117 5.70 7.02 9.80
CA CYS A 117 6.55 6.66 8.67
C CYS A 117 6.59 7.78 7.63
N GLY A 118 5.99 8.92 7.98
CA GLY A 118 5.96 10.05 7.07
C GLY A 118 5.59 11.35 7.76
N GLY A 119 4.53 11.99 7.28
CA GLY A 119 4.09 13.23 7.87
C GLY A 119 2.85 13.06 8.73
N LYS A 120 1.68 13.29 8.13
CA LYS A 120 0.42 13.16 8.84
C LYS A 120 -0.76 13.16 7.87
N TYR A 121 -1.91 12.67 8.34
CA TYR A 121 -3.10 12.62 7.51
C TYR A 121 -4.24 13.42 8.14
N SER A 122 -4.95 14.17 7.32
CA SER A 122 -6.06 14.99 7.79
C SER A 122 -7.27 14.87 6.85
N VAL A 123 -8.42 14.54 7.41
CA VAL A 123 -9.64 14.39 6.63
C VAL A 123 -10.86 14.84 7.41
N SER A 124 -11.77 15.56 6.76
CA SER A 124 -12.97 16.06 7.40
C SER A 124 -13.77 14.91 8.01
N LYS A 125 -14.56 15.22 9.04
CA LYS A 125 -15.37 14.22 9.71
C LYS A 125 -16.46 13.69 8.78
N ASP A 126 -17.26 14.60 8.23
CA ASP A 126 -18.34 14.22 7.32
C ASP A 126 -17.82 13.34 6.19
N GLU A 127 -16.55 13.54 5.84
CA GLU A 127 -15.93 12.76 4.76
C GLU A 127 -15.43 11.42 5.29
N ALA A 128 -14.63 11.46 6.35
CA ALA A 128 -14.08 10.25 6.95
C ALA A 128 -15.20 9.30 7.37
N GLU A 129 -16.34 9.87 7.74
CA GLU A 129 -17.49 9.07 8.16
C GLU A 129 -18.08 8.29 6.99
N GLU A 130 -17.95 8.85 5.79
CA GLU A 130 -18.46 8.21 4.59
C GLU A 130 -17.40 7.33 3.95
N VAL A 131 -16.14 7.72 4.10
CA VAL A 131 -15.03 6.98 3.52
C VAL A 131 -13.93 6.75 4.55
N SER A 132 -13.44 5.51 4.61
CA SER A 132 -12.39 5.16 5.56
C SER A 132 -11.04 5.07 4.86
N LEU A 133 -11.06 4.84 3.56
CA LEU A 133 -9.84 4.75 2.77
C LEU A 133 -9.06 6.05 2.82
N ILE A 134 -7.81 5.96 3.26
CA ILE A 134 -6.94 7.14 3.35
C ILE A 134 -5.48 6.76 3.11
N SER A 135 -4.91 7.32 2.05
CA SER A 135 -3.51 7.05 1.71
C SER A 135 -2.56 7.74 2.69
N CYS A 136 -1.32 7.27 2.73
CA CYS A 136 -0.32 7.85 3.62
C CYS A 136 -0.02 9.30 3.25
N ASP A 137 0.89 9.92 3.98
CA ASP A 137 1.27 11.30 3.72
C ASP A 137 2.66 11.38 3.09
N THR A 138 2.70 11.43 1.76
CA THR A 138 3.95 11.51 1.03
C THR A 138 4.65 10.15 1.00
N CYS A 139 3.98 9.13 1.52
CA CYS A 139 4.53 7.78 1.55
C CYS A 139 3.51 6.77 1.04
N SER A 140 4.00 5.62 0.58
CA SER A 140 3.13 4.58 0.06
C SER A 140 2.28 3.97 1.17
N LEU A 141 1.64 2.85 0.87
CA LEU A 141 0.79 2.17 1.86
C LEU A 141 -0.47 2.99 2.15
N ILE A 142 -1.57 2.30 2.41
CA ILE A 142 -2.83 2.97 2.71
C ILE A 142 -3.47 2.39 3.97
N ILE A 143 -4.11 3.24 4.75
CA ILE A 143 -4.77 2.82 5.98
C ILE A 143 -6.27 3.07 5.92
N GLU A 144 -7.00 2.45 6.83
CA GLU A 144 -8.46 2.61 6.88
C GLU A 144 -8.89 3.26 8.19
N LEU A 145 -9.81 4.22 8.08
CA LEU A 145 -10.31 4.93 9.25
C LEU A 145 -11.49 4.19 9.88
N LEU A 146 -11.25 3.57 11.03
CA LEU A 146 -12.29 2.83 11.73
C LEU A 146 -12.96 3.69 12.80
N HIS A 147 -14.25 3.95 12.63
CA HIS A 147 -15.00 4.76 13.58
C HIS A 147 -14.84 4.23 15.01
N TYR A 148 -14.97 2.91 15.14
CA TYR A 148 -14.84 2.27 16.45
C TYR A 148 -14.72 0.76 16.30
N ASN A 149 -15.78 0.13 15.80
CA ASN A 149 -15.80 -1.31 15.61
C ASN A 149 -16.97 -1.72 14.72
N HIS A 150 -16.68 -1.97 13.45
CA HIS A 150 -17.71 -2.37 12.50
C HIS A 150 -17.42 -3.78 11.96
N HIS A 151 -18.47 -4.44 11.48
CA HIS A 151 -18.34 -5.79 10.93
C HIS A 151 -19.48 -6.11 9.96
N HIS A 152 -19.87 -5.11 9.17
CA HIS A 152 -20.95 -5.28 8.20
C HIS A 152 -20.40 -5.69 6.85
N HIS A 153 -19.17 -5.27 6.55
CA HIS A 153 -18.53 -5.61 5.29
C HIS A 153 -18.50 -7.12 5.07
N HIS A 154 -17.72 -7.82 5.88
CA HIS A 154 -17.61 -9.26 5.78
C HIS A 154 -18.98 -9.93 5.91
N HIS A 155 -19.59 -9.78 7.08
CA HIS A 155 -20.90 -10.36 7.34
C HIS A 155 -22.00 -9.34 7.10
ZN ZN B . -8.30 16.09 12.15
#